data_4QN2
#
_entry.id   4QN2
#
_cell.length_a   88.592
_cell.length_b   168.368
_cell.length_c   144.523
_cell.angle_alpha   90.00
_cell.angle_beta   104.92
_cell.angle_gamma   90.00
#
_symmetry.space_group_name_H-M   'P 1 21 1'
#
loop_
_entity.id
_entity.type
_entity.pdbx_description
1 polymer 'Betaine aldehyde dehydrogenase'
2 non-polymer NICOTINAMIDE-ADENINE-DINUCLEOTIDE
3 non-polymer 'ACETATE ION'
4 water water
#
_entity_poly.entity_id   1
_entity_poly.type   'polypeptide(L)'
_entity_poly.pdbx_seq_one_letter_code
;MGSSHHHHHHSSGRENLYFQGMELLKHLSQRQYIDGEWVESANKNTRDIINPYNQEVIFTVSEGTKEDAERAILAARRAF
ESGEWSQETAETRGKKVRAIADKIKEHREALARLETLDTGKTLEESYADMDDIHNVFMYFAGLADKDGGEMIDSPIPDTE
SKIVKEPVGVVTQITPWNYPLLQASWKIAPALATGCSLVMKPSEITPLTTIRVFELMEEVGFPKGTINLILGAGSEVGDV
MSGHKEVDLVSFTGSIETGKHIMKNAANNVTNIALELGGKNPNIIFDDADFELAVDQALNGGYFHAGQVCSAGSRILVQN
SIKDKFEQALIDRVKKIKLGNGFDADTEMGPVISTEHRNKIESYMDVAKAEGATIAVGGKRPDRDDLKDGLFFEPTVITN
CDTSMRIVQEEVFGPVVTVEGFETEQEAIQLANDSIYGLAGAVFSKDIGKAQRVANKLKLGTVWINDFHPYFAQAPWGGY
KQSGIGRELGKEGLEEYLVSKHILTNTNPQLVNWFSK
;
_entity_poly.pdbx_strand_id   A,B,C,D,E,F,G,H
#
loop_
_chem_comp.id
_chem_comp.type
_chem_comp.name
_chem_comp.formula
ACT non-polymer 'ACETATE ION' 'C2 H3 O2 -1'
NAD non-polymer NICOTINAMIDE-ADENINE-DINUCLEOTIDE 'C21 H27 N7 O14 P2'
#
# COMPACT_ATOMS: atom_id res chain seq x y z
N ASN A 16 -30.27 19.63 -6.44
CA ASN A 16 -31.14 18.79 -7.35
C ASN A 16 -31.49 17.43 -6.73
N LEU A 17 -30.52 16.55 -6.60
CA LEU A 17 -30.79 15.27 -5.96
C LEU A 17 -31.05 15.56 -4.47
N TYR A 18 -30.46 16.63 -3.97
CA TYR A 18 -30.66 17.04 -2.59
C TYR A 18 -32.13 17.41 -2.49
N PHE A 19 -32.51 18.34 -3.35
CA PHE A 19 -33.87 18.83 -3.45
C PHE A 19 -34.92 17.71 -3.46
N GLN A 20 -34.67 16.67 -4.25
CA GLN A 20 -35.58 15.54 -4.38
C GLN A 20 -35.65 14.68 -3.18
N GLY A 21 -34.55 14.64 -2.43
CA GLY A 21 -34.53 13.88 -1.18
C GLY A 21 -35.34 14.66 -0.14
N MET A 22 -35.11 15.95 -0.09
CA MET A 22 -35.81 16.81 0.81
C MET A 22 -37.28 16.87 0.50
N GLU A 23 -37.69 16.69 -0.75
CA GLU A 23 -39.14 16.75 -1.09
C GLU A 23 -39.92 15.62 -0.47
N LEU A 24 -39.22 14.50 -0.34
CA LEU A 24 -39.77 13.28 0.21
C LEU A 24 -40.31 13.49 1.59
N LEU A 25 -39.66 14.38 2.34
CA LEU A 25 -40.05 14.62 3.68
C LEU A 25 -41.37 15.30 3.80
N LYS A 26 -41.84 15.93 2.77
CA LYS A 26 -43.07 16.58 2.99
C LYS A 26 -44.26 15.58 3.00
N HIS A 27 -44.09 14.30 2.57
CA HIS A 27 -45.17 13.29 2.71
C HIS A 27 -44.84 12.26 3.78
N LEU A 28 -43.64 12.31 4.34
CA LEU A 28 -43.22 11.33 5.32
C LEU A 28 -43.92 11.52 6.66
N SER A 29 -44.35 10.43 7.25
CA SER A 29 -44.99 10.45 8.53
C SER A 29 -43.98 10.89 9.60
N GLN A 30 -44.51 11.51 10.67
CA GLN A 30 -43.71 12.04 11.76
C GLN A 30 -44.00 11.34 13.05
N ARG A 31 -44.71 10.24 12.97
CA ARG A 31 -45.15 9.57 14.17
C ARG A 31 -44.77 8.13 14.32
N GLN A 32 -45.15 7.60 15.47
CA GLN A 32 -44.92 6.21 15.80
C GLN A 32 -46.07 5.39 15.21
N TYR A 33 -45.86 4.08 15.08
CA TYR A 33 -46.88 3.22 14.52
C TYR A 33 -47.12 2.15 15.53
N ILE A 34 -48.25 2.24 16.21
CA ILE A 34 -48.58 1.32 17.25
C ILE A 34 -49.98 0.77 17.08
N ASP A 35 -50.09 -0.54 17.16
CA ASP A 35 -51.36 -1.24 17.08
C ASP A 35 -52.22 -0.76 15.88
N GLY A 36 -51.59 -0.69 14.71
CA GLY A 36 -52.26 -0.31 13.47
C GLY A 36 -52.57 1.17 13.27
N GLU A 37 -52.04 2.04 14.13
CA GLU A 37 -52.31 3.47 14.05
C GLU A 37 -51.07 4.31 14.17
N TRP A 38 -51.00 5.35 13.37
CA TRP A 38 -49.92 6.29 13.46
C TRP A 38 -50.32 7.20 14.61
N VAL A 39 -49.51 7.24 15.67
CA VAL A 39 -49.79 8.06 16.83
C VAL A 39 -48.58 8.84 17.31
N GLU A 40 -48.85 9.93 18.00
CA GLU A 40 -47.81 10.78 18.58
C GLU A 40 -47.31 10.15 19.84
N SER A 41 -46.32 10.77 20.45
CA SER A 41 -45.79 10.32 21.72
C SER A 41 -46.90 10.51 22.76
N ALA A 42 -46.92 9.69 23.80
CA ALA A 42 -47.95 9.83 24.84
C ALA A 42 -47.93 11.20 25.51
N ASN A 43 -46.74 11.83 25.57
CA ASN A 43 -46.58 13.17 26.18
C ASN A 43 -46.36 14.24 25.12
N LYS A 44 -46.68 13.92 23.86
CA LYS A 44 -46.55 14.85 22.72
C LYS A 44 -45.11 15.40 22.51
N ASN A 45 -44.13 14.82 23.16
CA ASN A 45 -42.78 15.28 23.02
C ASN A 45 -42.28 14.97 21.60
N THR A 46 -41.31 15.77 21.13
CA THR A 46 -40.74 15.61 19.78
C THR A 46 -39.24 15.71 19.77
N ARG A 47 -38.67 15.39 18.63
CA ARG A 47 -37.21 15.43 18.42
C ARG A 47 -36.88 15.97 17.02
N ASP A 48 -35.82 16.74 16.94
CA ASP A 48 -35.35 17.29 15.67
C ASP A 48 -34.27 16.38 15.08
N ILE A 49 -34.45 16.02 13.81
CA ILE A 49 -33.51 15.19 13.11
C ILE A 49 -32.58 16.10 12.30
N ILE A 50 -31.31 15.78 12.35
CA ILE A 50 -30.28 16.60 11.73
C ILE A 50 -29.60 15.92 10.54
N ASN A 51 -29.26 16.71 9.53
CA ASN A 51 -28.48 16.24 8.37
C ASN A 51 -27.00 16.50 8.70
N PRO A 52 -26.20 15.46 8.85
CA PRO A 52 -24.79 15.65 9.21
C PRO A 52 -23.94 16.43 8.20
N TYR A 53 -24.39 16.55 6.95
CA TYR A 53 -23.63 17.32 5.97
C TYR A 53 -23.56 18.79 6.34
N ASN A 54 -24.65 19.37 6.85
CA ASN A 54 -24.69 20.80 7.19
C ASN A 54 -25.21 21.13 8.59
N GLN A 55 -25.60 20.09 9.33
CA GLN A 55 -26.15 20.25 10.69
C GLN A 55 -27.46 20.99 10.78
N GLU A 56 -28.22 21.04 9.67
CA GLU A 56 -29.48 21.74 9.66
C GLU A 56 -30.52 20.77 10.14
N VAL A 57 -31.53 21.29 10.82
CA VAL A 57 -32.63 20.45 11.24
C VAL A 57 -33.42 20.23 9.96
N ILE A 58 -33.72 18.98 9.67
CA ILE A 58 -34.46 18.63 8.44
C ILE A 58 -35.84 17.99 8.67
N PHE A 59 -36.14 17.57 9.90
CA PHE A 59 -37.41 16.92 10.14
C PHE A 59 -37.64 16.79 11.64
N THR A 60 -38.89 16.72 12.03
CA THR A 60 -39.26 16.60 13.41
C THR A 60 -40.19 15.44 13.59
N VAL A 61 -39.86 14.56 14.51
CA VAL A 61 -40.66 13.35 14.77
C VAL A 61 -41.03 13.20 16.23
N SER A 62 -41.98 12.31 16.50
CA SER A 62 -42.39 12.04 17.85
C SER A 62 -41.26 11.41 18.66
N GLU A 63 -41.22 11.74 19.95
CA GLU A 63 -40.23 11.18 20.88
C GLU A 63 -41.07 10.40 21.94
N GLY A 64 -41.31 9.12 21.65
CA GLY A 64 -42.08 8.23 22.50
C GLY A 64 -41.65 8.04 23.94
N THR A 65 -42.60 7.59 24.76
CA THR A 65 -42.39 7.34 26.18
C THR A 65 -42.30 5.87 26.44
N LYS A 66 -41.86 5.51 27.63
CA LYS A 66 -41.77 4.11 27.95
C LYS A 66 -43.16 3.44 27.92
N GLU A 67 -44.22 4.20 28.24
CA GLU A 67 -45.57 3.65 28.21
C GLU A 67 -45.98 3.31 26.79
N ASP A 68 -45.55 4.13 25.82
CA ASP A 68 -45.81 3.82 24.41
C ASP A 68 -45.17 2.48 24.05
N ALA A 69 -43.92 2.28 24.47
CA ALA A 69 -43.24 1.01 24.20
C ALA A 69 -43.96 -0.16 24.83
N GLU A 70 -44.47 0.00 26.04
CA GLU A 70 -45.23 -1.09 26.67
C GLU A 70 -46.49 -1.40 25.88
N ARG A 71 -47.19 -0.35 25.48
CA ARG A 71 -48.45 -0.51 24.79
C ARG A 71 -48.26 -1.25 23.49
N ALA A 72 -47.11 -0.99 22.84
CA ALA A 72 -46.77 -1.65 21.58
C ALA A 72 -46.51 -3.12 21.82
N ILE A 73 -45.74 -3.42 22.87
CA ILE A 73 -45.43 -4.78 23.24
C ILE A 73 -46.71 -5.55 23.56
N LEU A 74 -47.61 -4.96 24.37
CA LEU A 74 -48.85 -5.61 24.69
C LEU A 74 -49.72 -5.85 23.43
N ALA A 75 -49.64 -4.92 22.47
CA ALA A 75 -50.39 -5.06 21.23
C ALA A 75 -49.81 -6.20 20.38
N ALA A 76 -48.47 -6.30 20.37
CA ALA A 76 -47.81 -7.37 19.66
C ALA A 76 -48.21 -8.70 20.26
N ARG A 77 -48.26 -8.75 21.59
CA ARG A 77 -48.64 -9.98 22.29
C ARG A 77 -50.07 -10.36 21.92
N ARG A 78 -50.98 -9.40 22.02
CA ARG A 78 -52.39 -9.66 21.69
C ARG A 78 -52.53 -10.17 20.27
N ALA A 79 -51.83 -9.52 19.34
CA ALA A 79 -51.85 -9.90 17.94
C ALA A 79 -51.28 -11.31 17.73
N PHE A 80 -50.14 -11.61 18.37
CA PHE A 80 -49.56 -12.94 18.26
C PHE A 80 -50.51 -14.03 18.76
N GLU A 81 -51.13 -13.81 19.91
CA GLU A 81 -52.09 -14.79 20.46
C GLU A 81 -53.35 -14.94 19.62
N SER A 82 -53.78 -13.90 18.92
CA SER A 82 -55.01 -13.99 18.12
C SER A 82 -54.76 -14.99 17.00
N GLY A 83 -53.49 -15.07 16.58
CA GLY A 83 -53.06 -16.01 15.54
C GLY A 83 -53.26 -15.54 14.10
N GLU A 84 -53.71 -14.30 13.90
CA GLU A 84 -53.97 -13.83 12.55
C GLU A 84 -52.74 -13.89 11.69
N TRP A 85 -51.56 -13.71 12.29
CA TRP A 85 -50.32 -13.77 11.53
C TRP A 85 -49.55 -15.05 11.87
N SER A 86 -49.46 -15.38 13.16
CA SER A 86 -48.76 -16.58 13.57
C SER A 86 -49.37 -17.88 13.03
N GLN A 87 -50.68 -17.89 12.76
CA GLN A 87 -51.35 -19.09 12.20
C GLN A 87 -51.59 -19.00 10.70
N GLU A 88 -51.18 -17.90 10.09
CA GLU A 88 -51.31 -17.77 8.66
C GLU A 88 -50.32 -18.82 8.05
N THR A 89 -50.64 -19.35 6.88
CA THR A 89 -49.75 -20.34 6.24
C THR A 89 -48.40 -19.71 5.93
N ALA A 90 -47.35 -20.49 6.09
CA ALA A 90 -46.00 -20.03 5.83
C ALA A 90 -45.91 -19.48 4.39
N GLU A 91 -46.58 -20.15 3.45
CA GLU A 91 -46.54 -19.75 2.05
C GLU A 91 -47.09 -18.35 1.86
N THR A 92 -48.17 -18.07 2.56
CA THR A 92 -48.77 -16.76 2.47
C THR A 92 -47.90 -15.73 3.15
N ARG A 93 -47.35 -16.07 4.30
CA ARG A 93 -46.47 -15.16 4.96
C ARG A 93 -45.32 -14.81 4.02
N GLY A 94 -44.81 -15.81 3.31
CA GLY A 94 -43.74 -15.59 2.37
C GLY A 94 -44.14 -14.60 1.31
N LYS A 95 -45.39 -14.67 0.81
CA LYS A 95 -45.84 -13.75 -0.25
C LYS A 95 -45.88 -12.32 0.25
N LYS A 96 -46.22 -12.13 1.51
CA LYS A 96 -46.28 -10.81 2.09
C LYS A 96 -44.91 -10.23 2.22
N VAL A 97 -43.99 -11.03 2.69
CA VAL A 97 -42.62 -10.57 2.80
C VAL A 97 -42.05 -10.24 1.40
N ARG A 98 -42.50 -10.96 0.39
CA ARG A 98 -42.06 -10.72 -0.97
C ARG A 98 -42.64 -9.39 -1.43
N ALA A 99 -43.87 -9.10 -1.03
CA ALA A 99 -44.51 -7.85 -1.36
C ALA A 99 -43.75 -6.68 -0.77
N ILE A 100 -43.24 -6.83 0.45
CA ILE A 100 -42.43 -5.81 1.08
C ILE A 100 -41.16 -5.63 0.25
N ALA A 101 -40.56 -6.73 -0.18
CA ALA A 101 -39.37 -6.65 -0.98
C ALA A 101 -39.63 -5.83 -2.23
N ASP A 102 -40.76 -6.07 -2.88
CA ASP A 102 -41.11 -5.33 -4.10
C ASP A 102 -41.30 -3.85 -3.86
N LYS A 103 -41.76 -3.52 -2.67
CA LYS A 103 -41.93 -2.13 -2.31
C LYS A 103 -40.59 -1.47 -2.23
N ILE A 104 -39.63 -2.15 -1.63
CA ILE A 104 -38.29 -1.60 -1.49
C ILE A 104 -37.72 -1.24 -2.85
N LYS A 105 -37.88 -2.15 -3.80
CA LYS A 105 -37.38 -1.94 -5.17
C LYS A 105 -38.16 -0.82 -5.86
N GLU A 106 -39.45 -0.78 -5.65
CA GLU A 106 -40.27 0.25 -6.26
C GLU A 106 -39.84 1.66 -5.78
N HIS A 107 -39.59 1.79 -4.48
CA HIS A 107 -39.22 3.07 -3.89
C HIS A 107 -37.70 3.19 -3.60
N ARG A 108 -36.94 2.39 -4.31
CA ARG A 108 -35.50 2.35 -4.22
C ARG A 108 -34.80 3.73 -4.26
N GLU A 109 -35.14 4.54 -5.26
CA GLU A 109 -34.59 5.90 -5.41
C GLU A 109 -34.86 6.75 -4.16
N ALA A 110 -36.14 6.87 -3.80
CA ALA A 110 -36.53 7.69 -2.67
C ALA A 110 -35.91 7.21 -1.36
N LEU A 111 -35.91 5.91 -1.15
CA LEU A 111 -35.33 5.34 0.07
C LEU A 111 -33.82 5.65 0.17
N ALA A 112 -33.11 5.50 -0.96
CA ALA A 112 -31.66 5.77 -0.98
C ALA A 112 -31.36 7.23 -0.63
N ARG A 113 -32.15 8.14 -1.16
CA ARG A 113 -31.95 9.55 -0.90
C ARG A 113 -32.25 9.88 0.55
N LEU A 114 -33.27 9.23 1.07
CA LEU A 114 -33.68 9.42 2.45
C LEU A 114 -32.57 8.94 3.40
N GLU A 115 -31.93 7.83 3.04
CA GLU A 115 -30.85 7.27 3.86
C GLU A 115 -29.60 8.15 3.79
N THR A 116 -29.30 8.67 2.61
CA THR A 116 -28.15 9.54 2.45
C THR A 116 -28.38 10.85 3.22
N LEU A 117 -29.62 11.30 3.22
CA LEU A 117 -29.98 12.52 3.90
C LEU A 117 -29.84 12.36 5.41
N ASP A 118 -30.25 11.22 5.91
CA ASP A 118 -30.26 10.92 7.32
C ASP A 118 -28.87 10.51 7.86
N THR A 119 -28.15 9.67 7.12
CA THR A 119 -26.84 9.16 7.57
C THR A 119 -25.62 9.83 7.00
N GLY A 120 -25.80 10.56 5.90
CA GLY A 120 -24.73 11.27 5.27
C GLY A 120 -23.84 10.52 4.32
N LYS A 121 -24.04 9.21 4.17
CA LYS A 121 -23.17 8.44 3.27
C LYS A 121 -23.54 8.71 1.81
N THR A 122 -22.62 8.42 0.91
CA THR A 122 -22.88 8.68 -0.50
C THR A 122 -24.16 8.02 -0.99
N LEU A 123 -24.71 8.62 -2.03
CA LEU A 123 -25.90 8.11 -2.64
C LEU A 123 -25.67 6.71 -3.26
N GLU A 124 -24.51 6.49 -3.89
CA GLU A 124 -24.22 5.18 -4.46
C GLU A 124 -24.18 4.08 -3.38
N GLU A 125 -23.64 4.40 -2.21
CA GLU A 125 -23.62 3.45 -1.12
C GLU A 125 -25.06 3.12 -0.70
N SER A 126 -25.91 4.15 -0.68
CA SER A 126 -27.32 4.00 -0.30
C SER A 126 -28.06 3.17 -1.33
N TYR A 127 -27.74 3.34 -2.62
CA TYR A 127 -28.39 2.53 -3.63
C TYR A 127 -28.04 1.06 -3.40
N ALA A 128 -26.79 0.78 -3.10
CA ALA A 128 -26.35 -0.61 -2.88
C ALA A 128 -27.10 -1.20 -1.68
N ASP A 129 -27.27 -0.42 -0.62
CA ASP A 129 -28.07 -0.86 0.53
C ASP A 129 -29.46 -1.32 0.11
N MET A 130 -30.14 -0.49 -0.67
CA MET A 130 -31.49 -0.81 -1.13
C MET A 130 -31.52 -2.08 -1.96
N ASP A 131 -30.48 -2.34 -2.73
CA ASP A 131 -30.42 -3.58 -3.49
C ASP A 131 -30.30 -4.76 -2.51
N ASP A 132 -29.44 -4.60 -1.48
CA ASP A 132 -29.25 -5.64 -0.48
C ASP A 132 -30.55 -5.89 0.25
N ILE A 133 -31.21 -4.80 0.66
CA ILE A 133 -32.43 -4.87 1.40
C ILE A 133 -33.53 -5.59 0.64
N HIS A 134 -33.62 -5.28 -0.63
CA HIS A 134 -34.58 -5.96 -1.47
C HIS A 134 -34.32 -7.44 -1.38
N ASN A 135 -33.06 -7.80 -1.53
CA ASN A 135 -32.64 -9.19 -1.55
C ASN A 135 -32.76 -9.89 -0.25
N VAL A 136 -32.65 -9.13 0.84
CA VAL A 136 -32.80 -9.69 2.16
C VAL A 136 -34.24 -10.12 2.35
N PHE A 137 -35.17 -9.23 2.03
CA PHE A 137 -36.59 -9.57 2.15
C PHE A 137 -36.94 -10.71 1.21
N MET A 138 -36.39 -10.66 0.00
CA MET A 138 -36.70 -11.70 -0.99
C MET A 138 -36.20 -13.06 -0.51
N TYR A 139 -34.97 -13.10 0.02
CA TYR A 139 -34.41 -14.34 0.53
C TYR A 139 -35.31 -14.95 1.61
N PHE A 140 -35.67 -14.16 2.61
CA PHE A 140 -36.50 -14.65 3.70
C PHE A 140 -37.91 -14.99 3.25
N ALA A 141 -38.41 -14.28 2.24
CA ALA A 141 -39.72 -14.59 1.71
C ALA A 141 -39.68 -16.02 1.16
N GLY A 142 -38.58 -16.35 0.51
CA GLY A 142 -38.40 -17.68 -0.09
C GLY A 142 -38.10 -18.77 0.90
N LEU A 143 -37.63 -18.41 2.07
CA LEU A 143 -37.29 -19.39 3.06
C LEU A 143 -38.44 -19.75 3.99
N ALA A 144 -39.45 -18.88 4.03
CA ALA A 144 -40.55 -19.03 4.95
C ALA A 144 -41.23 -20.40 5.06
N ASP A 145 -41.46 -21.06 3.94
CA ASP A 145 -42.18 -22.33 3.91
C ASP A 145 -41.33 -23.54 3.58
N LYS A 146 -40.04 -23.48 3.89
CA LYS A 146 -39.14 -24.56 3.54
C LYS A 146 -38.76 -25.57 4.61
N ASP A 147 -38.93 -25.24 5.88
CA ASP A 147 -38.58 -26.17 6.94
C ASP A 147 -39.46 -25.93 8.14
N GLY A 148 -40.42 -26.81 8.34
CA GLY A 148 -41.33 -26.70 9.46
C GLY A 148 -41.01 -27.57 10.65
N GLY A 149 -39.90 -28.33 10.57
CA GLY A 149 -39.48 -29.20 11.67
C GLY A 149 -39.03 -30.55 11.16
N GLU A 150 -38.98 -31.54 12.05
CA GLU A 150 -38.52 -32.85 11.70
C GLU A 150 -39.37 -33.96 12.24
N MET A 151 -39.25 -35.13 11.62
CA MET A 151 -39.84 -36.34 12.09
C MET A 151 -38.64 -37.07 12.68
N ILE A 152 -38.78 -37.57 13.91
CA ILE A 152 -37.74 -38.29 14.56
C ILE A 152 -38.09 -39.76 14.60
N ASP A 153 -37.09 -40.61 14.37
CA ASP A 153 -37.27 -42.07 14.51
C ASP A 153 -37.11 -42.32 16.02
N SER A 154 -38.24 -42.52 16.68
CA SER A 154 -38.27 -42.68 18.13
C SER A 154 -37.64 -43.95 18.61
N PRO A 155 -36.84 -43.87 19.68
CA PRO A 155 -36.23 -45.05 20.27
C PRO A 155 -37.24 -45.82 21.16
N ILE A 156 -38.44 -45.28 21.30
CA ILE A 156 -39.45 -45.93 22.07
C ILE A 156 -40.44 -46.53 21.09
N PRO A 157 -40.59 -47.85 21.10
CA PRO A 157 -41.58 -48.45 20.21
C PRO A 157 -43.00 -47.94 20.51
N ASP A 158 -43.84 -47.89 19.47
CA ASP A 158 -45.23 -47.43 19.58
C ASP A 158 -45.37 -45.97 20.00
N THR A 159 -44.52 -45.12 19.49
CA THR A 159 -44.58 -43.70 19.74
C THR A 159 -44.26 -42.97 18.47
N GLU A 160 -44.82 -41.78 18.30
CA GLU A 160 -44.53 -40.93 17.17
C GLU A 160 -43.84 -39.72 17.76
N SER A 161 -42.73 -39.32 17.16
CA SER A 161 -41.95 -38.19 17.63
C SER A 161 -41.73 -37.18 16.55
N LYS A 162 -42.11 -35.94 16.79
CA LYS A 162 -41.89 -34.91 15.82
C LYS A 162 -41.51 -33.61 16.48
N ILE A 163 -40.75 -32.79 15.76
CA ILE A 163 -40.30 -31.52 16.27
C ILE A 163 -40.97 -30.49 15.40
N VAL A 164 -41.77 -29.63 15.98
CA VAL A 164 -42.42 -28.59 15.22
C VAL A 164 -41.72 -27.29 15.55
N LYS A 165 -41.45 -26.48 14.54
CA LYS A 165 -40.81 -25.19 14.79
C LYS A 165 -41.87 -24.12 14.74
N GLU A 166 -41.97 -23.33 15.79
CA GLU A 166 -42.98 -22.30 15.90
C GLU A 166 -42.34 -20.96 16.01
N PRO A 167 -43.09 -19.91 15.67
CA PRO A 167 -42.52 -18.58 15.83
C PRO A 167 -42.33 -18.37 17.32
N VAL A 168 -41.25 -17.72 17.67
CA VAL A 168 -40.90 -17.53 19.08
C VAL A 168 -41.97 -16.69 19.85
N GLY A 169 -42.60 -15.72 19.17
CA GLY A 169 -43.64 -14.87 19.78
C GLY A 169 -43.46 -13.39 19.54
N VAL A 170 -43.31 -12.63 20.63
CA VAL A 170 -43.13 -11.20 20.55
C VAL A 170 -41.63 -10.89 20.50
N VAL A 171 -41.24 -10.06 19.54
CA VAL A 171 -39.86 -9.72 19.38
C VAL A 171 -39.57 -8.21 19.36
N THR A 172 -38.59 -7.78 20.14
CA THR A 172 -38.19 -6.38 20.13
C THR A 172 -36.91 -6.27 19.30
N GLN A 173 -36.87 -5.24 18.46
CA GLN A 173 -35.78 -5.05 17.52
C GLN A 173 -35.24 -3.64 17.63
N ILE A 174 -33.94 -3.54 17.91
CA ILE A 174 -33.28 -2.29 18.14
C ILE A 174 -32.10 -2.16 17.22
N THR A 175 -32.03 -1.04 16.51
CA THR A 175 -31.00 -0.83 15.50
C THR A 175 -30.13 0.41 15.67
N PRO A 176 -29.00 0.45 14.97
CA PRO A 176 -28.08 1.56 15.03
C PRO A 176 -28.30 2.57 13.95
N TRP A 177 -27.59 3.69 14.05
CA TRP A 177 -27.71 4.80 13.11
C TRP A 177 -26.89 4.69 11.82
N ASN A 178 -25.91 3.78 11.75
CA ASN A 178 -25.06 3.74 10.57
C ASN A 178 -25.71 3.27 9.27
N TYR A 179 -26.43 2.16 9.32
CA TYR A 179 -27.15 1.59 8.17
C TYR A 179 -28.51 1.24 8.69
N PRO A 180 -29.32 2.24 8.96
CA PRO A 180 -30.65 2.04 9.59
C PRO A 180 -31.58 1.02 8.95
N LEU A 181 -31.91 1.19 7.67
CA LEU A 181 -32.84 0.28 7.03
C LEU A 181 -32.24 -1.08 6.80
N LEU A 182 -30.95 -1.14 6.51
CA LEU A 182 -30.28 -2.41 6.28
C LEU A 182 -30.40 -3.24 7.54
N GLN A 183 -29.99 -2.69 8.67
CA GLN A 183 -30.03 -3.44 9.93
C GLN A 183 -31.47 -3.79 10.32
N ALA A 184 -32.40 -2.91 9.97
CA ALA A 184 -33.80 -3.16 10.25
C ALA A 184 -34.34 -4.35 9.40
N SER A 185 -33.95 -4.42 8.14
CA SER A 185 -34.38 -5.48 7.25
C SER A 185 -33.94 -6.84 7.75
N TRP A 186 -32.73 -6.90 8.29
CA TRP A 186 -32.16 -8.17 8.81
C TRP A 186 -32.99 -8.77 9.95
N LYS A 187 -33.76 -7.92 10.63
CA LYS A 187 -34.59 -8.33 11.75
C LYS A 187 -36.05 -8.49 11.36
N ILE A 188 -36.57 -7.54 10.60
CA ILE A 188 -37.98 -7.59 10.17
C ILE A 188 -38.31 -8.76 9.30
N ALA A 189 -37.48 -8.99 8.31
CA ALA A 189 -37.74 -10.04 7.33
C ALA A 189 -37.97 -11.42 7.95
N PRO A 190 -37.03 -11.89 8.80
CA PRO A 190 -37.24 -13.21 9.37
C PRO A 190 -38.34 -13.23 10.43
N ALA A 191 -38.57 -12.10 11.07
CA ALA A 191 -39.61 -12.03 12.07
C ALA A 191 -40.95 -12.26 11.41
N LEU A 192 -41.22 -11.53 10.34
CA LEU A 192 -42.49 -11.66 9.66
C LEU A 192 -42.62 -12.98 8.95
N ALA A 193 -41.55 -13.47 8.34
CA ALA A 193 -41.57 -14.74 7.63
C ALA A 193 -41.94 -15.90 8.53
N THR A 194 -41.49 -15.87 9.78
CA THR A 194 -41.76 -16.92 10.72
C THR A 194 -43.11 -16.78 11.43
N GLY A 195 -43.71 -15.59 11.40
CA GLY A 195 -45.01 -15.38 12.02
C GLY A 195 -45.02 -14.70 13.37
N CYS A 196 -43.90 -14.04 13.70
CA CYS A 196 -43.79 -13.35 14.95
C CYS A 196 -44.45 -11.99 14.85
N SER A 197 -44.62 -11.34 16.01
CA SER A 197 -45.11 -9.96 16.09
C SER A 197 -43.85 -9.17 16.51
N LEU A 198 -43.70 -7.95 16.04
CA LEU A 198 -42.49 -7.22 16.36
C LEU A 198 -42.74 -5.79 16.76
N VAL A 199 -41.80 -5.25 17.53
CA VAL A 199 -41.81 -3.88 17.98
C VAL A 199 -40.40 -3.38 17.69
N MET A 200 -40.28 -2.45 16.77
CA MET A 200 -38.99 -1.96 16.39
C MET A 200 -38.73 -0.55 16.81
N LYS A 201 -37.50 -0.28 17.22
CA LYS A 201 -37.08 1.07 17.58
C LYS A 201 -35.74 1.38 16.92
N PRO A 202 -35.74 2.31 15.97
CA PRO A 202 -34.48 2.64 15.30
C PRO A 202 -33.70 3.61 16.14
N SER A 203 -32.46 3.87 15.75
CA SER A 203 -31.66 4.84 16.46
C SER A 203 -32.45 6.14 16.46
N GLU A 204 -32.51 6.77 17.63
CA GLU A 204 -33.25 8.01 17.76
C GLU A 204 -32.81 9.07 16.75
N ILE A 205 -31.56 9.04 16.38
CA ILE A 205 -30.99 10.03 15.49
C ILE A 205 -31.26 9.86 14.01
N THR A 206 -31.62 8.63 13.62
CA THR A 206 -31.88 8.30 12.22
C THR A 206 -33.12 7.43 12.05
N PRO A 207 -34.31 8.03 12.09
CA PRO A 207 -35.53 7.25 11.95
C PRO A 207 -36.18 7.30 10.59
N LEU A 208 -35.65 8.08 9.67
CA LEU A 208 -36.31 8.31 8.39
C LEU A 208 -36.69 7.12 7.56
N THR A 209 -35.73 6.28 7.21
CA THR A 209 -36.03 5.16 6.38
C THR A 209 -36.84 4.13 7.12
N THR A 210 -36.67 4.04 8.41
CA THR A 210 -37.43 3.08 9.16
C THR A 210 -38.92 3.50 9.16
N ILE A 211 -39.18 4.78 9.28
CA ILE A 211 -40.53 5.27 9.22
C ILE A 211 -41.11 4.91 7.87
N ARG A 212 -40.37 5.25 6.82
CA ARG A 212 -40.81 4.97 5.47
C ARG A 212 -41.15 3.48 5.25
N VAL A 213 -40.27 2.57 5.70
CA VAL A 213 -40.52 1.16 5.48
C VAL A 213 -41.81 0.72 6.21
N PHE A 214 -42.10 1.32 7.36
CA PHE A 214 -43.36 1.02 8.06
C PHE A 214 -44.57 1.48 7.25
N GLU A 215 -44.47 2.64 6.60
CA GLU A 215 -45.56 3.11 5.74
C GLU A 215 -45.77 2.05 4.65
N LEU A 216 -44.68 1.53 4.13
CA LEU A 216 -44.75 0.54 3.06
C LEU A 216 -45.33 -0.78 3.55
N MET A 217 -44.94 -1.21 4.74
CA MET A 217 -45.46 -2.45 5.29
C MET A 217 -46.95 -2.31 5.60
N GLU A 218 -47.37 -1.12 6.00
CA GLU A 218 -48.75 -0.88 6.23
C GLU A 218 -49.52 -1.06 4.92
N GLU A 219 -48.98 -0.51 3.81
CA GLU A 219 -49.64 -0.63 2.47
C GLU A 219 -49.82 -2.09 2.08
N VAL A 220 -48.81 -2.92 2.34
CA VAL A 220 -48.91 -4.36 2.05
C VAL A 220 -50.05 -4.97 2.83
N GLY A 221 -50.16 -4.60 4.11
CA GLY A 221 -51.25 -5.06 4.97
C GLY A 221 -50.90 -6.22 5.88
N PHE A 222 -50.88 -5.96 7.17
CA PHE A 222 -50.59 -6.95 8.20
C PHE A 222 -51.62 -6.77 9.30
N PRO A 223 -51.94 -7.85 10.03
CA PRO A 223 -52.94 -7.71 11.10
C PRO A 223 -52.53 -6.71 12.20
N LYS A 224 -53.51 -6.03 12.72
CA LYS A 224 -53.34 -5.04 13.76
C LYS A 224 -52.40 -5.57 14.85
N GLY A 225 -51.35 -4.81 15.15
CA GLY A 225 -50.40 -5.20 16.21
C GLY A 225 -49.21 -6.06 15.81
N THR A 226 -49.29 -6.67 14.62
CA THR A 226 -48.21 -7.52 14.12
C THR A 226 -46.89 -6.75 14.01
N ILE A 227 -46.97 -5.50 13.57
CA ILE A 227 -45.78 -4.66 13.47
C ILE A 227 -45.97 -3.37 14.24
N ASN A 228 -44.93 -2.92 14.93
CA ASN A 228 -45.00 -1.68 15.68
C ASN A 228 -43.68 -0.96 15.63
N LEU A 229 -43.79 0.36 15.52
CA LEU A 229 -42.63 1.24 15.44
C LEU A 229 -42.65 2.22 16.57
N ILE A 230 -41.63 2.16 17.39
CA ILE A 230 -41.46 3.09 18.51
C ILE A 230 -40.30 3.99 18.14
N LEU A 231 -40.45 5.29 18.41
CA LEU A 231 -39.43 6.27 18.10
C LEU A 231 -39.02 6.90 19.40
N GLY A 232 -37.75 6.81 19.74
CA GLY A 232 -37.29 7.38 20.97
C GLY A 232 -35.86 7.02 21.28
N ALA A 233 -35.39 7.58 22.38
CA ALA A 233 -34.04 7.35 22.85
C ALA A 233 -33.98 6.06 23.61
N GLY A 234 -32.94 5.29 23.37
CA GLY A 234 -32.75 4.02 24.07
C GLY A 234 -32.66 4.23 25.56
N SER A 235 -32.09 5.36 25.96
CA SER A 235 -31.94 5.67 27.41
C SER A 235 -33.27 5.83 28.13
N GLU A 236 -34.34 6.11 27.40
CA GLU A 236 -35.68 6.32 28.00
C GLU A 236 -36.60 5.06 27.82
N VAL A 237 -36.67 4.56 26.58
CA VAL A 237 -37.57 3.43 26.25
C VAL A 237 -36.86 2.10 26.09
N GLY A 238 -35.55 2.10 25.98
CA GLY A 238 -34.81 0.84 25.77
C GLY A 238 -35.04 -0.29 26.79
N ASP A 239 -35.06 0.05 28.06
CA ASP A 239 -35.24 -0.95 29.11
C ASP A 239 -36.60 -1.64 29.06
N VAL A 240 -37.64 -0.94 28.65
CA VAL A 240 -38.94 -1.58 28.53
C VAL A 240 -38.83 -2.64 27.45
N MET A 241 -38.17 -2.28 26.35
CA MET A 241 -38.02 -3.18 25.22
C MET A 241 -37.18 -4.41 25.46
N SER A 242 -36.27 -4.34 26.41
CA SER A 242 -35.43 -5.49 26.71
C SER A 242 -35.94 -6.25 27.92
N GLY A 243 -36.55 -5.55 28.89
CA GLY A 243 -36.97 -6.17 30.13
C GLY A 243 -38.42 -6.49 30.36
N HIS A 244 -39.28 -6.26 29.39
CA HIS A 244 -40.69 -6.54 29.59
C HIS A 244 -40.94 -8.05 29.51
N LYS A 245 -41.74 -8.54 30.44
CA LYS A 245 -42.05 -9.94 30.56
C LYS A 245 -42.60 -10.61 29.27
N GLU A 246 -43.40 -9.87 28.51
CA GLU A 246 -44.03 -10.40 27.30
C GLU A 246 -43.14 -10.52 26.09
N VAL A 247 -41.90 -10.06 26.17
CA VAL A 247 -40.98 -10.19 25.07
C VAL A 247 -40.36 -11.57 25.12
N ASP A 248 -40.33 -12.24 23.98
CA ASP A 248 -39.73 -13.57 23.89
C ASP A 248 -38.29 -13.52 23.36
N LEU A 249 -37.98 -12.49 22.58
CA LEU A 249 -36.63 -12.32 22.03
C LEU A 249 -36.28 -10.86 21.83
N VAL A 250 -35.06 -10.50 22.14
CA VAL A 250 -34.57 -9.14 21.93
C VAL A 250 -33.46 -9.26 20.89
N SER A 251 -33.63 -8.61 19.77
CA SER A 251 -32.64 -8.66 18.69
C SER A 251 -32.04 -7.28 18.65
N PHE A 252 -30.74 -7.21 18.94
CA PHE A 252 -30.07 -5.96 19.06
C PHE A 252 -28.82 -5.85 18.26
N THR A 253 -28.69 -4.74 17.56
CA THR A 253 -27.50 -4.43 16.79
C THR A 253 -27.04 -3.07 17.27
N GLY A 254 -25.86 -3.02 17.84
CA GLY A 254 -25.32 -1.75 18.38
C GLY A 254 -23.97 -1.95 19.06
N SER A 255 -23.63 -1.08 20.00
CA SER A 255 -22.33 -1.21 20.70
C SER A 255 -22.32 -2.24 21.76
N ILE A 256 -21.11 -2.62 22.11
CA ILE A 256 -20.89 -3.63 23.12
C ILE A 256 -21.46 -3.26 24.53
N GLU A 257 -21.25 -2.04 25.00
CA GLU A 257 -21.74 -1.64 26.32
C GLU A 257 -23.27 -1.69 26.40
N THR A 258 -23.94 -1.23 25.34
CA THR A 258 -25.40 -1.25 25.31
C THR A 258 -25.89 -2.68 25.28
N GLY A 259 -25.19 -3.53 24.55
CA GLY A 259 -25.56 -4.95 24.44
C GLY A 259 -25.44 -5.67 25.78
N LYS A 260 -24.37 -5.37 26.54
CA LYS A 260 -24.19 -5.98 27.80
C LYS A 260 -25.31 -5.57 28.72
N HIS A 261 -25.63 -4.28 28.70
CA HIS A 261 -26.71 -3.73 29.51
C HIS A 261 -28.04 -4.44 29.14
N ILE A 262 -28.28 -4.57 27.85
CA ILE A 262 -29.49 -5.22 27.37
C ILE A 262 -29.58 -6.66 27.81
N MET A 263 -28.46 -7.38 27.72
CA MET A 263 -28.44 -8.77 28.11
C MET A 263 -28.73 -8.90 29.59
N LYS A 264 -28.11 -8.05 30.40
CA LYS A 264 -28.37 -8.08 31.85
C LYS A 264 -29.87 -7.81 32.16
N ASN A 265 -30.49 -6.92 31.42
CA ASN A 265 -31.84 -6.58 31.67
C ASN A 265 -32.79 -7.70 31.17
N ALA A 266 -32.46 -8.28 30.01
CA ALA A 266 -33.25 -9.35 29.45
C ALA A 266 -33.27 -10.56 30.36
N ALA A 267 -32.22 -10.71 31.16
CA ALA A 267 -32.14 -11.83 32.07
C ALA A 267 -33.29 -11.87 33.11
N ASN A 268 -33.88 -10.72 33.42
CA ASN A 268 -34.94 -10.66 34.42
C ASN A 268 -36.09 -11.57 34.11
N ASN A 269 -36.27 -11.87 32.83
CA ASN A 269 -37.34 -12.74 32.38
C ASN A 269 -36.81 -13.86 31.51
N VAL A 270 -35.52 -14.17 31.69
CA VAL A 270 -34.86 -15.24 30.92
C VAL A 270 -35.17 -15.10 29.41
N THR A 271 -35.19 -13.87 28.93
CA THR A 271 -35.52 -13.57 27.57
C THR A 271 -34.33 -13.78 26.64
N ASN A 272 -34.54 -14.54 25.58
CA ASN A 272 -33.48 -14.81 24.65
C ASN A 272 -32.95 -13.53 24.07
N ILE A 273 -31.66 -13.53 23.69
CA ILE A 273 -31.09 -12.37 23.03
C ILE A 273 -30.28 -12.72 21.83
N ALA A 274 -30.31 -11.84 20.85
CA ALA A 274 -29.49 -11.97 19.67
C ALA A 274 -28.77 -10.63 19.64
N LEU A 275 -27.46 -10.66 19.76
CA LEU A 275 -26.70 -9.44 19.78
C LEU A 275 -25.71 -9.38 18.65
N GLU A 276 -25.71 -8.24 17.97
CA GLU A 276 -24.78 -7.96 16.87
C GLU A 276 -24.06 -6.70 17.32
N LEU A 277 -22.84 -6.90 17.84
CA LEU A 277 -22.07 -5.82 18.38
C LEU A 277 -20.90 -5.39 17.48
N GLY A 278 -19.96 -4.63 18.05
CA GLY A 278 -18.87 -4.10 17.26
C GLY A 278 -17.78 -5.07 16.90
N GLY A 279 -16.76 -4.51 16.29
CA GLY A 279 -15.61 -5.27 15.92
C GLY A 279 -14.31 -4.46 15.84
N LYS A 280 -13.21 -5.20 15.83
CA LYS A 280 -11.88 -4.67 15.66
C LYS A 280 -11.37 -5.67 14.61
N ASN A 281 -11.85 -5.44 13.40
CA ASN A 281 -11.61 -6.32 12.28
C ASN A 281 -10.26 -6.16 11.63
N PRO A 282 -9.49 -7.26 11.55
CA PRO A 282 -8.22 -7.22 10.95
C PRO A 282 -8.28 -7.30 9.45
N ASN A 283 -7.34 -6.60 8.80
CA ASN A 283 -7.19 -6.66 7.36
C ASN A 283 -5.74 -7.07 7.20
N ILE A 284 -5.53 -8.37 7.06
CA ILE A 284 -4.20 -8.94 6.99
C ILE A 284 -3.64 -8.92 5.58
N ILE A 285 -2.49 -8.30 5.41
CA ILE A 285 -1.89 -8.18 4.11
C ILE A 285 -0.51 -8.77 4.08
N PHE A 286 -0.35 -9.84 3.34
CA PHE A 286 0.96 -10.49 3.17
C PHE A 286 1.75 -9.83 2.08
N ASP A 287 3.07 -10.06 2.08
CA ASP A 287 3.93 -9.48 1.04
C ASP A 287 3.64 -10.08 -0.35
N ASP A 288 3.11 -11.31 -0.39
CA ASP A 288 2.75 -11.93 -1.66
C ASP A 288 1.29 -11.60 -2.10
N ALA A 289 0.69 -10.59 -1.48
CA ALA A 289 -0.62 -10.13 -1.89
C ALA A 289 -0.47 -9.28 -3.16
N ASP A 290 -1.56 -9.15 -3.90
CA ASP A 290 -1.60 -8.26 -5.08
C ASP A 290 -1.55 -6.89 -4.41
N PHE A 291 -0.42 -6.23 -4.54
CA PHE A 291 -0.23 -4.99 -3.83
C PHE A 291 -1.29 -3.90 -4.04
N GLU A 292 -1.56 -3.53 -5.28
CA GLU A 292 -2.53 -2.48 -5.55
C GLU A 292 -3.93 -2.86 -5.09
N LEU A 293 -4.23 -4.15 -5.15
CA LEU A 293 -5.52 -4.64 -4.68
C LEU A 293 -5.59 -4.44 -3.17
N ALA A 294 -4.50 -4.75 -2.46
CA ALA A 294 -4.46 -4.59 -0.97
C ALA A 294 -4.63 -3.16 -0.55
N VAL A 295 -3.99 -2.25 -1.27
CA VAL A 295 -4.14 -0.85 -0.96
C VAL A 295 -5.57 -0.41 -1.23
N ASP A 296 -6.11 -0.79 -2.38
CA ASP A 296 -7.47 -0.40 -2.73
C ASP A 296 -8.44 -0.90 -1.63
N GLN A 297 -8.31 -2.16 -1.26
CA GLN A 297 -9.21 -2.74 -0.24
C GLN A 297 -8.92 -2.26 1.19
N ALA A 298 -7.71 -1.75 1.45
CA ALA A 298 -7.39 -1.19 2.76
C ALA A 298 -8.17 0.13 2.89
N LEU A 299 -8.18 0.91 1.82
CA LEU A 299 -8.94 2.14 1.79
C LEU A 299 -10.44 1.82 1.94
N ASN A 300 -10.95 0.89 1.13
CA ASN A 300 -12.36 0.52 1.18
C ASN A 300 -12.74 0.03 2.55
N GLY A 301 -11.91 -0.84 3.07
CA GLY A 301 -12.15 -1.39 4.40
C GLY A 301 -12.19 -0.34 5.50
N GLY A 302 -11.38 0.68 5.38
CA GLY A 302 -11.31 1.66 6.44
C GLY A 302 -12.21 2.86 6.33
N TYR A 303 -12.52 3.24 5.11
CA TYR A 303 -13.21 4.49 4.93
C TYR A 303 -14.58 4.49 4.33
N PHE A 304 -15.12 3.34 3.92
CA PHE A 304 -16.53 3.38 3.43
C PHE A 304 -17.36 3.85 4.61
N HIS A 305 -18.30 4.73 4.31
CA HIS A 305 -19.19 5.35 5.30
C HIS A 305 -18.36 5.99 6.42
N ALA A 306 -17.21 6.55 6.06
CA ALA A 306 -16.33 7.20 7.03
C ALA A 306 -15.94 6.29 8.15
N GLY A 307 -15.80 5.01 7.84
CA GLY A 307 -15.41 4.01 8.81
C GLY A 307 -16.51 3.64 9.80
N GLN A 308 -17.73 4.15 9.59
CA GLN A 308 -18.88 3.91 10.50
C GLN A 308 -19.62 2.63 10.09
N VAL A 309 -18.86 1.57 9.99
CA VAL A 309 -19.39 0.29 9.59
C VAL A 309 -18.81 -0.78 10.51
N CYS A 310 -19.66 -1.66 10.98
CA CYS A 310 -19.25 -2.70 11.90
C CYS A 310 -18.25 -3.67 11.29
N SER A 311 -18.27 -3.79 9.98
CA SER A 311 -17.34 -4.65 9.29
C SER A 311 -16.06 -3.87 8.89
N ALA A 312 -15.87 -2.66 9.41
CA ALA A 312 -14.73 -1.86 9.03
C ALA A 312 -13.40 -2.52 9.31
N GLY A 313 -12.47 -2.34 8.37
CA GLY A 313 -11.12 -2.87 8.51
C GLY A 313 -10.27 -1.81 9.13
N SER A 314 -10.49 -1.58 10.41
CA SER A 314 -9.78 -0.56 11.16
C SER A 314 -8.38 -0.99 11.57
N ARG A 315 -8.16 -2.28 11.68
CA ARG A 315 -6.89 -2.80 12.10
C ARG A 315 -6.16 -3.48 10.97
N ILE A 316 -5.22 -2.76 10.37
CA ILE A 316 -4.44 -3.31 9.29
C ILE A 316 -3.18 -3.98 9.81
N LEU A 317 -2.96 -5.22 9.36
CA LEU A 317 -1.81 -6.00 9.72
C LEU A 317 -1.06 -6.25 8.43
N VAL A 318 0.14 -5.68 8.31
CA VAL A 318 0.89 -5.82 7.07
C VAL A 318 2.24 -6.44 7.32
N GLN A 319 2.61 -7.37 6.47
CA GLN A 319 3.86 -8.10 6.64
C GLN A 319 5.06 -7.12 6.54
N ASN A 320 6.01 -7.27 7.43
CA ASN A 320 7.17 -6.36 7.54
C ASN A 320 7.94 -6.06 6.26
N SER A 321 8.21 -7.07 5.46
CA SER A 321 8.93 -6.88 4.20
C SER A 321 8.32 -5.79 3.30
N ILE A 322 6.99 -5.61 3.33
CA ILE A 322 6.32 -4.55 2.51
C ILE A 322 5.61 -3.47 3.32
N LYS A 323 5.78 -3.49 4.63
CA LYS A 323 5.16 -2.48 5.51
C LYS A 323 5.47 -1.01 5.09
N ASP A 324 6.74 -0.65 4.94
CA ASP A 324 7.10 0.75 4.58
C ASP A 324 6.51 1.19 3.25
N LYS A 325 6.67 0.35 2.23
CA LYS A 325 6.09 0.63 0.91
C LYS A 325 4.53 0.76 1.02
N PHE A 326 3.90 -0.15 1.78
CA PHE A 326 2.45 -0.11 1.96
C PHE A 326 1.97 1.17 2.66
N GLU A 327 2.59 1.50 3.78
CA GLU A 327 2.23 2.73 4.51
C GLU A 327 2.31 3.93 3.59
N GLN A 328 3.38 4.06 2.85
CA GLN A 328 3.51 5.18 1.97
C GLN A 328 2.42 5.25 0.91
N ALA A 329 2.12 4.13 0.28
CA ALA A 329 1.06 4.10 -0.74
C ALA A 329 -0.32 4.44 -0.14
N LEU A 330 -0.60 3.91 1.03
CA LEU A 330 -1.88 4.15 1.70
C LEU A 330 -2.06 5.62 2.04
N ILE A 331 -1.03 6.18 2.65
CA ILE A 331 -1.02 7.59 3.04
C ILE A 331 -1.25 8.49 1.83
N ASP A 332 -0.53 8.21 0.76
CA ASP A 332 -0.69 9.02 -0.41
C ASP A 332 -2.12 8.97 -0.91
N ARG A 333 -2.73 7.79 -0.88
CA ARG A 333 -4.09 7.65 -1.36
C ARG A 333 -5.07 8.35 -0.42
N VAL A 334 -4.83 8.24 0.89
CA VAL A 334 -5.70 8.92 1.87
C VAL A 334 -5.74 10.44 1.65
N LYS A 335 -4.60 11.04 1.27
CA LYS A 335 -4.54 12.47 0.95
C LYS A 335 -5.42 12.87 -0.22
N LYS A 336 -5.80 11.94 -1.09
CA LYS A 336 -6.62 12.30 -2.26
C LYS A 336 -8.12 12.00 -2.09
N ILE A 337 -8.52 11.42 -0.96
CA ILE A 337 -9.93 11.08 -0.73
C ILE A 337 -10.83 12.33 -0.76
N LYS A 338 -11.80 12.34 -1.66
CA LYS A 338 -12.69 13.48 -1.84
C LYS A 338 -13.81 13.46 -0.83
N LEU A 339 -13.85 14.47 0.02
CA LEU A 339 -14.91 14.60 0.99
C LEU A 339 -15.95 15.55 0.42
N GLY A 340 -17.17 15.42 0.91
CA GLY A 340 -18.24 16.29 0.45
C GLY A 340 -19.62 15.75 0.77
N ASN A 341 -20.59 16.36 0.12
CA ASN A 341 -21.99 16.01 0.29
C ASN A 341 -22.26 14.67 -0.36
N GLY A 342 -22.96 13.80 0.37
CA GLY A 342 -23.31 12.50 -0.16
C GLY A 342 -24.11 12.54 -1.48
N PHE A 343 -24.80 13.66 -1.74
CA PHE A 343 -25.57 13.79 -2.97
C PHE A 343 -24.76 14.17 -4.19
N ASP A 344 -23.53 14.62 -4.01
CA ASP A 344 -22.67 14.99 -5.14
C ASP A 344 -21.95 13.76 -5.60
N ALA A 345 -22.06 13.48 -6.88
CA ALA A 345 -21.40 12.30 -7.49
C ALA A 345 -19.87 12.23 -7.26
N ASP A 346 -19.21 13.36 -7.08
CA ASP A 346 -17.75 13.36 -6.87
C ASP A 346 -17.36 12.88 -5.48
N THR A 347 -18.29 12.99 -4.53
CA THR A 347 -18.01 12.62 -3.14
C THR A 347 -17.64 11.16 -2.96
N GLU A 348 -16.52 10.92 -2.28
CA GLU A 348 -16.03 9.58 -1.99
C GLU A 348 -16.24 9.21 -0.52
N MET A 349 -16.28 10.21 0.37
CA MET A 349 -16.51 9.97 1.78
C MET A 349 -17.29 11.15 2.34
N GLY A 350 -18.34 10.81 3.08
CA GLY A 350 -19.21 11.82 3.68
C GLY A 350 -18.79 12.17 5.09
N PRO A 351 -19.62 12.89 5.81
CA PRO A 351 -19.33 13.27 7.18
C PRO A 351 -19.61 12.16 8.13
N VAL A 352 -19.28 12.37 9.41
CA VAL A 352 -19.58 11.39 10.42
C VAL A 352 -20.97 11.81 10.95
N ILE A 353 -21.63 10.90 11.64
CA ILE A 353 -23.02 11.10 12.04
C ILE A 353 -23.42 12.25 12.97
N SER A 354 -22.67 12.50 14.03
CA SER A 354 -23.05 13.54 15.00
C SER A 354 -21.89 14.26 15.63
N THR A 355 -22.22 15.38 16.31
CA THR A 355 -21.24 16.18 17.03
C THR A 355 -20.58 15.26 18.07
N GLU A 356 -21.41 14.59 18.87
CA GLU A 356 -20.96 13.68 19.92
C GLU A 356 -20.01 12.64 19.37
N HIS A 357 -20.38 12.05 18.25
CA HIS A 357 -19.56 11.01 17.67
C HIS A 357 -18.25 11.56 17.13
N ARG A 358 -18.30 12.73 16.49
CA ARG A 358 -17.05 13.34 16.01
C ARG A 358 -16.13 13.66 17.19
N ASN A 359 -16.70 14.15 18.30
CA ASN A 359 -15.92 14.41 19.49
C ASN A 359 -15.21 13.13 20.00
N LYS A 360 -15.92 11.99 20.03
CA LYS A 360 -15.28 10.74 20.46
C LYS A 360 -14.09 10.41 19.58
N ILE A 361 -14.25 10.62 18.28
CA ILE A 361 -13.20 10.34 17.34
C ILE A 361 -12.02 11.27 17.65
N GLU A 362 -12.31 12.56 17.87
CA GLU A 362 -11.25 13.52 18.17
C GLU A 362 -10.51 13.15 19.42
N SER A 363 -11.23 12.70 20.45
CA SER A 363 -10.58 12.34 21.70
C SER A 363 -9.70 11.10 21.50
N TYR A 364 -10.11 10.21 20.59
CA TYR A 364 -9.28 9.05 20.29
C TYR A 364 -7.94 9.45 19.63
N MET A 365 -7.90 10.61 18.97
CA MET A 365 -6.65 11.06 18.38
C MET A 365 -5.69 11.49 19.52
N ASP A 366 -6.23 12.13 20.54
CA ASP A 366 -5.45 12.53 21.72
C ASP A 366 -4.95 11.30 22.45
N VAL A 367 -5.80 10.28 22.51
CA VAL A 367 -5.45 9.03 23.16
C VAL A 367 -4.29 8.36 22.46
N ALA A 368 -4.36 8.32 21.14
CA ALA A 368 -3.31 7.72 20.33
C ALA A 368 -1.94 8.42 20.47
N LYS A 369 -1.94 9.75 20.41
CA LYS A 369 -0.69 10.48 20.56
C LYS A 369 -0.12 10.24 21.95
N ALA A 370 -1.00 10.24 22.95
CA ALA A 370 -0.59 10.03 24.34
C ALA A 370 -0.02 8.64 24.63
N GLU A 371 -0.41 7.63 23.86
CA GLU A 371 0.13 6.27 24.08
C GLU A 371 1.44 6.09 23.31
N GLY A 372 1.77 7.07 22.47
CA GLY A 372 3.03 7.02 21.67
C GLY A 372 2.87 6.69 20.19
N ALA A 373 1.63 6.64 19.69
CA ALA A 373 1.39 6.36 18.28
C ALA A 373 1.54 7.63 17.45
N THR A 374 1.62 7.46 16.13
CA THR A 374 1.80 8.59 15.18
C THR A 374 0.61 8.81 14.24
N ILE A 375 0.15 10.05 14.13
CA ILE A 375 -0.96 10.39 13.24
C ILE A 375 -0.25 10.67 11.93
N ALA A 376 -0.08 9.65 11.11
CA ALA A 376 0.66 9.80 9.87
C ALA A 376 -0.02 10.75 8.90
N VAL A 377 -1.36 10.82 8.96
CA VAL A 377 -2.12 11.70 8.10
C VAL A 377 -3.55 11.84 8.60
N GLY A 378 -4.14 13.02 8.40
CA GLY A 378 -5.50 13.28 8.87
C GLY A 378 -5.51 13.56 10.35
N GLY A 379 -6.49 13.00 11.06
CA GLY A 379 -6.61 13.17 12.51
C GLY A 379 -7.19 14.48 12.96
N LYS A 380 -7.91 15.15 12.06
CA LYS A 380 -8.48 16.45 12.37
C LYS A 380 -9.64 16.75 11.43
N ARG A 381 -10.32 17.84 11.70
CA ARG A 381 -11.40 18.27 10.85
C ARG A 381 -10.79 18.90 9.61
N PRO A 382 -11.45 18.76 8.46
CA PRO A 382 -10.91 19.37 7.25
C PRO A 382 -11.17 20.87 7.27
N ASP A 383 -10.28 21.64 6.61
CA ASP A 383 -10.37 23.12 6.54
C ASP A 383 -11.29 23.66 5.47
N ARG A 384 -11.27 23.00 4.31
CA ARG A 384 -12.00 23.46 3.15
C ARG A 384 -13.38 24.08 3.52
N ASP A 385 -13.67 25.21 2.88
CA ASP A 385 -14.87 25.98 3.10
C ASP A 385 -16.20 25.25 3.06
N ASP A 386 -16.46 24.54 1.98
CA ASP A 386 -17.71 23.81 1.79
C ASP A 386 -17.92 22.68 2.81
N LEU A 387 -16.96 22.48 3.71
CA LEU A 387 -17.06 21.42 4.74
C LEU A 387 -17.14 21.96 6.16
N LYS A 388 -16.93 23.26 6.31
CA LYS A 388 -16.95 23.92 7.61
C LYS A 388 -18.21 23.64 8.44
N ASP A 389 -19.37 23.68 7.78
CA ASP A 389 -20.66 23.50 8.46
C ASP A 389 -20.99 22.07 8.80
N GLY A 390 -20.39 21.13 8.07
CA GLY A 390 -20.65 19.72 8.27
C GLY A 390 -19.85 19.03 9.36
N LEU A 391 -20.29 17.82 9.71
CA LEU A 391 -19.63 17.00 10.71
C LEU A 391 -18.57 16.13 10.06
N PHE A 392 -17.62 16.75 9.37
CA PHE A 392 -16.56 16.03 8.69
C PHE A 392 -15.36 15.79 9.58
N PHE A 393 -14.61 14.76 9.22
CA PHE A 393 -13.39 14.41 9.90
C PHE A 393 -12.51 13.76 8.85
N GLU A 394 -11.25 14.14 8.80
CA GLU A 394 -10.37 13.61 7.76
C GLU A 394 -10.05 12.14 7.90
N PRO A 395 -9.99 11.42 6.76
CA PRO A 395 -9.60 10.03 6.81
C PRO A 395 -8.22 9.98 7.42
N THR A 396 -8.02 9.06 8.35
CA THR A 396 -6.79 9.01 9.12
C THR A 396 -6.05 7.69 9.13
N VAL A 397 -4.74 7.79 9.23
CA VAL A 397 -3.86 6.61 9.33
C VAL A 397 -2.97 6.80 10.54
N ILE A 398 -2.97 5.78 11.40
CA ILE A 398 -2.18 5.81 12.61
C ILE A 398 -1.09 4.74 12.53
N THR A 399 0.14 5.16 12.71
CA THR A 399 1.29 4.27 12.60
C THR A 399 2.08 4.16 13.90
N ASN A 400 3.09 3.30 13.90
CA ASN A 400 3.95 3.10 15.06
C ASN A 400 3.15 2.79 16.28
N CYS A 401 2.31 1.79 16.16
CA CYS A 401 1.46 1.39 17.27
C CYS A 401 1.54 -0.11 17.52
N ASP A 402 1.01 -0.56 18.66
CA ASP A 402 1.07 -1.98 19.01
C ASP A 402 -0.20 -2.42 19.69
N THR A 403 -0.34 -3.72 19.82
CA THR A 403 -1.55 -4.35 20.39
C THR A 403 -1.95 -3.91 21.81
N SER A 404 -0.99 -3.40 22.58
CA SER A 404 -1.27 -2.98 23.96
C SER A 404 -2.01 -1.65 24.03
N MET A 405 -2.03 -0.92 22.93
CA MET A 405 -2.67 0.39 22.91
C MET A 405 -4.18 0.37 22.75
N ARG A 406 -4.82 1.35 23.36
CA ARG A 406 -6.25 1.53 23.27
C ARG A 406 -6.71 1.84 21.83
N ILE A 407 -5.93 2.63 21.11
CA ILE A 407 -6.28 3.02 19.73
C ILE A 407 -6.38 1.79 18.81
N VAL A 408 -5.63 0.76 19.16
CA VAL A 408 -5.64 -0.50 18.45
C VAL A 408 -6.74 -1.46 18.96
N GLN A 409 -6.93 -1.55 20.28
CA GLN A 409 -7.91 -2.47 20.85
C GLN A 409 -9.38 -2.10 20.80
N GLU A 410 -9.68 -0.82 20.79
CA GLU A 410 -11.04 -0.35 20.86
C GLU A 410 -11.64 0.11 19.54
N GLU A 411 -12.95 -0.03 19.43
CA GLU A 411 -13.65 0.35 18.22
C GLU A 411 -13.89 1.86 18.18
N VAL A 412 -13.14 2.55 17.32
CA VAL A 412 -13.24 3.98 17.14
C VAL A 412 -14.47 4.32 16.30
N PHE A 413 -14.72 3.50 15.30
CA PHE A 413 -15.90 3.63 14.46
C PHE A 413 -15.91 4.95 13.70
N GLY A 414 -14.74 5.33 13.22
CA GLY A 414 -14.56 6.58 12.47
C GLY A 414 -13.63 6.29 11.31
N PRO A 415 -13.32 7.33 10.50
CA PRO A 415 -12.46 7.13 9.36
C PRO A 415 -11.03 7.04 9.83
N VAL A 416 -10.73 5.97 10.52
CA VAL A 416 -9.41 5.78 11.10
C VAL A 416 -8.96 4.34 11.01
N VAL A 417 -7.70 4.14 10.65
CA VAL A 417 -7.13 2.80 10.61
C VAL A 417 -5.77 2.83 11.29
N THR A 418 -5.39 1.70 11.86
CA THR A 418 -4.08 1.56 12.46
C THR A 418 -3.30 0.59 11.62
N VAL A 419 -2.00 0.74 11.57
CA VAL A 419 -1.15 -0.16 10.80
C VAL A 419 -0.10 -0.81 11.72
N GLU A 420 -0.10 -2.12 11.76
CA GLU A 420 0.86 -2.89 12.56
C GLU A 420 1.58 -3.83 11.66
N GLY A 421 2.84 -4.08 11.96
CA GLY A 421 3.62 -5.02 11.15
C GLY A 421 3.65 -6.40 11.78
N PHE A 422 3.98 -7.40 10.98
CA PHE A 422 4.11 -8.77 11.47
C PHE A 422 5.17 -9.45 10.61
N GLU A 423 5.88 -10.39 11.18
CA GLU A 423 6.92 -11.08 10.46
C GLU A 423 6.36 -12.35 9.81
N THR A 424 5.75 -13.22 10.63
CA THR A 424 5.26 -14.49 10.12
C THR A 424 3.77 -14.64 10.14
N GLU A 425 3.34 -15.70 9.45
CA GLU A 425 1.98 -16.09 9.37
C GLU A 425 1.37 -16.30 10.79
N GLN A 426 2.09 -16.98 11.68
CA GLN A 426 1.62 -17.24 13.06
C GLN A 426 1.42 -15.95 13.82
N GLU A 427 2.34 -15.02 13.63
CA GLU A 427 2.28 -13.73 14.30
C GLU A 427 1.08 -12.92 13.83
N ALA A 428 0.75 -13.01 12.54
CA ALA A 428 -0.41 -12.28 12.00
C ALA A 428 -1.72 -12.80 12.62
N ILE A 429 -1.80 -14.12 12.78
CA ILE A 429 -2.95 -14.75 13.39
C ILE A 429 -3.08 -14.34 14.84
N GLN A 430 -1.99 -14.38 15.57
CA GLN A 430 -2.00 -13.99 16.96
C GLN A 430 -2.42 -12.54 17.14
N LEU A 431 -1.87 -11.61 16.36
CA LEU A 431 -2.25 -10.22 16.47
C LEU A 431 -3.73 -10.03 16.09
N ALA A 432 -4.15 -10.64 14.98
CA ALA A 432 -5.51 -10.52 14.52
C ALA A 432 -6.55 -11.00 15.58
N ASN A 433 -6.21 -12.06 16.30
CA ASN A 433 -7.07 -12.61 17.36
C ASN A 433 -6.86 -11.94 18.70
N ASP A 434 -5.90 -11.02 18.78
CA ASP A 434 -5.62 -10.32 20.05
C ASP A 434 -6.54 -9.11 20.24
N SER A 435 -7.81 -9.37 20.47
CA SER A 435 -8.81 -8.36 20.76
C SER A 435 -9.97 -9.11 21.42
N ILE A 436 -10.86 -8.36 22.02
CA ILE A 436 -12.01 -8.96 22.67
C ILE A 436 -13.05 -9.37 21.64
N TYR A 437 -12.95 -8.79 20.43
CA TYR A 437 -13.91 -8.98 19.33
C TYR A 437 -13.63 -10.11 18.37
N GLY A 438 -14.56 -10.32 17.43
CA GLY A 438 -14.46 -11.38 16.43
C GLY A 438 -15.59 -11.39 15.40
N LEU A 439 -15.85 -10.23 14.80
CA LEU A 439 -16.95 -10.10 13.85
C LEU A 439 -16.56 -10.47 12.45
N ALA A 440 -15.55 -9.81 11.90
CA ALA A 440 -15.12 -10.11 10.53
C ALA A 440 -13.66 -9.76 10.27
N GLY A 441 -13.13 -10.19 9.14
CA GLY A 441 -11.76 -9.88 8.78
C GLY A 441 -11.39 -10.37 7.40
N ALA A 442 -10.19 -10.02 6.96
CA ALA A 442 -9.74 -10.40 5.63
C ALA A 442 -8.28 -10.80 5.59
N VAL A 443 -7.95 -11.58 4.56
CA VAL A 443 -6.62 -12.05 4.33
C VAL A 443 -6.30 -11.80 2.88
N PHE A 444 -5.20 -11.11 2.61
CA PHE A 444 -4.79 -10.84 1.23
C PHE A 444 -3.47 -11.54 0.93
N SER A 445 -3.51 -12.44 -0.05
CA SER A 445 -2.35 -13.19 -0.46
C SER A 445 -2.68 -13.92 -1.74
N LYS A 446 -1.71 -14.00 -2.67
CA LYS A 446 -1.94 -14.77 -3.91
C LYS A 446 -1.79 -16.27 -3.63
N ASP A 447 -1.17 -16.61 -2.50
CA ASP A 447 -1.01 -17.99 -2.06
C ASP A 447 -2.33 -18.33 -1.35
N ILE A 448 -3.25 -18.93 -2.09
CA ILE A 448 -4.57 -19.23 -1.54
C ILE A 448 -4.54 -20.25 -0.41
N GLY A 449 -3.66 -21.25 -0.52
CA GLY A 449 -3.54 -22.25 0.52
C GLY A 449 -3.22 -21.60 1.86
N LYS A 450 -2.33 -20.61 1.82
CA LYS A 450 -1.94 -19.89 3.03
C LYS A 450 -3.12 -19.10 3.55
N ALA A 451 -3.87 -18.46 2.65
CA ALA A 451 -5.01 -17.66 3.06
C ALA A 451 -6.06 -18.55 3.74
N GLN A 452 -6.17 -19.80 3.28
CA GLN A 452 -7.08 -20.77 3.88
C GLN A 452 -6.60 -21.17 5.26
N ARG A 453 -5.30 -21.41 5.42
CA ARG A 453 -4.79 -21.78 6.73
C ARG A 453 -5.10 -20.69 7.73
N VAL A 454 -4.92 -19.44 7.30
CA VAL A 454 -5.12 -18.29 8.16
C VAL A 454 -6.59 -18.13 8.49
N ALA A 455 -7.42 -18.18 7.46
CA ALA A 455 -8.85 -18.06 7.63
C ALA A 455 -9.36 -19.05 8.65
N ASN A 456 -8.84 -20.28 8.63
CA ASN A 456 -9.27 -21.34 9.61
C ASN A 456 -8.92 -21.05 11.04
N LYS A 457 -7.84 -20.31 11.24
CA LYS A 457 -7.41 -19.99 12.58
C LYS A 457 -7.94 -18.65 13.14
N LEU A 458 -8.55 -17.84 12.30
CA LEU A 458 -9.08 -16.57 12.78
C LEU A 458 -10.43 -16.80 13.45
N LYS A 459 -10.61 -16.21 14.62
CA LYS A 459 -11.84 -16.33 15.36
C LYS A 459 -12.73 -15.18 14.94
N LEU A 460 -13.34 -15.34 13.77
CA LEU A 460 -14.19 -14.35 13.19
C LEU A 460 -15.40 -15.01 12.56
N GLY A 461 -16.55 -14.35 12.70
CA GLY A 461 -17.79 -14.85 12.12
C GLY A 461 -17.76 -14.89 10.60
N THR A 462 -17.05 -13.96 10.01
CA THR A 462 -16.91 -13.91 8.57
C THR A 462 -15.46 -13.63 8.24
N VAL A 463 -14.90 -14.36 7.30
CA VAL A 463 -13.52 -14.13 6.86
C VAL A 463 -13.52 -13.98 5.35
N TRP A 464 -12.90 -12.93 4.85
CA TRP A 464 -12.83 -12.73 3.41
C TRP A 464 -11.43 -13.02 2.95
N ILE A 465 -11.30 -13.81 1.91
CA ILE A 465 -10.00 -14.08 1.32
C ILE A 465 -9.93 -13.26 0.05
N ASN A 466 -9.02 -12.33 0.04
CA ASN A 466 -8.84 -11.43 -1.11
C ASN A 466 -10.05 -10.58 -1.45
N ASP A 467 -10.70 -10.07 -0.40
CA ASP A 467 -11.84 -9.19 -0.56
C ASP A 467 -12.06 -8.50 0.77
N PHE A 468 -12.97 -7.53 0.81
CA PHE A 468 -13.30 -6.88 2.05
C PHE A 468 -14.69 -6.25 1.97
N HIS A 469 -15.51 -6.56 2.99
CA HIS A 469 -16.92 -6.05 3.18
C HIS A 469 -18.13 -6.94 2.82
N PRO A 470 -17.99 -7.84 1.85
CA PRO A 470 -19.21 -8.55 1.47
C PRO A 470 -19.97 -9.46 2.45
N TYR A 471 -21.28 -9.25 2.48
CA TYR A 471 -22.22 -10.01 3.26
C TYR A 471 -23.43 -10.15 2.35
N PHE A 472 -24.24 -11.14 2.61
CA PHE A 472 -25.47 -11.34 1.82
C PHE A 472 -26.43 -12.26 2.56
N ALA A 473 -27.71 -12.09 2.25
CA ALA A 473 -28.77 -12.84 2.88
C ALA A 473 -28.57 -14.35 2.94
N GLN A 474 -27.89 -14.92 1.94
CA GLN A 474 -27.72 -16.35 1.89
C GLN A 474 -26.87 -16.94 2.99
N ALA A 475 -26.03 -16.12 3.60
CA ALA A 475 -25.10 -16.60 4.61
C ALA A 475 -25.22 -15.86 5.94
N PRO A 476 -25.01 -16.57 7.05
CA PRO A 476 -25.08 -15.98 8.37
C PRO A 476 -23.94 -15.02 8.69
N TRP A 477 -24.29 -13.97 9.43
CA TRP A 477 -23.40 -12.90 9.85
C TRP A 477 -23.55 -12.70 11.34
N GLY A 478 -22.43 -12.66 12.03
CA GLY A 478 -22.45 -12.48 13.46
C GLY A 478 -21.07 -12.68 14.04
N GLY A 479 -20.97 -12.63 15.35
CA GLY A 479 -19.67 -12.66 15.94
C GLY A 479 -19.27 -13.88 16.69
N TYR A 480 -17.96 -13.95 16.87
CA TYR A 480 -17.32 -14.89 17.71
C TYR A 480 -17.04 -13.98 18.90
N LYS A 481 -16.67 -14.55 20.04
CA LYS A 481 -16.25 -13.73 21.17
C LYS A 481 -17.18 -12.61 21.52
N GLN A 482 -16.66 -11.43 21.82
CA GLN A 482 -17.55 -10.33 22.23
C GLN A 482 -18.22 -9.50 21.13
N SER A 483 -18.12 -9.94 19.88
CA SER A 483 -18.81 -9.23 18.81
C SER A 483 -20.31 -9.61 18.75
N GLY A 484 -20.75 -10.58 19.55
CA GLY A 484 -22.15 -10.91 19.55
C GLY A 484 -22.55 -12.26 20.05
N ILE A 485 -23.85 -12.48 19.97
CA ILE A 485 -24.50 -13.72 20.33
C ILE A 485 -25.56 -13.96 19.28
N GLY A 486 -25.48 -15.11 18.64
CA GLY A 486 -26.42 -15.47 17.60
C GLY A 486 -25.96 -15.03 16.24
N ARG A 487 -26.87 -15.12 15.29
CA ARG A 487 -26.58 -14.74 13.93
C ARG A 487 -27.74 -14.05 13.27
N GLU A 488 -27.42 -13.25 12.27
CA GLU A 488 -28.43 -12.64 11.43
C GLU A 488 -28.11 -13.07 10.01
N LEU A 489 -29.16 -13.13 9.19
CA LEU A 489 -29.05 -13.58 7.80
C LEU A 489 -28.89 -15.08 7.73
N GLY A 490 -29.12 -15.63 6.54
CA GLY A 490 -29.04 -17.07 6.35
C GLY A 490 -30.12 -17.81 7.13
N LYS A 491 -30.12 -19.14 7.04
CA LYS A 491 -31.06 -19.98 7.79
C LYS A 491 -30.90 -19.77 9.29
N GLU A 492 -29.67 -19.53 9.76
CA GLU A 492 -29.44 -19.30 11.20
C GLU A 492 -30.10 -18.04 11.63
N GLY A 493 -30.12 -17.04 10.76
CA GLY A 493 -30.81 -15.79 11.06
C GLY A 493 -32.31 -16.02 11.28
N LEU A 494 -32.89 -16.95 10.54
CA LEU A 494 -34.31 -17.29 10.69
C LEU A 494 -34.54 -18.06 12.00
N GLU A 495 -33.62 -18.96 12.33
CA GLU A 495 -33.68 -19.75 13.58
C GLU A 495 -33.69 -18.94 14.89
N GLU A 496 -33.23 -17.70 14.87
CA GLU A 496 -33.30 -16.90 16.08
C GLU A 496 -34.79 -16.63 16.42
N TYR A 497 -35.66 -16.69 15.39
CA TYR A 497 -37.09 -16.38 15.48
C TYR A 497 -37.98 -17.59 15.62
N LEU A 498 -37.38 -18.76 15.75
CA LEU A 498 -38.12 -19.99 15.92
C LEU A 498 -37.78 -20.68 17.22
N VAL A 499 -38.70 -21.50 17.69
CA VAL A 499 -38.51 -22.27 18.92
C VAL A 499 -39.04 -23.67 18.64
N SER A 500 -38.32 -24.68 19.08
CA SER A 500 -38.67 -26.07 18.82
C SER A 500 -39.53 -26.68 19.86
N LYS A 501 -40.49 -27.47 19.41
CA LYS A 501 -41.39 -28.18 20.28
C LYS A 501 -41.36 -29.62 19.90
N HIS A 502 -41.10 -30.48 20.86
CA HIS A 502 -41.11 -31.91 20.63
C HIS A 502 -42.46 -32.48 21.06
N ILE A 503 -43.27 -32.91 20.10
CA ILE A 503 -44.54 -33.51 20.42
C ILE A 503 -44.37 -35.01 20.32
N LEU A 504 -44.47 -35.70 21.45
CA LEU A 504 -44.33 -37.15 21.47
C LEU A 504 -45.68 -37.79 21.76
N THR A 505 -46.15 -38.63 20.86
CA THR A 505 -47.40 -39.31 21.02
C THR A 505 -47.20 -40.78 21.30
N ASN A 506 -47.77 -41.30 22.38
CA ASN A 506 -47.71 -42.75 22.67
C ASN A 506 -48.95 -43.37 22.03
N THR A 507 -48.75 -44.16 20.98
CA THR A 507 -49.85 -44.79 20.23
C THR A 507 -50.42 -46.07 20.81
N ASN A 508 -49.78 -46.57 21.86
CA ASN A 508 -50.26 -47.76 22.55
C ASN A 508 -49.99 -47.59 24.04
N PRO A 509 -50.67 -46.62 24.64
CA PRO A 509 -50.47 -46.33 26.05
C PRO A 509 -50.82 -47.48 26.97
N GLN A 510 -49.92 -47.76 27.92
CA GLN A 510 -50.06 -48.84 28.87
C GLN A 510 -49.77 -48.32 30.25
N LEU A 511 -50.48 -48.83 31.25
CA LEU A 511 -50.22 -48.43 32.60
C LEU A 511 -48.80 -48.91 32.97
N VAL A 512 -48.09 -48.10 33.76
CA VAL A 512 -46.77 -48.47 34.22
C VAL A 512 -46.87 -49.26 35.52
N ASN A 513 -47.85 -48.90 36.35
CA ASN A 513 -48.08 -49.56 37.66
C ASN A 513 -46.86 -49.57 38.57
N TRP A 514 -46.21 -48.43 38.67
CA TRP A 514 -45.04 -48.29 39.51
C TRP A 514 -45.49 -48.16 40.93
N PHE A 515 -46.54 -47.37 41.12
CA PHE A 515 -47.13 -47.14 42.45
C PHE A 515 -48.25 -48.17 42.76
N SER A 516 -48.17 -48.75 43.96
CA SER A 516 -49.03 -49.83 44.48
C SER A 516 -50.56 -49.61 44.49
N LYS A 517 -51.23 -50.73 44.79
CA LYS A 517 -52.69 -50.85 45.08
C LYS A 517 -52.78 -51.54 46.48
N MET B 22 -10.90 12.49 -20.20
CA MET B 22 -12.29 12.09 -20.40
C MET B 22 -13.04 13.47 -20.24
N GLU B 23 -13.45 13.79 -19.01
CA GLU B 23 -14.12 15.06 -18.67
C GLU B 23 -13.11 16.20 -18.62
N LEU B 24 -11.85 15.84 -18.39
CA LEU B 24 -10.75 16.80 -18.32
C LEU B 24 -10.62 17.68 -19.53
N LEU B 25 -10.93 17.11 -20.70
CA LEU B 25 -10.82 17.82 -21.96
C LEU B 25 -11.96 18.76 -22.30
N LYS B 26 -13.03 18.75 -21.52
CA LYS B 26 -14.18 19.58 -21.82
C LYS B 26 -13.89 21.09 -21.81
N HIS B 27 -12.97 21.52 -20.94
CA HIS B 27 -12.63 22.93 -20.85
C HIS B 27 -11.25 23.24 -21.32
N LEU B 28 -10.51 22.22 -21.73
CA LEU B 28 -9.12 22.44 -22.15
C LEU B 28 -9.12 23.20 -23.45
N SER B 29 -8.23 24.19 -23.54
CA SER B 29 -8.12 24.99 -24.75
C SER B 29 -7.62 24.11 -25.89
N GLN B 30 -8.02 24.48 -27.10
CA GLN B 30 -7.64 23.75 -28.31
C GLN B 30 -6.70 24.56 -29.20
N ARG B 31 -6.19 25.67 -28.67
CA ARG B 31 -5.44 26.59 -29.50
C ARG B 31 -4.07 26.94 -29.07
N GLN B 32 -3.42 27.74 -29.90
CA GLN B 32 -2.10 28.19 -29.63
C GLN B 32 -2.22 29.42 -28.76
N TYR B 33 -1.11 29.79 -28.13
CA TYR B 33 -1.10 30.98 -27.29
C TYR B 33 0.00 31.88 -27.79
N ILE B 34 -0.39 32.97 -28.43
CA ILE B 34 0.56 33.87 -29.04
C ILE B 34 0.26 35.30 -28.67
N ASP B 35 1.28 35.98 -28.22
CA ASP B 35 1.21 37.38 -27.89
C ASP B 35 -0.04 37.69 -26.99
N GLY B 36 -0.21 36.88 -25.96
CA GLY B 36 -1.26 37.08 -24.98
C GLY B 36 -2.66 36.66 -25.38
N GLU B 37 -2.79 35.98 -26.50
CA GLU B 37 -4.10 35.56 -27.00
C GLU B 37 -4.11 34.12 -27.42
N TRP B 38 -5.20 33.44 -27.08
CA TRP B 38 -5.40 32.09 -27.56
C TRP B 38 -5.92 32.24 -28.98
N VAL B 39 -5.18 31.70 -29.96
CA VAL B 39 -5.56 31.82 -31.36
C VAL B 39 -5.43 30.50 -32.09
N GLU B 40 -6.19 30.40 -33.16
CA GLU B 40 -6.16 29.25 -34.03
C GLU B 40 -4.93 29.35 -34.94
N SER B 41 -4.75 28.32 -35.77
CA SER B 41 -3.67 28.30 -36.74
C SER B 41 -4.00 29.37 -37.77
N ALA B 42 -2.98 29.92 -38.41
CA ALA B 42 -3.22 30.98 -39.40
C ALA B 42 -4.08 30.50 -40.58
N ASN B 43 -4.02 29.20 -40.87
CA ASN B 43 -4.79 28.59 -41.94
C ASN B 43 -5.93 27.71 -41.38
N LYS B 44 -6.26 27.89 -40.11
CA LYS B 44 -7.32 27.14 -39.42
C LYS B 44 -7.13 25.62 -39.42
N ASN B 45 -5.95 25.14 -39.78
CA ASN B 45 -5.70 23.71 -39.85
C ASN B 45 -5.72 23.12 -38.47
N THR B 46 -6.06 21.85 -38.37
CA THR B 46 -6.15 21.17 -37.07
C THR B 46 -5.50 19.79 -37.11
N ARG B 47 -5.35 19.21 -35.93
CA ARG B 47 -4.77 17.90 -35.78
C ARG B 47 -5.56 17.09 -34.73
N ASP B 48 -5.69 15.80 -34.99
CA ASP B 48 -6.35 14.91 -34.07
C ASP B 48 -5.32 14.25 -33.13
N ILE B 49 -5.60 14.28 -31.84
CA ILE B 49 -4.73 13.69 -30.84
C ILE B 49 -5.27 12.32 -30.50
N ILE B 50 -4.36 11.35 -30.40
CA ILE B 50 -4.73 9.95 -30.19
C ILE B 50 -4.28 9.38 -28.86
N ASN B 51 -5.13 8.56 -28.24
CA ASN B 51 -4.80 7.89 -26.99
C ASN B 51 -4.18 6.56 -27.38
N PRO B 52 -2.89 6.35 -27.05
CA PRO B 52 -2.22 5.09 -27.46
C PRO B 52 -2.80 3.82 -26.83
N TYR B 53 -3.56 3.94 -25.74
CA TYR B 53 -4.18 2.76 -25.14
C TYR B 53 -5.18 2.09 -26.09
N ASN B 54 -5.98 2.90 -26.80
CA ASN B 54 -7.02 2.35 -27.71
C ASN B 54 -7.02 2.92 -29.14
N GLN B 55 -6.13 3.85 -29.41
CA GLN B 55 -6.02 4.49 -30.72
C GLN B 55 -7.24 5.29 -31.11
N GLU B 56 -8.04 5.73 -30.14
CA GLU B 56 -9.21 6.55 -30.44
C GLU B 56 -8.76 8.01 -30.48
N VAL B 57 -9.41 8.79 -31.30
CA VAL B 57 -9.14 10.22 -31.34
C VAL B 57 -9.80 10.75 -30.08
N ILE B 58 -9.07 11.53 -29.28
CA ILE B 58 -9.60 12.10 -28.02
C ILE B 58 -9.69 13.62 -27.97
N PHE B 59 -9.05 14.31 -28.91
CA PHE B 59 -9.05 15.77 -28.85
C PHE B 59 -8.53 16.31 -30.18
N THR B 60 -8.94 17.52 -30.51
CA THR B 60 -8.53 18.17 -31.73
C THR B 60 -7.98 19.56 -31.41
N VAL B 61 -6.78 19.83 -31.86
CA VAL B 61 -6.11 21.11 -31.60
C VAL B 61 -5.64 21.78 -32.86
N SER B 62 -5.28 23.05 -32.75
CA SER B 62 -4.78 23.79 -33.88
C SER B 62 -3.44 23.24 -34.36
N GLU B 63 -3.22 23.30 -35.67
CA GLU B 63 -1.97 22.85 -36.30
C GLU B 63 -1.39 24.12 -36.93
N GLY B 64 -0.58 24.82 -36.15
CA GLY B 64 0.04 26.08 -36.59
C GLY B 64 0.89 26.05 -37.84
N THR B 65 1.09 27.25 -38.42
CA THR B 65 1.91 27.43 -39.62
C THR B 65 3.25 28.04 -39.23
N LYS B 66 4.17 28.06 -40.17
CA LYS B 66 5.46 28.66 -39.93
C LYS B 66 5.30 30.15 -39.64
N GLU B 67 4.30 30.78 -40.22
CA GLU B 67 4.08 32.23 -39.98
C GLU B 67 3.67 32.47 -38.55
N ASP B 68 2.87 31.57 -38.00
CA ASP B 68 2.46 31.66 -36.57
C ASP B 68 3.72 31.64 -35.69
N ALA B 69 4.63 30.70 -35.99
CA ALA B 69 5.88 30.62 -35.23
C ALA B 69 6.69 31.90 -35.35
N GLU B 70 6.75 32.50 -36.54
CA GLU B 70 7.48 33.78 -36.70
C GLU B 70 6.83 34.87 -35.90
N ARG B 71 5.50 34.92 -35.94
CA ARG B 71 4.76 35.95 -35.22
C ARG B 71 4.99 35.85 -33.71
N ALA B 72 5.14 34.63 -33.21
CA ALA B 72 5.39 34.38 -31.80
C ALA B 72 6.77 34.85 -31.42
N ILE B 73 7.73 34.51 -32.25
CA ILE B 73 9.11 34.90 -32.05
C ILE B 73 9.21 36.41 -32.06
N LEU B 74 8.57 37.08 -33.02
CA LEU B 74 8.63 38.55 -33.05
C LEU B 74 7.95 39.18 -31.83
N ALA B 75 6.92 38.51 -31.30
CA ALA B 75 6.22 39.00 -30.10
C ALA B 75 7.11 38.84 -28.88
N ALA B 76 7.84 37.73 -28.83
CA ALA B 76 8.78 37.46 -27.74
C ALA B 76 9.88 38.51 -27.77
N ARG B 77 10.34 38.85 -28.97
CA ARG B 77 11.40 39.85 -29.12
C ARG B 77 10.88 41.20 -28.63
N ARG B 78 9.71 41.60 -29.12
CA ARG B 78 9.13 42.88 -28.74
C ARG B 78 8.98 42.95 -27.23
N ALA B 79 8.47 41.88 -26.64
CA ALA B 79 8.25 41.82 -25.21
C ALA B 79 9.56 41.92 -24.45
N PHE B 80 10.57 41.18 -24.91
CA PHE B 80 11.90 41.22 -24.25
C PHE B 80 12.51 42.65 -24.27
N GLU B 81 12.42 43.34 -25.41
CA GLU B 81 12.92 44.69 -25.52
C GLU B 81 12.13 45.70 -24.71
N SER B 82 10.82 45.46 -24.50
CA SER B 82 10.00 46.43 -23.72
C SER B 82 10.52 46.44 -22.29
N GLY B 83 11.05 45.29 -21.86
CA GLY B 83 11.61 45.15 -20.53
C GLY B 83 10.61 44.86 -19.42
N GLU B 84 9.35 44.63 -19.74
CA GLU B 84 8.36 44.37 -18.67
C GLU B 84 8.69 43.16 -17.85
N TRP B 85 9.34 42.18 -18.46
CA TRP B 85 9.75 40.98 -17.72
C TRP B 85 11.28 40.96 -17.51
N SER B 86 12.03 41.29 -18.55
CA SER B 86 13.48 41.29 -18.46
C SER B 86 14.02 42.28 -17.43
N GLN B 87 13.29 43.36 -17.18
CA GLN B 87 13.72 44.38 -16.21
C GLN B 87 13.01 44.26 -14.89
N GLU B 88 12.12 43.28 -14.78
CA GLU B 88 11.46 43.06 -13.52
C GLU B 88 12.55 42.57 -12.52
N THR B 89 12.42 42.86 -11.24
CA THR B 89 13.42 42.40 -10.25
C THR B 89 13.45 40.89 -10.23
N ALA B 90 14.64 40.34 -10.04
CA ALA B 90 14.82 38.90 -9.96
C ALA B 90 13.92 38.28 -8.86
N GLU B 91 13.80 38.97 -7.73
CA GLU B 91 13.00 38.51 -6.61
C GLU B 91 11.54 38.33 -7.03
N THR B 92 11.03 39.30 -7.78
CA THR B 92 9.66 39.25 -8.23
C THR B 92 9.51 38.17 -9.27
N ARG B 93 10.47 38.05 -10.17
CA ARG B 93 10.41 36.97 -11.15
C ARG B 93 10.37 35.63 -10.43
N GLY B 94 11.14 35.51 -9.37
CA GLY B 94 11.14 34.31 -8.57
C GLY B 94 9.76 34.01 -7.98
N LYS B 95 9.04 35.03 -7.51
CA LYS B 95 7.70 34.81 -6.91
C LYS B 95 6.71 34.31 -7.93
N LYS B 96 6.84 34.79 -9.17
CA LYS B 96 5.95 34.36 -10.25
C LYS B 96 6.22 32.91 -10.59
N VAL B 97 7.48 32.53 -10.69
CA VAL B 97 7.83 31.13 -10.98
C VAL B 97 7.32 30.23 -9.83
N ARG B 98 7.35 30.75 -8.60
CA ARG B 98 6.87 30.00 -7.45
C ARG B 98 5.35 29.84 -7.61
N ALA B 99 4.68 30.88 -8.13
CA ALA B 99 3.22 30.83 -8.30
C ALA B 99 2.86 29.76 -9.31
N ILE B 100 3.68 29.62 -10.37
CA ILE B 100 3.47 28.55 -11.35
C ILE B 100 3.63 27.18 -10.65
N ALA B 101 4.65 27.07 -9.81
CA ALA B 101 4.89 25.85 -9.09
C ALA B 101 3.65 25.48 -8.28
N ASP B 102 3.07 26.45 -7.60
CA ASP B 102 1.87 26.21 -6.78
C ASP B 102 0.67 25.75 -7.60
N LYS B 103 0.58 26.24 -8.82
CA LYS B 103 -0.49 25.84 -9.74
C LYS B 103 -0.34 24.38 -10.11
N ILE B 104 0.90 23.96 -10.36
CA ILE B 104 1.16 22.56 -10.69
C ILE B 104 0.66 21.64 -9.56
N LYS B 105 0.98 21.98 -8.32
CA LYS B 105 0.58 21.21 -7.19
C LYS B 105 -0.96 21.26 -7.01
N GLU B 106 -1.55 22.43 -7.24
CA GLU B 106 -2.98 22.56 -7.09
C GLU B 106 -3.75 21.66 -8.09
N HIS B 107 -3.29 21.62 -9.33
CA HIS B 107 -3.95 20.83 -10.39
C HIS B 107 -3.26 19.50 -10.68
N ARG B 108 -2.49 19.06 -9.70
CA ARG B 108 -1.72 17.85 -9.79
C ARG B 108 -2.50 16.64 -10.34
N GLU B 109 -3.66 16.38 -9.73
CA GLU B 109 -4.53 15.26 -10.14
C GLU B 109 -4.89 15.33 -11.60
N ALA B 110 -5.47 16.46 -11.99
CA ALA B 110 -5.90 16.66 -13.38
C ALA B 110 -4.72 16.58 -14.37
N LEU B 111 -3.60 17.19 -14.00
CA LEU B 111 -2.43 17.17 -14.89
C LEU B 111 -1.93 15.76 -15.10
N ALA B 112 -1.90 14.98 -14.02
CA ALA B 112 -1.40 13.61 -14.09
C ALA B 112 -2.28 12.76 -15.00
N ARG B 113 -3.58 12.97 -14.91
CA ARG B 113 -4.52 12.20 -15.73
C ARG B 113 -4.42 12.60 -17.18
N LEU B 114 -4.17 13.87 -17.40
CA LEU B 114 -4.03 14.40 -18.74
C LEU B 114 -2.76 13.82 -19.39
N GLU B 115 -1.69 13.68 -18.62
CA GLU B 115 -0.42 13.15 -19.13
C GLU B 115 -0.53 11.66 -19.41
N THR B 116 -1.24 10.94 -18.56
CA THR B 116 -1.45 9.51 -18.77
C THR B 116 -2.31 9.28 -20.00
N LEU B 117 -3.28 10.16 -20.20
CA LEU B 117 -4.17 10.06 -21.33
C LEU B 117 -3.43 10.28 -22.64
N ASP B 118 -2.55 11.25 -22.62
CA ASP B 118 -1.81 11.64 -23.80
C ASP B 118 -0.63 10.73 -24.10
N THR B 119 0.12 10.33 -23.07
CA THR B 119 1.34 9.51 -23.26
C THR B 119 1.18 8.04 -23.01
N GLY B 120 0.11 7.67 -22.32
CA GLY B 120 -0.19 6.28 -22.03
C GLY B 120 0.50 5.64 -20.84
N LYS B 121 1.44 6.36 -20.18
CA LYS B 121 2.12 5.78 -19.03
C LYS B 121 1.19 5.71 -17.82
N THR B 122 1.55 4.88 -16.85
CA THR B 122 0.71 4.71 -15.67
C THR B 122 0.46 6.02 -14.93
N LEU B 123 -0.68 6.05 -14.23
CA LEU B 123 -1.08 7.22 -13.50
C LEU B 123 -0.06 7.53 -12.40
N GLU B 124 0.45 6.50 -11.74
CA GLU B 124 1.43 6.74 -10.69
C GLU B 124 2.69 7.38 -11.20
N GLU B 125 3.12 6.99 -12.39
CA GLU B 125 4.32 7.61 -12.99
C GLU B 125 4.04 9.06 -13.25
N SER B 126 2.81 9.35 -13.69
CA SER B 126 2.40 10.73 -13.98
C SER B 126 2.33 11.57 -12.71
N TYR B 127 1.88 10.96 -11.59
CA TYR B 127 1.87 11.70 -10.33
C TYR B 127 3.29 12.07 -9.96
N ALA B 128 4.23 11.14 -10.11
CA ALA B 128 5.62 11.43 -9.76
C ALA B 128 6.18 12.57 -10.63
N ASP B 129 5.84 12.58 -11.92
CA ASP B 129 6.25 13.69 -12.77
C ASP B 129 5.79 15.03 -12.21
N MET B 130 4.52 15.10 -11.84
CA MET B 130 3.97 16.34 -11.30
C MET B 130 4.70 16.78 -10.04
N ASP B 131 5.12 15.83 -9.23
CA ASP B 131 5.86 16.17 -8.01
C ASP B 131 7.22 16.78 -8.42
N ASP B 132 7.88 16.16 -9.40
CA ASP B 132 9.14 16.66 -9.90
C ASP B 132 8.96 18.05 -10.48
N ILE B 133 7.95 18.20 -11.31
CA ILE B 133 7.66 19.47 -11.96
C ILE B 133 7.43 20.58 -10.97
N HIS B 134 6.66 20.28 -9.93
CA HIS B 134 6.46 21.25 -8.91
C HIS B 134 7.80 21.70 -8.38
N ASN B 135 8.65 20.71 -8.07
CA ASN B 135 9.97 20.94 -7.50
C ASN B 135 10.96 21.62 -8.41
N VAL B 136 10.77 21.41 -9.72
CA VAL B 136 11.62 22.05 -10.69
C VAL B 136 11.32 23.53 -10.67
N PHE B 137 10.04 23.89 -10.77
CA PHE B 137 9.67 25.30 -10.74
C PHE B 137 10.09 25.94 -9.42
N MET B 138 9.89 25.23 -8.34
CA MET B 138 10.23 25.77 -7.03
C MET B 138 11.72 26.03 -6.91
N TYR B 139 12.53 25.09 -7.37
CA TYR B 139 13.96 25.22 -7.31
C TYR B 139 14.43 26.48 -8.07
N PHE B 140 14.00 26.63 -9.32
CA PHE B 140 14.37 27.79 -10.12
C PHE B 140 13.78 29.09 -9.59
N ALA B 141 12.62 29.03 -8.95
CA ALA B 141 12.04 30.22 -8.35
C ALA B 141 13.00 30.72 -7.28
N GLY B 142 13.56 29.77 -6.52
CA GLY B 142 14.50 30.10 -5.45
C GLY B 142 15.90 30.52 -5.91
N LEU B 143 16.24 30.15 -7.14
CA LEU B 143 17.56 30.48 -7.65
C LEU B 143 17.60 31.81 -8.35
N ALA B 144 16.43 32.31 -8.74
CA ALA B 144 16.34 33.54 -9.54
C ALA B 144 17.14 34.75 -9.10
N ASP B 145 17.18 35.03 -7.80
CA ASP B 145 17.85 36.23 -7.30
C ASP B 145 19.12 35.98 -6.53
N LYS B 146 19.79 34.88 -6.81
CA LYS B 146 20.97 34.52 -6.05
C LYS B 146 22.33 34.87 -6.62
N ASP B 147 22.44 35.10 -7.92
CA ASP B 147 23.74 35.43 -8.50
C ASP B 147 23.59 36.32 -9.70
N GLY B 148 23.91 37.60 -9.54
CA GLY B 148 23.79 38.57 -10.63
C GLY B 148 25.08 38.87 -11.40
N GLY B 149 26.19 38.22 -11.02
CA GLY B 149 27.46 38.41 -11.67
C GLY B 149 28.60 38.52 -10.68
N GLU B 150 29.72 39.12 -11.11
CA GLU B 150 30.86 39.18 -10.23
C GLU B 150 31.63 40.52 -10.35
N MET B 151 32.38 40.84 -9.31
CA MET B 151 33.25 41.99 -9.29
C MET B 151 34.60 41.38 -9.55
N ILE B 152 35.34 41.95 -10.48
CA ILE B 152 36.67 41.47 -10.81
C ILE B 152 37.71 42.41 -10.30
N ASP B 153 38.80 41.84 -9.79
CA ASP B 153 39.94 42.66 -9.34
C ASP B 153 40.69 42.92 -10.62
N SER B 154 40.55 44.14 -11.13
CA SER B 154 41.16 44.54 -12.37
C SER B 154 42.66 44.64 -12.28
N PRO B 155 43.37 44.12 -13.30
CA PRO B 155 44.82 44.25 -13.39
C PRO B 155 45.27 45.64 -13.89
N ILE B 156 44.31 46.49 -14.24
CA ILE B 156 44.61 47.82 -14.69
C ILE B 156 44.27 48.77 -13.56
N PRO B 157 45.26 49.51 -13.06
CA PRO B 157 44.95 50.47 -11.98
C PRO B 157 43.95 51.53 -12.45
N ASP B 158 43.16 52.03 -11.51
CA ASP B 158 42.15 53.06 -11.78
C ASP B 158 41.07 52.62 -12.74
N THR B 159 40.63 51.38 -12.58
CA THR B 159 39.52 50.85 -13.39
C THR B 159 38.66 50.01 -12.51
N GLU B 160 37.38 49.96 -12.82
CA GLU B 160 36.43 49.10 -12.11
C GLU B 160 36.00 48.06 -13.16
N SER B 161 35.99 46.80 -12.76
CA SER B 161 35.62 45.73 -13.65
C SER B 161 34.54 44.88 -13.05
N LYS B 162 33.45 44.69 -13.76
CA LYS B 162 32.39 43.85 -13.27
C LYS B 162 31.76 43.06 -14.40
N ILE B 163 31.21 41.91 -14.05
CA ILE B 163 30.56 41.05 -14.99
C ILE B 163 29.11 41.01 -14.60
N VAL B 164 28.23 41.43 -15.49
CA VAL B 164 26.81 41.39 -15.21
C VAL B 164 26.22 40.25 -16.00
N LYS B 165 25.33 39.47 -15.39
CA LYS B 165 24.69 38.38 -16.09
C LYS B 165 23.31 38.83 -16.46
N GLU B 166 23.00 38.77 -17.75
CA GLU B 166 21.70 39.21 -18.27
C GLU B 166 20.98 38.05 -18.90
N PRO B 167 19.63 38.15 -18.98
CA PRO B 167 18.91 37.11 -19.67
C PRO B 167 19.38 37.14 -21.14
N VAL B 168 19.50 35.98 -21.73
CA VAL B 168 20.00 35.85 -23.07
C VAL B 168 19.10 36.52 -24.12
N GLY B 169 17.79 36.51 -23.90
CA GLY B 169 16.84 37.16 -24.81
C GLY B 169 15.65 36.29 -25.18
N VAL B 170 15.49 36.04 -26.47
CA VAL B 170 14.41 35.22 -26.94
C VAL B 170 14.86 33.79 -26.99
N VAL B 171 14.04 32.90 -26.46
CA VAL B 171 14.37 31.50 -26.45
C VAL B 171 13.30 30.58 -27.03
N THR B 172 13.70 29.66 -27.91
CA THR B 172 12.77 28.69 -28.47
C THR B 172 13.01 27.38 -27.76
N GLN B 173 11.90 26.74 -27.38
CA GLN B 173 11.94 25.52 -26.60
C GLN B 173 11.11 24.44 -27.29
N ILE B 174 11.77 23.32 -27.58
CA ILE B 174 11.16 22.21 -28.30
C ILE B 174 11.31 20.93 -27.49
N THR B 175 10.18 20.26 -27.27
CA THR B 175 10.13 19.08 -26.44
C THR B 175 9.63 17.81 -27.10
N PRO B 176 9.93 16.65 -26.49
CA PRO B 176 9.50 15.38 -26.99
C PRO B 176 8.18 14.91 -26.42
N TRP B 177 7.69 13.79 -26.94
CA TRP B 177 6.40 13.23 -26.53
C TRP B 177 6.43 12.31 -25.32
N ASN B 178 7.61 11.87 -24.87
CA ASN B 178 7.66 10.91 -23.77
C ASN B 178 7.25 11.43 -22.37
N TYR B 179 7.80 12.58 -21.99
CA TYR B 179 7.49 13.24 -20.74
C TYR B 179 7.30 14.70 -21.11
N PRO B 180 6.16 15.03 -21.74
CA PRO B 180 5.89 16.37 -22.22
C PRO B 180 6.03 17.51 -21.24
N LEU B 181 5.29 17.48 -20.14
CA LEU B 181 5.33 18.61 -19.21
C LEU B 181 6.64 18.64 -18.45
N LEU B 182 7.18 17.47 -18.13
CA LEU B 182 8.43 17.41 -17.40
C LEU B 182 9.51 18.11 -18.20
N GLN B 183 9.65 17.72 -19.46
CA GLN B 183 10.69 18.32 -20.29
C GLN B 183 10.43 19.79 -20.52
N ALA B 184 9.14 20.16 -20.53
CA ALA B 184 8.78 21.57 -20.69
C ALA B 184 9.18 22.37 -19.47
N SER B 185 8.97 21.81 -18.28
CA SER B 185 9.28 22.52 -17.05
C SER B 185 10.79 22.84 -16.93
N TRP B 186 11.62 21.93 -17.39
CA TRP B 186 13.07 22.09 -17.37
C TRP B 186 13.57 23.28 -18.17
N LYS B 187 12.75 23.70 -19.15
CA LYS B 187 13.08 24.84 -20.02
C LYS B 187 12.37 26.13 -19.61
N ILE B 188 11.07 26.03 -19.32
CA ILE B 188 10.28 27.19 -18.92
C ILE B 188 10.71 27.81 -17.63
N ALA B 189 10.94 26.99 -16.62
CA ALA B 189 11.34 27.51 -15.30
C ALA B 189 12.57 28.46 -15.31
N PRO B 190 13.71 28.00 -15.87
CA PRO B 190 14.89 28.88 -15.90
C PRO B 190 14.76 30.04 -16.87
N ALA B 191 13.94 29.87 -17.90
CA ALA B 191 13.75 30.94 -18.85
C ALA B 191 13.04 32.09 -18.18
N LEU B 192 11.95 31.79 -17.49
CA LEU B 192 11.18 32.83 -16.81
C LEU B 192 11.92 33.40 -15.64
N ALA B 193 12.62 32.55 -14.90
CA ALA B 193 13.38 33.00 -13.74
C ALA B 193 14.44 34.04 -14.10
N THR B 194 15.07 33.86 -15.25
CA THR B 194 16.14 34.77 -15.70
C THR B 194 15.63 36.00 -16.39
N GLY B 195 14.38 35.98 -16.82
CA GLY B 195 13.80 37.17 -17.49
C GLY B 195 13.75 37.10 -19.00
N CYS B 196 13.91 35.91 -19.55
CA CYS B 196 13.83 35.71 -21.00
C CYS B 196 12.36 35.66 -21.46
N SER B 197 12.18 35.73 -22.78
CA SER B 197 10.89 35.56 -23.40
C SER B 197 11.01 34.20 -24.09
N LEU B 198 9.93 33.41 -24.15
CA LEU B 198 10.05 32.11 -24.74
C LEU B 198 8.92 31.78 -25.69
N VAL B 199 9.19 30.84 -26.57
CA VAL B 199 8.25 30.33 -27.56
C VAL B 199 8.45 28.82 -27.48
N MET B 200 7.43 28.11 -27.00
CA MET B 200 7.49 26.64 -26.80
C MET B 200 6.62 25.91 -27.74
N LYS B 201 7.16 24.80 -28.23
CA LYS B 201 6.44 23.94 -29.14
C LYS B 201 6.60 22.51 -28.64
N PRO B 202 5.52 21.90 -28.15
CA PRO B 202 5.60 20.52 -27.69
C PRO B 202 5.53 19.57 -28.84
N SER B 203 5.79 18.30 -28.60
CA SER B 203 5.65 17.30 -29.65
C SER B 203 4.22 17.39 -30.17
N GLU B 204 4.10 17.40 -31.50
CA GLU B 204 2.80 17.52 -32.14
C GLU B 204 1.82 16.47 -31.69
N ILE B 205 2.32 15.28 -31.35
CA ILE B 205 1.44 14.16 -30.93
C ILE B 205 0.95 14.21 -29.47
N THR B 206 1.61 15.01 -28.61
CA THR B 206 1.25 15.13 -27.20
C THR B 206 1.30 16.59 -26.69
N PRO B 207 0.27 17.38 -27.01
CA PRO B 207 0.23 18.77 -26.56
C PRO B 207 -0.63 19.08 -25.32
N LEU B 208 -1.33 18.09 -24.81
CA LEU B 208 -2.32 18.31 -23.73
C LEU B 208 -1.83 19.00 -22.48
N THR B 209 -0.80 18.47 -21.84
CA THR B 209 -0.34 19.09 -20.60
C THR B 209 0.34 20.39 -20.85
N THR B 210 0.95 20.54 -22.02
CA THR B 210 1.65 21.78 -22.32
C THR B 210 0.62 22.89 -22.51
N ILE B 211 -0.50 22.56 -23.12
CA ILE B 211 -1.58 23.54 -23.27
C ILE B 211 -2.05 23.94 -21.87
N ARG B 212 -2.33 22.93 -21.04
CA ARG B 212 -2.83 23.18 -19.70
C ARG B 212 -1.89 24.09 -18.90
N VAL B 213 -0.57 23.84 -18.96
CA VAL B 213 0.36 24.63 -18.16
C VAL B 213 0.35 26.08 -18.66
N PHE B 214 0.12 26.29 -19.97
CA PHE B 214 0.02 27.65 -20.51
C PHE B 214 -1.23 28.34 -19.96
N GLU B 215 -2.34 27.61 -19.83
CA GLU B 215 -3.54 28.19 -19.23
C GLU B 215 -3.20 28.63 -17.79
N LEU B 216 -2.46 27.79 -17.07
CA LEU B 216 -2.06 28.10 -15.71
C LEU B 216 -1.09 29.28 -15.62
N MET B 217 -0.12 29.35 -16.55
CA MET B 217 0.82 30.48 -16.56
C MET B 217 0.09 31.79 -16.89
N GLU B 218 -0.93 31.70 -17.74
CA GLU B 218 -1.70 32.88 -18.07
C GLU B 218 -2.42 33.38 -16.82
N GLU B 219 -3.00 32.46 -16.02
CA GLU B 219 -3.68 32.82 -14.75
C GLU B 219 -2.74 33.56 -13.78
N VAL B 220 -1.49 33.07 -13.69
CA VAL B 220 -0.48 33.74 -12.86
C VAL B 220 -0.27 35.18 -13.35
N GLY B 221 -0.18 35.35 -14.67
CA GLY B 221 0.00 36.66 -15.28
C GLY B 221 1.43 37.02 -15.63
N PHE B 222 1.68 37.13 -16.93
CA PHE B 222 2.97 37.51 -17.45
C PHE B 222 2.73 38.56 -18.55
N PRO B 223 3.73 39.43 -18.80
CA PRO B 223 3.50 40.45 -19.81
C PRO B 223 3.29 39.88 -21.20
N LYS B 224 2.46 40.56 -21.95
CA LYS B 224 2.13 40.19 -23.33
C LYS B 224 3.39 39.80 -24.12
N GLY B 225 3.41 38.60 -24.69
CA GLY B 225 4.55 38.15 -25.50
C GLY B 225 5.68 37.42 -24.76
N THR B 226 5.70 37.52 -23.43
CA THR B 226 6.72 36.86 -22.63
C THR B 226 6.70 35.32 -22.83
N ILE B 227 5.50 34.74 -22.92
CA ILE B 227 5.36 33.29 -23.16
C ILE B 227 4.50 33.05 -24.36
N ASN B 228 4.88 32.06 -25.15
CA ASN B 228 4.14 31.74 -26.35
C ASN B 228 4.17 30.26 -26.59
N LEU B 229 3.02 29.75 -27.04
CA LEU B 229 2.84 28.33 -27.32
C LEU B 229 2.45 28.13 -28.75
N ILE B 230 3.29 27.42 -29.48
CA ILE B 230 3.05 27.07 -30.85
C ILE B 230 2.74 25.59 -30.88
N LEU B 231 1.72 25.20 -31.64
CA LEU B 231 1.33 23.79 -31.76
C LEU B 231 1.49 23.41 -33.20
N GLY B 232 2.32 22.41 -33.47
CA GLY B 232 2.52 22.00 -34.83
C GLY B 232 3.60 20.97 -34.98
N ALA B 233 3.75 20.49 -36.19
CA ALA B 233 4.75 19.51 -36.51
C ALA B 233 6.12 20.17 -36.67
N GLY B 234 7.15 19.55 -36.12
CA GLY B 234 8.50 20.07 -36.25
C GLY B 234 8.91 20.17 -37.71
N SER B 235 8.43 19.25 -38.53
CA SER B 235 8.78 19.25 -39.95
C SER B 235 8.25 20.48 -40.71
N GLU B 236 7.26 21.14 -40.16
CA GLU B 236 6.63 22.30 -40.74
C GLU B 236 7.10 23.65 -40.15
N VAL B 237 7.09 23.72 -38.84
CA VAL B 237 7.42 24.90 -38.05
C VAL B 237 8.76 24.89 -37.34
N GLY B 238 9.34 23.72 -37.20
CA GLY B 238 10.63 23.61 -36.53
C GLY B 238 11.77 24.50 -37.02
N ASP B 239 11.95 24.61 -38.33
CA ASP B 239 13.03 25.41 -38.87
C ASP B 239 12.91 26.89 -38.54
N VAL B 240 11.70 27.41 -38.46
CA VAL B 240 11.55 28.81 -38.10
C VAL B 240 12.07 29.01 -36.68
N MET B 241 11.71 28.06 -35.82
CA MET B 241 12.10 28.11 -34.43
C MET B 241 13.58 27.95 -34.15
N SER B 242 14.29 27.28 -35.04
CA SER B 242 15.72 27.11 -34.85
C SER B 242 16.53 28.13 -35.67
N GLY B 243 16.00 28.55 -36.81
CA GLY B 243 16.74 29.41 -37.70
C GLY B 243 16.38 30.87 -37.83
N HIS B 244 15.44 31.34 -37.03
CA HIS B 244 15.05 32.74 -37.11
C HIS B 244 16.11 33.60 -36.45
N LYS B 245 16.46 34.69 -37.11
CA LYS B 245 17.49 35.63 -36.65
C LYS B 245 17.29 36.17 -35.19
N GLU B 246 16.04 36.38 -34.80
CA GLU B 246 15.74 36.94 -33.48
C GLU B 246 15.84 35.99 -32.31
N VAL B 247 16.08 34.70 -32.57
CA VAL B 247 16.23 33.74 -31.51
C VAL B 247 17.67 33.82 -30.98
N ASP B 248 17.84 33.85 -29.67
CA ASP B 248 19.15 33.92 -29.08
C ASP B 248 19.61 32.55 -28.62
N LEU B 249 18.66 31.69 -28.29
CA LEU B 249 18.96 30.35 -27.84
C LEU B 249 17.89 29.37 -28.25
N VAL B 250 18.32 28.17 -28.67
CA VAL B 250 17.40 27.12 -29.00
C VAL B 250 17.64 26.03 -27.98
N SER B 251 16.61 25.64 -27.23
CA SER B 251 16.74 24.56 -26.22
C SER B 251 15.93 23.44 -26.74
N PHE B 252 16.59 22.34 -27.02
CA PHE B 252 15.94 21.18 -27.62
C PHE B 252 16.20 19.89 -26.92
N THR B 253 15.12 19.14 -26.75
CA THR B 253 15.17 17.83 -26.14
C THR B 253 14.48 16.94 -27.12
N GLY B 254 15.22 15.97 -27.66
CA GLY B 254 14.67 15.06 -28.64
C GLY B 254 15.71 14.08 -29.16
N SER B 255 15.48 13.57 -30.36
CA SER B 255 16.40 12.59 -30.94
C SER B 255 17.63 13.24 -31.54
N ILE B 256 18.69 12.42 -31.67
CA ILE B 256 19.96 12.88 -32.18
C ILE B 256 19.91 13.46 -33.59
N GLU B 257 19.20 12.82 -34.51
CA GLU B 257 19.11 13.31 -35.90
C GLU B 257 18.41 14.68 -35.99
N THR B 258 17.35 14.87 -35.20
CA THR B 258 16.65 16.15 -35.18
C THR B 258 17.56 17.23 -34.57
N GLY B 259 18.31 16.87 -33.55
CA GLY B 259 19.22 17.79 -32.89
C GLY B 259 20.32 18.26 -33.83
N LYS B 260 20.86 17.34 -34.62
CA LYS B 260 21.91 17.70 -35.55
C LYS B 260 21.37 18.68 -36.55
N HIS B 261 20.16 18.40 -37.04
CA HIS B 261 19.50 19.25 -38.03
C HIS B 261 19.28 20.63 -37.44
N ILE B 262 18.84 20.66 -36.22
CA ILE B 262 18.60 21.93 -35.52
C ILE B 262 19.86 22.74 -35.34
N MET B 263 20.92 22.07 -34.95
CA MET B 263 22.17 22.74 -34.75
C MET B 263 22.66 23.34 -36.07
N LYS B 264 22.55 22.58 -37.15
CA LYS B 264 23.00 23.09 -38.44
C LYS B 264 22.21 24.30 -38.84
N ASN B 265 20.92 24.31 -38.52
CA ASN B 265 20.03 25.43 -38.89
C ASN B 265 20.27 26.65 -38.01
N ALA B 266 20.50 26.38 -36.74
CA ALA B 266 20.81 27.43 -35.80
C ALA B 266 22.10 28.17 -36.16
N ALA B 267 23.02 27.46 -36.80
CA ALA B 267 24.29 28.08 -37.20
C ALA B 267 24.12 29.26 -38.17
N ASN B 268 23.01 29.29 -38.92
CA ASN B 268 22.78 30.38 -39.88
C ASN B 268 22.84 31.76 -39.24
N ASN B 269 22.53 31.82 -37.94
CA ASN B 269 22.55 33.06 -37.18
C ASN B 269 23.43 32.96 -35.93
N VAL B 270 24.36 32.02 -35.95
CA VAL B 270 25.27 31.80 -34.83
C VAL B 270 24.47 31.73 -33.53
N THR B 271 23.33 31.08 -33.58
CA THR B 271 22.46 30.97 -32.43
C THR B 271 22.89 29.85 -31.48
N ASN B 272 23.02 30.17 -30.21
CA ASN B 272 23.41 29.15 -29.23
C ASN B 272 22.42 28.01 -29.19
N ILE B 273 22.93 26.82 -28.88
CA ILE B 273 22.02 25.68 -28.72
C ILE B 273 22.28 24.88 -27.44
N ALA B 274 21.22 24.34 -26.89
CA ALA B 274 21.29 23.47 -25.75
C ALA B 274 20.55 22.25 -26.25
N LEU B 275 21.25 21.13 -26.33
CA LEU B 275 20.65 19.91 -26.85
C LEU B 275 20.66 18.82 -25.83
N GLU B 276 19.51 18.18 -25.67
CA GLU B 276 19.33 17.04 -24.75
C GLU B 276 18.84 15.91 -25.61
N LEU B 277 19.77 15.05 -26.01
CA LEU B 277 19.48 13.99 -26.93
C LEU B 277 19.37 12.62 -26.28
N GLY B 278 19.43 11.57 -27.09
CA GLY B 278 19.27 10.23 -26.59
C GLY B 278 20.44 9.64 -25.86
N GLY B 279 20.29 8.36 -25.54
CA GLY B 279 21.31 7.61 -24.85
C GLY B 279 21.24 6.11 -25.04
N LYS B 280 22.37 5.49 -24.76
CA LYS B 280 22.54 4.05 -24.78
C LYS B 280 23.17 3.86 -23.41
N ASN B 281 22.31 3.95 -22.41
CA ASN B 281 22.71 3.92 -21.03
C ASN B 281 23.00 2.54 -20.47
N PRO B 282 24.23 2.35 -19.96
CA PRO B 282 24.59 1.10 -19.39
C PRO B 282 24.06 0.91 -17.97
N ASN B 283 23.76 -0.34 -17.64
CA ASN B 283 23.33 -0.72 -16.30
C ASN B 283 24.30 -1.82 -15.96
N ILE B 284 25.37 -1.45 -15.27
CA ILE B 284 26.44 -2.36 -14.95
C ILE B 284 26.16 -3.10 -13.67
N ILE B 285 26.18 -4.42 -13.75
CA ILE B 285 25.89 -5.25 -12.59
C ILE B 285 27.03 -6.21 -12.29
N PHE B 286 27.70 -5.99 -11.18
CA PHE B 286 28.79 -6.86 -10.74
C PHE B 286 28.24 -8.06 -9.98
N ASP B 287 29.06 -9.10 -9.84
CA ASP B 287 28.62 -10.31 -9.11
C ASP B 287 28.44 -10.02 -7.63
N ASP B 288 29.11 -8.99 -7.12
CA ASP B 288 28.98 -8.64 -5.70
C ASP B 288 27.86 -7.61 -5.46
N ALA B 289 27.00 -7.45 -6.44
CA ALA B 289 25.87 -6.57 -6.28
C ALA B 289 24.81 -7.30 -5.49
N ASP B 290 23.91 -6.53 -4.87
CA ASP B 290 22.77 -7.09 -4.18
C ASP B 290 21.94 -7.65 -5.37
N PHE B 291 21.92 -8.97 -5.49
CA PHE B 291 21.29 -9.58 -6.62
C PHE B 291 19.84 -9.21 -6.89
N GLU B 292 18.97 -9.36 -5.91
N GLU B 292 18.96 -9.37 -5.91
CA GLU B 292 17.56 -9.05 -6.09
CA GLU B 292 17.54 -9.04 -6.11
C GLU B 292 17.34 -7.56 -6.40
C GLU B 292 17.34 -7.56 -6.42
N LEU B 293 18.19 -6.71 -5.84
CA LEU B 293 18.12 -5.29 -6.10
C LEU B 293 18.46 -5.04 -7.57
N ALA B 294 19.50 -5.71 -8.07
CA ALA B 294 19.92 -5.53 -9.44
C ALA B 294 18.84 -5.94 -10.42
N VAL B 295 18.17 -7.06 -10.13
CA VAL B 295 17.10 -7.51 -11.00
C VAL B 295 15.95 -6.53 -10.98
N ASP B 296 15.57 -6.09 -9.78
CA ASP B 296 14.50 -5.12 -9.63
C ASP B 296 14.84 -3.85 -10.46
N GLN B 297 16.04 -3.32 -10.29
CA GLN B 297 16.44 -2.11 -10.99
C GLN B 297 16.71 -2.31 -12.51
N ALA B 298 16.99 -3.54 -12.92
CA ALA B 298 17.17 -3.79 -14.34
C ALA B 298 15.81 -3.68 -15.00
N LEU B 299 14.79 -4.19 -14.33
CA LEU B 299 13.40 -4.12 -14.82
C LEU B 299 12.98 -2.66 -14.87
N ASN B 300 13.20 -1.96 -13.78
CA ASN B 300 12.85 -0.56 -13.70
C ASN B 300 13.56 0.22 -14.80
N GLY B 301 14.87 -0.01 -14.92
CA GLY B 301 15.67 0.69 -15.88
C GLY B 301 15.25 0.47 -17.30
N GLY B 302 14.82 -0.73 -17.59
CA GLY B 302 14.43 -1.04 -18.94
C GLY B 302 12.99 -0.81 -19.33
N TYR B 303 12.07 -0.93 -18.38
CA TYR B 303 10.68 -0.90 -18.73
C TYR B 303 9.77 0.21 -18.21
N PHE B 304 10.28 1.14 -17.38
CA PHE B 304 9.41 2.24 -17.00
C PHE B 304 9.05 2.95 -18.28
N HIS B 305 7.79 3.34 -18.38
CA HIS B 305 7.24 4.02 -19.56
C HIS B 305 7.53 3.24 -20.84
N ALA B 306 7.48 1.92 -20.73
CA ALA B 306 7.73 1.02 -21.84
C ALA B 306 9.10 1.31 -22.48
N GLY B 307 10.07 1.71 -21.66
CA GLY B 307 11.41 2.00 -22.16
C GLY B 307 11.54 3.29 -22.96
N GLN B 308 10.46 4.09 -22.99
CA GLN B 308 10.44 5.37 -23.71
C GLN B 308 10.94 6.50 -22.82
N VAL B 309 12.15 6.31 -22.29
CA VAL B 309 12.75 7.26 -21.42
C VAL B 309 14.21 7.42 -21.81
N CYS B 310 14.67 8.65 -21.89
CA CYS B 310 16.02 8.94 -22.30
C CYS B 310 17.06 8.37 -21.33
N SER B 311 16.65 8.19 -20.07
CA SER B 311 17.54 7.63 -19.07
C SER B 311 17.39 6.11 -18.99
N ALA B 312 16.70 5.50 -19.96
CA ALA B 312 16.48 4.05 -19.94
C ALA B 312 17.76 3.23 -19.92
N GLY B 313 17.74 2.17 -19.11
CA GLY B 313 18.86 1.24 -18.98
C GLY B 313 18.65 0.12 -19.97
N SER B 314 18.82 0.44 -21.24
CA SER B 314 18.63 -0.50 -22.32
C SER B 314 19.80 -1.43 -22.49
N ARG B 315 20.97 -1.01 -22.05
CA ARG B 315 22.18 -1.83 -22.23
C ARG B 315 22.69 -2.39 -20.91
N ILE B 316 22.33 -3.63 -20.60
CA ILE B 316 22.73 -4.27 -19.37
C ILE B 316 24.06 -4.97 -19.54
N LEU B 317 24.97 -4.67 -18.61
CA LEU B 317 26.27 -5.27 -18.60
C LEU B 317 26.34 -6.04 -17.29
N VAL B 318 26.42 -7.37 -17.38
CA VAL B 318 26.44 -8.19 -16.19
C VAL B 318 27.72 -9.05 -16.15
N GLN B 319 28.32 -9.13 -14.97
CA GLN B 319 29.56 -9.88 -14.81
C GLN B 319 29.32 -11.37 -15.10
N ASN B 320 30.25 -11.97 -15.83
CA ASN B 320 30.11 -13.38 -16.26
C ASN B 320 29.75 -14.39 -15.19
N SER B 321 30.40 -14.31 -14.04
CA SER B 321 30.14 -15.28 -12.96
C SER B 321 28.62 -15.40 -12.59
N ILE B 322 27.84 -14.32 -12.75
CA ILE B 322 26.40 -14.37 -12.45
C ILE B 322 25.49 -14.12 -13.67
N LYS B 323 26.07 -14.03 -14.85
CA LYS B 323 25.30 -13.76 -16.07
C LYS B 323 24.15 -14.73 -16.30
N ASP B 324 24.42 -16.02 -16.27
CA ASP B 324 23.36 -17.01 -16.50
C ASP B 324 22.22 -16.90 -15.48
N LYS B 325 22.58 -16.84 -14.20
CA LYS B 325 21.60 -16.73 -13.15
C LYS B 325 20.78 -15.43 -13.33
N PHE B 326 21.46 -14.34 -13.65
CA PHE B 326 20.80 -13.06 -13.86
C PHE B 326 19.80 -13.10 -15.03
N GLU B 327 20.24 -13.59 -16.18
CA GLU B 327 19.36 -13.68 -17.34
C GLU B 327 18.11 -14.45 -16.99
N GLN B 328 18.26 -15.60 -16.33
CA GLN B 328 17.07 -16.38 -15.95
C GLN B 328 16.10 -15.62 -15.08
N ALA B 329 16.63 -14.96 -14.06
CA ALA B 329 15.79 -14.22 -13.14
C ALA B 329 15.07 -13.09 -13.84
N LEU B 330 15.78 -12.37 -14.69
CA LEU B 330 15.21 -11.24 -15.43
C LEU B 330 14.06 -11.70 -16.33
N ILE B 331 14.35 -12.72 -17.12
CA ILE B 331 13.38 -13.29 -18.05
C ILE B 331 12.11 -13.72 -17.30
N ASP B 332 12.27 -14.43 -16.18
CA ASP B 332 11.13 -14.90 -15.39
C ASP B 332 10.28 -13.72 -14.91
N ARG B 333 10.94 -12.63 -14.52
CA ARG B 333 10.22 -11.43 -14.09
C ARG B 333 9.53 -10.73 -15.27
N VAL B 334 10.21 -10.65 -16.43
CA VAL B 334 9.63 -10.00 -17.61
C VAL B 334 8.31 -10.68 -18.01
N LYS B 335 8.25 -12.00 -17.88
CA LYS B 335 7.03 -12.76 -18.21
C LYS B 335 5.85 -12.41 -17.34
N LYS B 336 6.07 -11.80 -16.19
CA LYS B 336 4.94 -11.46 -15.31
C LYS B 336 4.49 -10.01 -15.39
N ILE B 337 5.21 -9.18 -16.16
CA ILE B 337 4.90 -7.75 -16.24
C ILE B 337 3.46 -7.54 -16.74
N LYS B 338 2.66 -6.85 -15.95
CA LYS B 338 1.23 -6.60 -16.28
C LYS B 338 1.08 -5.40 -17.20
N LEU B 339 0.59 -5.65 -18.41
CA LEU B 339 0.36 -4.60 -19.38
C LEU B 339 -1.08 -4.21 -19.30
N GLY B 340 -1.37 -2.99 -19.68
CA GLY B 340 -2.74 -2.51 -19.65
C GLY B 340 -2.89 -1.01 -19.76
N ASN B 341 -4.08 -0.55 -19.40
CA ASN B 341 -4.43 0.85 -19.43
C ASN B 341 -3.73 1.59 -18.28
N GLY B 342 -3.12 2.74 -18.58
CA GLY B 342 -2.44 3.53 -17.57
C GLY B 342 -3.32 3.98 -16.42
N PHE B 343 -4.65 4.02 -16.64
CA PHE B 343 -5.59 4.39 -15.58
C PHE B 343 -5.97 3.28 -14.63
N ASP B 344 -5.67 2.02 -14.97
N ASP B 344 -5.64 2.04 -14.96
CA ASP B 344 -5.98 0.87 -14.08
CA ASP B 344 -5.93 0.93 -14.07
C ASP B 344 -4.75 0.71 -13.14
C ASP B 344 -4.73 0.77 -13.15
N ALA B 345 -4.97 0.83 -11.85
CA ALA B 345 -3.85 0.73 -10.88
C ALA B 345 -2.98 -0.55 -10.99
N ASP B 346 -3.56 -1.65 -11.49
N ASP B 346 -3.55 -1.64 -11.48
CA ASP B 346 -2.82 -2.92 -11.64
CA ASP B 346 -2.82 -2.90 -11.65
C ASP B 346 -1.81 -2.85 -12.78
C ASP B 346 -1.82 -2.86 -12.80
N THR B 347 -2.01 -1.93 -13.72
CA THR B 347 -1.08 -1.78 -14.86
C THR B 347 0.34 -1.44 -14.42
N GLU B 348 1.30 -2.20 -14.92
CA GLU B 348 2.73 -1.97 -14.60
C GLU B 348 3.49 -1.34 -15.76
N MET B 349 2.99 -1.55 -16.99
CA MET B 349 3.59 -0.99 -18.19
C MET B 349 2.48 -0.73 -19.20
N GLY B 350 2.49 0.48 -19.74
CA GLY B 350 1.50 0.91 -20.73
C GLY B 350 1.96 0.65 -22.15
N PRO B 351 1.23 1.22 -23.11
CA PRO B 351 1.56 1.01 -24.52
C PRO B 351 2.65 1.94 -24.93
N VAL B 352 3.12 1.77 -26.17
CA VAL B 352 4.13 2.67 -26.70
C VAL B 352 3.31 3.79 -27.37
N ILE B 353 3.95 4.91 -27.64
CA ILE B 353 3.27 6.12 -28.11
C ILE B 353 2.52 6.14 -29.45
N SER B 354 3.07 5.55 -30.51
CA SER B 354 2.41 5.60 -31.84
C SER B 354 2.64 4.36 -32.70
N THR B 355 1.85 4.27 -33.78
CA THR B 355 1.95 3.18 -34.73
C THR B 355 3.37 3.20 -35.29
N GLU B 356 3.77 4.37 -35.76
CA GLU B 356 5.10 4.56 -36.32
C GLU B 356 6.20 4.11 -35.38
N HIS B 357 6.09 4.52 -34.11
CA HIS B 357 7.10 4.17 -33.14
C HIS B 357 7.10 2.67 -32.86
N ARG B 358 5.92 2.07 -32.77
CA ARG B 358 5.87 0.61 -32.55
C ARG B 358 6.51 -0.10 -33.74
N ASN B 359 6.26 0.39 -34.95
CA ASN B 359 6.88 -0.20 -36.15
C ASN B 359 8.40 -0.15 -36.06
N LYS B 360 8.96 0.98 -35.63
CA LYS B 360 10.42 1.06 -35.48
C LYS B 360 10.94 0.02 -34.52
N ILE B 361 10.20 -0.18 -33.43
CA ILE B 361 10.59 -1.17 -32.46
C ILE B 361 10.54 -2.57 -33.09
N GLU B 362 9.47 -2.86 -33.81
CA GLU B 362 9.35 -4.14 -34.47
C GLU B 362 10.50 -4.37 -35.44
N SER B 363 10.89 -3.33 -36.21
CA SER B 363 11.98 -3.47 -37.21
C SER B 363 13.26 -3.80 -36.48
N TYR B 364 13.42 -3.21 -35.30
CA TYR B 364 14.62 -3.48 -34.53
C TYR B 364 14.71 -4.94 -34.08
N MET B 365 13.57 -5.61 -33.93
CA MET B 365 13.59 -7.03 -33.57
C MET B 365 14.14 -7.84 -34.76
N ASP B 366 13.73 -7.47 -35.98
CA ASP B 366 14.22 -8.13 -37.19
C ASP B 366 15.72 -7.88 -37.34
N VAL B 367 16.14 -6.67 -37.00
CA VAL B 367 17.55 -6.30 -37.10
C VAL B 367 18.39 -7.15 -36.16
N ALA B 368 17.92 -7.30 -34.94
CA ALA B 368 18.59 -8.11 -33.93
C ALA B 368 18.74 -9.58 -34.34
N LYS B 369 17.65 -10.20 -34.81
CA LYS B 369 17.72 -11.60 -35.22
C LYS B 369 18.72 -11.74 -36.35
N ALA B 370 18.65 -10.83 -37.30
CA ALA B 370 19.53 -10.84 -38.47
C ALA B 370 21.01 -10.69 -38.14
N GLU B 371 21.36 -10.01 -37.04
CA GLU B 371 22.77 -9.82 -36.70
C GLU B 371 23.26 -11.03 -35.89
N GLY B 372 22.34 -11.93 -35.52
CA GLY B 372 22.68 -13.11 -34.75
C GLY B 372 22.31 -13.08 -33.27
N ALA B 373 21.56 -12.09 -32.83
CA ALA B 373 21.14 -12.02 -31.42
C ALA B 373 19.89 -12.87 -31.19
N THR B 374 19.58 -13.10 -29.92
CA THR B 374 18.43 -13.93 -29.52
C THR B 374 17.35 -13.15 -28.79
N ILE B 375 16.09 -13.31 -29.20
CA ILE B 375 14.97 -12.68 -28.53
C ILE B 375 14.63 -13.71 -27.45
N ALA B 376 15.22 -13.55 -26.27
CA ALA B 376 14.98 -14.49 -25.18
C ALA B 376 13.53 -14.49 -24.71
N VAL B 377 12.86 -13.34 -24.81
CA VAL B 377 11.45 -13.22 -24.41
C VAL B 377 10.86 -11.93 -24.97
N GLY B 378 9.56 -11.96 -25.27
CA GLY B 378 8.88 -10.81 -25.82
C GLY B 378 9.21 -10.66 -27.29
N GLY B 379 9.43 -9.42 -27.72
CA GLY B 379 9.77 -9.12 -29.12
C GLY B 379 8.60 -9.13 -30.08
N LYS B 380 7.40 -8.98 -29.55
CA LYS B 380 6.20 -9.00 -30.37
C LYS B 380 5.05 -8.30 -29.65
N ARG B 381 3.95 -8.13 -30.35
CA ARG B 381 2.78 -7.52 -29.77
C ARG B 381 2.13 -8.56 -28.89
N PRO B 382 1.52 -8.12 -27.78
CA PRO B 382 0.83 -9.09 -26.94
C PRO B 382 -0.49 -9.54 -27.58
N ASP B 383 -0.91 -10.77 -27.29
CA ASP B 383 -2.16 -11.34 -27.84
C ASP B 383 -3.43 -10.98 -27.08
N ARG B 384 -3.32 -10.93 -25.77
CA ARG B 384 -4.48 -10.71 -24.91
C ARG B 384 -5.49 -9.72 -25.51
N ASP B 385 -6.76 -10.09 -25.40
CA ASP B 385 -7.90 -9.35 -25.95
C ASP B 385 -7.96 -7.86 -25.62
N ASP B 386 -7.92 -7.51 -24.35
CA ASP B 386 -8.01 -6.12 -23.90
C ASP B 386 -6.83 -5.23 -24.38
N LEU B 387 -5.87 -5.82 -25.11
CA LEU B 387 -4.70 -5.09 -25.61
C LEU B 387 -4.65 -5.00 -27.13
N LYS B 388 -5.52 -5.73 -27.82
CA LYS B 388 -5.54 -5.69 -29.30
C LYS B 388 -5.61 -4.32 -29.92
N ASP B 389 -6.49 -3.50 -29.37
CA ASP B 389 -6.75 -2.17 -29.92
C ASP B 389 -5.65 -1.18 -29.63
N GLY B 390 -4.88 -1.43 -28.56
CA GLY B 390 -3.79 -0.53 -28.15
C GLY B 390 -2.44 -0.74 -28.83
N LEU B 391 -1.58 0.25 -28.67
CA LEU B 391 -0.25 0.23 -29.25
C LEU B 391 0.72 -0.42 -28.30
N PHE B 392 0.42 -1.65 -27.91
CA PHE B 392 1.28 -2.37 -26.98
C PHE B 392 2.37 -3.15 -27.67
N PHE B 393 3.41 -3.41 -26.90
CA PHE B 393 4.54 -4.20 -27.35
C PHE B 393 5.08 -4.89 -26.09
N GLU B 394 5.35 -6.18 -26.17
CA GLU B 394 5.82 -6.92 -25.01
C GLU B 394 7.22 -6.50 -24.52
N PRO B 395 7.40 -6.49 -23.19
CA PRO B 395 8.71 -6.17 -22.66
C PRO B 395 9.63 -7.21 -23.20
N THR B 396 10.80 -6.79 -23.66
CA THR B 396 11.71 -7.72 -24.31
C THR B 396 13.12 -7.80 -23.76
N VAL B 397 13.73 -8.98 -23.90
CA VAL B 397 15.12 -9.20 -23.47
C VAL B 397 15.85 -9.83 -24.61
N ILE B 398 16.97 -9.23 -24.98
CA ILE B 398 17.76 -9.73 -26.07
C ILE B 398 19.09 -10.21 -25.52
N THR B 399 19.45 -11.45 -25.85
CA THR B 399 20.68 -12.09 -25.37
C THR B 399 21.61 -12.50 -26.51
N ASN B 400 22.79 -13.01 -26.14
CA ASN B 400 23.80 -13.46 -27.09
C ASN B 400 24.12 -12.37 -28.09
N CYS B 401 24.46 -11.20 -27.59
CA CYS B 401 24.78 -10.06 -28.43
C CYS B 401 26.11 -9.43 -28.05
N ASP B 402 26.62 -8.55 -28.92
CA ASP B 402 27.89 -7.90 -28.66
C ASP B 402 27.86 -6.45 -29.11
N THR B 403 28.89 -5.71 -28.69
CA THR B 403 29.02 -4.28 -28.98
C THR B 403 29.01 -3.88 -30.48
N SER B 404 29.35 -4.80 -31.37
CA SER B 404 29.39 -4.47 -32.80
C SER B 404 27.99 -4.39 -33.41
N MET B 405 27.00 -4.94 -32.71
CA MET B 405 25.65 -4.97 -33.23
C MET B 405 24.86 -3.67 -33.09
N ARG B 406 24.01 -3.42 -34.07
CA ARG B 406 23.16 -2.25 -34.09
C ARG B 406 22.16 -2.26 -32.92
N ILE B 407 21.62 -3.43 -32.58
CA ILE B 407 20.63 -3.53 -31.52
C ILE B 407 21.23 -3.05 -30.19
N VAL B 408 22.54 -3.21 -30.06
CA VAL B 408 23.28 -2.78 -28.88
C VAL B 408 23.71 -1.31 -28.97
N GLN B 409 24.19 -0.86 -30.13
CA GLN B 409 24.65 0.54 -30.31
C GLN B 409 23.61 1.63 -30.44
N GLU B 410 22.44 1.30 -30.95
CA GLU B 410 21.42 2.30 -31.25
C GLU B 410 20.27 2.38 -30.26
N GLU B 411 19.71 3.59 -30.13
CA GLU B 411 18.64 3.83 -29.19
C GLU B 411 17.31 3.35 -29.78
N VAL B 412 16.80 2.24 -29.24
CA VAL B 412 15.55 1.67 -29.70
C VAL B 412 14.39 2.46 -29.11
N PHE B 413 14.54 2.86 -27.85
CA PHE B 413 13.56 3.65 -27.16
C PHE B 413 12.21 2.91 -27.01
N GLY B 414 12.29 1.63 -26.69
CA GLY B 414 11.12 0.80 -26.50
C GLY B 414 11.37 -0.11 -25.31
N PRO B 415 10.39 -0.97 -24.97
CA PRO B 415 10.55 -1.88 -23.84
C PRO B 415 11.50 -3.00 -24.22
N VAL B 416 12.77 -2.65 -24.42
CA VAL B 416 13.75 -3.61 -24.84
C VAL B 416 15.08 -3.41 -24.16
N VAL B 417 15.71 -4.49 -23.75
CA VAL B 417 17.03 -4.41 -23.15
C VAL B 417 17.93 -5.47 -23.75
N THR B 418 19.22 -5.21 -23.76
CA THR B 418 20.20 -6.18 -24.25
C THR B 418 21.03 -6.60 -23.06
N VAL B 419 21.52 -7.83 -23.07
CA VAL B 419 22.35 -8.30 -21.99
C VAL B 419 23.69 -8.77 -22.53
N GLU B 420 24.77 -8.15 -22.03
CA GLU B 420 26.15 -8.49 -22.41
C GLU B 420 26.93 -8.86 -21.15
N GLY B 421 27.86 -9.78 -21.29
CA GLY B 421 28.66 -10.20 -20.17
C GLY B 421 30.00 -9.49 -20.20
N PHE B 422 30.65 -9.47 -19.04
CA PHE B 422 31.98 -8.88 -18.93
C PHE B 422 32.72 -9.65 -17.84
N GLU B 423 34.02 -9.75 -17.97
CA GLU B 423 34.81 -10.48 -17.00
C GLU B 423 35.32 -9.54 -15.91
N THR B 424 36.02 -8.49 -16.31
CA THR B 424 36.61 -7.58 -15.35
C THR B 424 36.01 -6.20 -15.33
N GLU B 425 36.40 -5.48 -14.29
CA GLU B 425 36.02 -4.12 -14.07
C GLU B 425 36.43 -3.22 -15.29
N GLN B 426 37.64 -3.42 -15.82
CA GLN B 426 38.13 -2.64 -16.98
C GLN B 426 37.30 -2.92 -18.22
N GLU B 427 36.91 -4.17 -18.39
CA GLU B 427 36.11 -4.58 -19.54
C GLU B 427 34.69 -3.96 -19.46
N ALA B 428 34.13 -3.86 -18.27
CA ALA B 428 32.81 -3.28 -18.11
C ALA B 428 32.83 -1.80 -18.49
N ILE B 429 33.90 -1.13 -18.11
CA ILE B 429 34.06 0.28 -18.42
C ILE B 429 34.19 0.47 -19.93
N GLN B 430 35.03 -0.33 -20.57
CA GLN B 430 35.23 -0.21 -22.01
C GLN B 430 33.94 -0.48 -22.77
N LEU B 431 33.18 -1.51 -22.40
CA LEU B 431 31.91 -1.77 -23.06
C LEU B 431 30.91 -0.63 -22.80
N ALA B 432 30.82 -0.17 -21.56
CA ALA B 432 29.88 0.88 -21.24
C ALA B 432 30.13 2.17 -22.04
N ASN B 433 31.41 2.48 -22.25
CA ASN B 433 31.79 3.68 -23.02
C ASN B 433 31.84 3.44 -24.52
N ASP B 434 31.61 2.21 -24.93
CA ASP B 434 31.66 1.88 -26.35
C ASP B 434 30.34 2.19 -27.03
N SER B 435 30.03 3.48 -27.17
CA SER B 435 28.83 3.96 -27.87
C SER B 435 29.06 5.40 -28.20
N ILE B 436 28.25 5.95 -29.09
CA ILE B 436 28.41 7.35 -29.47
C ILE B 436 27.83 8.28 -28.40
N TYR B 437 26.96 7.71 -27.54
CA TYR B 437 26.26 8.43 -26.47
C TYR B 437 26.99 8.51 -25.12
N GLY B 438 26.37 9.25 -24.19
CA GLY B 438 26.90 9.44 -22.86
C GLY B 438 25.98 10.26 -21.95
N LEU B 439 24.71 9.86 -21.88
CA LEU B 439 23.75 10.57 -21.06
C LEU B 439 23.73 10.15 -19.59
N ALA B 440 23.51 8.86 -19.33
CA ALA B 440 23.44 8.37 -17.97
C ALA B 440 23.75 6.89 -17.85
N GLY B 441 23.92 6.41 -16.63
CA GLY B 441 24.19 4.99 -16.40
C GLY B 441 24.26 4.63 -14.93
N ALA B 442 24.40 3.35 -14.66
CA ALA B 442 24.46 2.90 -13.28
C ALA B 442 25.48 1.82 -13.05
N VAL B 443 25.90 1.72 -11.79
CA VAL B 443 26.81 0.70 -11.34
C VAL B 443 26.22 0.04 -10.10
N PHE B 444 26.07 -1.28 -10.13
CA PHE B 444 25.57 -2.02 -8.96
C PHE B 444 26.66 -2.89 -8.37
N SER B 445 26.99 -2.62 -7.12
CA SER B 445 27.99 -3.39 -6.41
C SER B 445 27.94 -3.01 -4.94
N LYS B 446 28.14 -3.98 -4.03
CA LYS B 446 28.18 -3.67 -2.60
C LYS B 446 29.54 -3.08 -2.24
N ASP B 447 30.52 -3.26 -3.12
CA ASP B 447 31.86 -2.70 -2.96
C ASP B 447 31.76 -1.27 -3.50
N ILE B 448 31.51 -0.33 -2.60
CA ILE B 448 31.32 1.06 -2.99
C ILE B 448 32.58 1.68 -3.60
N GLY B 449 33.75 1.34 -3.08
CA GLY B 449 35.02 1.86 -3.62
C GLY B 449 35.17 1.51 -5.09
N LYS B 450 34.79 0.29 -5.43
CA LYS B 450 34.84 -0.15 -6.82
C LYS B 450 33.82 0.62 -7.65
N ALA B 451 32.63 0.82 -7.12
CA ALA B 451 31.60 1.56 -7.85
C ALA B 451 32.06 2.98 -8.14
N GLN B 452 32.80 3.57 -7.21
CA GLN B 452 33.35 4.94 -7.40
C GLN B 452 34.40 4.92 -8.48
N ARG B 453 35.28 3.91 -8.49
CA ARG B 453 36.32 3.86 -9.54
C ARG B 453 35.70 3.79 -10.90
N VAL B 454 34.63 3.01 -11.00
CA VAL B 454 33.91 2.85 -12.25
C VAL B 454 33.21 4.13 -12.65
N ALA B 455 32.48 4.71 -11.70
CA ALA B 455 31.73 5.93 -11.94
C ALA B 455 32.63 7.00 -12.49
N ASN B 456 33.84 7.10 -11.95
CA ASN B 456 34.83 8.12 -12.42
C ASN B 456 35.28 7.94 -13.84
N LYS B 457 35.31 6.69 -14.31
CA LYS B 457 35.75 6.41 -15.66
C LYS B 457 34.65 6.37 -16.72
N LEU B 458 33.40 6.43 -16.30
CA LEU B 458 32.30 6.40 -17.27
C LEU B 458 32.08 7.78 -17.84
N LYS B 459 31.98 7.88 -19.16
CA LYS B 459 31.74 9.16 -19.81
C LYS B 459 30.23 9.37 -19.90
N LEU B 460 29.63 9.74 -18.76
CA LEU B 460 28.19 9.94 -18.66
C LEU B 460 27.90 11.16 -17.84
N GLY B 461 26.89 11.91 -18.25
CA GLY B 461 26.50 13.11 -17.55
C GLY B 461 26.00 12.82 -16.15
N THR B 462 25.38 11.67 -15.98
CA THR B 462 24.88 11.26 -14.69
C THR B 462 25.25 9.78 -14.48
N VAL B 463 25.76 9.45 -13.29
CA VAL B 463 26.08 8.07 -12.94
C VAL B 463 25.42 7.72 -11.61
N TRP B 464 24.67 6.61 -11.58
CA TRP B 464 23.97 6.19 -10.33
C TRP B 464 24.66 5.02 -9.76
N ILE B 465 24.95 5.07 -8.48
CA ILE B 465 25.63 3.98 -7.82
C ILE B 465 24.57 3.32 -6.99
N ASN B 466 24.26 2.10 -7.36
CA ASN B 466 23.22 1.34 -6.68
C ASN B 466 21.84 1.98 -6.73
N ASP B 467 21.51 2.53 -7.89
CA ASP B 467 20.20 3.11 -8.12
C ASP B 467 20.06 3.27 -9.64
N PHE B 468 18.85 3.61 -10.09
CA PHE B 468 18.62 3.79 -11.51
C PHE B 468 17.42 4.70 -11.73
N HIS B 469 17.65 5.75 -12.55
CA HIS B 469 16.66 6.79 -12.97
C HIS B 469 16.63 8.17 -12.30
N PRO B 470 17.06 8.27 -11.05
CA PRO B 470 16.85 9.56 -10.42
C PRO B 470 17.57 10.80 -10.97
N TYR B 471 16.80 11.87 -11.08
CA TYR B 471 17.27 13.19 -11.49
C TYR B 471 16.48 14.15 -10.61
N PHE B 472 17.00 15.35 -10.42
CA PHE B 472 16.32 16.33 -9.64
C PHE B 472 16.88 17.70 -9.95
N ALA B 473 16.03 18.69 -9.71
CA ALA B 473 16.34 20.08 -10.01
C ALA B 473 17.63 20.58 -9.45
N GLN B 474 18.05 20.05 -8.32
CA GLN B 474 19.27 20.52 -7.70
C GLN B 474 20.54 20.24 -8.46
N ALA B 475 20.52 19.24 -9.32
CA ALA B 475 21.72 18.80 -10.07
C ALA B 475 21.56 18.81 -11.57
N PRO B 476 22.64 19.21 -12.30
CA PRO B 476 22.60 19.30 -13.77
C PRO B 476 22.50 17.93 -14.45
N TRP B 477 21.75 17.91 -15.54
CA TRP B 477 21.47 16.72 -16.34
C TRP B 477 21.78 17.05 -17.77
N GLY B 478 22.51 16.18 -18.43
CA GLY B 478 22.85 16.38 -19.81
C GLY B 478 23.86 15.36 -20.24
N GLY B 479 24.31 15.46 -21.47
CA GLY B 479 25.22 14.48 -21.96
C GLY B 479 26.68 14.80 -22.16
N TYR B 480 27.43 13.71 -22.27
CA TYR B 480 28.81 13.70 -22.64
C TYR B 480 28.65 13.25 -24.08
N LYS B 481 29.67 13.44 -24.88
CA LYS B 481 29.65 12.92 -26.25
C LYS B 481 28.39 13.32 -27.04
N GLN B 482 27.81 12.41 -27.81
CA GLN B 482 26.67 12.76 -28.62
C GLN B 482 25.28 12.76 -27.94
N SER B 483 25.23 12.68 -26.61
CA SER B 483 23.93 12.74 -25.92
C SER B 483 23.50 14.20 -25.72
N GLY B 484 24.34 15.16 -26.12
CA GLY B 484 23.93 16.55 -25.99
C GLY B 484 25.00 17.59 -25.92
N ILE B 485 24.52 18.82 -25.76
CA ILE B 485 25.32 20.01 -25.61
C ILE B 485 24.63 20.83 -24.56
N GLY B 486 25.35 21.15 -23.49
CA GLY B 486 24.82 21.95 -22.42
C GLY B 486 24.18 21.08 -21.36
N ARG B 487 23.48 21.73 -20.44
CA ARG B 487 22.84 21.06 -19.34
C ARG B 487 21.53 21.67 -19.03
N GLU B 488 20.67 20.87 -18.43
CA GLU B 488 19.38 21.32 -17.92
C GLU B 488 19.38 20.97 -16.44
N LEU B 489 18.60 21.73 -15.67
CA LEU B 489 18.49 21.61 -14.23
C LEU B 489 19.75 22.15 -13.57
N GLY B 490 19.66 22.39 -12.27
CA GLY B 490 20.81 22.87 -11.48
C GLY B 490 21.16 24.27 -11.90
N LYS B 491 22.21 24.81 -11.29
CA LYS B 491 22.71 26.16 -11.65
C LYS B 491 23.15 26.22 -13.10
N GLU B 492 23.69 25.12 -13.62
CA GLU B 492 24.13 25.11 -15.03
C GLU B 492 22.95 25.23 -15.96
N GLY B 493 21.83 24.66 -15.57
CA GLY B 493 20.59 24.75 -16.34
C GLY B 493 20.16 26.17 -16.47
N LEU B 494 20.37 26.95 -15.42
CA LEU B 494 20.02 28.35 -15.44
C LEU B 494 20.99 29.11 -16.33
N GLU B 495 22.27 28.78 -16.25
N GLU B 495 22.27 28.77 -16.26
CA GLU B 495 23.30 29.45 -17.06
CA GLU B 495 23.31 29.46 -17.07
C GLU B 495 23.11 29.35 -18.58
C GLU B 495 23.10 29.36 -18.57
N GLU B 496 22.32 28.40 -19.06
CA GLU B 496 22.09 28.32 -20.50
C GLU B 496 21.26 29.56 -20.95
N TYR B 497 20.54 30.17 -20.00
CA TYR B 497 19.66 31.30 -20.24
C TYR B 497 20.24 32.66 -19.90
N LEU B 498 21.50 32.66 -19.49
CA LEU B 498 22.19 33.90 -19.15
C LEU B 498 23.37 34.14 -20.08
N VAL B 499 23.76 35.39 -20.18
CA VAL B 499 24.90 35.80 -20.99
C VAL B 499 25.68 36.81 -20.19
N SER B 500 26.99 36.71 -20.21
CA SER B 500 27.83 37.61 -19.43
C SER B 500 28.27 38.85 -20.18
N LYS B 501 28.27 39.97 -19.48
CA LYS B 501 28.73 41.26 -20.02
C LYS B 501 29.77 41.84 -19.09
N HIS B 502 30.91 42.18 -19.64
CA HIS B 502 31.99 42.76 -18.87
C HIS B 502 31.97 44.24 -19.04
N ILE B 503 31.64 44.97 -17.99
CA ILE B 503 31.60 46.41 -18.06
C ILE B 503 32.83 46.92 -17.36
N LEU B 504 33.70 47.58 -18.12
CA LEU B 504 34.94 48.09 -17.57
C LEU B 504 34.89 49.61 -17.57
N THR B 505 35.09 50.22 -16.42
CA THR B 505 35.07 51.66 -16.30
C THR B 505 36.43 52.18 -15.97
N ASN B 506 36.95 53.09 -16.78
CA ASN B 506 38.25 53.71 -16.48
C ASN B 506 37.95 54.97 -15.66
N THR B 507 38.32 54.95 -14.38
CA THR B 507 38.02 56.06 -13.45
C THR B 507 38.98 57.24 -13.49
N ASN B 508 40.07 57.09 -14.24
CA ASN B 508 41.04 58.16 -14.41
C ASN B 508 41.55 58.13 -15.86
N PRO B 509 40.66 58.38 -16.81
CA PRO B 509 41.00 58.32 -18.23
C PRO B 509 42.07 59.30 -18.62
N GLN B 510 43.05 58.80 -19.37
CA GLN B 510 44.17 59.58 -19.84
C GLN B 510 44.37 59.35 -21.30
N LEU B 511 44.78 60.38 -22.02
CA LEU B 511 45.06 60.23 -23.41
C LEU B 511 46.23 59.26 -23.54
N VAL B 512 46.19 58.45 -24.57
CA VAL B 512 47.29 57.53 -24.83
C VAL B 512 48.36 58.19 -25.70
N ASN B 513 47.93 59.08 -26.61
CA ASN B 513 48.85 59.79 -27.53
C ASN B 513 49.75 58.88 -28.32
N TRP B 514 49.17 57.84 -28.89
CA TRP B 514 49.90 56.91 -29.71
C TRP B 514 50.12 57.54 -31.09
N PHE B 515 49.10 58.22 -31.59
CA PHE B 515 49.13 58.89 -32.89
C PHE B 515 49.49 60.37 -32.78
N SER B 516 50.37 60.83 -33.68
CA SER B 516 50.82 62.23 -33.72
C SER B 516 49.71 63.28 -33.57
N LYS B 517 50.01 64.34 -32.79
CA LYS B 517 49.08 65.49 -32.59
C LYS B 517 49.44 66.56 -33.62
N MET C 22 -4.95 46.97 21.59
CA MET C 22 -6.15 46.35 20.95
C MET C 22 -6.50 44.86 21.30
N GLU C 23 -7.45 44.33 20.55
CA GLU C 23 -7.95 42.98 20.74
C GLU C 23 -6.89 41.96 20.34
N LEU C 24 -5.80 42.43 19.72
CA LEU C 24 -4.69 41.58 19.25
C LEU C 24 -4.10 40.68 20.35
N LEU C 25 -4.02 41.23 21.55
CA LEU C 25 -3.42 40.54 22.68
C LEU C 25 -4.31 39.52 23.38
N LYS C 26 -5.59 39.47 23.01
CA LYS C 26 -6.55 38.56 23.69
C LYS C 26 -6.16 37.09 23.56
N HIS C 27 -5.58 36.72 22.42
CA HIS C 27 -5.18 35.32 22.20
C HIS C 27 -3.70 35.11 22.16
N LEU C 28 -2.91 36.17 22.30
CA LEU C 28 -1.47 36.03 22.26
C LEU C 28 -0.96 35.29 23.48
N SER C 29 -0.05 34.35 23.26
CA SER C 29 0.52 33.60 24.35
C SER C 29 1.36 34.51 25.25
N GLN C 30 1.45 34.15 26.54
CA GLN C 30 2.18 34.92 27.54
C GLN C 30 3.37 34.17 28.06
N ARG C 31 3.71 33.07 27.40
CA ARG C 31 4.76 32.21 27.90
C ARG C 31 5.93 31.94 26.99
N GLN C 32 6.89 31.22 27.54
CA GLN C 32 8.07 30.84 26.83
C GLN C 32 7.74 29.59 26.04
N TYR C 33 8.56 29.28 25.03
CA TYR C 33 8.35 28.07 24.23
C TYR C 33 9.62 27.26 24.32
N ILE C 34 9.55 26.16 25.06
CA ILE C 34 10.69 25.32 25.29
C ILE C 34 10.38 23.86 25.05
N ASP C 35 11.21 23.22 24.25
CA ASP C 35 11.10 21.83 23.93
C ASP C 35 9.65 21.44 23.52
N GLY C 36 9.08 22.22 22.60
CA GLY C 36 7.74 21.95 22.06
C GLY C 36 6.56 22.30 22.93
N GLU C 37 6.79 23.00 24.04
CA GLU C 37 5.72 23.33 24.98
C GLU C 37 5.75 24.77 25.41
N TRP C 38 4.57 25.37 25.51
CA TRP C 38 4.47 26.72 26.02
C TRP C 38 4.50 26.58 27.53
N VAL C 39 5.51 27.15 28.18
CA VAL C 39 5.68 27.04 29.63
C VAL C 39 6.00 28.36 30.29
N GLU C 40 5.65 28.46 31.56
CA GLU C 40 5.90 29.63 32.35
C GLU C 40 7.35 29.63 32.76
N SER C 41 7.75 30.68 33.47
CA SER C 41 9.10 30.77 34.02
C SER C 41 9.22 29.69 35.12
N ALA C 42 10.41 29.18 35.35
CA ALA C 42 10.61 28.12 36.37
C ALA C 42 10.21 28.59 37.77
N ASN C 43 10.32 29.90 38.03
CA ASN C 43 9.92 30.48 39.31
C ASN C 43 8.60 31.29 39.20
N LYS C 44 7.85 31.07 38.12
CA LYS C 44 6.57 31.76 37.88
C LYS C 44 6.64 33.30 37.87
N ASN C 45 7.85 33.84 37.79
CA ASN C 45 8.03 35.28 37.77
C ASN C 45 7.48 35.84 36.43
N THR C 46 7.03 37.10 36.44
CA THR C 46 6.46 37.77 35.27
C THR C 46 6.99 39.18 35.08
N ARG C 47 6.65 39.75 33.93
CA ARG C 47 7.04 41.09 33.58
C ARG C 47 5.91 41.81 32.86
N ASP C 48 5.79 43.10 33.14
CA ASP C 48 4.80 43.93 32.49
C ASP C 48 5.38 44.63 31.28
N ILE C 49 4.68 44.54 30.16
CA ILE C 49 5.10 45.19 28.91
C ILE C 49 4.37 46.52 28.76
N ILE C 50 5.10 47.54 28.37
CA ILE C 50 4.57 48.90 28.29
C ILE C 50 4.49 49.45 26.88
N ASN C 51 3.45 50.23 26.59
CA ASN C 51 3.28 50.89 25.31
C ASN C 51 3.90 52.27 25.47
N PRO C 52 5.00 52.57 24.73
CA PRO C 52 5.66 53.87 24.87
C PRO C 52 4.82 55.09 24.49
N TYR C 53 3.73 54.91 23.73
CA TYR C 53 2.86 56.06 23.38
C TYR C 53 2.19 56.67 24.62
N ASN C 54 1.76 55.84 25.57
CA ASN C 54 1.07 56.32 26.77
C ASN C 54 1.58 55.77 28.10
N GLN C 55 2.58 54.91 28.05
CA GLN C 55 3.17 54.29 29.23
C GLN C 55 2.21 53.40 30.03
N GLU C 56 1.16 52.89 29.40
CA GLU C 56 0.24 51.98 30.08
C GLU C 56 0.77 50.57 29.94
N VAL C 57 0.52 49.74 30.94
CA VAL C 57 0.89 48.34 30.89
C VAL C 57 -0.13 47.75 29.95
N ILE C 58 0.34 47.00 28.96
CA ILE C 58 -0.55 46.39 27.95
C ILE C 58 -0.53 44.87 27.92
N PHE C 59 0.41 44.24 28.59
CA PHE C 59 0.50 42.79 28.55
C PHE C 59 1.49 42.30 29.59
N THR C 60 1.29 41.07 30.06
CA THR C 60 2.16 40.48 31.07
C THR C 60 2.64 39.13 30.58
N VAL C 61 3.97 38.94 30.57
CA VAL C 61 4.58 37.71 30.09
C VAL C 61 5.51 37.09 31.12
N SER C 62 5.86 35.83 30.88
CA SER C 62 6.77 35.15 31.77
C SER C 62 8.17 35.79 31.76
N GLU C 63 8.83 35.76 32.91
CA GLU C 63 10.19 36.27 33.07
C GLU C 63 11.05 35.04 33.45
N GLY C 64 11.60 34.39 32.44
CA GLY C 64 12.41 33.16 32.62
C GLY C 64 13.64 33.25 33.48
N THR C 65 14.09 32.09 33.92
CA THR C 65 15.28 31.96 34.77
C THR C 65 16.43 31.41 33.94
N LYS C 66 17.62 31.46 34.50
CA LYS C 66 18.77 30.93 33.81
C LYS C 66 18.63 29.43 33.60
N GLU C 67 17.92 28.73 34.50
CA GLU C 67 17.72 27.27 34.33
C GLU C 67 16.81 26.98 33.12
N ASP C 68 15.82 27.85 32.88
CA ASP C 68 14.96 27.71 31.70
C ASP C 68 15.84 27.81 30.44
N ALA C 69 16.74 28.79 30.41
CA ALA C 69 17.63 28.96 29.25
C ALA C 69 18.50 27.72 29.05
N GLU C 70 19.01 27.14 30.14
CA GLU C 70 19.82 25.92 30.01
C GLU C 70 18.99 24.78 29.45
N ARG C 71 17.79 24.63 29.97
CA ARG C 71 16.93 23.54 29.56
C ARG C 71 16.62 23.64 28.06
N ALA C 72 16.48 24.88 27.56
CA ALA C 72 16.18 25.12 26.16
C ALA C 72 17.35 24.74 25.32
N ILE C 73 18.54 25.15 25.78
CA ILE C 73 19.79 24.82 25.10
C ILE C 73 20.00 23.31 25.04
N LEU C 74 19.79 22.61 26.15
CA LEU C 74 19.92 21.15 26.15
C LEU C 74 18.89 20.48 25.23
N ALA C 75 17.70 21.08 25.11
CA ALA C 75 16.64 20.53 24.24
C ALA C 75 17.01 20.73 22.77
N ALA C 76 17.60 21.89 22.48
CA ALA C 76 18.09 22.19 21.13
C ALA C 76 19.19 21.22 20.77
N ARG C 77 20.08 20.92 21.73
CA ARG C 77 21.16 19.97 21.50
C ARG C 77 20.59 18.58 21.20
N ARG C 78 19.71 18.12 22.06
CA ARG C 78 19.10 16.80 21.88
C ARG C 78 18.42 16.70 20.52
N ALA C 79 17.68 17.74 20.16
CA ALA C 79 16.96 17.78 18.89
C ALA C 79 17.94 17.77 17.70
N PHE C 80 18.99 18.57 17.80
CA PHE C 80 20.01 18.58 16.74
C PHE C 80 20.63 17.18 16.54
N GLU C 81 20.99 16.52 17.63
CA GLU C 81 21.62 15.19 17.53
C GLU C 81 20.65 14.12 17.05
N SER C 82 19.36 14.25 17.32
CA SER C 82 18.40 13.25 16.87
C SER C 82 18.39 13.26 15.34
N GLY C 83 18.66 14.43 14.77
CA GLY C 83 18.72 14.60 13.32
C GLY C 83 17.39 14.81 12.61
N GLU C 84 16.30 14.94 13.35
CA GLU C 84 15.00 15.13 12.71
C GLU C 84 14.95 16.38 11.84
N TRP C 85 15.71 17.41 12.20
CA TRP C 85 15.76 18.62 11.40
C TRP C 85 17.10 18.75 10.69
N SER C 86 18.19 18.49 11.38
CA SER C 86 19.51 18.58 10.79
C SER C 86 19.74 17.60 9.62
N GLN C 87 19.04 16.46 9.62
CA GLN C 87 19.19 15.46 8.53
C GLN C 87 18.02 15.51 7.56
N GLU C 88 17.08 16.42 7.75
CA GLU C 88 15.99 16.58 6.82
C GLU C 88 16.64 17.14 5.52
N THR C 89 16.08 16.83 4.36
CA THR C 89 16.63 17.33 3.12
C THR C 89 16.59 18.85 3.10
N ALA C 90 17.61 19.46 2.51
CA ALA C 90 17.66 20.91 2.39
C ALA C 90 16.42 21.47 1.66
N GLU C 91 15.96 20.76 0.64
CA GLU C 91 14.78 21.16 -0.12
C GLU C 91 13.57 21.27 0.78
N THR C 92 13.41 20.27 1.65
CA THR C 92 12.25 20.26 2.54
C THR C 92 12.42 21.34 3.56
N ARG C 93 13.63 21.53 4.06
CA ARG C 93 13.84 22.59 5.03
C ARG C 93 13.46 23.91 4.39
N GLY C 94 13.80 24.06 3.11
CA GLY C 94 13.45 25.25 2.38
C GLY C 94 11.96 25.47 2.31
N LYS C 95 11.19 24.39 2.10
CA LYS C 95 9.70 24.52 2.02
C LYS C 95 9.11 24.99 3.35
N LYS C 96 9.68 24.51 4.45
CA LYS C 96 9.21 24.91 5.76
C LYS C 96 9.48 26.38 6.00
N VAL C 97 10.69 26.84 5.65
CA VAL C 97 11.03 28.25 5.81
C VAL C 97 10.13 29.12 4.92
N ARG C 98 9.74 28.58 3.78
CA ARG C 98 8.85 29.29 2.89
C ARG C 98 7.46 29.36 3.57
N ALA C 99 7.07 28.29 4.24
CA ALA C 99 5.76 28.24 4.91
C ALA C 99 5.71 29.31 5.99
N ILE C 100 6.84 29.51 6.67
CA ILE C 100 6.92 30.57 7.68
C ILE C 100 6.73 31.91 7.00
N ALA C 101 7.39 32.08 5.87
CA ALA C 101 7.28 33.32 5.13
C ALA C 101 5.81 33.59 4.79
N ASP C 102 5.10 32.58 4.33
CA ASP C 102 3.67 32.75 3.99
C ASP C 102 2.81 33.13 5.19
N LYS C 103 3.19 32.66 6.37
CA LYS C 103 2.48 33.01 7.60
C LYS C 103 2.65 34.47 7.90
N ILE C 104 3.87 34.98 7.72
CA ILE C 104 4.13 36.37 7.96
C ILE C 104 3.21 37.21 7.10
N LYS C 105 3.11 36.88 5.82
CA LYS C 105 2.28 37.62 4.89
C LYS C 105 0.79 37.49 5.28
N GLU C 106 0.38 36.30 5.69
CA GLU C 106 -1.00 36.06 6.05
C GLU C 106 -1.41 36.93 7.24
N HIS C 107 -0.54 37.01 8.23
CA HIS C 107 -0.83 37.76 9.45
C HIS C 107 -0.13 39.13 9.49
N ARG C 108 0.22 39.61 8.33
CA ARG C 108 0.87 40.88 8.14
C ARG C 108 0.23 42.05 8.91
N GLU C 109 -1.08 42.24 8.75
CA GLU C 109 -1.83 43.32 9.44
C GLU C 109 -1.66 43.24 10.94
N ALA C 110 -1.99 42.08 11.49
CA ALA C 110 -1.90 41.88 12.94
C ALA C 110 -0.45 42.04 13.47
N LEU C 111 0.52 41.50 12.76
CA LEU C 111 1.91 41.59 13.18
C LEU C 111 2.38 43.05 13.20
N ALA C 112 2.03 43.81 12.14
CA ALA C 112 2.42 45.23 12.05
C ALA C 112 1.84 46.04 13.22
N ARG C 113 0.59 45.75 13.58
CA ARG C 113 -0.05 46.47 14.67
C ARG C 113 0.59 46.10 16.01
N LEU C 114 0.99 44.85 16.11
CA LEU C 114 1.61 44.36 17.33
C LEU C 114 2.98 45.02 17.51
N GLU C 115 3.71 45.20 16.41
CA GLU C 115 5.03 45.80 16.45
C GLU C 115 4.93 47.30 16.73
N THR C 116 3.91 47.95 16.19
CA THR C 116 3.70 49.38 16.47
C THR C 116 3.30 49.58 17.93
N LEU C 117 2.52 48.64 18.44
CA LEU C 117 2.06 48.71 19.81
C LEU C 117 3.22 48.55 20.78
N ASP C 118 4.12 47.63 20.46
CA ASP C 118 5.25 47.31 21.32
C ASP C 118 6.40 48.30 21.20
N THR C 119 6.72 48.74 19.98
CA THR C 119 7.87 49.62 19.73
C THR C 119 7.54 51.08 19.54
N GLY C 120 6.28 51.37 19.27
CA GLY C 120 5.81 52.74 19.09
C GLY C 120 6.00 53.39 17.74
N LYS C 121 6.67 52.71 16.81
CA LYS C 121 6.91 53.33 15.48
C LYS C 121 5.63 53.32 14.66
N THR C 122 5.59 54.13 13.63
CA THR C 122 4.39 54.23 12.81
C THR C 122 3.98 52.89 12.22
N LEU C 123 2.68 52.79 11.96
CA LEU C 123 2.11 51.59 11.39
C LEU C 123 2.67 51.34 10.00
N GLU C 124 2.85 52.38 9.20
CA GLU C 124 3.43 52.21 7.86
C GLU C 124 4.85 51.63 7.93
N GLU C 125 5.65 52.06 8.89
CA GLU C 125 6.98 51.53 9.05
C GLU C 125 6.88 50.05 9.38
N SER C 126 5.92 49.69 10.23
CA SER C 126 5.72 48.31 10.63
C SER C 126 5.26 47.44 9.46
N TYR C 127 4.41 47.99 8.59
CA TYR C 127 3.98 47.25 7.41
C TYR C 127 5.19 46.94 6.55
N ALA C 128 6.07 47.92 6.36
CA ALA C 128 7.28 47.72 5.56
C ALA C 128 8.15 46.63 6.18
N ASP C 129 8.27 46.61 7.50
CA ASP C 129 9.03 45.55 8.18
C ASP C 129 8.50 44.19 7.80
N MET C 130 7.18 44.05 7.86
CA MET C 130 6.54 42.77 7.56
C MET C 130 6.76 42.34 6.13
N ASP C 131 6.85 43.30 5.22
CA ASP C 131 7.17 42.98 3.84
C ASP C 131 8.61 42.48 3.76
N ASP C 132 9.52 43.13 4.48
CA ASP C 132 10.94 42.74 4.48
C ASP C 132 11.08 41.36 5.06
N ILE C 133 10.41 41.16 6.20
CA ILE C 133 10.46 39.90 6.90
C ILE C 133 9.98 38.75 6.04
N HIS C 134 8.88 38.97 5.36
CA HIS C 134 8.39 37.97 4.44
C HIS C 134 9.49 37.62 3.45
N ASN C 135 10.10 38.65 2.87
CA ASN C 135 11.17 38.48 1.89
C ASN C 135 12.43 37.88 2.43
N VAL C 136 12.69 38.09 3.71
CA VAL C 136 13.88 37.53 4.33
C VAL C 136 13.71 36.04 4.44
N PHE C 137 12.57 35.60 4.95
CA PHE C 137 12.31 34.18 5.03
C PHE C 137 12.27 33.55 3.65
N MET C 138 11.68 34.24 2.69
CA MET C 138 11.57 33.70 1.35
C MET C 138 12.97 33.52 0.73
N TYR C 139 13.82 34.53 0.89
CA TYR C 139 15.15 34.48 0.33
C TYR C 139 15.91 33.27 0.86
N PHE C 140 15.93 33.12 2.19
CA PHE C 140 16.62 32.00 2.80
C PHE C 140 15.96 30.64 2.51
N ALA C 141 14.65 30.63 2.31
CA ALA C 141 13.98 29.39 1.91
C ALA C 141 14.55 28.94 0.56
N GLY C 142 14.73 29.91 -0.33
CA GLY C 142 15.26 29.63 -1.66
C GLY C 142 16.75 29.31 -1.71
N LEU C 143 17.48 29.70 -0.69
CA LEU C 143 18.93 29.47 -0.65
C LEU C 143 19.30 28.16 -0.01
N ALA C 144 18.36 27.57 0.73
CA ALA C 144 18.61 26.34 1.50
C ALA C 144 19.26 25.17 0.80
N ASP C 145 18.88 24.88 -0.44
CA ASP C 145 19.39 23.73 -1.15
C ASP C 145 20.31 24.05 -2.32
N LYS C 146 20.97 25.19 -2.27
CA LYS C 146 21.78 25.63 -3.39
C LYS C 146 23.26 25.37 -3.34
N ASP C 147 23.82 25.15 -2.15
CA ASP C 147 25.24 24.92 -2.03
C ASP C 147 25.54 24.04 -0.85
N GLY C 148 25.85 22.77 -1.13
CA GLY C 148 26.18 21.83 -0.08
C GLY C 148 27.67 21.62 0.17
N GLY C 149 28.53 22.32 -0.58
CA GLY C 149 30.00 22.19 -0.42
C GLY C 149 30.70 22.11 -1.75
N GLU C 150 31.94 21.63 -1.74
CA GLU C 150 32.74 21.56 -2.96
C GLU C 150 33.46 20.27 -3.14
N MET C 151 33.82 20.03 -4.39
CA MET C 151 34.68 18.91 -4.72
C MET C 151 36.02 19.59 -4.96
N ILE C 152 37.07 19.07 -4.37
CA ILE C 152 38.39 19.63 -4.54
C ILE C 152 39.23 18.73 -5.42
N ASP C 153 40.04 19.34 -6.27
CA ASP C 153 41.01 18.58 -7.08
C ASP C 153 42.19 18.38 -6.14
N SER C 154 42.29 17.15 -5.62
CA SER C 154 43.33 16.81 -4.68
C SER C 154 44.73 16.78 -5.30
N PRO C 155 45.74 17.32 -4.59
CA PRO C 155 47.11 17.28 -5.04
C PRO C 155 47.75 15.91 -4.74
N ILE C 156 47.04 15.03 -4.06
CA ILE C 156 47.54 13.73 -3.74
C ILE C 156 46.88 12.74 -4.67
N PRO C 157 47.69 12.05 -5.48
CA PRO C 157 47.04 11.09 -6.41
C PRO C 157 46.32 10.00 -5.64
N ASP C 158 45.27 9.45 -6.25
CA ASP C 158 44.46 8.35 -5.64
C ASP C 158 43.76 8.75 -4.35
N THR C 159 43.24 9.96 -4.32
CA THR C 159 42.49 10.45 -3.18
C THR C 159 41.32 11.23 -3.69
N GLU C 160 40.23 11.22 -2.93
CA GLU C 160 39.05 12.03 -3.25
C GLU C 160 38.95 13.04 -2.14
N SER C 161 38.73 14.29 -2.50
CA SER C 161 38.66 15.35 -1.52
C SER C 161 37.39 16.13 -1.69
N LYS C 162 36.62 16.27 -0.62
CA LYS C 162 35.42 17.04 -0.70
C LYS C 162 35.20 17.81 0.57
N ILE C 163 34.51 18.93 0.45
CA ILE C 163 34.20 19.78 1.60
C ILE C 163 32.71 19.75 1.74
N VAL C 164 32.23 19.27 2.87
CA VAL C 164 30.80 19.23 3.08
C VAL C 164 30.48 20.35 4.03
N LYS C 165 29.39 21.06 3.78
CA LYS C 165 28.98 22.12 4.70
C LYS C 165 27.85 21.57 5.54
N GLU C 166 28.03 21.61 6.85
CA GLU C 166 27.02 21.10 7.78
C GLU C 166 26.48 22.23 8.64
N PRO C 167 25.26 22.06 9.16
CA PRO C 167 24.76 23.07 10.06
C PRO C 167 25.70 23.09 11.27
N VAL C 168 25.95 24.27 11.79
CA VAL C 168 26.89 24.44 12.88
C VAL C 168 26.44 23.71 14.17
N GLY C 169 25.14 23.65 14.41
CA GLY C 169 24.61 22.96 15.59
C GLY C 169 23.57 23.78 16.35
N VAL C 170 23.85 24.03 17.63
CA VAL C 170 22.95 24.77 18.47
C VAL C 170 23.32 26.23 18.41
N VAL C 171 22.31 27.06 18.19
CA VAL C 171 22.53 28.47 18.07
C VAL C 171 21.67 29.33 19.00
N THR C 172 22.30 30.30 19.68
CA THR C 172 21.57 31.22 20.54
C THR C 172 21.45 32.52 19.80
N GLN C 173 20.26 33.09 19.85
CA GLN C 173 19.94 34.30 19.13
C GLN C 173 19.36 35.35 20.04
N ILE C 174 20.01 36.51 20.08
CA ILE C 174 19.62 37.59 20.98
C ILE C 174 19.39 38.85 20.17
N THR C 175 18.22 39.46 20.37
CA THR C 175 17.80 40.62 19.61
C THR C 175 17.47 41.88 20.42
N PRO C 176 17.45 43.04 19.74
CA PRO C 176 17.17 44.30 20.38
C PRO C 176 15.70 44.68 20.32
N TRP C 177 15.35 45.77 21.00
CA TRP C 177 13.97 46.25 21.04
C TRP C 177 13.51 47.15 19.91
N ASN C 178 14.43 47.66 19.07
CA ASN C 178 14.02 48.61 18.03
C ASN C 178 13.20 48.05 16.88
N TYR C 179 13.67 46.93 16.31
CA TYR C 179 12.97 46.22 15.22
C TYR C 179 13.01 44.76 15.61
N PRO C 180 12.18 44.38 16.59
CA PRO C 180 12.21 43.03 17.13
C PRO C 180 12.07 41.89 16.15
N LEU C 181 10.99 41.87 15.37
CA LEU C 181 10.76 40.75 14.48
C LEU C 181 11.71 40.78 13.31
N LEU C 182 12.05 41.97 12.84
CA LEU C 182 12.98 42.09 11.73
C LEU C 182 14.31 41.47 12.11
N GLN C 183 14.88 41.88 13.24
CA GLN C 183 16.16 41.34 13.66
C GLN C 183 16.07 39.85 13.95
N ALA C 184 14.89 39.40 14.42
CA ALA C 184 14.68 37.98 14.70
C ALA C 184 14.66 37.16 13.41
N SER C 185 14.03 37.71 12.37
CA SER C 185 13.94 37.01 11.07
C SER C 185 15.31 36.80 10.44
N TRP C 186 16.20 37.76 10.61
CA TRP C 186 17.58 37.68 10.06
C TRP C 186 18.38 36.52 10.64
N LYS C 187 17.98 36.07 11.85
CA LYS C 187 18.68 34.97 12.54
C LYS C 187 17.94 33.66 12.39
N ILE C 188 16.62 33.68 12.56
CA ILE C 188 15.82 32.46 12.46
C ILE C 188 15.85 31.83 11.09
N ALA C 189 15.65 32.65 10.05
CA ALA C 189 15.58 32.13 8.71
C ALA C 189 16.79 31.24 8.29
N PRO C 190 18.04 31.77 8.43
CA PRO C 190 19.19 30.98 8.01
C PRO C 190 19.46 29.83 8.94
N ALA C 191 19.04 29.97 10.19
CA ALA C 191 19.25 28.89 11.15
C ALA C 191 18.44 27.70 10.76
N LEU C 192 17.17 27.92 10.50
CA LEU C 192 16.30 26.82 10.13
C LEU C 192 16.65 26.28 8.75
N ALA C 193 16.99 27.16 7.82
CA ALA C 193 17.30 26.75 6.46
C ALA C 193 18.48 25.80 6.40
N THR C 194 19.46 26.01 7.26
CA THR C 194 20.62 25.19 7.31
C THR C 194 20.47 23.93 8.12
N GLY C 195 19.46 23.89 8.98
CA GLY C 195 19.21 22.68 9.80
C GLY C 195 19.67 22.76 11.24
N CYS C 196 19.94 23.96 11.72
CA CYS C 196 20.36 24.17 13.09
C CYS C 196 19.15 24.13 14.03
N SER C 197 19.44 24.06 15.34
CA SER C 197 18.44 24.16 16.38
C SER C 197 18.72 25.54 17.00
N LEU C 198 17.68 26.25 17.43
CA LEU C 198 17.92 27.57 17.96
C LEU C 198 17.17 27.83 19.25
N VAL C 199 17.73 28.79 20.01
CA VAL C 199 17.17 29.26 21.26
C VAL C 199 17.22 30.79 21.13
N MET C 200 16.05 31.40 21.04
CA MET C 200 16.00 32.83 20.87
C MET C 200 15.47 33.56 22.07
N LYS C 201 16.05 34.73 22.33
CA LYS C 201 15.61 35.58 23.41
C LYS C 201 15.52 37.02 22.89
N PRO C 202 14.29 37.55 22.82
CA PRO C 202 14.12 38.92 22.37
C PRO C 202 14.40 39.90 23.50
N SER C 203 14.46 41.19 23.19
CA SER C 203 14.63 42.20 24.20
C SER C 203 13.50 42.03 25.21
N GLU C 204 13.85 42.03 26.48
CA GLU C 204 12.87 41.84 27.53
C GLU C 204 11.71 42.82 27.45
N ILE C 205 11.98 43.99 26.94
CA ILE C 205 11.00 45.03 26.82
C ILE C 205 10.01 44.94 25.67
N THR C 206 10.38 44.19 24.63
CA THR C 206 9.54 44.04 23.42
C THR C 206 9.48 42.60 22.92
N PRO C 207 8.65 41.76 23.56
CA PRO C 207 8.56 40.35 23.16
C PRO C 207 7.35 39.97 22.33
N LEU C 208 6.46 40.92 22.08
CA LEU C 208 5.18 40.61 21.40
C LEU C 208 5.23 39.91 20.05
N THR C 209 5.93 40.49 19.09
CA THR C 209 5.98 39.90 17.77
C THR C 209 6.80 38.64 17.76
N THR C 210 7.79 38.56 18.64
CA THR C 210 8.62 37.37 18.69
C THR C 210 7.79 36.20 19.23
N ILE C 211 6.94 36.48 20.18
CA ILE C 211 6.03 35.43 20.70
C ILE C 211 5.11 34.98 19.56
N ARG C 212 4.50 35.96 18.88
CA ARG C 212 3.61 35.65 17.79
C ARG C 212 4.27 34.79 16.71
N VAL C 213 5.50 35.12 16.31
CA VAL C 213 6.16 34.37 15.24
C VAL C 213 6.41 32.93 15.68
N PHE C 214 6.68 32.73 16.96
CA PHE C 214 6.83 31.36 17.48
C PHE C 214 5.52 30.60 17.40
N GLU C 215 4.40 31.26 17.69
CA GLU C 215 3.11 30.59 17.54
C GLU C 215 2.94 30.15 16.08
N LEU C 216 3.34 31.03 15.16
CA LEU C 216 3.26 30.73 13.73
C LEU C 216 4.22 29.62 13.28
N MET C 217 5.43 29.62 13.81
CA MET C 217 6.38 28.55 13.51
C MET C 217 5.89 27.19 14.08
N GLU C 218 5.22 27.22 15.23
CA GLU C 218 4.68 26.01 15.80
C GLU C 218 3.60 25.45 14.86
N GLU C 219 2.74 26.33 14.31
CA GLU C 219 1.69 25.90 13.36
C GLU C 219 2.28 25.21 12.13
N VAL C 220 3.37 25.76 11.60
CA VAL C 220 4.06 25.16 10.46
C VAL C 220 4.52 23.74 10.81
N GLY C 221 5.10 23.60 12.01
CA GLY C 221 5.51 22.29 12.50
C GLY C 221 7.00 22.00 12.34
N PHE C 222 7.69 21.93 13.46
CA PHE C 222 9.10 21.64 13.50
C PHE C 222 9.30 20.59 14.58
N PRO C 223 10.34 19.77 14.46
CA PRO C 223 10.55 18.77 15.51
C PRO C 223 10.79 19.36 16.90
N LYS C 224 10.30 18.67 17.90
CA LYS C 224 10.48 19.04 19.30
C LYS C 224 11.92 19.49 19.62
N GLY C 225 12.06 20.70 20.14
CA GLY C 225 13.39 21.23 20.50
C GLY C 225 14.15 22.02 19.42
N THR C 226 13.70 21.91 18.18
CA THR C 226 14.33 22.62 17.09
C THR C 226 14.32 24.16 17.29
N ILE C 227 13.21 24.67 17.79
CA ILE C 227 13.09 26.09 18.09
C ILE C 227 12.69 26.28 19.54
N ASN C 228 13.28 27.29 20.17
CA ASN C 228 12.97 27.61 21.54
C ASN C 228 12.99 29.10 21.77
N LEU C 229 12.01 29.55 22.56
CA LEU C 229 11.86 30.97 22.90
C LEU C 229 11.99 31.18 24.39
N ILE C 230 12.99 31.95 24.79
CA ILE C 230 13.22 32.29 26.18
C ILE C 230 12.84 33.74 26.32
N LEU C 231 12.15 34.08 27.38
CA LEU C 231 11.74 35.45 27.64
C LEU C 231 12.37 35.88 28.95
N GLY C 232 13.16 36.95 28.92
CA GLY C 232 13.82 37.39 30.12
C GLY C 232 14.81 38.48 29.88
N ALA C 233 15.37 38.97 30.98
CA ALA C 233 16.35 40.03 30.95
C ALA C 233 17.73 39.46 30.63
N GLY C 234 18.46 40.12 29.74
CA GLY C 234 19.79 39.67 29.39
C GLY C 234 20.70 39.61 30.60
N SER C 235 20.50 40.52 31.54
CA SER C 235 21.32 40.54 32.76
C SER C 235 21.14 39.29 33.63
N GLU C 236 20.04 38.57 33.46
CA GLU C 236 19.77 37.36 34.25
C GLU C 236 20.07 36.03 33.47
N VAL C 237 19.54 35.94 32.25
CA VAL C 237 19.69 34.74 31.41
C VAL C 237 20.72 34.85 30.29
N GLY C 238 21.17 36.05 30.00
CA GLY C 238 22.12 36.24 28.90
C GLY C 238 23.40 35.44 28.94
N ASP C 239 24.00 35.34 30.11
CA ASP C 239 25.27 34.61 30.24
C ASP C 239 25.15 33.12 29.97
N VAL C 240 24.02 32.52 30.30
CA VAL C 240 23.84 31.11 30.01
C VAL C 240 23.83 30.93 28.48
N MET C 241 23.12 31.84 27.82
CA MET C 241 22.99 31.79 26.36
C MET C 241 24.27 32.04 25.59
N SER C 242 25.20 32.77 26.18
CA SER C 242 26.47 33.03 25.51
C SER C 242 27.57 32.08 25.98
N GLY C 243 27.51 31.64 27.23
CA GLY C 243 28.57 30.81 27.80
C GLY C 243 28.36 29.34 28.01
N HIS C 244 27.23 28.80 27.58
CA HIS C 244 26.98 27.38 27.78
C HIS C 244 27.78 26.58 26.77
N LYS C 245 28.41 25.51 27.25
CA LYS C 245 29.26 24.63 26.45
C LYS C 245 28.60 24.06 25.17
N GLU C 246 27.31 23.76 25.24
CA GLU C 246 26.60 23.18 24.11
C GLU C 246 26.22 24.14 22.99
N VAL C 247 26.49 25.44 23.15
CA VAL C 247 26.18 26.41 22.11
C VAL C 247 27.32 26.42 21.13
N ASP C 248 27.01 26.35 19.85
CA ASP C 248 28.05 26.35 18.82
C ASP C 248 28.24 27.73 18.24
N LEU C 249 27.17 28.53 18.28
CA LEU C 249 27.22 29.90 17.77
C LEU C 249 26.30 30.84 18.53
N VAL C 250 26.77 32.06 18.81
CA VAL C 250 25.96 33.07 19.45
C VAL C 250 25.79 34.16 18.42
N SER C 251 24.55 34.47 18.06
CA SER C 251 24.28 35.52 17.07
C SER C 251 23.63 36.60 17.88
N PHE C 252 24.28 37.75 17.92
CA PHE C 252 23.81 38.86 18.71
C PHE C 252 23.72 40.17 17.97
N THR C 253 22.60 40.86 18.18
CA THR C 253 22.35 42.16 17.61
C THR C 253 21.97 43.05 18.79
N GLY C 254 22.79 44.04 19.06
CA GLY C 254 22.58 44.93 20.18
C GLY C 254 23.69 45.96 20.33
N SER C 255 23.88 46.46 21.53
CA SER C 255 24.88 47.50 21.77
C SER C 255 26.27 46.94 21.89
N ILE C 256 27.23 47.82 21.65
CA ILE C 256 28.64 47.45 21.70
C ILE C 256 29.13 46.86 23.03
N GLU C 257 28.77 47.47 24.16
CA GLU C 257 29.19 46.96 25.46
C GLU C 257 28.66 45.55 25.73
N THR C 258 27.40 45.31 25.39
CA THR C 258 26.81 43.99 25.61
C THR C 258 27.50 42.99 24.71
N GLY C 259 27.83 43.39 23.48
CA GLY C 259 28.51 42.52 22.54
C GLY C 259 29.89 42.12 23.01
N LYS C 260 30.62 43.08 23.58
CA LYS C 260 31.94 42.79 24.07
C LYS C 260 31.84 41.78 25.19
N HIS C 261 30.89 42.01 26.09
CA HIS C 261 30.65 41.12 27.24
C HIS C 261 30.34 39.72 26.73
N ILE C 262 29.48 39.64 25.73
CA ILE C 262 29.08 38.37 25.15
C ILE C 262 30.24 37.64 24.53
N MET C 263 31.07 38.38 23.82
CA MET C 263 32.23 37.76 23.20
C MET C 263 33.16 37.21 24.26
N LYS C 264 33.42 37.99 25.31
CA LYS C 264 34.29 37.53 26.37
C LYS C 264 33.76 36.27 27.00
N ASN C 265 32.45 36.18 27.16
CA ASN C 265 31.86 35.01 27.81
C ASN C 265 31.87 33.79 26.87
N ALA C 266 31.61 34.04 25.59
CA ALA C 266 31.60 33.01 24.60
C ALA C 266 32.96 32.36 24.48
N ALA C 267 34.01 33.12 24.78
CA ALA C 267 35.38 32.60 24.73
C ALA C 267 35.63 31.41 25.66
N ASN C 268 34.87 31.30 26.75
CA ASN C 268 35.04 30.19 27.69
C ASN C 268 34.93 28.83 27.05
N ASN C 269 34.20 28.76 25.94
CA ASN C 269 34.01 27.51 25.21
C ASN C 269 34.38 27.69 23.74
N VAL C 270 35.22 28.68 23.46
CA VAL C 270 35.67 28.93 22.09
C VAL C 270 34.46 28.95 21.14
N THR C 271 33.37 29.52 21.60
CA THR C 271 32.15 29.57 20.83
C THR C 271 32.17 30.69 19.80
N ASN C 272 31.83 30.36 18.55
CA ASN C 272 31.79 31.38 17.49
C ASN C 272 30.79 32.47 17.81
N ILE C 273 31.06 33.69 17.34
CA ILE C 273 30.12 34.75 17.55
C ILE C 273 29.87 35.54 16.28
N ALA C 274 28.63 36.00 16.14
CA ALA C 274 28.24 36.88 15.06
C ALA C 274 27.67 38.08 15.79
N LEU C 275 28.28 39.25 15.62
CA LEU C 275 27.84 40.43 16.35
C LEU C 275 27.44 41.52 15.44
N GLU C 276 26.25 42.06 15.69
CA GLU C 276 25.71 43.16 14.92
C GLU C 276 25.49 44.27 15.92
N LEU C 277 26.44 45.21 15.96
CA LEU C 277 26.42 46.27 16.96
C LEU C 277 26.02 47.63 16.40
N GLY C 278 26.28 48.69 17.15
CA GLY C 278 25.85 50.01 16.76
C GLY C 278 26.68 50.69 15.67
N GLY C 279 26.35 51.95 15.41
CA GLY C 279 27.02 52.73 14.42
C GLY C 279 26.93 54.24 14.67
N LYS C 280 27.83 54.93 14.01
CA LYS C 280 27.91 56.39 13.98
C LYS C 280 28.04 56.59 12.49
N ASN C 281 26.90 56.41 11.83
CA ASN C 281 26.80 56.42 10.38
C ASN C 281 26.82 57.80 9.76
N PRO C 282 27.78 58.05 8.86
CA PRO C 282 27.86 59.33 8.22
C PRO C 282 26.88 59.47 7.08
N ASN C 283 26.40 60.69 6.87
CA ASN C 283 25.52 61.02 5.78
C ASN C 283 26.25 62.18 5.14
N ILE C 284 27.04 61.86 4.12
CA ILE C 284 27.88 62.84 3.47
C ILE C 284 27.14 63.54 2.37
N ILE C 285 27.11 64.88 2.45
CA ILE C 285 26.41 65.68 1.46
C ILE C 285 27.31 66.71 0.81
N PHE C 286 27.58 66.52 -0.47
CA PHE C 286 28.40 67.46 -1.23
C PHE C 286 27.57 68.62 -1.74
N ASP C 287 28.24 69.71 -2.14
CA ASP C 287 27.53 70.87 -2.66
C ASP C 287 26.87 70.56 -4.01
N ASP C 288 27.40 69.59 -4.74
CA ASP C 288 26.81 69.21 -6.03
C ASP C 288 25.72 68.13 -5.89
N ALA C 289 25.24 67.90 -4.67
CA ALA C 289 24.18 66.95 -4.44
C ALA C 289 22.87 67.61 -4.82
N ASP C 290 21.87 66.78 -5.09
CA ASP C 290 20.52 67.27 -5.35
C ASP C 290 20.13 67.77 -3.96
N PHE C 291 20.07 69.08 -3.83
CA PHE C 291 19.82 69.67 -2.56
C PHE C 291 18.56 69.20 -1.83
N GLU C 292 17.41 69.29 -2.47
CA GLU C 292 16.18 68.89 -1.79
C GLU C 292 16.18 67.41 -1.44
N LEU C 293 16.83 66.61 -2.29
CA LEU C 293 16.93 65.18 -2.03
C LEU C 293 17.76 64.97 -0.78
N ALA C 294 18.85 65.71 -0.66
CA ALA C 294 19.73 65.57 0.52
C ALA C 294 19.01 65.93 1.81
N VAL C 295 18.21 67.00 1.76
CA VAL C 295 17.47 67.42 2.93
C VAL C 295 16.43 66.36 3.29
N ASP C 296 15.71 65.86 2.30
CA ASP C 296 14.71 64.83 2.52
C ASP C 296 15.37 63.59 3.17
N GLN C 297 16.50 63.14 2.59
CA GLN C 297 17.18 61.95 3.10
C GLN C 297 17.95 62.19 4.43
N ALA C 298 18.27 63.44 4.74
CA ALA C 298 18.91 63.73 6.02
C ALA C 298 17.84 63.54 7.12
N LEU C 299 16.62 64.02 6.84
CA LEU C 299 15.50 63.85 7.77
C LEU C 299 15.20 62.33 7.94
N ASN C 300 15.07 61.63 6.82
CA ASN C 300 14.80 60.21 6.85
C ASN C 300 15.88 59.47 7.60
N GLY C 301 17.12 59.76 7.27
CA GLY C 301 18.25 59.13 7.92
C GLY C 301 18.31 59.36 9.41
N GLY C 302 17.92 60.54 9.86
CA GLY C 302 18.02 60.85 11.28
C GLY C 302 16.82 60.55 12.15
N TYR C 303 15.61 60.62 11.56
CA TYR C 303 14.43 60.51 12.37
C TYR C 303 13.47 59.32 12.17
N PHE C 304 13.73 58.43 11.21
CA PHE C 304 12.83 57.27 11.12
C PHE C 304 12.98 56.55 12.44
N HIS C 305 11.85 56.08 12.97
CA HIS C 305 11.76 55.37 14.25
C HIS C 305 12.43 56.21 15.37
N ALA C 306 12.28 57.53 15.27
CA ALA C 306 12.86 58.45 16.25
C ALA C 306 14.36 58.25 16.40
N GLY C 307 15.03 57.92 15.30
CA GLY C 307 16.46 57.72 15.31
C GLY C 307 16.91 56.45 16.00
N GLN C 308 15.95 55.59 16.38
CA GLN C 308 16.25 54.32 17.06
C GLN C 308 16.49 53.19 16.03
N VAL C 309 17.44 53.44 15.15
CA VAL C 309 17.77 52.51 14.12
C VAL C 309 19.28 52.45 13.98
N CYS C 310 19.82 51.24 13.87
CA CYS C 310 21.26 51.04 13.80
C CYS C 310 21.86 51.66 12.55
N SER C 311 21.05 51.78 11.50
CA SER C 311 21.49 52.38 10.25
C SER C 311 21.24 53.92 10.25
N ALA C 312 20.90 54.50 11.40
CA ALA C 312 20.59 55.93 11.48
C ALA C 312 21.74 56.84 11.03
N GLY C 313 21.38 57.87 10.29
CA GLY C 313 22.33 58.85 9.79
C GLY C 313 22.42 59.96 10.79
N SER C 314 23.02 59.65 11.93
CA SER C 314 23.13 60.60 13.01
C SER C 314 24.25 61.62 12.79
N ARG C 315 25.24 61.28 11.97
CA ARG C 315 26.35 62.15 11.74
C ARG C 315 26.35 62.73 10.33
N ILE C 316 25.85 63.95 10.19
CA ILE C 316 25.77 64.58 8.89
C ILE C 316 27.01 65.38 8.61
N LEU C 317 27.58 65.12 7.44
CA LEU C 317 28.76 65.80 7.00
C LEU C 317 28.35 66.54 5.76
N VAL C 318 28.38 67.87 5.82
CA VAL C 318 27.98 68.68 4.69
C VAL C 318 29.11 69.60 4.24
N GLN C 319 29.27 69.71 2.92
CA GLN C 319 30.33 70.53 2.38
C GLN C 319 30.11 72.01 2.73
N ASN C 320 31.19 72.69 3.13
CA ASN C 320 31.14 74.08 3.59
C ASN C 320 30.41 75.07 2.72
N SER C 321 30.63 75.02 1.43
CA SER C 321 29.96 75.94 0.50
C SER C 321 28.39 75.98 0.66
N ILE C 322 27.78 74.86 1.06
CA ILE C 322 26.32 74.81 1.26
C ILE C 322 25.88 74.52 2.70
N LYS C 323 26.83 74.47 3.62
CA LYS C 323 26.53 74.17 5.02
C LYS C 323 25.47 75.07 5.63
N ASP C 324 25.63 76.38 5.52
CA ASP C 324 24.64 77.32 6.11
C ASP C 324 23.24 77.14 5.53
N LYS C 325 23.16 77.10 4.21
CA LYS C 325 21.89 76.91 3.52
C LYS C 325 21.26 75.56 3.97
N PHE C 326 22.08 74.52 4.03
CA PHE C 326 21.60 73.20 4.44
C PHE C 326 21.05 73.20 5.87
N GLU C 327 21.82 73.73 6.81
CA GLU C 327 21.37 73.77 8.21
C GLU C 327 20.03 74.46 8.30
N GLN C 328 19.88 75.60 7.63
CA GLN C 328 18.60 76.31 7.67
C GLN C 328 17.43 75.48 7.18
N ALA C 329 17.61 74.84 6.04
CA ALA C 329 16.56 74.05 5.46
C ALA C 329 16.18 72.87 6.35
N LEU C 330 17.20 72.20 6.91
CA LEU C 330 16.97 71.04 7.77
C LEU C 330 16.19 71.43 9.02
N ILE C 331 16.66 72.50 9.66
CA ILE C 331 16.00 73.03 10.85
C ILE C 331 14.54 73.38 10.59
N ASP C 332 14.28 74.08 9.49
CA ASP C 332 12.93 74.46 9.13
C ASP C 332 12.05 73.22 8.96
N ARG C 333 12.60 72.17 8.38
CA ARG C 333 11.85 70.93 8.21
C ARG C 333 11.64 70.20 9.53
N VAL C 334 12.66 70.19 10.38
CA VAL C 334 12.54 69.52 11.69
C VAL C 334 11.40 70.13 12.53
N LYS C 335 11.21 71.44 12.41
CA LYS C 335 10.13 72.13 13.13
C LYS C 335 8.75 71.69 12.69
N LYS C 336 8.61 71.08 11.52
CA LYS C 336 7.29 70.66 11.06
C LYS C 336 7.01 69.17 11.27
N ILE C 337 7.99 68.41 11.76
CA ILE C 337 7.78 66.96 11.96
C ILE C 337 6.62 66.69 12.91
N LYS C 338 5.62 65.94 12.44
CA LYS C 338 4.43 65.62 13.22
C LYS C 338 4.67 64.44 14.16
N LEU C 339 4.58 64.68 15.45
CA LEU C 339 4.74 63.62 16.44
C LEU C 339 3.36 63.14 16.83
N GLY C 340 3.28 61.90 17.29
CA GLY C 340 2.02 61.34 17.71
C GLY C 340 2.02 59.85 17.84
N ASN C 341 0.80 59.31 17.92
CA ASN C 341 0.57 57.89 18.06
C ASN C 341 0.91 57.18 16.75
N GLY C 342 1.64 56.08 16.85
CA GLY C 342 2.00 55.31 15.67
C GLY C 342 0.81 54.81 14.89
N PHE C 343 -0.35 54.68 15.53
CA PHE C 343 -1.55 54.21 14.85
C PHE C 343 -2.27 55.27 14.03
N ASP C 344 -1.94 56.54 14.25
CA ASP C 344 -2.58 57.63 13.50
C ASP C 344 -1.79 57.85 12.22
N ALA C 345 -2.49 57.81 11.08
CA ALA C 345 -1.86 57.99 9.77
C ALA C 345 -1.09 59.32 9.61
N ASP C 346 -1.50 60.38 10.33
CA ASP C 346 -0.83 61.69 10.24
C ASP C 346 0.54 61.69 10.98
N THR C 347 0.75 60.74 11.89
CA THR C 347 2.03 60.64 12.63
C THR C 347 3.24 60.37 11.75
N GLU C 348 4.28 61.17 11.91
CA GLU C 348 5.53 61.02 11.14
C GLU C 348 6.65 60.47 12.01
N MET C 349 6.58 60.68 13.32
CA MET C 349 7.58 60.17 14.25
C MET C 349 6.88 59.85 15.57
N GLY C 350 7.15 58.66 16.08
CA GLY C 350 6.57 58.20 17.32
C GLY C 350 7.47 58.51 18.52
N PRO C 351 7.14 57.92 19.67
CA PRO C 351 7.92 58.15 20.86
C PRO C 351 9.15 57.30 20.89
N VAL C 352 9.98 57.50 21.91
CA VAL C 352 11.17 56.66 22.06
C VAL C 352 10.71 55.51 22.93
N ILE C 353 11.50 54.43 22.96
CA ILE C 353 11.11 53.19 23.63
C ILE C 353 10.84 53.16 25.15
N SER C 354 11.68 53.79 25.97
CA SER C 354 11.51 53.72 27.43
C SER C 354 11.95 54.97 28.18
N THR C 355 11.55 55.03 29.46
CA THR C 355 11.90 56.13 30.33
C THR C 355 13.42 56.22 30.37
N GLU C 356 14.04 55.08 30.67
CA GLU C 356 15.50 54.95 30.75
C GLU C 356 16.17 55.47 29.50
N HIS C 357 15.65 55.08 28.35
CA HIS C 357 16.23 55.48 27.09
C HIS C 357 16.04 56.98 26.81
N ARG C 358 14.87 57.50 27.13
CA ARG C 358 14.65 58.92 26.97
C ARG C 358 15.59 59.68 27.88
N ASN C 359 15.82 59.20 29.10
CA ASN C 359 16.75 59.86 30.03
C ASN C 359 18.17 59.91 29.41
N LYS C 360 18.64 58.82 28.81
CA LYS C 360 19.97 58.82 28.18
C LYS C 360 20.05 59.88 27.11
N ILE C 361 18.97 60.03 26.34
CA ILE C 361 18.93 61.02 25.30
C ILE C 361 18.99 62.42 25.91
N GLU C 362 18.21 62.65 26.95
CA GLU C 362 18.24 63.95 27.62
C GLU C 362 19.63 64.27 28.16
N SER C 363 20.30 63.29 28.78
CA SER C 363 21.60 63.55 29.35
C SER C 363 22.59 63.87 28.22
N TYR C 364 22.38 63.29 27.03
CA TYR C 364 23.24 63.61 25.90
C TYR C 364 23.09 65.05 25.46
N MET C 365 21.93 65.66 25.74
CA MET C 365 21.74 67.07 25.41
C MET C 365 22.60 67.93 26.35
N ASP C 366 22.68 67.54 27.61
CA ASP C 366 23.51 68.24 28.59
C ASP C 366 24.98 68.08 28.23
N VAL C 367 25.33 66.90 27.75
CA VAL C 367 26.69 66.62 27.36
C VAL C 367 27.10 67.53 26.21
N ALA C 368 26.22 67.65 25.22
CA ALA C 368 26.48 68.46 24.04
C ALA C 368 26.66 69.94 24.35
N LYS C 369 25.77 70.49 25.16
CA LYS C 369 25.91 71.89 25.55
C LYS C 369 27.23 72.11 26.30
N ALA C 370 27.54 71.18 27.21
CA ALA C 370 28.76 71.25 28.00
C ALA C 370 30.06 71.16 27.19
N GLU C 371 30.05 70.51 26.04
CA GLU C 371 31.27 70.41 25.24
C GLU C 371 31.36 71.61 24.31
N GLY C 372 30.33 72.44 24.28
CA GLY C 372 30.32 73.65 23.46
C GLY C 372 29.48 73.61 22.19
N ALA C 373 28.70 72.56 22.02
CA ALA C 373 27.86 72.44 20.83
C ALA C 373 26.55 73.22 21.03
N THR C 374 25.81 73.40 19.94
CA THR C 374 24.54 74.15 19.95
C THR C 374 23.34 73.29 19.63
N ILE C 375 22.28 73.39 20.44
CA ILE C 375 21.03 72.68 20.19
C ILE C 375 20.28 73.66 19.29
N ALA C 376 20.44 73.50 17.98
CA ALA C 376 19.82 74.41 17.04
C ALA C 376 18.30 74.32 17.08
N VAL C 377 17.77 73.13 17.37
CA VAL C 377 16.32 72.94 17.47
C VAL C 377 16.02 71.62 18.19
N GLY C 378 14.91 71.57 18.92
CA GLY C 378 14.51 70.40 19.67
C GLY C 378 15.32 70.31 20.94
N GLY C 379 15.74 69.09 21.29
CA GLY C 379 16.54 68.83 22.48
C GLY C 379 15.74 68.83 23.78
N LYS C 380 14.43 68.63 23.65
CA LYS C 380 13.49 68.73 24.77
C LYS C 380 12.29 67.84 24.56
N ARG C 381 11.53 67.56 25.62
CA ARG C 381 10.28 66.80 25.49
C ARG C 381 9.29 67.77 24.90
N PRO C 382 8.36 67.30 24.07
CA PRO C 382 7.39 68.20 23.48
C PRO C 382 6.34 68.57 24.53
N ASP C 383 5.76 69.76 24.40
CA ASP C 383 4.73 70.26 25.34
C ASP C 383 3.32 69.82 25.04
N ARG C 384 2.98 69.77 23.77
CA ARG C 384 1.62 69.47 23.33
C ARG C 384 0.92 68.43 24.23
N ASP C 385 -0.35 68.73 24.55
CA ASP C 385 -1.24 67.90 25.41
C ASP C 385 -1.30 66.41 25.16
N ASP C 386 -1.66 66.05 23.94
CA ASP C 386 -1.77 64.66 23.55
C ASP C 386 -0.42 63.87 23.59
N LEU C 387 0.69 64.52 23.96
CA LEU C 387 2.02 63.88 24.04
C LEU C 387 2.60 63.82 25.46
N LYS C 388 1.95 64.48 26.41
CA LYS C 388 2.44 64.46 27.80
C LYS C 388 2.67 63.11 28.40
N ASP C 389 1.71 62.21 28.17
CA ASP C 389 1.76 60.88 28.76
C ASP C 389 2.76 59.95 28.11
N GLY C 390 3.10 60.22 26.85
CA GLY C 390 4.04 59.40 26.11
C GLY C 390 5.52 59.68 26.30
N LEU C 391 6.35 58.73 25.85
CA LEU C 391 7.77 58.86 25.94
C LEU C 391 8.31 59.56 24.73
N PHE C 392 7.83 60.78 24.47
CA PHE C 392 8.27 61.53 23.29
C PHE C 392 9.47 62.39 23.58
N PHE C 393 10.19 62.71 22.50
CA PHE C 393 11.35 63.57 22.56
C PHE C 393 11.41 64.27 21.21
N GLU C 394 11.61 65.58 21.20
CA GLU C 394 11.63 66.33 19.95
C GLU C 394 12.79 66.01 19.02
N PRO C 395 12.51 65.96 17.71
CA PRO C 395 13.58 65.72 16.77
C PRO C 395 14.57 66.83 16.97
N THR C 396 15.85 66.50 17.00
CA THR C 396 16.86 67.47 17.30
C THR C 396 17.99 67.61 16.30
N VAL C 397 18.53 68.82 16.22
CA VAL C 397 19.68 69.11 15.36
C VAL C 397 20.73 69.80 16.21
N ILE C 398 21.94 69.27 16.18
CA ILE C 398 23.04 69.82 16.93
C ILE C 398 24.07 70.39 15.98
N THR C 399 24.42 71.65 16.17
CA THR C 399 25.37 72.36 15.30
C THR C 399 26.61 72.84 16.05
N ASN C 400 27.57 73.39 15.30
CA ASN C 400 28.82 73.93 15.88
C ASN C 400 29.53 72.89 16.70
N CYS C 401 29.75 71.73 16.10
CA CYS C 401 30.41 70.64 16.79
C CYS C 401 31.56 70.08 15.98
N ASP C 402 32.37 69.24 16.61
CA ASP C 402 33.52 68.66 15.94
C ASP C 402 33.74 67.21 16.37
N THR C 403 34.59 66.53 15.62
CA THR C 403 34.89 65.10 15.86
C THR C 403 35.41 64.72 17.27
N SER C 404 35.98 65.68 18.00
CA SER C 404 36.53 65.39 19.33
C SER C 404 35.42 65.24 20.37
N MET C 405 34.23 65.71 20.05
CA MET C 405 33.14 65.67 21.00
C MET C 405 32.44 64.33 21.13
N ARG C 406 31.97 64.06 22.33
CA ARG C 406 31.24 62.83 22.62
C ARG C 406 29.90 62.76 21.86
N ILE C 407 29.23 63.90 21.72
CA ILE C 407 27.93 63.93 21.05
C ILE C 407 28.07 63.47 19.60
N VAL C 408 29.26 63.69 19.04
CA VAL C 408 29.58 63.28 17.67
C VAL C 408 30.09 61.84 17.60
N GLN C 409 30.95 61.43 18.54
CA GLN C 409 31.53 60.08 18.52
C GLN C 409 30.66 58.93 18.98
N GLU C 410 29.72 59.20 19.90
CA GLU C 410 28.92 58.15 20.50
C GLU C 410 27.53 57.98 19.93
N GLU C 411 27.04 56.74 19.99
CA GLU C 411 25.72 56.41 19.46
C GLU C 411 24.64 56.82 20.45
N VAL C 412 23.93 57.91 20.13
CA VAL C 412 22.86 58.42 20.99
C VAL C 412 21.61 57.56 20.82
N PHE C 413 21.38 57.14 19.59
CA PHE C 413 20.27 56.27 19.26
C PHE C 413 18.91 56.92 19.60
N GLY C 414 18.80 58.20 19.29
CA GLY C 414 17.57 58.97 19.50
C GLY C 414 17.35 59.87 18.31
N PRO C 415 16.29 60.68 18.35
CA PRO C 415 16.00 61.56 17.22
C PRO C 415 16.93 62.75 17.26
N VAL C 416 18.19 62.48 17.02
CA VAL C 416 19.20 63.50 17.07
C VAL C 416 20.21 63.34 15.96
N VAL C 417 20.61 64.45 15.36
CA VAL C 417 21.67 64.43 14.36
C VAL C 417 22.65 65.56 14.64
N THR C 418 23.90 65.37 14.24
CA THR C 418 24.93 66.39 14.36
C THR C 418 25.29 66.83 12.98
N VAL C 419 25.68 68.09 12.83
CA VAL C 419 26.06 68.61 11.52
C VAL C 419 27.48 69.15 11.58
N GLU C 420 28.35 68.58 10.75
CA GLU C 420 29.76 69.01 10.64
C GLU C 420 30.04 69.41 9.21
N GLY C 421 30.92 70.39 9.04
CA GLY C 421 31.27 70.86 7.72
C GLY C 421 32.59 70.24 7.30
N PHE C 422 32.83 70.24 5.99
CA PHE C 422 34.07 69.73 5.43
C PHE C 422 34.35 70.53 4.17
N GLU C 423 35.62 70.71 3.86
CA GLU C 423 35.99 71.47 2.69
C GLU C 423 36.16 70.56 1.48
N THR C 424 37.01 69.56 1.61
CA THR C 424 37.30 68.68 0.50
C THR C 424 36.79 67.25 0.68
N GLU C 425 36.83 66.55 -0.43
CA GLU C 425 36.47 65.15 -0.52
C GLU C 425 37.30 64.31 0.47
N GLN C 426 38.61 64.56 0.55
CA GLN C 426 39.50 63.83 1.47
C GLN C 426 39.11 64.06 2.91
N GLU C 427 38.76 65.29 3.23
CA GLU C 427 38.38 65.66 4.59
C GLU C 427 37.07 64.96 4.98
N ALA C 428 36.15 64.83 4.05
CA ALA C 428 34.85 64.17 4.32
C ALA C 428 35.08 62.69 4.66
N ILE C 429 36.00 62.09 3.94
CA ILE C 429 36.36 60.70 4.16
C ILE C 429 37.00 60.55 5.54
N GLN C 430 37.96 61.44 5.86
CA GLN C 430 38.63 61.39 7.18
C GLN C 430 37.64 61.50 8.30
N LEU C 431 36.77 62.49 8.23
CA LEU C 431 35.76 62.68 9.28
C LEU C 431 34.81 61.50 9.37
N ALA C 432 34.32 61.05 8.22
CA ALA C 432 33.39 59.92 8.21
C ALA C 432 33.99 58.66 8.89
N ASN C 433 35.29 58.42 8.65
CA ASN C 433 35.98 57.27 9.21
C ASN C 433 36.52 57.50 10.62
N ASP C 434 36.36 58.71 11.12
CA ASP C 434 36.89 59.06 12.43
C ASP C 434 35.89 58.70 13.52
N SER C 435 35.72 57.39 13.72
CA SER C 435 34.86 56.87 14.78
C SER C 435 35.29 55.45 14.99
N ILE C 436 34.88 54.86 16.09
CA ILE C 436 35.23 53.47 16.35
C ILE C 436 34.38 52.49 15.52
N TYR C 437 33.24 53.00 15.01
CA TYR C 437 32.26 52.21 14.23
C TYR C 437 32.46 52.15 12.73
N GLY C 438 31.61 51.36 12.07
CA GLY C 438 31.66 51.21 10.62
C GLY C 438 30.55 50.36 10.05
N LEU C 439 29.32 50.70 10.40
CA LEU C 439 28.17 49.89 9.97
C LEU C 439 27.65 50.28 8.59
N ALA C 440 27.27 51.55 8.45
CA ALA C 440 26.70 52.01 7.20
C ALA C 440 26.87 53.51 7.01
N GLY C 441 26.60 53.97 5.79
CA GLY C 441 26.71 55.39 5.50
C GLY C 441 26.26 55.74 4.09
N ALA C 442 26.20 57.03 3.81
CA ALA C 442 25.77 57.46 2.50
C ALA C 442 26.58 58.57 1.96
N VAL C 443 26.50 58.72 0.64
CA VAL C 443 27.18 59.80 -0.08
C VAL C 443 26.16 60.41 -1.04
N PHE C 444 25.97 61.72 -0.97
CA PHE C 444 25.08 62.41 -1.88
C PHE C 444 25.87 63.36 -2.79
N SER C 445 25.77 63.12 -4.10
CA SER C 445 26.41 63.93 -5.09
C SER C 445 25.90 63.53 -6.44
N LYS C 446 25.74 64.48 -7.35
CA LYS C 446 25.30 64.17 -8.71
C LYS C 446 26.49 63.65 -9.52
N ASP C 447 27.71 63.90 -9.03
CA ASP C 447 28.93 63.42 -9.65
C ASP C 447 29.10 62.00 -9.13
N ILE C 448 28.60 61.04 -9.89
CA ILE C 448 28.64 59.65 -9.48
C ILE C 448 30.08 59.10 -9.33
N GLY C 449 30.99 59.51 -10.21
CA GLY C 449 32.40 59.06 -10.14
C GLY C 449 33.02 59.44 -8.81
N LYS C 450 32.71 60.64 -8.33
CA LYS C 450 33.18 61.08 -7.04
C LYS C 450 32.54 60.25 -5.91
N ALA C 451 31.25 59.99 -6.01
CA ALA C 451 30.57 59.22 -4.98
C ALA C 451 31.19 57.81 -4.90
N GLN C 452 31.61 57.27 -6.03
CA GLN C 452 32.25 55.95 -6.05
C GLN C 452 33.61 56.01 -5.39
N ARG C 453 34.38 57.06 -5.67
CA ARG C 453 35.71 57.19 -5.03
C ARG C 453 35.58 57.22 -3.53
N VAL C 454 34.57 57.96 -3.07
CA VAL C 454 34.30 58.09 -1.63
C VAL C 454 33.82 56.77 -1.03
N ALA C 455 32.86 56.14 -1.69
CA ALA C 455 32.32 54.87 -1.23
C ALA C 455 33.43 53.86 -1.04
N ASN C 456 34.40 53.83 -1.94
CA ASN C 456 35.54 52.89 -1.86
C ASN C 456 36.45 53.11 -0.67
N LYS C 457 36.57 54.35 -0.24
CA LYS C 457 37.41 54.68 0.90
C LYS C 457 36.71 54.66 2.27
N LEU C 458 35.38 54.55 2.30
CA LEU C 458 34.67 54.49 3.57
C LEU C 458 34.74 53.11 4.15
N LYS C 459 35.09 53.02 5.41
CA LYS C 459 35.17 51.73 6.10
C LYS C 459 33.78 51.44 6.70
N LEU C 460 32.88 51.02 5.83
CA LEU C 460 31.52 50.73 6.22
C LEU C 460 31.04 49.47 5.55
N GLY C 461 30.26 48.70 6.27
CA GLY C 461 29.67 47.45 5.74
C GLY C 461 28.70 47.67 4.60
N THR C 462 28.00 48.79 4.66
CA THR C 462 27.09 49.16 3.60
C THR C 462 27.26 50.63 3.29
N VAL C 463 27.31 50.98 2.01
CA VAL C 463 27.43 52.38 1.58
C VAL C 463 26.35 52.67 0.57
N TRP C 464 25.59 53.73 0.79
CA TRP C 464 24.56 54.10 -0.14
C TRP C 464 25.01 55.31 -0.91
N ILE C 465 24.85 55.26 -2.22
CA ILE C 465 25.14 56.41 -3.07
C ILE C 465 23.80 57.02 -3.48
N ASN C 466 23.54 58.22 -3.02
CA ASN C 466 22.31 58.91 -3.29
C ASN C 466 21.05 58.17 -2.78
N ASP C 467 21.16 57.63 -1.57
CA ASP C 467 20.05 57.00 -0.92
C ASP C 467 20.43 56.86 0.56
N PHE C 468 19.47 56.42 1.38
CA PHE C 468 19.75 56.22 2.80
C PHE C 468 18.74 55.24 3.41
N HIS C 469 19.29 54.23 4.12
CA HIS C 469 18.56 53.14 4.82
C HIS C 469 18.41 51.74 4.17
N PRO C 470 18.35 51.65 2.84
CA PRO C 470 18.05 50.33 2.30
C PRO C 470 18.99 49.14 2.55
N TYR C 471 18.36 48.03 2.92
CA TYR C 471 19.01 46.75 3.15
C TYR C 471 18.02 45.74 2.62
N PHE C 472 18.51 44.57 2.28
CA PHE C 472 17.65 43.53 1.76
C PHE C 472 18.32 42.18 1.84
N ALA C 473 17.50 41.15 1.90
CA ALA C 473 17.98 39.79 2.06
C ALA C 473 19.04 39.35 1.08
N GLN C 474 19.01 39.88 -0.12
CA GLN C 474 19.95 39.47 -1.12
C GLN C 474 21.41 39.84 -0.84
N ALA C 475 21.63 40.86 -0.02
CA ALA C 475 22.96 41.33 0.26
C ALA C 475 23.33 41.32 1.74
N PRO C 476 24.61 41.02 2.06
CA PRO C 476 25.10 41.00 3.43
C PRO C 476 25.15 42.37 4.12
N TRP C 477 24.83 42.36 5.39
CA TRP C 477 24.77 43.53 6.25
C TRP C 477 25.55 43.26 7.51
N GLY C 478 26.39 44.20 7.91
CA GLY C 478 27.22 44.03 9.08
C GLY C 478 28.26 45.09 9.14
N GLY C 479 29.11 45.01 10.14
CA GLY C 479 30.09 46.06 10.30
C GLY C 479 31.54 45.84 10.00
N TYR C 480 32.20 46.97 9.83
CA TYR C 480 33.64 47.06 9.71
C TYR C 480 33.96 47.50 11.13
N LYS C 481 35.21 47.39 11.53
CA LYS C 481 35.62 47.92 12.83
C LYS C 481 34.74 47.47 13.99
N GLN C 482 34.38 48.36 14.89
CA GLN C 482 33.62 47.97 16.04
C GLN C 482 32.10 47.85 15.90
N SER C 483 31.59 47.93 14.67
CA SER C 483 30.16 47.76 14.47
C SER C 483 29.79 46.28 14.41
N GLY C 484 30.77 45.39 14.47
CA GLY C 484 30.41 43.98 14.47
C GLY C 484 31.45 43.00 14.02
N ILE C 485 31.03 41.74 14.04
CA ILE C 485 31.79 40.60 13.59
C ILE C 485 30.83 39.70 12.84
N GLY C 486 31.14 39.42 11.60
CA GLY C 486 30.32 38.59 10.76
C GLY C 486 29.29 39.41 10.00
N ARG C 487 28.38 38.71 9.37
CA ARG C 487 27.36 39.31 8.56
C ARG C 487 26.04 38.62 8.70
N GLU C 488 24.99 39.37 8.44
CA GLU C 488 23.64 38.83 8.42
C GLU C 488 23.11 39.17 7.04
N LEU C 489 22.16 38.36 6.58
CA LEU C 489 21.55 38.50 5.25
C LEU C 489 22.56 38.05 4.18
N GLY C 490 22.04 37.77 2.99
CA GLY C 490 22.87 37.31 1.88
C GLY C 490 23.44 35.94 2.15
N LYS C 491 24.22 35.42 1.21
CA LYS C 491 24.87 34.11 1.36
C LYS C 491 25.79 34.10 2.57
N GLU C 492 26.43 35.24 2.87
CA GLU C 492 27.35 35.31 4.01
C GLU C 492 26.57 35.14 5.31
N GLY C 493 25.34 35.63 5.33
CA GLY C 493 24.46 35.47 6.49
C GLY C 493 24.18 34.00 6.76
N LEU C 494 24.05 33.22 5.70
CA LEU C 494 23.81 31.82 5.83
C LEU C 494 25.06 31.14 6.32
N GLU C 495 26.23 31.55 5.81
CA GLU C 495 27.53 30.94 6.20
C GLU C 495 27.87 31.04 7.67
N GLU C 496 27.24 31.94 8.41
CA GLU C 496 27.49 32.01 9.85
C GLU C 496 26.97 30.74 10.52
N TYR C 497 26.00 30.09 9.88
CA TYR C 497 25.29 28.90 10.39
C TYR C 497 25.80 27.59 9.85
N LEU C 498 26.88 27.64 9.08
CA LEU C 498 27.47 26.46 8.50
C LEU C 498 28.89 26.30 8.92
N VAL C 499 29.37 25.07 8.89
CA VAL C 499 30.72 24.76 9.24
C VAL C 499 31.23 23.78 8.19
N SER C 500 32.47 23.96 7.75
CA SER C 500 33.06 23.10 6.73
C SER C 500 33.79 21.90 7.27
N LYS C 501 33.62 20.77 6.59
CA LYS C 501 34.27 19.51 6.93
C LYS C 501 34.94 18.98 5.70
N HIS C 502 36.24 18.71 5.80
CA HIS C 502 37.00 18.20 4.69
C HIS C 502 37.10 16.70 4.84
N ILE C 503 36.43 15.95 3.98
CA ILE C 503 36.51 14.51 4.03
C ILE C 503 37.47 14.07 2.94
N LEU C 504 38.59 13.49 3.33
CA LEU C 504 39.57 13.02 2.37
C LEU C 504 39.61 11.52 2.38
N THR C 505 39.38 10.91 1.24
CA THR C 505 39.38 9.46 1.13
C THR C 505 40.58 9.00 0.33
N ASN C 506 41.40 8.12 0.88
CA ASN C 506 42.52 7.55 0.14
C ASN C 506 42.00 6.28 -0.53
N THR C 507 41.88 6.31 -1.86
CA THR C 507 41.32 5.19 -2.64
C THR C 507 42.29 4.07 -2.94
N ASN C 508 43.56 4.26 -2.61
CA ASN C 508 44.58 3.23 -2.80
C ASN C 508 45.57 3.32 -1.65
N PRO C 509 45.08 3.02 -0.43
CA PRO C 509 45.91 3.11 0.77
C PRO C 509 47.12 2.19 0.74
N GLN C 510 48.27 2.75 1.08
CA GLN C 510 49.54 2.04 1.10
C GLN C 510 50.25 2.34 2.40
N LEU C 511 50.95 1.35 2.92
CA LEU C 511 51.73 1.55 4.12
C LEU C 511 52.83 2.57 3.82
N VAL C 512 53.13 3.42 4.79
CA VAL C 512 54.18 4.42 4.64
C VAL C 512 55.51 3.84 5.07
N ASN C 513 55.48 2.94 6.04
CA ASN C 513 56.69 2.28 6.56
C ASN C 513 57.76 3.23 7.00
N TRP C 514 57.36 4.24 7.75
CA TRP C 514 58.29 5.21 8.28
C TRP C 514 59.00 4.58 9.46
N PHE C 515 58.24 3.82 10.26
CA PHE C 515 58.75 3.16 11.46
C PHE C 515 59.12 1.69 11.21
N SER C 516 60.26 1.29 11.74
CA SER C 516 60.79 -0.10 11.62
C SER C 516 59.80 -1.23 11.86
N LYS C 517 60.10 -2.41 11.26
CA LYS C 517 59.28 -3.63 11.37
C LYS C 517 59.81 -4.47 12.56
N MET D 22 -61.66 -20.17 -28.43
CA MET D 22 -61.56 -19.77 -29.86
C MET D 22 -60.88 -18.41 -30.15
N GLU D 23 -61.20 -17.32 -29.42
CA GLU D 23 -60.47 -16.02 -29.60
C GLU D 23 -59.04 -16.11 -29.06
N LEU D 24 -58.89 -16.90 -28.02
CA LEU D 24 -57.62 -17.14 -27.38
C LEU D 24 -56.56 -17.63 -28.34
N LEU D 25 -57.00 -18.43 -29.31
CA LEU D 25 -56.10 -19.04 -30.26
C LEU D 25 -55.66 -18.15 -31.39
N LYS D 26 -56.24 -16.96 -31.51
CA LYS D 26 -55.91 -16.08 -32.62
C LYS D 26 -54.45 -15.65 -32.66
N HIS D 27 -53.85 -15.48 -31.48
CA HIS D 27 -52.46 -15.06 -31.41
C HIS D 27 -51.53 -16.14 -30.89
N LEU D 28 -52.06 -17.30 -30.57
CA LEU D 28 -51.22 -18.39 -30.03
C LEU D 28 -50.32 -18.94 -31.10
N SER D 29 -49.06 -19.14 -30.75
CA SER D 29 -48.08 -19.66 -31.69
C SER D 29 -48.47 -21.11 -32.07
N GLN D 30 -48.09 -21.50 -33.28
CA GLN D 30 -48.40 -22.82 -33.83
C GLN D 30 -47.15 -23.64 -34.02
N ARG D 31 -46.02 -23.16 -33.49
CA ARG D 31 -44.76 -23.79 -33.74
C ARG D 31 -43.97 -24.22 -32.55
N GLN D 32 -42.89 -24.91 -32.86
CA GLN D 32 -41.96 -25.40 -31.85
C GLN D 32 -41.04 -24.27 -31.48
N TYR D 33 -40.37 -24.41 -30.34
CA TYR D 33 -39.44 -23.39 -29.90
C TYR D 33 -38.13 -24.07 -29.70
N ILE D 34 -37.21 -23.81 -30.61
CA ILE D 34 -35.88 -24.42 -30.55
C ILE D 34 -34.77 -23.42 -30.68
N ASP D 35 -33.83 -23.48 -29.75
CA ASP D 35 -32.65 -22.63 -29.76
C ASP D 35 -33.00 -21.13 -29.96
N GLY D 36 -33.95 -20.67 -29.15
CA GLY D 36 -34.40 -19.27 -29.17
C GLY D 36 -35.27 -18.81 -30.32
N GLU D 37 -35.77 -19.75 -31.13
CA GLU D 37 -36.58 -19.41 -32.30
C GLU D 37 -37.82 -20.27 -32.44
N TRP D 38 -38.91 -19.63 -32.83
CA TRP D 38 -40.11 -20.34 -33.09
C TRP D 38 -39.93 -20.87 -34.51
N VAL D 39 -39.97 -22.20 -34.66
CA VAL D 39 -39.79 -22.83 -35.95
C VAL D 39 -40.79 -23.94 -36.20
N GLU D 40 -40.99 -24.20 -37.48
CA GLU D 40 -41.89 -25.24 -37.92
C GLU D 40 -41.17 -26.57 -37.81
N SER D 41 -41.89 -27.63 -38.12
CA SER D 41 -41.30 -28.95 -38.14
C SER D 41 -40.28 -28.95 -39.28
N ALA D 42 -39.25 -29.78 -39.16
CA ALA D 42 -38.23 -29.86 -40.23
C ALA D 42 -38.82 -30.27 -41.58
N ASN D 43 -39.91 -31.06 -41.55
CA ASN D 43 -40.59 -31.50 -42.79
C ASN D 43 -41.92 -30.78 -43.00
N LYS D 44 -42.11 -29.66 -42.29
CA LYS D 44 -43.35 -28.85 -42.37
C LYS D 44 -44.66 -29.62 -42.04
N ASN D 45 -44.54 -30.80 -41.47
CA ASN D 45 -45.70 -31.58 -41.14
C ASN D 45 -46.50 -30.90 -40.03
N THR D 46 -47.82 -31.14 -39.97
CA THR D 46 -48.70 -30.54 -38.95
C THR D 46 -49.68 -31.52 -38.36
N ARG D 47 -50.36 -31.07 -37.31
CA ARG D 47 -51.31 -31.87 -36.60
C ARG D 47 -52.50 -31.03 -36.18
N ASP D 48 -53.68 -31.63 -36.24
CA ASP D 48 -54.90 -30.97 -35.85
C ASP D 48 -55.24 -31.29 -34.40
N ILE D 49 -55.54 -30.25 -33.63
CA ILE D 49 -55.89 -30.41 -32.25
C ILE D 49 -57.37 -30.40 -32.14
N ILE D 50 -57.89 -31.30 -31.32
CA ILE D 50 -59.33 -31.49 -31.16
C ILE D 50 -59.87 -31.14 -29.80
N ASN D 51 -61.05 -30.53 -29.77
CA ASN D 51 -61.74 -30.22 -28.54
C ASN D 51 -62.61 -31.43 -28.22
N PRO D 52 -62.36 -32.12 -27.10
CA PRO D 52 -63.15 -33.31 -26.77
C PRO D 52 -64.66 -33.04 -26.51
N TYR D 53 -65.05 -31.80 -26.22
CA TYR D 53 -66.44 -31.52 -25.99
C TYR D 53 -67.29 -31.79 -27.22
N ASN D 54 -66.77 -31.42 -28.40
CA ASN D 54 -67.52 -31.56 -29.67
C ASN D 54 -66.78 -32.24 -30.80
N GLN D 55 -65.53 -32.61 -30.55
CA GLN D 55 -64.68 -33.25 -31.56
C GLN D 55 -64.36 -32.39 -32.79
N GLU D 56 -64.46 -31.08 -32.65
CA GLU D 56 -64.16 -30.18 -33.74
C GLU D 56 -62.66 -29.89 -33.70
N VAL D 57 -62.08 -29.66 -34.86
CA VAL D 57 -60.69 -29.30 -34.94
C VAL D 57 -60.70 -27.83 -34.52
N ILE D 58 -59.82 -27.47 -33.58
CA ILE D 58 -59.74 -26.09 -33.08
C ILE D 58 -58.41 -25.38 -33.33
N PHE D 59 -57.38 -26.12 -33.71
CA PHE D 59 -56.08 -25.50 -33.91
C PHE D 59 -55.16 -26.46 -34.62
N THR D 60 -54.19 -25.92 -35.34
CA THR D 60 -53.24 -26.72 -36.06
C THR D 60 -51.83 -26.30 -35.67
N VAL D 61 -51.02 -27.27 -35.26
CA VAL D 61 -49.64 -27.01 -34.83
C VAL D 61 -48.62 -27.86 -35.56
N SER D 62 -47.35 -27.49 -35.45
CA SER D 62 -46.30 -28.24 -36.06
C SER D 62 -46.16 -29.63 -35.46
N GLU D 63 -45.79 -30.59 -36.29
CA GLU D 63 -45.57 -31.98 -35.88
C GLU D 63 -44.08 -32.27 -36.17
N GLY D 64 -43.25 -32.00 -35.16
CA GLY D 64 -41.80 -32.17 -35.24
C GLY D 64 -41.27 -33.52 -35.59
N THR D 65 -40.03 -33.53 -36.08
CA THR D 65 -39.34 -34.75 -36.49
C THR D 65 -38.28 -35.09 -35.44
N LYS D 66 -37.76 -36.31 -35.52
CA LYS D 66 -36.76 -36.72 -34.58
C LYS D 66 -35.52 -35.86 -34.70
N GLU D 67 -35.24 -35.34 -35.90
CA GLU D 67 -34.09 -34.46 -36.10
C GLU D 67 -34.29 -33.12 -35.35
N ASP D 68 -35.50 -32.61 -35.33
CA ASP D 68 -35.81 -31.42 -34.55
C ASP D 68 -35.48 -31.68 -33.07
N ALA D 69 -35.91 -32.83 -32.54
CA ALA D 69 -35.63 -33.16 -31.15
C ALA D 69 -34.12 -33.22 -30.89
N GLU D 70 -33.36 -33.80 -31.81
N GLU D 70 -33.36 -33.80 -31.81
CA GLU D 70 -31.90 -33.87 -31.66
CA GLU D 70 -31.90 -33.86 -31.64
C GLU D 70 -31.32 -32.48 -31.64
C GLU D 70 -31.31 -32.47 -31.63
N ARG D 71 -31.77 -31.64 -32.55
CA ARG D 71 -31.25 -30.27 -32.67
C ARG D 71 -31.50 -29.48 -31.39
N ALA D 72 -32.65 -29.74 -30.75
CA ALA D 72 -33.01 -29.07 -29.52
C ALA D 72 -32.08 -29.53 -28.42
N ILE D 73 -31.87 -30.83 -28.35
CA ILE D 73 -30.99 -31.42 -27.35
C ILE D 73 -29.59 -30.86 -27.49
N LEU D 74 -29.07 -30.83 -28.71
CA LEU D 74 -27.72 -30.29 -28.92
C LEU D 74 -27.66 -28.81 -28.55
N ALA D 75 -28.75 -28.08 -28.77
CA ALA D 75 -28.80 -26.64 -28.40
C ALA D 75 -28.80 -26.47 -26.88
N ALA D 76 -29.55 -27.34 -26.19
CA ALA D 76 -29.57 -27.35 -24.73
C ALA D 76 -28.18 -27.66 -24.18
N ARG D 77 -27.49 -28.62 -24.79
CA ARG D 77 -26.14 -28.97 -24.39
C ARG D 77 -25.19 -27.76 -24.59
N ARG D 78 -25.22 -27.17 -25.77
CA ARG D 78 -24.36 -26.03 -26.06
C ARG D 78 -24.62 -24.92 -25.05
N ALA D 79 -25.89 -24.64 -24.79
CA ALA D 79 -26.27 -23.58 -23.85
C ALA D 79 -25.79 -23.89 -22.45
N PHE D 80 -25.98 -25.14 -22.02
CA PHE D 80 -25.53 -25.53 -20.70
C PHE D 80 -24.01 -25.34 -20.54
N GLU D 81 -23.25 -25.79 -21.52
CA GLU D 81 -21.79 -25.64 -21.47
C GLU D 81 -21.33 -24.17 -21.54
N SER D 82 -22.06 -23.30 -22.24
CA SER D 82 -21.65 -21.89 -22.33
C SER D 82 -21.69 -21.28 -20.94
N GLY D 83 -22.57 -21.81 -20.10
CA GLY D 83 -22.72 -21.35 -18.71
C GLY D 83 -23.57 -20.11 -18.48
N GLU D 84 -24.19 -19.58 -19.54
CA GLU D 84 -25.00 -18.37 -19.37
C GLU D 84 -26.13 -18.55 -18.35
N TRP D 85 -26.67 -19.76 -18.25
CA TRP D 85 -27.71 -20.04 -17.26
C TRP D 85 -27.17 -20.89 -16.11
N SER D 86 -26.39 -21.92 -16.42
CA SER D 86 -25.83 -22.77 -15.38
C SER D 86 -24.88 -22.04 -14.42
N GLN D 87 -24.22 -20.97 -14.87
CA GLN D 87 -23.28 -20.21 -14.01
C GLN D 87 -23.90 -18.92 -13.52
N GLU D 88 -25.17 -18.69 -13.85
CA GLU D 88 -25.85 -17.52 -13.34
C GLU D 88 -26.03 -17.76 -11.82
N THR D 89 -26.03 -16.71 -11.01
CA THR D 89 -26.20 -16.90 -9.57
C THR D 89 -27.57 -17.53 -9.28
N ALA D 90 -27.61 -18.40 -8.29
CA ALA D 90 -28.84 -19.05 -7.89
C ALA D 90 -29.91 -18.00 -7.56
N GLU D 91 -29.51 -16.92 -6.91
CA GLU D 91 -30.47 -15.87 -6.55
C GLU D 91 -31.15 -15.29 -7.78
N THR D 92 -30.36 -15.06 -8.83
CA THR D 92 -30.89 -14.47 -10.04
C THR D 92 -31.76 -15.48 -10.74
N ARG D 93 -31.34 -16.73 -10.75
CA ARG D 93 -32.15 -17.74 -11.35
C ARG D 93 -33.50 -17.76 -10.65
N GLY D 94 -33.48 -17.61 -9.33
CA GLY D 94 -34.70 -17.62 -8.56
C GLY D 94 -35.60 -16.49 -8.97
N LYS D 95 -35.04 -15.31 -9.21
CA LYS D 95 -35.88 -14.15 -9.63
C LYS D 95 -36.58 -14.40 -10.99
N LYS D 96 -35.89 -15.07 -11.89
CA LYS D 96 -36.46 -15.39 -13.20
C LYS D 96 -37.62 -16.36 -13.06
N VAL D 97 -37.42 -17.40 -12.27
CA VAL D 97 -38.48 -18.36 -12.04
C VAL D 97 -39.68 -17.66 -11.37
N ARG D 98 -39.41 -16.67 -10.54
CA ARG D 98 -40.48 -15.91 -9.88
C ARG D 98 -41.19 -15.11 -10.96
N ALA D 99 -40.45 -14.57 -11.93
CA ALA D 99 -41.05 -13.80 -13.00
C ALA D 99 -42.00 -14.66 -13.82
N ILE D 100 -41.62 -15.93 -14.05
CA ILE D 100 -42.50 -16.85 -14.74
C ILE D 100 -43.76 -17.06 -13.93
N ALA D 101 -43.61 -17.20 -12.62
CA ALA D 101 -44.73 -17.40 -11.77
C ALA D 101 -45.69 -16.22 -11.92
N ASP D 102 -45.16 -15.01 -11.93
CA ASP D 102 -46.01 -13.83 -12.07
C ASP D 102 -46.76 -13.79 -13.40
N LYS D 103 -46.15 -14.34 -14.43
CA LYS D 103 -46.79 -14.40 -15.74
C LYS D 103 -47.98 -15.32 -15.68
N ILE D 104 -47.83 -16.44 -15.00
CA ILE D 104 -48.92 -17.38 -14.88
C ILE D 104 -50.13 -16.70 -14.25
N LYS D 105 -49.89 -15.96 -13.17
CA LYS D 105 -50.96 -15.27 -12.47
C LYS D 105 -51.57 -14.17 -13.35
N GLU D 106 -50.73 -13.44 -14.06
CA GLU D 106 -51.20 -12.37 -14.91
C GLU D 106 -52.13 -12.91 -16.04
N HIS D 107 -51.78 -14.05 -16.63
CA HIS D 107 -52.56 -14.64 -17.72
C HIS D 107 -53.44 -15.81 -17.27
N ARG D 108 -53.70 -15.85 -15.99
CA ARG D 108 -54.48 -16.89 -15.35
C ARG D 108 -55.80 -17.23 -16.07
N GLU D 109 -56.59 -16.21 -16.35
CA GLU D 109 -57.89 -16.40 -17.06
C GLU D 109 -57.72 -17.10 -18.39
N ALA D 110 -56.87 -16.52 -19.23
CA ALA D 110 -56.61 -17.06 -20.56
C ALA D 110 -56.03 -18.49 -20.52
N LEU D 111 -55.08 -18.73 -19.62
CA LEU D 111 -54.50 -20.05 -19.49
C LEU D 111 -55.54 -21.10 -19.09
N ALA D 112 -56.39 -20.74 -18.14
CA ALA D 112 -57.45 -21.67 -17.65
C ALA D 112 -58.42 -22.04 -18.76
N ARG D 113 -58.78 -21.08 -19.58
CA ARG D 113 -59.70 -21.34 -20.66
C ARG D 113 -59.04 -22.20 -21.72
N LEU D 114 -57.76 -21.97 -21.92
CA LEU D 114 -56.99 -22.70 -22.92
C LEU D 114 -56.87 -24.17 -22.50
N GLU D 115 -56.68 -24.40 -21.20
CA GLU D 115 -56.58 -25.76 -20.68
C GLU D 115 -57.95 -26.47 -20.73
N THR D 116 -59.04 -25.75 -20.44
CA THR D 116 -60.36 -26.35 -20.49
C THR D 116 -60.73 -26.69 -21.93
N LEU D 117 -60.29 -25.85 -22.85
CA LEU D 117 -60.55 -26.07 -24.25
C LEU D 117 -59.83 -27.31 -24.76
N ASP D 118 -58.60 -27.47 -24.32
CA ASP D 118 -57.74 -28.54 -24.78
C ASP D 118 -58.03 -29.86 -24.09
N THR D 119 -58.30 -29.82 -22.78
CA THR D 119 -58.50 -31.06 -21.99
C THR D 119 -59.94 -31.41 -21.69
N GLY D 120 -60.82 -30.42 -21.82
CA GLY D 120 -62.22 -30.61 -21.57
C GLY D 120 -62.71 -30.52 -20.14
N LYS D 121 -61.79 -30.37 -19.17
CA LYS D 121 -62.23 -30.30 -17.76
C LYS D 121 -62.88 -28.96 -17.45
N THR D 122 -63.64 -28.90 -16.36
CA THR D 122 -64.32 -27.67 -16.01
C THR D 122 -63.37 -26.51 -15.86
N LEU D 123 -63.91 -25.32 -16.09
CA LEU D 123 -63.16 -24.11 -15.98
C LEU D 123 -62.68 -23.90 -14.54
N GLU D 124 -63.51 -24.20 -13.54
CA GLU D 124 -63.09 -24.04 -12.14
C GLU D 124 -61.88 -24.92 -11.83
N GLU D 125 -61.86 -26.15 -12.34
CA GLU D 125 -60.73 -27.05 -12.12
C GLU D 125 -59.47 -26.44 -12.75
N SER D 126 -59.64 -25.83 -13.93
CA SER D 126 -58.52 -25.18 -14.61
C SER D 126 -58.03 -23.96 -13.86
N TYR D 127 -58.94 -23.19 -13.25
CA TYR D 127 -58.50 -22.05 -12.45
C TYR D 127 -57.65 -22.53 -11.28
N ALA D 128 -58.09 -23.60 -10.62
CA ALA D 128 -57.33 -24.14 -9.50
C ALA D 128 -55.92 -24.58 -9.97
N ASP D 129 -55.82 -25.18 -11.14
CA ASP D 129 -54.53 -25.58 -11.67
C ASP D 129 -53.61 -24.38 -11.74
N MET D 130 -54.12 -23.30 -12.31
CA MET D 130 -53.33 -22.08 -12.49
C MET D 130 -52.86 -21.52 -11.18
N ASP D 131 -53.66 -21.65 -10.15
CA ASP D 131 -53.23 -21.20 -8.83
C ASP D 131 -52.08 -22.09 -8.35
N ASP D 132 -52.19 -23.41 -8.55
CA ASP D 132 -51.15 -24.36 -8.14
C ASP D 132 -49.89 -24.07 -8.88
N ILE D 133 -50.03 -23.89 -10.19
CA ILE D 133 -48.90 -23.64 -11.04
C ILE D 133 -48.14 -22.40 -10.62
N HIS D 134 -48.88 -21.35 -10.31
CA HIS D 134 -48.27 -20.14 -9.86
C HIS D 134 -47.42 -20.47 -8.65
N ASN D 135 -48.02 -21.21 -7.72
CA ASN D 135 -47.35 -21.58 -6.48
C ASN D 135 -46.19 -22.51 -6.64
N VAL D 136 -46.24 -23.35 -7.67
CA VAL D 136 -45.17 -24.29 -7.94
C VAL D 136 -43.94 -23.51 -8.37
N PHE D 137 -44.12 -22.59 -9.31
CA PHE D 137 -43.01 -21.78 -9.73
C PHE D 137 -42.48 -20.94 -8.58
N MET D 138 -43.38 -20.37 -7.81
CA MET D 138 -42.98 -19.49 -6.73
C MET D 138 -42.16 -20.30 -5.71
N TYR D 139 -42.63 -21.50 -5.39
CA TYR D 139 -41.94 -22.35 -4.39
C TYR D 139 -40.48 -22.63 -4.82
N PHE D 140 -40.31 -23.07 -6.06
CA PHE D 140 -38.99 -23.35 -6.57
C PHE D 140 -38.15 -22.10 -6.77
N ALA D 141 -38.78 -20.98 -7.07
CA ALA D 141 -38.05 -19.73 -7.18
C ALA D 141 -37.40 -19.45 -5.83
N GLY D 142 -38.15 -19.68 -4.75
CA GLY D 142 -37.65 -19.45 -3.41
C GLY D 142 -36.64 -20.47 -2.92
N LEU D 143 -36.62 -21.64 -3.54
CA LEU D 143 -35.73 -22.68 -3.11
C LEU D 143 -34.38 -22.64 -3.79
N ALA D 144 -34.32 -21.94 -4.90
CA ALA D 144 -33.12 -21.90 -5.74
C ALA D 144 -31.80 -21.64 -5.08
N ASP D 145 -31.76 -20.69 -4.16
CA ASP D 145 -30.47 -20.30 -3.53
C ASP D 145 -30.32 -20.72 -2.10
N LYS D 146 -30.99 -21.79 -1.71
CA LYS D 146 -30.97 -22.20 -0.30
C LYS D 146 -30.01 -23.29 0.10
N ASP D 147 -29.53 -24.09 -0.84
CA ASP D 147 -28.62 -25.18 -0.49
C ASP D 147 -27.68 -25.49 -1.61
N GLY D 148 -26.42 -25.06 -1.48
CA GLY D 148 -25.43 -25.32 -2.48
C GLY D 148 -24.51 -26.51 -2.23
N GLY D 149 -24.71 -27.21 -1.11
CA GLY D 149 -23.90 -28.39 -0.77
C GLY D 149 -23.50 -28.41 0.67
N GLU D 150 -22.45 -29.16 1.01
CA GLU D 150 -22.01 -29.28 2.41
C GLU D 150 -20.54 -29.22 2.60
N MET D 151 -20.15 -28.97 3.83
CA MET D 151 -18.79 -29.07 4.23
C MET D 151 -18.79 -30.37 5.01
N ILE D 152 -17.82 -31.22 4.73
CA ILE D 152 -17.70 -32.48 5.45
C ILE D 152 -16.50 -32.45 6.40
N ASP D 153 -16.67 -33.04 7.57
CA ASP D 153 -15.57 -33.15 8.53
C ASP D 153 -14.82 -34.37 8.04
N SER D 154 -13.69 -34.11 7.42
CA SER D 154 -12.87 -35.18 6.83
C SER D 154 -12.20 -36.04 7.86
N PRO D 155 -12.23 -37.38 7.68
CA PRO D 155 -11.55 -38.32 8.56
C PRO D 155 -10.02 -38.37 8.27
N ILE D 156 -9.58 -37.64 7.25
CA ILE D 156 -8.18 -37.60 6.91
C ILE D 156 -7.63 -36.27 7.38
N PRO D 157 -6.66 -36.30 8.28
CA PRO D 157 -6.07 -35.02 8.74
C PRO D 157 -5.42 -34.27 7.59
N ASP D 158 -5.45 -32.94 7.67
CA ASP D 158 -4.86 -32.07 6.65
C ASP D 158 -5.53 -32.17 5.31
N THR D 159 -6.85 -32.27 5.30
CA THR D 159 -7.62 -32.31 4.06
C THR D 159 -8.88 -31.51 4.26
N GLU D 160 -9.39 -30.93 3.18
CA GLU D 160 -10.66 -30.18 3.19
C GLU D 160 -11.59 -30.99 2.30
N SER D 161 -12.79 -31.20 2.77
CA SER D 161 -13.77 -31.99 2.04
C SER D 161 -15.07 -31.25 1.90
N LYS D 162 -15.55 -31.10 0.69
CA LYS D 162 -16.80 -30.43 0.47
C LYS D 162 -17.56 -31.08 -0.65
N ILE D 163 -18.86 -30.94 -0.58
CA ILE D 163 -19.75 -31.50 -1.58
C ILE D 163 -20.42 -30.32 -2.24
N VAL D 164 -20.24 -30.15 -3.54
CA VAL D 164 -20.89 -29.08 -4.25
C VAL D 164 -22.04 -29.70 -5.05
N LYS D 165 -23.21 -29.06 -5.07
CA LYS D 165 -24.33 -29.58 -5.84
C LYS D 165 -24.45 -28.79 -7.09
N GLU D 166 -24.44 -29.45 -8.22
CA GLU D 166 -24.45 -28.76 -9.52
C GLU D 166 -25.68 -29.15 -10.29
N PRO D 167 -26.09 -28.33 -11.25
CA PRO D 167 -27.20 -28.73 -12.09
C PRO D 167 -26.74 -29.95 -12.87
N VAL D 168 -27.62 -30.89 -13.05
CA VAL D 168 -27.31 -32.16 -13.68
C VAL D 168 -26.89 -31.99 -15.14
N GLY D 169 -27.46 -30.99 -15.82
CA GLY D 169 -27.11 -30.70 -17.22
C GLY D 169 -28.31 -30.55 -18.15
N VAL D 170 -28.39 -31.39 -19.16
CA VAL D 170 -29.47 -31.34 -20.12
C VAL D 170 -30.57 -32.26 -19.65
N VAL D 171 -31.79 -31.75 -19.67
CA VAL D 171 -32.92 -32.52 -19.21
C VAL D 171 -34.06 -32.59 -20.21
N THR D 172 -34.57 -33.80 -20.46
CA THR D 172 -35.73 -33.96 -21.33
C THR D 172 -36.96 -34.19 -20.43
N GLN D 173 -38.04 -33.51 -20.79
CA GLN D 173 -39.24 -33.51 -20.02
C GLN D 173 -40.41 -33.87 -20.88
N ILE D 174 -41.12 -34.92 -20.49
CA ILE D 174 -42.23 -35.44 -21.24
C ILE D 174 -43.46 -35.53 -20.35
N THR D 175 -44.56 -34.94 -20.84
CA THR D 175 -45.77 -34.83 -20.06
C THR D 175 -47.03 -35.46 -20.68
N PRO D 176 -48.03 -35.72 -19.85
CA PRO D 176 -49.29 -36.30 -20.31
C PRO D 176 -50.34 -35.28 -20.67
N TRP D 177 -51.44 -35.75 -21.23
CA TRP D 177 -52.54 -34.91 -21.68
C TRP D 177 -53.56 -34.52 -20.62
N ASN D 178 -53.56 -35.14 -19.44
CA ASN D 178 -54.62 -34.83 -18.44
C ASN D 178 -54.54 -33.44 -17.78
N TYR D 179 -53.33 -33.07 -17.31
CA TYR D 179 -53.07 -31.78 -16.68
C TYR D 179 -51.78 -31.30 -17.29
N PRO D 180 -51.85 -30.88 -18.54
CA PRO D 180 -50.65 -30.49 -19.29
C PRO D 180 -49.74 -29.46 -18.65
N LEU D 181 -50.25 -28.29 -18.33
CA LEU D 181 -49.39 -27.25 -17.78
C LEU D 181 -48.97 -27.56 -16.35
N LEU D 182 -49.85 -28.21 -15.59
CA LEU D 182 -49.52 -28.56 -14.21
C LEU D 182 -48.31 -29.48 -14.19
N GLN D 183 -48.39 -30.56 -14.96
CA GLN D 183 -47.27 -31.50 -14.99
C GLN D 183 -46.02 -30.87 -15.58
N ALA D 184 -46.21 -29.93 -16.49
CA ALA D 184 -45.06 -29.23 -17.09
C ALA D 184 -44.37 -28.34 -16.04
N SER D 185 -45.14 -27.66 -15.23
CA SER D 185 -44.60 -26.77 -14.20
C SER D 185 -43.76 -27.51 -13.21
N TRP D 186 -44.16 -28.72 -12.89
CA TRP D 186 -43.44 -29.57 -11.91
C TRP D 186 -42.02 -29.90 -12.35
N LYS D 187 -41.81 -29.85 -13.66
CA LYS D 187 -40.53 -30.17 -14.28
C LYS D 187 -39.72 -28.92 -14.62
N ILE D 188 -40.37 -27.95 -15.25
CA ILE D 188 -39.72 -26.72 -15.66
C ILE D 188 -39.16 -25.90 -14.51
N ALA D 189 -39.98 -25.72 -13.48
CA ALA D 189 -39.58 -24.91 -12.35
C ALA D 189 -38.24 -25.32 -11.70
N PRO D 190 -38.12 -26.58 -11.28
CA PRO D 190 -36.86 -26.97 -10.67
C PRO D 190 -35.70 -27.04 -11.66
N ALA D 191 -36.00 -27.28 -12.94
CA ALA D 191 -34.96 -27.36 -13.92
C ALA D 191 -34.30 -26.01 -14.09
N LEU D 192 -35.13 -24.99 -14.26
CA LEU D 192 -34.60 -23.67 -14.40
C LEU D 192 -33.97 -23.15 -13.12
N ALA D 193 -34.60 -23.43 -11.99
CA ALA D 193 -34.09 -22.96 -10.69
C ALA D 193 -32.67 -23.44 -10.42
N THR D 194 -32.38 -24.68 -10.82
CA THR D 194 -31.08 -25.29 -10.59
C THR D 194 -30.05 -24.89 -11.62
N GLY D 195 -30.48 -24.38 -12.77
CA GLY D 195 -29.55 -23.98 -13.83
C GLY D 195 -29.38 -24.96 -14.99
N CYS D 196 -30.31 -25.89 -15.13
CA CYS D 196 -30.26 -26.87 -16.19
C CYS D 196 -30.82 -26.26 -17.47
N SER D 197 -30.60 -26.96 -18.58
CA SER D 197 -31.17 -26.61 -19.86
C SER D 197 -32.26 -27.70 -20.06
N LEU D 198 -33.36 -27.36 -20.69
CA LEU D 198 -34.38 -28.35 -20.87
C LEU D 198 -34.95 -28.39 -22.27
N VAL D 199 -35.48 -29.57 -22.62
CA VAL D 199 -36.17 -29.81 -23.86
C VAL D 199 -37.49 -30.49 -23.44
N MET D 200 -38.61 -29.79 -23.65
CA MET D 200 -39.88 -30.32 -23.25
C MET D 200 -40.77 -30.71 -24.40
N LYS D 201 -41.48 -31.82 -24.24
CA LYS D 201 -42.42 -32.27 -25.23
C LYS D 201 -43.74 -32.63 -24.53
N PRO D 202 -44.80 -31.84 -24.78
CA PRO D 202 -46.10 -32.16 -24.19
C PRO D 202 -46.81 -33.25 -24.96
N SER D 203 -47.90 -33.76 -24.42
CA SER D 203 -48.67 -34.78 -25.11
C SER D 203 -49.08 -34.20 -26.45
N GLU D 204 -48.89 -34.99 -27.50
CA GLU D 204 -49.19 -34.53 -28.85
C GLU D 204 -50.62 -34.05 -29.01
N ILE D 205 -51.54 -34.63 -28.25
CA ILE D 205 -52.95 -34.24 -28.33
C ILE D 205 -53.33 -32.96 -27.57
N THR D 206 -52.49 -32.51 -26.62
CA THR D 206 -52.77 -31.30 -25.83
C THR D 206 -51.53 -30.38 -25.65
N PRO D 207 -51.21 -29.57 -26.66
CA PRO D 207 -50.04 -28.70 -26.57
C PRO D 207 -50.31 -27.24 -26.26
N LEU D 208 -51.58 -26.86 -26.19
CA LEU D 208 -51.94 -25.44 -26.07
C LEU D 208 -51.33 -24.64 -24.95
N THR D 209 -51.53 -25.08 -23.72
CA THR D 209 -50.99 -24.32 -22.62
C THR D 209 -49.47 -24.40 -22.55
N THR D 210 -48.90 -25.49 -23.04
CA THR D 210 -47.47 -25.63 -23.00
C THR D 210 -46.86 -24.64 -23.98
N ILE D 211 -47.50 -24.46 -25.11
CA ILE D 211 -47.02 -23.48 -26.07
C ILE D 211 -47.08 -22.10 -25.41
N ARG D 212 -48.22 -21.80 -24.82
CA ARG D 212 -48.42 -20.50 -24.20
C ARG D 212 -47.37 -20.22 -23.16
N VAL D 213 -47.09 -21.19 -22.30
CA VAL D 213 -46.12 -20.95 -21.24
C VAL D 213 -44.73 -20.65 -21.83
N PHE D 214 -44.40 -21.28 -22.96
CA PHE D 214 -43.12 -21.01 -23.62
C PHE D 214 -43.08 -19.59 -24.14
N GLU D 215 -44.20 -19.09 -24.66
CA GLU D 215 -44.24 -17.71 -25.10
C GLU D 215 -43.95 -16.81 -23.88
N LEU D 216 -44.54 -17.17 -22.75
CA LEU D 216 -44.34 -16.40 -21.53
C LEU D 216 -42.91 -16.46 -21.01
N MET D 217 -42.31 -17.64 -21.06
CA MET D 217 -40.92 -17.80 -20.62
C MET D 217 -39.98 -17.01 -21.56
N GLU D 218 -40.32 -16.96 -22.83
CA GLU D 218 -39.51 -16.20 -23.75
C GLU D 218 -39.55 -14.73 -23.36
N GLU D 219 -40.73 -14.21 -23.00
CA GLU D 219 -40.89 -12.79 -22.60
C GLU D 219 -40.01 -12.48 -21.40
N VAL D 220 -39.94 -13.40 -20.44
CA VAL D 220 -39.11 -13.21 -19.28
C VAL D 220 -37.65 -13.10 -19.70
N GLY D 221 -37.23 -13.96 -20.61
CA GLY D 221 -35.89 -13.93 -21.14
C GLY D 221 -34.93 -14.93 -20.52
N PHE D 222 -34.51 -15.89 -21.33
CA PHE D 222 -33.56 -16.91 -20.94
C PHE D 222 -32.54 -17.04 -22.05
N PRO D 223 -31.32 -17.49 -21.73
CA PRO D 223 -30.32 -17.58 -22.80
C PRO D 223 -30.69 -18.57 -23.87
N LYS D 224 -30.29 -18.25 -25.08
CA LYS D 224 -30.52 -19.09 -26.23
C LYS D 224 -30.22 -20.58 -25.91
N GLY D 225 -31.21 -21.45 -26.11
CA GLY D 225 -31.03 -22.90 -25.93
C GLY D 225 -31.34 -23.44 -24.55
N THR D 226 -31.45 -22.55 -23.57
CA THR D 226 -31.79 -22.95 -22.24
C THR D 226 -33.13 -23.69 -22.19
N ILE D 227 -34.09 -23.22 -22.95
CA ILE D 227 -35.44 -23.88 -22.98
C ILE D 227 -35.81 -24.21 -24.39
N ASN D 228 -36.41 -25.37 -24.57
CA ASN D 228 -36.82 -25.80 -25.88
C ASN D 228 -38.10 -26.58 -25.81
N LEU D 229 -38.96 -26.35 -26.80
CA LEU D 229 -40.24 -26.98 -26.92
C LEU D 229 -40.34 -27.75 -28.20
N ILE D 230 -40.52 -29.07 -28.08
CA ILE D 230 -40.69 -29.95 -29.20
C ILE D 230 -42.15 -30.37 -29.20
N LEU D 231 -42.78 -30.37 -30.37
CA LEU D 231 -44.18 -30.76 -30.50
C LEU D 231 -44.23 -31.96 -31.40
N GLY D 232 -44.77 -33.06 -30.89
CA GLY D 232 -44.84 -34.24 -31.70
C GLY D 232 -45.31 -35.45 -30.95
N ALA D 233 -45.45 -36.54 -31.68
CA ALA D 233 -45.89 -37.81 -31.11
C ALA D 233 -44.70 -38.51 -30.45
N GLY D 234 -44.93 -39.05 -29.27
CA GLY D 234 -43.90 -39.79 -28.55
C GLY D 234 -43.40 -40.96 -29.37
N SER D 235 -44.29 -41.58 -30.13
CA SER D 235 -43.91 -42.73 -30.96
C SER D 235 -42.89 -42.39 -32.06
N GLU D 236 -42.80 -41.12 -32.42
CA GLU D 236 -41.89 -40.63 -33.46
C GLU D 236 -40.59 -39.98 -32.90
N VAL D 237 -40.77 -39.08 -31.94
CA VAL D 237 -39.73 -38.31 -31.32
C VAL D 237 -39.30 -38.71 -29.92
N GLY D 238 -40.11 -39.52 -29.27
CA GLY D 238 -39.81 -39.92 -27.89
C GLY D 238 -38.50 -40.61 -27.62
N ASP D 239 -38.10 -41.52 -28.50
CA ASP D 239 -36.86 -42.25 -28.33
C ASP D 239 -35.62 -41.35 -28.40
N VAL D 240 -35.66 -40.30 -29.22
CA VAL D 240 -34.52 -39.42 -29.27
C VAL D 240 -34.38 -38.76 -27.91
N MET D 241 -35.51 -38.35 -27.38
CA MET D 241 -35.53 -37.66 -26.10
C MET D 241 -35.10 -38.50 -24.91
N SER D 242 -35.28 -39.81 -24.98
CA SER D 242 -34.90 -40.66 -23.87
C SER D 242 -33.54 -41.29 -24.09
N GLY D 243 -33.16 -41.53 -25.34
CA GLY D 243 -31.93 -42.24 -25.63
C GLY D 243 -30.74 -41.49 -26.14
N HIS D 244 -30.84 -40.16 -26.27
CA HIS D 244 -29.71 -39.40 -26.81
C HIS D 244 -28.62 -39.28 -25.77
N LYS D 245 -27.39 -39.51 -26.18
CA LYS D 245 -26.23 -39.51 -25.27
C LYS D 245 -26.06 -38.21 -24.47
N GLU D 246 -26.44 -37.07 -25.03
CA GLU D 246 -26.28 -35.78 -24.35
C GLU D 246 -27.29 -35.45 -23.29
N VAL D 247 -28.31 -36.30 -23.11
CA VAL D 247 -29.29 -36.08 -22.10
C VAL D 247 -28.73 -36.62 -20.78
N ASP D 248 -28.85 -35.86 -19.70
CA ASP D 248 -28.37 -36.30 -18.39
C ASP D 248 -29.50 -36.84 -17.54
N LEU D 249 -30.70 -36.36 -17.78
CA LEU D 249 -31.86 -36.81 -17.07
C LEU D 249 -33.12 -36.79 -17.92
N VAL D 250 -33.94 -37.83 -17.77
CA VAL D 250 -35.22 -37.89 -18.45
C VAL D 250 -36.28 -37.83 -17.36
N SER D 251 -37.13 -36.82 -17.41
CA SER D 251 -38.21 -36.69 -16.41
C SER D 251 -39.47 -36.97 -17.17
N PHE D 252 -40.16 -38.05 -16.77
CA PHE D 252 -41.35 -38.48 -17.46
C PHE D 252 -42.53 -38.70 -16.57
N THR D 253 -43.67 -38.19 -17.02
CA THR D 253 -44.93 -38.36 -16.34
C THR D 253 -45.86 -38.93 -17.39
N GLY D 254 -46.33 -40.15 -17.17
CA GLY D 254 -47.20 -40.82 -18.13
C GLY D 254 -47.58 -42.23 -17.68
N SER D 255 -47.92 -43.09 -18.62
CA SER D 255 -48.34 -44.44 -18.30
C SER D 255 -47.16 -45.37 -18.03
N ILE D 256 -47.45 -46.45 -17.31
CA ILE D 256 -46.44 -47.42 -16.93
C ILE D 256 -45.69 -48.06 -18.11
N GLU D 257 -46.39 -48.47 -19.16
CA GLU D 257 -45.73 -49.10 -20.31
C GLU D 257 -44.75 -48.16 -21.01
N THR D 258 -45.15 -46.92 -21.18
CA THR D 258 -44.30 -45.94 -21.82
C THR D 258 -43.08 -45.69 -20.93
N GLY D 259 -43.30 -45.66 -19.62
CA GLY D 259 -42.20 -45.41 -18.68
C GLY D 259 -41.19 -46.54 -18.71
N LYS D 260 -41.68 -47.77 -18.83
CA LYS D 260 -40.78 -48.89 -18.87
C LYS D 260 -39.92 -48.81 -20.12
N HIS D 261 -40.57 -48.49 -21.23
CA HIS D 261 -39.91 -48.35 -22.51
C HIS D 261 -38.83 -47.26 -22.42
N ILE D 262 -39.21 -46.14 -21.83
CA ILE D 262 -38.30 -45.03 -21.64
C ILE D 262 -37.09 -45.40 -20.80
N MET D 263 -37.31 -46.11 -19.72
CA MET D 263 -36.24 -46.50 -18.86
C MET D 263 -35.32 -47.42 -19.61
N LYS D 264 -35.87 -48.37 -20.34
CA LYS D 264 -35.02 -49.28 -21.10
C LYS D 264 -34.14 -48.54 -22.09
N ASN D 265 -34.70 -47.51 -22.71
CA ASN D 265 -33.99 -46.78 -23.72
C ASN D 265 -32.93 -45.88 -23.07
N ALA D 266 -33.28 -45.29 -21.94
CA ALA D 266 -32.40 -44.43 -21.24
C ALA D 266 -31.19 -45.16 -20.76
N ALA D 267 -31.33 -46.46 -20.56
CA ALA D 267 -30.21 -47.29 -20.11
C ALA D 267 -29.04 -47.34 -21.10
N ASN D 268 -29.32 -47.11 -22.39
CA ASN D 268 -28.26 -47.12 -23.41
C ASN D 268 -27.12 -46.16 -23.10
N ASN D 269 -27.41 -45.12 -22.35
CA ASN D 269 -26.41 -44.12 -21.95
C ASN D 269 -26.38 -43.90 -20.45
N VAL D 270 -26.85 -44.91 -19.70
CA VAL D 270 -26.88 -44.85 -18.25
C VAL D 270 -27.49 -43.51 -17.79
N THR D 271 -28.48 -43.04 -18.51
CA THR D 271 -29.12 -41.81 -18.23
C THR D 271 -30.13 -41.91 -17.07
N ASN D 272 -30.03 -41.01 -16.11
CA ASN D 272 -30.94 -41.03 -14.96
C ASN D 272 -32.37 -40.85 -15.40
N ILE D 273 -33.30 -41.44 -14.66
CA ILE D 273 -34.70 -41.25 -14.98
C ILE D 273 -35.49 -40.89 -13.74
N ALA D 274 -36.50 -40.05 -13.96
CA ALA D 274 -37.48 -39.72 -12.92
C ALA D 274 -38.81 -40.08 -13.58
N LEU D 275 -39.53 -41.02 -13.00
CA LEU D 275 -40.76 -41.49 -13.59
C LEU D 275 -41.90 -41.27 -12.67
N GLU D 276 -42.96 -40.70 -13.21
CA GLU D 276 -44.20 -40.46 -12.49
C GLU D 276 -45.26 -41.17 -13.29
N LEU D 277 -45.62 -42.36 -12.82
CA LEU D 277 -46.54 -43.23 -13.54
C LEU D 277 -47.93 -43.30 -12.92
N GLY D 278 -48.71 -44.29 -13.32
CA GLY D 278 -50.06 -44.40 -12.84
C GLY D 278 -50.24 -44.92 -11.45
N GLY D 279 -51.50 -45.12 -11.10
CA GLY D 279 -51.85 -45.64 -9.82
C GLY D 279 -53.21 -46.35 -9.78
N LYS D 280 -53.37 -47.14 -8.73
CA LYS D 280 -54.59 -47.85 -8.42
C LYS D 280 -54.75 -47.46 -6.97
N ASN D 281 -55.17 -46.22 -6.80
CA ASN D 281 -55.26 -45.60 -5.51
C ASN D 281 -56.47 -45.99 -4.69
N PRO D 282 -56.22 -46.51 -3.49
CA PRO D 282 -57.30 -46.91 -2.65
C PRO D 282 -57.93 -45.74 -1.92
N ASN D 283 -59.22 -45.83 -1.70
CA ASN D 283 -59.95 -44.86 -0.93
C ASN D 283 -60.61 -45.73 0.14
N ILE D 284 -59.96 -45.83 1.29
CA ILE D 284 -60.41 -46.68 2.36
C ILE D 284 -61.41 -45.98 3.26
N ILE D 285 -62.57 -46.58 3.40
CA ILE D 285 -63.64 -46.00 4.19
C ILE D 285 -64.08 -46.94 5.30
N PHE D 286 -63.82 -46.56 6.54
CA PHE D 286 -64.25 -47.34 7.70
C PHE D 286 -65.68 -46.98 8.08
N ASP D 287 -66.31 -47.86 8.87
CA ASP D 287 -67.68 -47.61 9.30
C ASP D 287 -67.76 -46.41 10.25
N ASP D 288 -66.64 -46.09 10.93
CA ASP D 288 -66.63 -44.93 11.85
C ASP D 288 -66.21 -43.64 11.14
N ALA D 289 -66.23 -43.65 9.81
CA ALA D 289 -65.93 -42.47 9.04
C ALA D 289 -67.16 -41.58 9.03
N ASP D 290 -66.95 -40.29 8.76
CA ASP D 290 -68.05 -39.33 8.63
C ASP D 290 -68.67 -39.80 7.31
N PHE D 291 -69.83 -40.41 7.40
CA PHE D 291 -70.46 -40.99 6.25
C PHE D 291 -70.66 -40.09 5.04
N GLU D 292 -71.33 -38.95 5.22
CA GLU D 292 -71.57 -38.04 4.10
C GLU D 292 -70.26 -37.48 3.53
N LEU D 293 -69.25 -37.29 4.38
CA LEU D 293 -67.96 -36.82 3.94
C LEU D 293 -67.34 -37.89 3.05
N ALA D 294 -67.44 -39.16 3.47
CA ALA D 294 -66.86 -40.26 2.67
C ALA D 294 -67.49 -40.39 1.30
N VAL D 295 -68.81 -40.23 1.24
CA VAL D 295 -69.51 -40.29 -0.04
C VAL D 295 -69.08 -39.11 -0.91
N ASP D 296 -69.04 -37.92 -0.33
CA ASP D 296 -68.65 -36.74 -1.07
C ASP D 296 -67.24 -36.96 -1.66
N GLN D 297 -66.32 -37.39 -0.82
CA GLN D 297 -64.94 -37.59 -1.27
C GLN D 297 -64.74 -38.82 -2.17
N ALA D 298 -65.67 -39.77 -2.12
CA ALA D 298 -65.58 -40.93 -3.01
C ALA D 298 -65.92 -40.43 -4.41
N LEU D 299 -66.91 -39.55 -4.51
CA LEU D 299 -67.29 -38.97 -5.78
C LEU D 299 -66.14 -38.11 -6.30
N ASN D 300 -65.63 -37.23 -5.45
CA ASN D 300 -64.51 -36.36 -5.83
C ASN D 300 -63.31 -37.17 -6.28
N GLY D 301 -62.97 -38.17 -5.48
CA GLY D 301 -61.85 -39.04 -5.79
C GLY D 301 -62.00 -39.80 -7.11
N GLY D 302 -63.23 -40.21 -7.44
CA GLY D 302 -63.42 -40.99 -8.64
C GLY D 302 -63.76 -40.25 -9.91
N TYR D 303 -64.41 -39.10 -9.78
CA TYR D 303 -64.87 -38.41 -10.95
C TYR D 303 -64.34 -37.02 -11.30
N PHE D 304 -63.45 -36.44 -10.50
CA PHE D 304 -62.87 -35.15 -10.97
C PHE D 304 -62.16 -35.46 -12.27
N HIS D 305 -62.32 -34.56 -13.24
CA HIS D 305 -61.69 -34.68 -14.58
C HIS D 305 -62.05 -36.01 -15.22
N ALA D 306 -63.27 -36.47 -14.93
CA ALA D 306 -63.76 -37.74 -15.45
C ALA D 306 -62.85 -38.90 -15.07
N GLY D 307 -62.24 -38.83 -13.90
CA GLY D 307 -61.35 -39.87 -13.43
C GLY D 307 -60.01 -39.91 -14.12
N GLN D 308 -59.73 -38.92 -14.96
CA GLN D 308 -58.45 -38.86 -15.73
C GLN D 308 -57.36 -38.14 -14.92
N VAL D 309 -57.15 -38.64 -13.73
CA VAL D 309 -56.21 -38.06 -12.83
C VAL D 309 -55.41 -39.18 -12.18
N CYS D 310 -54.09 -39.01 -12.13
CA CYS D 310 -53.22 -40.04 -11.57
C CYS D 310 -53.46 -40.30 -10.09
N SER D 311 -53.98 -39.31 -9.40
CA SER D 311 -54.33 -39.45 -7.99
C SER D 311 -55.79 -39.95 -7.80
N ALA D 312 -56.46 -40.37 -8.88
CA ALA D 312 -57.84 -40.82 -8.78
C ALA D 312 -58.07 -41.98 -7.80
N GLY D 313 -59.17 -41.90 -7.08
CA GLY D 313 -59.55 -42.92 -6.12
C GLY D 313 -60.47 -43.90 -6.80
N SER D 314 -59.89 -44.69 -7.69
CA SER D 314 -60.62 -45.64 -8.48
C SER D 314 -60.96 -46.90 -7.71
N ARG D 315 -60.19 -47.18 -6.67
CA ARG D 315 -60.40 -48.39 -5.90
C ARG D 315 -60.94 -48.10 -4.51
N ILE D 316 -62.26 -48.20 -4.34
CA ILE D 316 -62.88 -47.95 -3.06
C ILE D 316 -62.94 -49.20 -2.22
N LEU D 317 -62.46 -49.07 -0.99
CA LEU D 317 -62.48 -50.14 -0.02
C LEU D 317 -63.36 -49.65 1.11
N VAL D 318 -64.50 -50.31 1.29
CA VAL D 318 -65.42 -49.90 2.33
C VAL D 318 -65.68 -51.02 3.30
N GLN D 319 -65.73 -50.69 4.58
CA GLN D 319 -65.92 -51.70 5.62
C GLN D 319 -67.31 -52.34 5.47
N ASN D 320 -67.34 -53.66 5.59
CA ASN D 320 -68.58 -54.44 5.42
C ASN D 320 -69.83 -53.96 6.14
N SER D 321 -69.70 -53.60 7.40
CA SER D 321 -70.83 -53.13 8.16
C SER D 321 -71.63 -51.99 7.46
N ILE D 322 -70.95 -51.15 6.67
CA ILE D 322 -71.64 -50.05 5.97
C ILE D 322 -71.57 -50.13 4.47
N LYS D 323 -71.02 -51.22 3.96
CA LYS D 323 -70.89 -51.39 2.50
C LYS D 323 -72.20 -51.21 1.72
N ASP D 324 -73.26 -51.90 2.11
CA ASP D 324 -74.53 -51.78 1.39
C ASP D 324 -75.07 -50.35 1.39
N LYS D 325 -75.10 -49.74 2.56
CA LYS D 325 -75.59 -48.39 2.70
C LYS D 325 -74.73 -47.44 1.83
N PHE D 326 -73.41 -47.64 1.87
CA PHE D 326 -72.50 -46.82 1.08
C PHE D 326 -72.73 -46.95 -0.43
N GLU D 327 -72.77 -48.18 -0.92
CA GLU D 327 -73.01 -48.40 -2.35
C GLU D 327 -74.27 -47.70 -2.79
N GLN D 328 -75.36 -47.84 -2.05
CA GLN D 328 -76.58 -47.20 -2.45
C GLN D 328 -76.47 -45.67 -2.51
N ALA D 329 -75.85 -45.06 -1.50
CA ALA D 329 -75.69 -43.60 -1.47
C ALA D 329 -74.83 -43.12 -2.62
N LEU D 330 -73.75 -43.85 -2.89
CA LEU D 330 -72.85 -43.48 -3.97
C LEU D 330 -73.56 -43.54 -5.32
N ILE D 331 -74.25 -44.65 -5.56
CA ILE D 331 -74.98 -44.85 -6.81
C ILE D 331 -76.00 -43.76 -7.03
N ASP D 332 -76.74 -43.44 -5.99
CA ASP D 332 -77.74 -42.40 -6.13
C ASP D 332 -77.13 -41.08 -6.50
N ARG D 333 -75.97 -40.78 -5.92
CA ARG D 333 -75.27 -39.54 -6.23
C ARG D 333 -74.71 -39.56 -7.64
N VAL D 334 -74.17 -40.70 -8.07
CA VAL D 334 -73.62 -40.81 -9.43
C VAL D 334 -74.68 -40.51 -10.49
N LYS D 335 -75.93 -40.94 -10.23
CA LYS D 335 -77.06 -40.68 -11.15
C LYS D 335 -77.37 -39.22 -11.31
N LYS D 336 -76.94 -38.36 -10.38
CA LYS D 336 -77.24 -36.91 -10.49
C LYS D 336 -76.07 -36.07 -11.03
N ILE D 337 -74.91 -36.68 -11.29
CA ILE D 337 -73.74 -35.93 -11.80
C ILE D 337 -74.04 -35.24 -13.13
N LYS D 338 -73.90 -33.92 -13.17
CA LYS D 338 -74.19 -33.11 -14.38
C LYS D 338 -73.02 -33.13 -15.37
N LEU D 339 -73.24 -33.69 -16.54
CA LEU D 339 -72.25 -33.72 -17.58
C LEU D 339 -72.50 -32.56 -18.50
N GLY D 340 -71.44 -32.10 -19.16
CA GLY D 340 -71.57 -31.01 -20.09
C GLY D 340 -70.25 -30.38 -20.49
N ASN D 341 -70.37 -29.19 -21.05
CA ASN D 341 -69.25 -28.42 -21.52
C ASN D 341 -68.51 -27.84 -20.33
N GLY D 342 -67.19 -27.95 -20.33
CA GLY D 342 -66.38 -27.42 -19.25
C GLY D 342 -66.55 -25.92 -19.06
N PHE D 343 -66.98 -25.20 -20.10
CA PHE D 343 -67.18 -23.75 -19.99
C PHE D 343 -68.49 -23.35 -19.31
N ASP D 344 -69.44 -24.28 -19.19
CA ASP D 344 -70.72 -23.97 -18.55
C ASP D 344 -70.55 -24.19 -17.05
N ALA D 345 -70.91 -23.17 -16.27
CA ALA D 345 -70.81 -23.23 -14.81
C ALA D 345 -71.58 -24.40 -14.17
N ASP D 346 -72.64 -24.89 -14.82
CA ASP D 346 -73.41 -26.03 -14.26
C ASP D 346 -72.70 -27.36 -14.38
N THR D 347 -71.76 -27.45 -15.30
CA THR D 347 -71.04 -28.71 -15.56
C THR D 347 -70.23 -29.19 -14.37
N GLU D 348 -70.42 -30.45 -14.03
CA GLU D 348 -69.71 -31.05 -12.90
C GLU D 348 -68.65 -32.03 -13.38
N MET D 349 -68.86 -32.60 -14.57
CA MET D 349 -67.91 -33.55 -15.15
C MET D 349 -67.94 -33.38 -16.67
N GLY D 350 -66.73 -33.25 -17.26
CA GLY D 350 -66.60 -33.07 -18.69
C GLY D 350 -66.41 -34.37 -19.41
N PRO D 351 -66.02 -34.30 -20.70
CA PRO D 351 -65.81 -35.50 -21.49
C PRO D 351 -64.47 -36.10 -21.22
N VAL D 352 -64.21 -37.28 -21.80
CA VAL D 352 -62.91 -37.89 -21.70
C VAL D 352 -62.12 -37.35 -22.88
N ILE D 353 -60.81 -37.48 -22.83
CA ILE D 353 -59.92 -36.84 -23.80
C ILE D 353 -59.98 -37.21 -25.27
N SER D 354 -60.07 -38.50 -25.60
CA SER D 354 -60.08 -38.89 -27.02
C SER D 354 -60.96 -40.10 -27.33
N THR D 355 -61.17 -40.33 -28.63
CA THR D 355 -61.92 -41.47 -29.11
C THR D 355 -61.22 -42.72 -28.60
N GLU D 356 -59.93 -42.80 -28.86
CA GLU D 356 -59.09 -43.95 -28.45
C GLU D 356 -59.22 -44.22 -26.95
N HIS D 357 -59.16 -43.18 -26.16
CA HIS D 357 -59.24 -43.35 -24.73
C HIS D 357 -60.63 -43.78 -24.29
N ARG D 358 -61.66 -43.22 -24.89
CA ARG D 358 -63.01 -43.64 -24.57
C ARG D 358 -63.16 -45.11 -24.92
N ASN D 359 -62.61 -45.54 -26.05
CA ASN D 359 -62.69 -46.95 -26.46
C ASN D 359 -62.04 -47.86 -25.42
N LYS D 360 -60.88 -47.48 -24.90
CA LYS D 360 -60.24 -48.28 -23.84
C LYS D 360 -61.16 -48.43 -22.62
N ILE D 361 -61.82 -47.34 -22.26
CA ILE D 361 -62.72 -47.37 -21.14
C ILE D 361 -63.89 -48.32 -21.44
N GLU D 362 -64.44 -48.22 -22.64
CA GLU D 362 -65.55 -49.09 -23.03
C GLU D 362 -65.14 -50.55 -22.99
N SER D 363 -63.93 -50.87 -23.47
CA SER D 363 -63.49 -52.26 -23.48
C SER D 363 -63.29 -52.75 -22.04
N TYR D 364 -62.92 -51.85 -21.13
CA TYR D 364 -62.81 -52.23 -19.71
C TYR D 364 -64.16 -52.61 -19.09
N MET D 365 -65.25 -52.08 -19.65
CA MET D 365 -66.57 -52.44 -19.16
C MET D 365 -66.85 -53.90 -19.55
N ASP D 366 -66.48 -54.26 -20.79
CA ASP D 366 -66.67 -55.64 -21.27
C ASP D 366 -65.81 -56.58 -20.44
N VAL D 367 -64.60 -56.14 -20.09
CA VAL D 367 -63.68 -56.94 -19.31
C VAL D 367 -64.30 -57.22 -17.95
N ALA D 368 -64.85 -56.19 -17.32
CA ALA D 368 -65.47 -56.31 -15.99
C ALA D 368 -66.65 -57.28 -15.97
N LYS D 369 -67.55 -57.14 -16.94
CA LYS D 369 -68.71 -58.05 -17.00
C LYS D 369 -68.23 -59.48 -17.18
N ALA D 370 -67.25 -59.65 -18.06
CA ALA D 370 -66.69 -60.97 -18.35
C ALA D 370 -65.99 -61.64 -17.18
N GLU D 371 -65.46 -60.88 -16.23
CA GLU D 371 -64.79 -61.48 -15.07
C GLU D 371 -65.81 -61.77 -13.97
N GLY D 372 -67.05 -61.30 -14.16
CA GLY D 372 -68.13 -61.54 -13.18
C GLY D 372 -68.53 -60.35 -12.34
N ALA D 373 -68.02 -59.16 -12.66
CA ALA D 373 -68.37 -57.95 -11.90
C ALA D 373 -69.69 -57.36 -12.41
N THR D 374 -70.25 -56.43 -11.64
CA THR D 374 -71.52 -55.78 -11.97
C THR D 374 -71.38 -54.28 -12.25
N ILE D 375 -71.96 -53.81 -13.35
CA ILE D 375 -71.97 -52.39 -13.67
C ILE D 375 -73.21 -51.90 -12.94
N ALA D 376 -73.03 -51.45 -11.71
CA ALA D 376 -74.16 -50.98 -10.90
C ALA D 376 -74.83 -49.75 -11.50
N VAL D 377 -74.06 -48.91 -12.18
CA VAL D 377 -74.59 -47.71 -12.81
C VAL D 377 -73.58 -47.15 -13.83
N GLY D 378 -74.07 -46.51 -14.89
CA GLY D 378 -73.22 -45.95 -15.91
C GLY D 378 -72.69 -47.04 -16.80
N GLY D 379 -71.41 -46.95 -17.17
CA GLY D 379 -70.77 -47.94 -18.03
C GLY D 379 -71.06 -47.82 -19.52
N LYS D 380 -71.52 -46.64 -19.93
CA LYS D 380 -71.88 -46.42 -21.32
C LYS D 380 -71.84 -44.93 -21.63
N ARG D 381 -72.03 -44.61 -22.89
CA ARG D 381 -72.05 -43.21 -23.33
C ARG D 381 -73.40 -42.65 -22.97
N PRO D 382 -73.46 -41.35 -22.62
CA PRO D 382 -74.74 -40.76 -22.28
C PRO D 382 -75.55 -40.51 -23.54
N ASP D 383 -76.89 -40.57 -23.41
CA ASP D 383 -77.81 -40.36 -24.54
C ASP D 383 -78.12 -38.90 -24.85
N ARG D 384 -78.26 -38.10 -23.81
CA ARG D 384 -78.68 -36.70 -23.98
C ARG D 384 -78.09 -36.02 -25.23
N ASP D 385 -78.96 -35.29 -25.94
CA ASP D 385 -78.63 -34.56 -27.20
C ASP D 385 -77.39 -33.71 -27.21
N ASP D 386 -77.31 -32.78 -26.28
CA ASP D 386 -76.16 -31.88 -26.19
C ASP D 386 -74.81 -32.58 -25.89
N LEU D 387 -74.82 -33.90 -25.74
CA LEU D 387 -73.61 -34.69 -25.46
C LEU D 387 -73.24 -35.69 -26.57
N LYS D 388 -74.11 -35.86 -27.54
CA LYS D 388 -73.95 -36.81 -28.64
C LYS D 388 -72.63 -36.61 -29.40
N ASP D 389 -72.29 -35.36 -29.67
CA ASP D 389 -71.09 -35.03 -30.44
C ASP D 389 -69.80 -35.14 -29.65
N GLY D 390 -69.88 -35.04 -28.33
CA GLY D 390 -68.71 -35.09 -27.46
C GLY D 390 -68.23 -36.46 -27.05
N LEU D 391 -67.01 -36.49 -26.52
CA LEU D 391 -66.39 -37.74 -26.07
C LEU D 391 -66.77 -38.02 -24.63
N PHE D 392 -68.08 -38.09 -24.34
CA PHE D 392 -68.54 -38.33 -22.99
C PHE D 392 -68.69 -39.79 -22.67
N PHE D 393 -68.62 -40.07 -21.38
CA PHE D 393 -68.79 -41.43 -20.87
C PHE D 393 -69.39 -41.25 -19.48
N GLU D 394 -70.43 -42.01 -19.17
CA GLU D 394 -71.10 -41.85 -17.88
C GLU D 394 -70.26 -42.25 -16.68
N PRO D 395 -70.42 -41.51 -15.57
CA PRO D 395 -69.70 -41.87 -14.37
C PRO D 395 -70.18 -43.26 -14.00
N THR D 396 -69.25 -44.13 -13.65
CA THR D 396 -69.58 -45.51 -13.41
C THR D 396 -69.16 -46.10 -12.07
N VAL D 397 -69.95 -47.05 -11.58
CA VAL D 397 -69.67 -47.76 -10.34
C VAL D 397 -69.72 -49.24 -10.63
N ILE D 398 -68.67 -49.95 -10.26
CA ILE D 398 -68.59 -51.36 -10.47
C ILE D 398 -68.58 -52.08 -9.12
N THR D 399 -69.51 -53.02 -8.95
CA THR D 399 -69.68 -53.77 -7.69
C THR D 399 -69.47 -55.27 -7.86
N ASN D 400 -69.48 -55.99 -6.74
CA ASN D 400 -69.33 -57.43 -6.73
C ASN D 400 -68.05 -57.84 -7.42
N CYS D 401 -66.96 -57.25 -6.99
CA CYS D 401 -65.66 -57.54 -7.59
C CYS D 401 -64.64 -57.90 -6.52
N ASP D 402 -63.49 -58.41 -6.95
CA ASP D 402 -62.43 -58.79 -6.03
C ASP D 402 -61.05 -58.46 -6.61
N THR D 403 -60.04 -58.54 -5.75
CA THR D 403 -58.68 -58.22 -6.08
C THR D 403 -58.06 -59.02 -7.25
N SER D 404 -58.60 -60.19 -7.55
CA SER D 404 -58.04 -61.02 -8.62
C SER D 404 -58.43 -60.49 -9.99
N MET D 405 -59.43 -59.60 -10.04
CA MET D 405 -59.91 -59.07 -11.31
C MET D 405 -59.07 -57.94 -11.92
N ARG D 406 -59.01 -57.92 -13.24
CA ARG D 406 -58.31 -56.90 -13.99
C ARG D 406 -58.93 -55.52 -13.79
N ILE D 407 -60.26 -55.44 -13.71
CA ILE D 407 -60.94 -54.16 -13.55
C ILE D 407 -60.51 -53.49 -12.23
N VAL D 408 -60.13 -54.31 -11.25
CA VAL D 408 -59.66 -53.85 -9.96
C VAL D 408 -58.16 -53.56 -9.96
N GLN D 409 -57.37 -54.43 -10.58
CA GLN D 409 -55.90 -54.26 -10.61
C GLN D 409 -55.31 -53.21 -11.54
N GLU D 410 -55.99 -52.93 -12.64
CA GLU D 410 -55.45 -52.05 -13.66
C GLU D 410 -56.02 -50.63 -13.66
N GLU D 411 -55.19 -49.69 -14.10
CA GLU D 411 -55.58 -48.29 -14.17
C GLU D 411 -56.45 -48.03 -15.42
N VAL D 412 -57.73 -47.83 -15.20
CA VAL D 412 -58.67 -47.56 -16.27
C VAL D 412 -58.54 -46.11 -16.70
N PHE D 413 -58.34 -45.23 -15.73
CA PHE D 413 -58.14 -43.81 -15.97
C PHE D 413 -59.37 -43.16 -16.64
N GLY D 414 -60.54 -43.56 -16.17
CA GLY D 414 -61.81 -43.03 -16.67
C GLY D 414 -62.71 -42.78 -15.49
N PRO D 415 -63.94 -42.31 -15.76
CA PRO D 415 -64.89 -42.05 -14.66
C PRO D 415 -65.45 -43.35 -14.13
N VAL D 416 -64.60 -44.12 -13.51
CA VAL D 416 -64.98 -45.43 -13.05
C VAL D 416 -64.37 -45.75 -11.72
N VAL D 417 -65.16 -46.36 -10.84
CA VAL D 417 -64.65 -46.78 -9.54
C VAL D 417 -65.14 -48.20 -9.25
N THR D 418 -64.36 -48.94 -8.47
CA THR D 418 -64.75 -50.28 -8.05
C THR D 418 -64.97 -50.23 -6.55
N VAL D 419 -65.88 -51.05 -6.06
CA VAL D 419 -66.17 -51.08 -4.64
C VAL D 419 -65.95 -52.48 -4.09
N GLU D 420 -65.07 -52.59 -3.10
CA GLU D 420 -64.72 -53.86 -2.44
C GLU D 420 -64.95 -53.70 -0.96
N GLY D 421 -65.40 -54.77 -0.33
CA GLY D 421 -65.64 -54.73 1.10
C GLY D 421 -64.47 -55.30 1.86
N PHE D 422 -64.37 -54.97 3.13
CA PHE D 422 -63.33 -55.51 4.00
C PHE D 422 -63.90 -55.60 5.41
N GLU D 423 -63.43 -56.57 6.18
CA GLU D 423 -63.94 -56.77 7.54
C GLU D 423 -63.10 -56.02 8.55
N THR D 424 -61.81 -56.28 8.55
CA THR D 424 -60.90 -55.66 9.49
C THR D 424 -59.90 -54.68 8.90
N GLU D 425 -59.29 -53.94 9.81
CA GLU D 425 -58.26 -52.99 9.51
C GLU D 425 -57.09 -53.65 8.74
N GLN D 426 -56.67 -54.85 9.16
CA GLN D 426 -55.57 -55.59 8.49
C GLN D 426 -55.95 -55.95 7.07
N GLU D 427 -57.20 -56.36 6.89
CA GLU D 427 -57.71 -56.76 5.57
C GLU D 427 -57.76 -55.55 4.61
N ALA D 428 -58.12 -54.38 5.12
CA ALA D 428 -58.15 -53.17 4.30
C ALA D 428 -56.73 -52.82 3.81
N ILE D 429 -55.76 -52.97 4.68
CA ILE D 429 -54.35 -52.69 4.36
C ILE D 429 -53.87 -53.68 3.30
N GLN D 430 -54.17 -54.95 3.50
CA GLN D 430 -53.76 -55.95 2.55
C GLN D 430 -54.36 -55.73 1.17
N LEU D 431 -55.65 -55.45 1.09
CA LEU D 431 -56.27 -55.17 -0.18
C LEU D 431 -55.70 -53.91 -0.82
N ALA D 432 -55.54 -52.85 -0.04
CA ALA D 432 -55.03 -51.60 -0.56
C ALA D 432 -53.66 -51.74 -1.18
N ASN D 433 -52.83 -52.59 -0.56
CA ASN D 433 -51.47 -52.84 -1.04
C ASN D 433 -51.39 -53.93 -2.09
N ASP D 434 -52.52 -54.57 -2.38
CA ASP D 434 -52.54 -55.65 -3.35
C ASP D 434 -52.70 -55.12 -4.76
N SER D 435 -51.65 -54.46 -5.24
CA SER D 435 -51.59 -53.93 -6.62
C SER D 435 -50.13 -53.69 -6.91
N ILE D 436 -49.81 -53.54 -8.18
CA ILE D 436 -48.43 -53.31 -8.58
C ILE D 436 -48.03 -51.86 -8.29
N TYR D 437 -49.03 -50.99 -8.12
CA TYR D 437 -48.86 -49.54 -7.88
C TYR D 437 -48.74 -49.09 -6.45
N GLY D 438 -48.47 -47.78 -6.29
CA GLY D 438 -48.31 -47.19 -4.98
C GLY D 438 -48.09 -45.68 -5.03
N LEU D 439 -48.99 -44.99 -5.74
CA LEU D 439 -48.88 -43.52 -5.87
C LEU D 439 -49.51 -42.75 -4.72
N ALA D 440 -50.80 -42.96 -4.50
CA ALA D 440 -51.51 -42.24 -3.46
C ALA D 440 -52.72 -42.99 -2.94
N GLY D 441 -53.29 -42.50 -1.85
CA GLY D 441 -54.48 -43.12 -1.28
C GLY D 441 -55.02 -42.36 -0.09
N ALA D 442 -56.17 -42.80 0.41
CA ALA D 442 -56.81 -42.11 1.54
C ALA D 442 -57.40 -43.07 2.55
N VAL D 443 -57.57 -42.56 3.76
CA VAL D 443 -58.17 -43.30 4.83
C VAL D 443 -59.20 -42.40 5.46
N PHE D 444 -60.44 -42.89 5.58
CA PHE D 444 -61.50 -42.12 6.20
C PHE D 444 -61.96 -42.81 7.47
N SER D 445 -61.83 -42.11 8.59
CA SER D 445 -62.23 -42.60 9.89
C SER D 445 -62.16 -41.45 10.89
N LYS D 446 -63.08 -41.40 11.83
CA LYS D 446 -63.03 -40.36 12.87
C LYS D 446 -62.00 -40.76 13.93
N ASP D 447 -61.62 -42.03 13.95
CA ASP D 447 -60.61 -42.54 14.86
C ASP D 447 -59.28 -42.23 14.18
N ILE D 448 -58.69 -41.11 14.54
CA ILE D 448 -57.46 -40.67 13.92
C ILE D 448 -56.28 -41.61 14.19
N GLY D 449 -56.19 -42.16 15.39
CA GLY D 449 -55.12 -43.09 15.74
C GLY D 449 -55.12 -44.28 14.79
N LYS D 450 -56.31 -44.76 14.46
CA LYS D 450 -56.45 -45.89 13.54
C LYS D 450 -56.03 -45.45 12.13
N ALA D 451 -56.45 -44.27 11.72
CA ALA D 451 -56.08 -43.78 10.41
C ALA D 451 -54.53 -43.65 10.28
N GLN D 452 -53.86 -43.29 11.38
CA GLN D 452 -52.40 -43.18 11.38
C GLN D 452 -51.76 -44.57 11.27
N ARG D 453 -52.30 -45.56 11.98
CA ARG D 453 -51.75 -46.92 11.89
C ARG D 453 -51.82 -47.41 10.46
N VAL D 454 -52.96 -47.14 9.81
CA VAL D 454 -53.19 -47.56 8.45
C VAL D 454 -52.26 -46.82 7.48
N ALA D 455 -52.21 -45.50 7.61
CA ALA D 455 -51.36 -44.68 6.77
C ALA D 455 -49.94 -45.19 6.79
N ASN D 456 -49.45 -45.58 7.97
CA ASN D 456 -48.06 -46.07 8.11
C ASN D 456 -47.79 -47.33 7.37
N LYS D 457 -48.81 -48.18 7.25
CA LYS D 457 -48.64 -49.48 6.57
C LYS D 457 -48.94 -49.47 5.07
N LEU D 458 -49.48 -48.36 4.56
CA LEU D 458 -49.78 -48.28 3.14
C LEU D 458 -48.56 -47.94 2.37
N LYS D 459 -48.29 -48.66 1.30
CA LYS D 459 -47.11 -48.41 0.48
C LYS D 459 -47.50 -47.42 -0.61
N LEU D 460 -47.62 -46.16 -0.22
CA LEU D 460 -48.05 -45.09 -1.10
C LEU D 460 -47.21 -43.88 -0.87
N GLY D 461 -46.86 -43.18 -1.95
CA GLY D 461 -46.08 -41.97 -1.87
C GLY D 461 -46.77 -40.88 -1.10
N THR D 462 -48.09 -40.83 -1.21
CA THR D 462 -48.88 -39.84 -0.50
C THR D 462 -50.08 -40.53 0.11
N VAL D 463 -50.37 -40.23 1.37
CA VAL D 463 -51.55 -40.78 2.04
C VAL D 463 -52.35 -39.63 2.63
N TRP D 464 -53.65 -39.59 2.32
CA TRP D 464 -54.52 -38.56 2.89
C TRP D 464 -55.37 -39.14 3.97
N ILE D 465 -55.40 -38.48 5.11
CA ILE D 465 -56.26 -38.93 6.20
C ILE D 465 -57.44 -37.99 6.22
N ASN D 466 -58.61 -38.52 5.93
CA ASN D 466 -59.85 -37.72 5.86
C ASN D 466 -59.83 -36.61 4.82
N ASP D 467 -59.30 -36.93 3.65
CA ASP D 467 -59.28 -35.99 2.54
C ASP D 467 -58.95 -36.80 1.30
N PHE D 468 -59.01 -36.17 0.14
CA PHE D 468 -58.66 -36.86 -1.10
C PHE D 468 -58.30 -35.86 -2.19
N HIS D 469 -57.14 -36.10 -2.83
CA HIS D 469 -56.55 -35.30 -3.94
C HIS D 469 -55.42 -34.28 -3.65
N PRO D 470 -55.39 -33.69 -2.46
CA PRO D 470 -54.38 -32.62 -2.32
C PRO D 470 -52.88 -32.93 -2.45
N TYR D 471 -52.22 -32.08 -3.22
CA TYR D 471 -50.78 -32.09 -3.42
C TYR D 471 -50.38 -30.62 -3.42
N PHE D 472 -49.11 -30.35 -3.15
CA PHE D 472 -48.63 -28.99 -3.17
C PHE D 472 -47.14 -28.97 -3.26
N ALA D 473 -46.63 -27.88 -3.82
CA ALA D 473 -45.18 -27.69 -4.04
C ALA D 473 -44.31 -27.94 -2.84
N GLN D 474 -44.82 -27.70 -1.65
CA GLN D 474 -43.98 -27.86 -0.48
C GLN D 474 -43.58 -29.29 -0.18
N ALA D 475 -44.34 -30.26 -0.69
CA ALA D 475 -44.12 -31.66 -0.37
C ALA D 475 -43.92 -32.54 -1.58
N PRO D 476 -43.03 -33.53 -1.47
CA PRO D 476 -42.75 -34.44 -2.58
C PRO D 476 -43.93 -35.38 -2.91
N TRP D 477 -44.08 -35.63 -4.21
CA TRP D 477 -45.10 -36.45 -4.81
C TRP D 477 -44.46 -37.44 -5.76
N GLY D 478 -44.81 -38.71 -5.61
CA GLY D 478 -44.26 -39.76 -6.43
C GLY D 478 -44.69 -41.10 -5.94
N GLY D 479 -44.18 -42.14 -6.55
CA GLY D 479 -44.61 -43.45 -6.17
C GLY D 479 -43.70 -44.39 -5.41
N TYR D 480 -44.35 -45.39 -4.85
CA TYR D 480 -43.74 -46.52 -4.22
C TYR D 480 -43.98 -47.54 -5.31
N LYS D 481 -43.27 -48.66 -5.28
CA LYS D 481 -43.50 -49.73 -6.21
C LYS D 481 -43.52 -49.27 -7.67
N GLN D 482 -44.47 -49.75 -8.45
CA GLN D 482 -44.46 -49.41 -9.87
C GLN D 482 -45.11 -48.09 -10.28
N SER D 483 -45.46 -47.23 -9.33
CA SER D 483 -46.02 -45.94 -9.67
C SER D 483 -44.92 -44.93 -10.02
N GLY D 484 -43.65 -45.32 -9.89
CA GLY D 484 -42.61 -44.41 -10.30
C GLY D 484 -41.26 -44.61 -9.72
N ILE D 485 -40.38 -43.72 -10.11
CA ILE D 485 -39.01 -43.64 -9.66
C ILE D 485 -38.70 -42.14 -9.47
N GLY D 486 -38.31 -41.78 -8.26
CA GLY D 486 -38.00 -40.44 -7.94
C GLY D 486 -39.20 -39.70 -7.43
N ARG D 487 -39.04 -38.39 -7.29
CA ARG D 487 -40.09 -37.52 -6.79
C ARG D 487 -40.13 -36.22 -7.53
N GLU D 488 -41.32 -35.61 -7.52
CA GLU D 488 -41.52 -34.29 -8.06
C GLU D 488 -42.08 -33.46 -6.92
N LEU D 489 -41.85 -32.15 -6.97
CA LEU D 489 -42.26 -31.21 -5.94
C LEU D 489 -41.38 -31.37 -4.71
N GLY D 490 -41.42 -30.37 -3.84
CA GLY D 490 -40.63 -30.38 -2.60
C GLY D 490 -39.13 -30.33 -2.92
N LYS D 491 -38.31 -30.36 -1.88
CA LYS D 491 -36.87 -30.35 -2.01
C LYS D 491 -36.40 -31.56 -2.78
N GLU D 492 -37.09 -32.69 -2.64
CA GLU D 492 -36.70 -33.90 -3.40
C GLU D 492 -36.91 -33.72 -4.88
N GLY D 493 -37.93 -32.96 -5.24
CA GLY D 493 -38.20 -32.65 -6.62
C GLY D 493 -37.05 -31.88 -7.22
N LEU D 494 -36.45 -30.99 -6.44
CA LEU D 494 -35.33 -30.21 -6.89
C LEU D 494 -34.10 -31.11 -7.04
N GLU D 495 -33.91 -32.03 -6.10
CA GLU D 495 -32.77 -32.94 -6.12
C GLU D 495 -32.68 -33.83 -7.33
N GLU D 496 -33.77 -34.03 -8.06
CA GLU D 496 -33.68 -34.84 -9.28
C GLU D 496 -32.80 -34.12 -10.34
N TYR D 497 -32.71 -32.78 -10.20
CA TYR D 497 -32.01 -31.92 -11.11
C TYR D 497 -30.61 -31.51 -10.70
N LEU D 498 -30.15 -32.07 -9.59
CA LEU D 498 -28.83 -31.79 -9.06
C LEU D 498 -28.00 -33.05 -8.98
N VAL D 499 -26.68 -32.85 -9.02
CA VAL D 499 -25.73 -33.95 -8.93
C VAL D 499 -24.65 -33.50 -7.96
N SER D 500 -24.20 -34.39 -7.11
CA SER D 500 -23.20 -34.08 -6.12
C SER D 500 -21.77 -34.34 -6.57
N LYS D 501 -20.88 -33.44 -6.21
CA LYS D 501 -19.46 -33.55 -6.52
C LYS D 501 -18.67 -33.36 -5.25
N HIS D 502 -17.83 -34.33 -4.94
CA HIS D 502 -17.01 -34.27 -3.74
C HIS D 502 -15.64 -33.78 -4.11
N ILE D 503 -15.30 -32.60 -3.64
CA ILE D 503 -14.00 -32.03 -3.93
C ILE D 503 -13.17 -32.17 -2.69
N LEU D 504 -12.11 -32.98 -2.76
CA LEU D 504 -11.25 -33.19 -1.62
C LEU D 504 -9.88 -32.59 -1.89
N THR D 505 -9.45 -31.70 -1.01
CA THR D 505 -8.18 -31.04 -1.14
C THR D 505 -7.22 -31.50 -0.06
N ASN D 506 -6.05 -32.00 -0.43
CA ASN D 506 -5.02 -32.36 0.54
C ASN D 506 -4.16 -31.11 0.76
N THR D 507 -4.23 -30.52 1.96
CA THR D 507 -3.53 -29.28 2.29
C THR D 507 -2.10 -29.46 2.74
N ASN D 508 -1.68 -30.70 2.90
CA ASN D 508 -0.30 -30.99 3.23
C ASN D 508 0.13 -32.29 2.49
N PRO D 509 0.16 -32.25 1.15
CA PRO D 509 0.50 -33.39 0.36
C PRO D 509 1.91 -33.91 0.62
N GLN D 510 2.00 -35.21 0.79
CA GLN D 510 3.26 -35.91 1.05
C GLN D 510 3.36 -37.12 0.14
N LEU D 511 4.55 -37.43 -0.29
CA LEU D 511 4.75 -38.60 -1.10
C LEU D 511 4.40 -39.82 -0.25
N VAL D 512 3.80 -40.82 -0.89
CA VAL D 512 3.46 -42.05 -0.20
C VAL D 512 4.65 -43.04 -0.25
N ASN D 513 5.40 -43.02 -1.35
CA ASN D 513 6.56 -43.90 -1.55
C ASN D 513 6.22 -45.37 -1.40
N TRP D 514 5.13 -45.78 -2.02
CA TRP D 514 4.71 -47.17 -2.00
C TRP D 514 5.58 -47.95 -2.97
N PHE D 515 5.88 -47.33 -4.10
CA PHE D 515 6.69 -47.95 -5.15
C PHE D 515 8.14 -47.54 -5.06
N SER D 516 9.02 -48.54 -5.21
CA SER D 516 10.50 -48.34 -5.16
C SER D 516 11.05 -47.17 -5.96
N LYS D 517 12.04 -46.47 -5.39
CA LYS D 517 12.77 -45.37 -6.08
C LYS D 517 14.01 -46.01 -6.74
N MET E 22 74.18 24.99 11.96
CA MET E 22 75.61 24.88 12.30
C MET E 22 76.19 26.17 11.59
N GLU E 23 76.62 26.02 10.32
CA GLU E 23 77.08 27.16 9.49
C GLU E 23 75.92 28.05 9.06
N LEU E 24 74.73 27.47 8.99
CA LEU E 24 73.52 28.15 8.57
C LEU E 24 73.27 29.42 9.32
N LEU E 25 73.62 29.41 10.59
CA LEU E 25 73.36 30.54 11.47
C LEU E 25 74.35 31.68 11.37
N LYS E 26 75.44 31.49 10.64
CA LYS E 26 76.49 32.52 10.56
C LYS E 26 75.98 33.84 9.97
N HIS E 27 75.06 33.75 9.02
CA HIS E 27 74.52 34.96 8.38
C HIS E 27 73.08 35.25 8.72
N LEU E 28 72.47 34.40 9.54
CA LEU E 28 71.06 34.61 9.90
C LEU E 28 70.93 35.83 10.80
N SER E 29 69.94 36.65 10.53
CA SER E 29 69.70 37.84 11.31
C SER E 29 69.28 37.43 12.73
N GLN E 30 69.58 38.31 13.68
CA GLN E 30 69.27 38.07 15.09
C GLN E 30 68.26 39.05 15.61
N ARG E 31 67.66 39.83 14.72
CA ARG E 31 66.78 40.88 15.13
C ARG E 31 65.36 40.83 14.64
N GLN E 32 64.58 41.78 15.14
CA GLN E 32 63.20 41.92 14.73
C GLN E 32 63.17 42.71 13.42
N TYR E 33 62.04 42.66 12.71
CA TYR E 33 61.90 43.40 11.49
C TYR E 33 60.69 44.28 11.65
N ILE E 34 60.93 45.58 11.80
CA ILE E 34 59.86 46.54 12.00
C ILE E 34 59.97 47.75 11.10
N ASP E 35 58.87 48.06 10.42
CA ASP E 35 58.77 49.20 9.54
C ASP E 35 59.98 49.29 8.58
N GLY E 36 60.27 48.17 7.91
CA GLY E 36 61.34 48.08 6.91
C GLY E 36 62.77 48.06 7.42
N GLU E 37 62.94 47.89 8.73
CA GLU E 37 64.27 47.87 9.32
C GLU E 37 64.47 46.72 10.30
N TRP E 38 65.66 46.12 10.24
CA TRP E 38 66.01 45.09 11.19
C TRP E 38 66.46 45.86 12.42
N VAL E 39 65.80 45.67 13.54
CA VAL E 39 66.12 46.36 14.77
C VAL E 39 66.14 45.46 15.98
N GLU E 40 66.88 45.89 16.99
CA GLU E 40 66.98 45.17 18.23
C GLU E 40 65.72 45.45 19.06
N SER E 41 65.64 44.83 20.23
CA SER E 41 64.54 45.05 21.16
C SER E 41 64.71 46.46 21.68
N ALA E 42 63.61 47.10 22.04
CA ALA E 42 63.70 48.48 22.54
C ALA E 42 64.57 48.61 23.80
N ASN E 43 64.64 47.53 24.60
CA ASN E 43 65.46 47.49 25.82
C ASN E 43 66.72 46.63 25.64
N LYS E 44 67.06 46.33 24.39
CA LYS E 44 68.24 45.52 24.03
C LYS E 44 68.28 44.12 24.66
N ASN E 45 67.16 43.67 25.20
CA ASN E 45 67.11 42.38 25.82
C ASN E 45 67.24 41.29 24.73
N THR E 46 67.75 40.11 25.13
CA THR E 46 67.94 38.99 24.20
C THR E 46 67.49 37.67 24.80
N ARG E 47 67.48 36.65 23.96
CA ARG E 47 67.07 35.31 24.34
C ARG E 47 67.95 34.26 23.67
N ASP E 48 68.22 33.19 24.40
CA ASP E 48 69.02 32.10 23.87
C ASP E 48 68.11 31.01 23.30
N ILE E 49 68.42 30.56 22.10
CA ILE E 49 67.66 29.53 21.43
C ILE E 49 68.39 28.21 21.61
N ILE E 50 67.64 27.17 21.93
CA ILE E 50 68.18 25.87 22.27
C ILE E 50 67.84 24.78 21.26
N ASN E 51 68.78 23.88 21.01
CA ASN E 51 68.56 22.73 20.14
C ASN E 51 68.10 21.61 21.05
N PRO E 52 66.87 21.12 20.88
CA PRO E 52 66.37 20.05 21.75
C PRO E 52 67.12 18.70 21.66
N TYR E 53 67.88 18.47 20.60
CA TYR E 53 68.65 17.24 20.49
C TYR E 53 69.70 17.14 21.59
N ASN E 54 70.38 18.24 21.90
CA ASN E 54 71.46 18.24 22.91
C ASN E 54 71.36 19.32 24.00
N GLN E 55 70.35 20.17 23.90
CA GLN E 55 70.14 21.28 24.86
C GLN E 55 71.25 22.34 24.87
N GLU E 56 72.01 22.42 23.79
CA GLU E 56 73.05 23.42 23.69
C GLU E 56 72.41 24.71 23.18
N VAL E 57 72.94 25.86 23.61
CA VAL E 57 72.49 27.14 23.09
C VAL E 57 73.10 27.22 21.71
N ILE E 58 72.28 27.52 20.70
CA ILE E 58 72.75 27.59 19.30
C ILE E 58 72.63 28.97 18.65
N PHE E 59 71.90 29.89 19.27
CA PHE E 59 71.71 31.19 18.66
C PHE E 59 71.08 32.15 19.67
N THR E 60 71.33 33.43 19.49
CA THR E 60 70.81 34.45 20.38
C THR E 60 70.09 35.52 19.56
N VAL E 61 68.84 35.80 19.92
CA VAL E 61 68.04 36.77 19.20
C VAL E 61 67.46 37.83 20.12
N SER E 62 66.95 38.89 19.51
CA SER E 62 66.34 39.97 20.23
C SER E 62 65.05 39.50 20.93
N GLU E 63 64.79 40.04 22.12
CA GLU E 63 63.59 39.72 22.92
C GLU E 63 62.82 41.04 23.03
N GLY E 64 61.95 41.27 22.06
CA GLY E 64 61.16 42.51 21.98
C GLY E 64 60.27 42.87 23.16
N THR E 65 59.91 44.15 23.22
CA THR E 65 59.04 44.69 24.27
C THR E 65 57.65 44.93 23.71
N LYS E 66 56.71 45.19 24.59
CA LYS E 66 55.36 45.49 24.13
C LYS E 66 55.33 46.77 23.28
N GLU E 67 56.23 47.72 23.56
CA GLU E 67 56.27 48.96 22.77
C GLU E 67 56.70 48.66 21.33
N ASP E 68 57.62 47.70 21.15
CA ASP E 68 58.04 47.30 19.81
C ASP E 68 56.83 46.78 19.06
N ALA E 69 56.03 45.93 19.72
CA ALA E 69 54.84 45.39 19.08
C ALA E 69 53.87 46.50 18.68
N GLU E 70 53.70 47.52 19.53
CA GLU E 70 52.81 48.62 19.20
C GLU E 70 53.33 49.36 18.00
N ARG E 71 54.63 49.64 18.00
CA ARG E 71 55.25 50.39 16.92
C ARG E 71 55.07 49.67 15.58
N ALA E 72 55.11 48.33 15.62
CA ALA E 72 54.93 47.50 14.42
C ALA E 72 53.51 47.62 13.92
N ILE E 73 52.57 47.53 14.86
CA ILE E 73 51.15 47.63 14.54
C ILE E 73 50.83 48.98 13.94
N LEU E 74 51.35 50.06 14.53
CA LEU E 74 51.11 51.39 13.98
C LEU E 74 51.74 51.54 12.61
N ALA E 75 52.87 50.86 12.38
CA ALA E 75 53.54 50.92 11.06
C ALA E 75 52.72 50.17 10.02
N ALA E 76 52.14 49.05 10.43
CA ALA E 76 51.25 48.24 9.57
C ALA E 76 50.02 49.04 9.20
N ARG E 77 49.48 49.76 10.18
CA ARG E 77 48.32 50.64 9.94
C ARG E 77 48.68 51.75 8.94
N ARG E 78 49.76 52.46 9.20
CA ARG E 78 50.20 53.54 8.31
C ARG E 78 50.41 53.01 6.89
N ALA E 79 51.08 51.86 6.76
CA ALA E 79 51.33 51.25 5.46
C ALA E 79 50.02 50.85 4.77
N PHE E 80 49.08 50.25 5.52
CA PHE E 80 47.80 49.87 4.93
C PHE E 80 47.04 51.09 4.39
N GLU E 81 47.00 52.18 5.16
CA GLU E 81 46.30 53.38 4.73
C GLU E 81 46.97 54.07 3.56
N SER E 82 48.29 53.95 3.43
CA SER E 82 48.99 54.62 2.31
C SER E 82 48.51 53.98 1.01
N GLY E 83 48.13 52.70 1.11
CA GLY E 83 47.63 51.95 -0.04
C GLY E 83 48.67 51.36 -0.97
N GLU E 84 49.96 51.46 -0.63
CA GLU E 84 51.00 50.93 -1.53
C GLU E 84 50.85 49.45 -1.78
N TRP E 85 50.34 48.72 -0.80
CA TRP E 85 50.10 47.29 -0.97
C TRP E 85 48.58 46.98 -1.10
N SER E 86 47.76 47.59 -0.26
CA SER E 86 46.33 47.35 -0.32
C SER E 86 45.69 47.77 -1.63
N GLN E 87 46.26 48.76 -2.32
CA GLN E 87 45.69 49.23 -3.60
C GLN E 87 46.44 48.67 -4.80
N GLU E 88 47.46 47.85 -4.55
CA GLU E 88 48.19 47.24 -5.63
C GLU E 88 47.20 46.26 -6.30
N THR E 89 47.33 46.02 -7.60
CA THR E 89 46.43 45.11 -8.28
C THR E 89 46.59 43.71 -7.71
N ALA E 90 45.48 42.98 -7.64
CA ALA E 90 45.50 41.62 -7.11
C ALA E 90 46.49 40.74 -7.88
N GLU E 91 46.54 40.94 -9.19
CA GLU E 91 47.44 40.18 -10.06
C GLU E 91 48.89 40.36 -9.64
N THR E 92 49.26 41.62 -9.37
CA THR E 92 50.61 41.92 -8.99
C THR E 92 50.88 41.36 -7.61
N ARG E 93 49.92 41.49 -6.72
CA ARG E 93 50.11 40.92 -5.40
C ARG E 93 50.38 39.43 -5.54
N GLY E 94 49.64 38.79 -6.44
CA GLY E 94 49.81 37.38 -6.67
C GLY E 94 51.21 37.05 -7.13
N LYS E 95 51.79 37.87 -8.00
CA LYS E 95 53.18 37.62 -8.51
C LYS E 95 54.20 37.71 -7.39
N LYS E 96 53.98 38.63 -6.46
CA LYS E 96 54.88 38.77 -5.31
C LYS E 96 54.82 37.54 -4.40
N VAL E 97 53.60 37.08 -4.11
CA VAL E 97 53.43 35.91 -3.29
C VAL E 97 54.04 34.70 -4.00
N ARG E 98 53.97 34.68 -5.32
CA ARG E 98 54.58 33.55 -6.02
C ARG E 98 56.13 33.68 -5.93
N ALA E 99 56.65 34.92 -5.91
CA ALA E 99 58.08 35.15 -5.77
C ALA E 99 58.55 34.61 -4.42
N ILE E 100 57.73 34.80 -3.38
CA ILE E 100 58.06 34.27 -2.06
C ILE E 100 58.10 32.74 -2.15
N ALA E 101 57.13 32.18 -2.84
CA ALA E 101 57.07 30.73 -2.99
C ALA E 101 58.36 30.24 -3.65
N ASP E 102 58.82 30.91 -4.70
CA ASP E 102 60.06 30.53 -5.39
C ASP E 102 61.31 30.61 -4.48
N LYS E 103 61.30 31.55 -3.54
CA LYS E 103 62.37 31.68 -2.60
C LYS E 103 62.39 30.47 -1.70
N ILE E 104 61.22 30.02 -1.25
CA ILE E 104 61.15 28.87 -0.37
C ILE E 104 61.79 27.67 -1.06
N LYS E 105 61.46 27.46 -2.32
CA LYS E 105 61.99 26.34 -3.08
C LYS E 105 63.52 26.51 -3.32
N GLU E 106 63.96 27.73 -3.60
CA GLU E 106 65.35 27.99 -3.83
C GLU E 106 66.21 27.67 -2.55
N HIS E 107 65.70 28.05 -1.38
CA HIS E 107 66.41 27.85 -0.12
C HIS E 107 65.87 26.68 0.69
N ARG E 108 65.22 25.78 -0.03
CA ARG E 108 64.62 24.59 0.56
C ARG E 108 65.54 23.80 1.51
N GLU E 109 66.75 23.49 1.05
CA GLU E 109 67.75 22.73 1.84
C GLU E 109 68.08 23.43 3.14
N ALA E 110 68.50 24.68 3.04
CA ALA E 110 68.85 25.46 4.21
C ALA E 110 67.66 25.63 5.20
N LEU E 111 66.47 25.91 4.67
CA LEU E 111 65.28 26.09 5.51
C LEU E 111 64.93 24.82 6.26
N ALA E 112 65.01 23.68 5.57
CA ALA E 112 64.72 22.39 6.20
C ALA E 112 65.69 22.09 7.35
N ARG E 113 66.97 22.40 7.15
CA ARG E 113 67.96 22.14 8.16
C ARG E 113 67.77 23.06 9.35
N LEU E 114 67.36 24.28 9.05
CA LEU E 114 67.13 25.28 10.08
C LEU E 114 65.94 24.86 10.95
N GLU E 115 64.91 24.29 10.31
CA GLU E 115 63.71 23.85 11.04
C GLU E 115 64.01 22.61 11.87
N THR E 116 64.84 21.70 11.34
CA THR E 116 65.21 20.49 12.10
C THR E 116 66.08 20.87 13.28
N LEU E 117 66.91 21.88 13.09
CA LEU E 117 67.79 22.35 14.15
C LEU E 117 66.99 22.97 15.28
N ASP E 118 65.98 23.74 14.91
CA ASP E 118 65.17 24.49 15.86
C ASP E 118 64.10 23.64 16.55
N THR E 119 63.45 22.77 15.79
CA THR E 119 62.35 21.95 16.32
C THR E 119 62.70 20.50 16.65
N GLY E 120 63.82 20.03 16.11
CA GLY E 120 64.31 18.68 16.38
C GLY E 120 63.74 17.55 15.55
N LYS E 121 62.74 17.82 14.70
CA LYS E 121 62.14 16.74 13.91
C LYS E 121 63.09 16.32 12.80
N THR E 122 62.85 15.13 12.25
CA THR E 122 63.73 14.62 11.19
C THR E 122 63.83 15.55 10.01
N LEU E 123 64.95 15.45 9.32
CA LEU E 123 65.23 16.27 8.17
C LEU E 123 64.22 15.98 7.05
N GLU E 124 63.86 14.71 6.86
CA GLU E 124 62.86 14.35 5.82
C GLU E 124 61.52 15.02 6.10
N GLU E 125 61.11 15.07 7.37
CA GLU E 125 59.85 15.73 7.73
C GLU E 125 59.97 17.21 7.39
N SER E 126 61.14 17.81 7.63
CA SER E 126 61.37 19.22 7.34
C SER E 126 61.37 19.49 5.85
N TYR E 127 61.93 18.57 5.06
CA TYR E 127 61.87 18.72 3.60
C TYR E 127 60.41 18.74 3.13
N ALA E 128 59.59 17.84 3.66
CA ALA E 128 58.18 17.78 3.29
C ALA E 128 57.46 19.08 3.65
N ASP E 129 57.78 19.66 4.81
CA ASP E 129 57.24 20.95 5.19
C ASP E 129 57.52 21.99 4.13
N MET E 130 58.77 22.06 3.70
CA MET E 130 59.19 23.06 2.71
C MET E 130 58.48 22.87 1.39
N ASP E 131 58.19 21.63 1.03
CA ASP E 131 57.41 21.38 -0.19
C ASP E 131 55.96 21.90 0.00
N ASP E 132 55.37 21.65 1.18
CA ASP E 132 54.03 22.14 1.48
C ASP E 132 54.00 23.65 1.46
N ILE E 133 54.99 24.26 2.12
CA ILE E 133 55.08 25.70 2.23
C ILE E 133 55.17 26.34 0.88
N HIS E 134 55.99 25.77 0.03
CA HIS E 134 56.10 26.28 -1.32
C HIS E 134 54.72 26.30 -1.93
N ASN E 135 54.03 25.17 -1.81
CA ASN E 135 52.70 24.99 -2.39
C ASN E 135 51.63 25.85 -1.76
N VAL E 136 51.80 26.19 -0.49
CA VAL E 136 50.83 27.06 0.18
C VAL E 136 50.93 28.44 -0.43
N PHE E 137 52.16 28.97 -0.54
CA PHE E 137 52.33 30.26 -1.12
C PHE E 137 51.86 30.26 -2.57
N MET E 138 52.19 29.20 -3.31
CA MET E 138 51.81 29.09 -4.71
C MET E 138 50.30 29.12 -4.86
N TYR E 139 49.62 28.35 -4.01
CA TYR E 139 48.16 28.27 -4.05
C TYR E 139 47.52 29.65 -3.86
N PHE E 140 47.92 30.34 -2.79
CA PHE E 140 47.38 31.67 -2.53
C PHE E 140 47.82 32.71 -3.56
N ALA E 141 49.00 32.55 -4.15
CA ALA E 141 49.43 33.48 -5.20
C ALA E 141 48.44 33.37 -6.37
N GLY E 142 48.03 32.15 -6.66
CA GLY E 142 47.10 31.89 -7.73
C GLY E 142 45.67 32.27 -7.43
N LEU E 143 45.33 32.36 -6.17
CA LEU E 143 43.95 32.69 -5.77
C LEU E 143 43.71 34.20 -5.64
N ALA E 144 44.79 34.98 -5.54
CA ALA E 144 44.71 36.41 -5.31
C ALA E 144 43.77 37.22 -6.17
N ASP E 145 43.74 36.96 -7.46
CA ASP E 145 42.95 37.76 -8.40
C ASP E 145 41.75 37.03 -8.98
N LYS E 146 41.21 36.05 -8.26
CA LYS E 146 40.10 35.25 -8.79
C LYS E 146 38.69 35.62 -8.35
N ASP E 147 38.53 36.33 -7.24
CA ASP E 147 37.17 36.70 -6.78
C ASP E 147 37.19 38.01 -6.02
N GLY E 148 36.71 39.06 -6.67
CA GLY E 148 36.68 40.37 -6.06
C GLY E 148 35.34 40.79 -5.48
N GLY E 149 34.34 39.90 -5.55
CA GLY E 149 33.02 40.19 -4.99
C GLY E 149 31.92 39.74 -5.91
N GLU E 150 30.73 40.28 -5.71
CA GLU E 150 29.56 39.90 -6.50
C GLU E 150 28.72 41.07 -6.95
N MET E 151 27.94 40.82 -7.98
CA MET E 151 26.94 41.74 -8.45
C MET E 151 25.67 41.12 -7.93
N ILE E 152 24.82 41.91 -7.32
CA ILE E 152 23.56 41.42 -6.79
C ILE E 152 22.44 41.94 -7.62
N ASP E 153 21.44 41.07 -7.85
CA ASP E 153 20.22 41.48 -8.56
C ASP E 153 19.37 42.13 -7.46
N SER E 154 19.37 43.45 -7.48
CA SER E 154 18.66 44.24 -6.48
C SER E 154 17.18 44.10 -6.56
N PRO E 155 16.51 43.99 -5.41
CA PRO E 155 15.03 43.92 -5.36
C PRO E 155 14.41 45.30 -5.47
N ILE E 156 15.25 46.34 -5.49
CA ILE E 156 14.76 47.68 -5.58
C ILE E 156 15.00 48.16 -6.99
N PRO E 157 13.92 48.49 -7.71
CA PRO E 157 14.14 48.96 -9.10
C PRO E 157 14.99 50.23 -9.13
N ASP E 158 15.74 50.40 -10.21
CA ASP E 158 16.59 51.57 -10.42
C ASP E 158 17.70 51.69 -9.40
N THR E 159 18.30 50.56 -9.03
CA THR E 159 19.42 50.55 -8.12
C THR E 159 20.44 49.55 -8.62
N GLU E 160 21.71 49.81 -8.33
CA GLU E 160 22.78 48.88 -8.65
C GLU E 160 23.31 48.42 -7.28
N SER E 161 23.50 47.12 -7.14
CA SER E 161 23.97 46.54 -5.89
C SER E 161 25.18 45.66 -6.12
N LYS E 162 26.24 45.92 -5.40
CA LYS E 162 27.42 45.11 -5.56
C LYS E 162 28.10 44.93 -4.24
N ILE E 163 28.80 43.81 -4.10
CA ILE E 163 29.52 43.51 -2.91
C ILE E 163 30.98 43.52 -3.28
N VAL E 164 31.76 44.37 -2.67
CA VAL E 164 33.18 44.40 -2.95
C VAL E 164 33.89 43.76 -1.78
N LYS E 165 34.89 42.93 -2.05
CA LYS E 165 35.64 42.33 -0.98
C LYS E 165 36.94 43.07 -0.85
N GLU E 166 37.20 43.60 0.34
CA GLU E 166 38.42 44.37 0.61
C GLU E 166 39.28 43.68 1.64
N PRO E 167 40.60 43.99 1.64
CA PRO E 167 41.45 43.40 2.64
C PRO E 167 40.96 43.94 3.98
N VAL E 168 40.98 43.11 4.97
CA VAL E 168 40.46 43.47 6.28
C VAL E 168 41.24 44.64 6.95
N GLY E 169 42.56 44.70 6.69
CA GLY E 169 43.40 45.78 7.22
C GLY E 169 44.66 45.29 7.87
N VAL E 170 44.82 45.60 9.16
CA VAL E 170 46.00 45.18 9.90
C VAL E 170 45.74 43.84 10.56
N VAL E 171 46.68 42.94 10.39
CA VAL E 171 46.52 41.61 10.93
C VAL E 171 47.70 41.15 11.81
N THR E 172 47.39 40.61 12.98
CA THR E 172 48.42 40.07 13.83
C THR E 172 48.38 38.57 13.71
N GLN E 173 49.57 37.97 13.60
CA GLN E 173 49.70 36.55 13.39
C GLN E 173 50.63 35.95 14.42
N ILE E 174 50.13 34.96 15.13
CA ILE E 174 50.86 34.31 16.21
C ILE E 174 50.92 32.81 15.98
N THR E 175 52.13 32.26 16.01
CA THR E 175 52.35 30.84 15.71
C THR E 175 53.00 30.01 16.81
N PRO E 176 52.86 28.68 16.71
CA PRO E 176 53.43 27.77 17.69
C PRO E 176 54.82 27.30 17.32
N TRP E 177 55.44 26.56 18.22
CA TRP E 177 56.77 26.02 18.01
C TRP E 177 56.89 24.68 17.25
N ASN E 178 55.80 23.94 17.05
CA ASN E 178 55.91 22.61 16.43
C ASN E 178 56.28 22.60 14.95
N TYR E 179 55.58 23.41 14.15
CA TYR E 179 55.85 23.55 12.72
C TYR E 179 55.85 25.04 12.46
N PRO E 180 56.90 25.73 12.91
CA PRO E 180 56.98 27.19 12.80
C PRO E 180 56.72 27.82 11.44
N LEU E 181 57.49 27.44 10.42
CA LEU E 181 57.33 28.08 9.12
C LEU E 181 56.05 27.65 8.43
N LEU E 182 55.65 26.39 8.64
CA LEU E 182 54.43 25.92 8.03
C LEU E 182 53.26 26.75 8.53
N GLN E 183 53.13 26.88 9.85
CA GLN E 183 52.01 27.62 10.42
C GLN E 183 52.08 29.09 10.03
N ALA E 184 53.30 29.60 9.88
CA ALA E 184 53.50 30.99 9.46
C ALA E 184 53.04 31.19 8.02
N SER E 185 53.37 30.23 7.16
CA SER E 185 52.95 30.32 5.75
C SER E 185 51.43 30.38 5.57
N TRP E 186 50.72 29.63 6.41
CA TRP E 186 49.25 29.58 6.35
C TRP E 186 48.59 30.92 6.61
N LYS E 187 49.32 31.80 7.29
CA LYS E 187 48.84 33.13 7.65
C LYS E 187 49.37 34.22 6.75
N ILE E 188 50.67 34.18 6.49
CA ILE E 188 51.30 35.17 5.65
C ILE E 188 50.77 35.18 4.23
N ALA E 189 50.69 34.01 3.62
CA ALA E 189 50.28 33.91 2.24
C ALA E 189 48.97 34.61 1.92
N PRO E 190 47.87 34.28 2.65
CA PRO E 190 46.61 34.92 2.35
C PRO E 190 46.56 36.38 2.76
N ALA E 191 47.33 36.74 3.77
CA ALA E 191 47.39 38.12 4.20
C ALA E 191 47.97 38.99 3.10
N LEU E 192 49.12 38.58 2.56
CA LEU E 192 49.75 39.35 1.50
C LEU E 192 48.96 39.30 0.19
N ALA E 193 48.40 38.13 -0.13
CA ALA E 193 47.61 37.99 -1.35
C ALA E 193 46.39 38.93 -1.40
N THR E 194 45.76 39.15 -0.25
CA THR E 194 44.60 40.02 -0.17
C THR E 194 44.93 41.50 -0.03
N GLY E 195 46.15 41.81 0.35
CA GLY E 195 46.58 43.21 0.46
C GLY E 195 46.63 43.77 1.86
N CYS E 196 46.62 42.89 2.85
CA CYS E 196 46.68 43.30 4.24
C CYS E 196 48.11 43.63 4.64
N SER E 197 48.26 44.28 5.80
CA SER E 197 49.55 44.53 6.40
C SER E 197 49.57 43.53 7.58
N LEU E 198 50.73 42.99 7.91
CA LEU E 198 50.79 42.02 8.98
C LEU E 198 51.93 42.26 9.95
N VAL E 199 51.72 41.73 11.16
CA VAL E 199 52.68 41.78 12.23
C VAL E 199 52.69 40.35 12.74
N MET E 200 53.81 39.67 12.55
CA MET E 200 53.92 38.30 12.97
C MET E 200 54.87 38.08 14.14
N LYS E 201 54.48 37.16 15.03
CA LYS E 201 55.30 36.80 16.17
C LYS E 201 55.32 35.29 16.28
N PRO E 202 56.50 34.68 16.05
CA PRO E 202 56.62 33.23 16.17
C PRO E 202 56.80 32.81 17.61
N SER E 203 56.72 31.52 17.88
CA SER E 203 56.94 31.03 19.23
C SER E 203 58.32 31.51 19.66
N GLU E 204 58.40 32.06 20.86
CA GLU E 204 59.65 32.58 21.35
C GLU E 204 60.77 31.57 21.31
N ILE E 205 60.43 30.29 21.49
CA ILE E 205 61.46 29.22 21.52
C ILE E 205 61.97 28.77 20.16
N THR E 206 61.24 29.09 19.09
CA THR E 206 61.60 28.67 17.72
C THR E 206 61.40 29.76 16.66
N PRO E 207 62.32 30.73 16.59
CA PRO E 207 62.17 31.82 15.65
C PRO E 207 63.00 31.71 14.39
N LEU E 208 63.86 30.71 14.29
CA LEU E 208 64.81 30.60 13.19
C LEU E 208 64.28 30.68 11.76
N THR E 209 63.36 29.80 11.40
CA THR E 209 62.85 29.81 10.04
C THR E 209 61.99 31.01 9.78
N THR E 210 61.34 31.54 10.82
CA THR E 210 60.49 32.71 10.64
C THR E 210 61.37 33.93 10.34
N ILE E 211 62.51 34.00 10.99
CA ILE E 211 63.43 35.10 10.71
C ILE E 211 63.89 34.97 9.28
N ARG E 212 64.31 33.76 8.91
CA ARG E 212 64.79 33.51 7.54
C ARG E 212 63.76 33.90 6.47
N VAL E 213 62.50 33.51 6.66
CA VAL E 213 61.50 33.83 5.66
C VAL E 213 61.32 35.34 5.54
N PHE E 214 61.49 36.07 6.65
CA PHE E 214 61.39 37.53 6.59
C PHE E 214 62.54 38.10 5.79
N GLU E 215 63.73 37.55 5.93
CA GLU E 215 64.84 38.01 5.12
C GLU E 215 64.48 37.80 3.63
N LEU E 216 63.87 36.65 3.33
CA LEU E 216 63.48 36.33 1.96
C LEU E 216 62.38 37.25 1.44
N MET E 217 61.39 37.56 2.27
CA MET E 217 60.32 38.46 1.88
C MET E 217 60.86 39.86 1.66
N GLU E 218 61.85 40.26 2.44
CA GLU E 218 62.46 41.57 2.26
C GLU E 218 63.14 41.62 0.89
N GLU E 219 63.82 40.53 0.49
CA GLU E 219 64.49 40.46 -0.83
C GLU E 219 63.48 40.64 -1.97
N VAL E 220 62.33 39.99 -1.84
CA VAL E 220 61.27 40.12 -2.85
C VAL E 220 60.84 41.57 -2.96
N GLY E 221 60.67 42.22 -1.82
CA GLY E 221 60.34 43.63 -1.78
C GLY E 221 58.87 43.92 -1.57
N PHE E 222 58.57 44.51 -0.43
CA PHE E 222 57.23 44.91 -0.06
C PHE E 222 57.32 46.30 0.53
N PRO E 223 56.25 47.08 0.39
CA PRO E 223 56.33 48.43 0.94
C PRO E 223 56.59 48.49 2.45
N LYS E 224 57.33 49.51 2.84
CA LYS E 224 57.64 49.78 4.24
C LYS E 224 56.42 49.60 5.15
N GLY E 225 56.53 48.70 6.13
CA GLY E 225 55.43 48.49 7.10
C GLY E 225 54.41 47.41 6.76
N THR E 226 54.41 46.96 5.51
CA THR E 226 53.51 45.90 5.07
C THR E 226 53.73 44.61 5.86
N ILE E 227 54.98 44.27 6.15
CA ILE E 227 55.28 43.09 6.94
C ILE E 227 56.13 43.48 8.13
N ASN E 228 55.87 42.83 9.25
CA ASN E 228 56.63 43.09 10.46
C ASN E 228 56.78 41.82 11.28
N LEU E 229 57.97 41.66 11.84
CA LEU E 229 58.33 40.51 12.65
C LEU E 229 58.73 40.94 14.04
N ILE E 230 57.96 40.49 15.02
CA ILE E 230 58.21 40.76 16.42
C ILE E 230 58.71 39.45 17.02
N LEU E 231 59.75 39.52 17.84
CA LEU E 231 60.30 38.35 18.48
C LEU E 231 60.15 38.55 19.96
N GLY E 232 59.46 37.63 20.62
CA GLY E 232 59.29 37.77 22.04
C GLY E 232 58.34 36.75 22.62
N ALA E 233 58.21 36.79 23.92
CA ALA E 233 57.33 35.89 24.63
C ALA E 233 55.89 36.40 24.55
N GLY E 234 54.95 35.49 24.31
CA GLY E 234 53.54 35.85 24.25
C GLY E 234 53.07 36.48 25.57
N SER E 235 53.64 36.02 26.67
CA SER E 235 53.32 36.56 27.98
C SER E 235 53.57 38.04 28.15
N GLU E 236 54.53 38.55 27.40
CA GLU E 236 54.95 39.95 27.50
C GLU E 236 54.33 40.85 26.39
N VAL E 237 54.41 40.37 25.17
CA VAL E 237 53.95 41.08 23.99
C VAL E 237 52.63 40.65 23.39
N GLY E 238 52.19 39.48 23.76
CA GLY E 238 50.97 38.94 23.21
C GLY E 238 49.70 39.80 23.33
N ASP E 239 49.49 40.41 24.49
CA ASP E 239 48.30 41.23 24.70
C ASP E 239 48.24 42.45 23.82
N VAL E 240 49.37 43.04 23.49
CA VAL E 240 49.35 44.19 22.60
C VAL E 240 48.85 43.73 21.24
N MET E 241 49.36 42.58 20.80
CA MET E 241 49.02 42.01 19.50
C MET E 241 47.56 41.58 19.37
N SER E 242 46.91 41.25 20.47
CA SER E 242 45.53 40.83 20.43
C SER E 242 44.56 41.95 20.79
N GLY E 243 44.98 42.86 21.65
CA GLY E 243 44.10 43.92 22.13
C GLY E 243 44.28 45.34 21.63
N HIS E 244 45.18 45.56 20.68
CA HIS E 244 45.40 46.92 20.21
C HIS E 244 44.27 47.31 19.29
N LYS E 245 43.77 48.52 19.48
CA LYS E 245 42.64 49.05 18.71
C LYS E 245 42.80 49.00 17.16
N GLU E 246 44.01 49.20 16.67
CA GLU E 246 44.28 49.21 15.23
C GLU E 246 44.35 47.85 14.55
N VAL E 247 44.27 46.77 15.30
CA VAL E 247 44.27 45.45 14.71
C VAL E 247 42.85 45.13 14.23
N ASP E 248 42.72 44.62 13.02
CA ASP E 248 41.41 44.28 12.49
C ASP E 248 41.15 42.78 12.64
N LEU E 249 42.21 41.99 12.64
CA LEU E 249 42.09 40.54 12.79
C LEU E 249 43.28 39.95 13.54
N VAL E 250 43.01 38.99 14.41
CA VAL E 250 44.06 38.27 15.12
C VAL E 250 43.97 36.84 14.61
N SER E 251 45.05 36.32 14.04
CA SER E 251 45.06 34.93 13.54
C SER E 251 46.02 34.20 14.45
N PHE E 252 45.50 33.24 15.18
CA PHE E 252 46.27 32.53 16.15
C PHE E 252 46.21 31.02 16.01
N THR E 253 47.38 30.41 16.11
CA THR E 253 47.51 28.97 16.10
C THR E 253 48.30 28.62 17.36
N GLY E 254 47.68 27.87 18.26
CA GLY E 254 48.32 27.50 19.51
C GLY E 254 47.41 26.68 20.41
N SER E 255 47.66 26.72 21.71
CA SER E 255 46.86 25.97 22.66
C SER E 255 45.54 26.66 22.99
N ILE E 256 44.60 25.85 23.46
CA ILE E 256 43.28 26.31 23.80
C ILE E 256 43.23 27.43 24.86
N GLU E 257 43.99 27.31 25.94
CA GLU E 257 43.96 28.34 27.04
C GLU E 257 44.49 29.70 26.55
N THR E 258 45.51 29.68 25.70
CA THR E 258 46.04 30.91 25.14
C THR E 258 45.01 31.52 24.18
N GLY E 259 44.34 30.67 23.41
CA GLY E 259 43.32 31.13 22.46
C GLY E 259 42.13 31.79 23.16
N LYS E 260 41.71 31.20 24.27
CA LYS E 260 40.60 31.77 25.02
C LYS E 260 41.00 33.14 25.52
N HIS E 261 42.23 33.24 26.03
CA HIS E 261 42.74 34.49 26.56
C HIS E 261 42.77 35.54 25.47
N ILE E 262 43.26 35.14 24.32
CA ILE E 262 43.35 36.02 23.17
C ILE E 262 41.98 36.51 22.71
N MET E 263 41.02 35.61 22.67
CA MET E 263 39.67 35.99 22.26
C MET E 263 39.08 36.99 23.24
N LYS E 264 39.24 36.74 24.53
CA LYS E 264 38.73 37.68 25.54
C LYS E 264 39.36 39.06 25.38
N ASN E 265 40.64 39.10 25.06
CA ASN E 265 41.33 40.38 24.93
C ASN E 265 40.94 41.09 23.64
N ALA E 266 40.81 40.32 22.57
CA ALA E 266 40.42 40.86 21.29
C ALA E 266 39.03 41.51 21.38
N ALA E 267 38.20 41.03 22.28
CA ALA E 267 36.86 41.56 22.43
C ALA E 267 36.83 43.04 22.81
N ASN E 268 37.89 43.51 23.48
CA ASN E 268 37.96 44.92 23.89
C ASN E 268 37.76 45.90 22.73
N ASN E 269 38.10 45.47 21.52
CA ASN E 269 37.92 46.29 20.32
C ASN E 269 37.10 45.56 19.24
N VAL E 270 36.27 44.61 19.67
CA VAL E 270 35.43 43.83 18.76
C VAL E 270 36.28 43.35 17.56
N THR E 271 37.50 42.93 17.84
CA THR E 271 38.42 42.48 16.82
C THR E 271 38.17 41.02 16.42
N ASN E 272 38.05 40.79 15.12
CA ASN E 272 37.80 39.43 14.64
C ASN E 272 38.93 38.51 15.03
N ILE E 273 38.61 37.22 15.21
CA ILE E 273 39.64 36.26 15.53
C ILE E 273 39.52 35.01 14.68
N ALA E 274 40.66 34.43 14.36
CA ALA E 274 40.73 33.16 13.68
C ALA E 274 41.60 32.34 14.61
N LEU E 275 41.05 31.27 15.17
CA LEU E 275 41.80 30.45 16.10
C LEU E 275 41.95 29.06 15.58
N GLU E 276 43.18 28.56 15.65
CA GLU E 276 43.51 27.18 15.28
C GLU E 276 44.12 26.59 16.54
N LEU E 277 43.30 25.84 17.27
CA LEU E 277 43.72 25.27 18.55
C LEU E 277 44.04 23.78 18.50
N GLY E 278 44.11 23.14 19.67
CA GLY E 278 44.44 21.74 19.73
C GLY E 278 43.36 20.75 19.35
N GLY E 279 43.68 19.48 19.56
CA GLY E 279 42.76 18.40 19.27
C GLY E 279 43.02 17.13 20.06
N LYS E 280 42.00 16.29 20.09
CA LYS E 280 42.01 14.98 20.71
C LYS E 280 41.41 14.18 19.58
N ASN E 281 42.26 13.98 18.59
CA ASN E 281 41.89 13.34 17.36
C ASN E 281 41.78 11.83 17.42
N PRO E 282 40.59 11.30 17.04
CA PRO E 282 40.40 9.88 17.07
C PRO E 282 40.94 9.20 15.85
N ASN E 283 41.41 7.97 16.04
CA ASN E 283 41.90 7.14 14.96
C ASN E 283 41.07 5.89 15.15
N ILE E 284 39.97 5.83 14.41
CA ILE E 284 39.03 4.72 14.54
C ILE E 284 39.40 3.55 13.66
N ILE E 285 39.55 2.39 14.26
CA ILE E 285 39.96 1.21 13.53
C ILE E 285 38.97 0.07 13.69
N PHE E 286 38.29 -0.29 12.62
CA PHE E 286 37.32 -1.38 12.63
C PHE E 286 38.02 -2.71 12.41
N ASP E 287 37.34 -3.80 12.76
CA ASP E 287 37.93 -5.12 12.56
C ASP E 287 38.07 -5.46 11.08
N ASP E 288 37.26 -4.84 10.21
CA ASP E 288 37.36 -5.08 8.77
C ASP E 288 38.35 -4.11 8.08
N ALA E 289 39.19 -3.45 8.88
CA ALA E 289 40.20 -2.58 8.32
C ALA E 289 41.35 -3.43 7.84
N ASP E 290 42.15 -2.88 6.95
CA ASP E 290 43.37 -3.53 6.50
C ASP E 290 44.23 -3.45 7.75
N PHE E 291 44.42 -4.59 8.39
CA PHE E 291 45.13 -4.61 9.64
C PHE E 291 46.52 -3.96 9.65
N GLU E 292 47.42 -4.40 8.78
CA GLU E 292 48.78 -3.86 8.78
C GLU E 292 48.78 -2.37 8.45
N LEU E 293 47.84 -1.95 7.61
CA LEU E 293 47.72 -0.54 7.27
C LEU E 293 47.34 0.24 8.51
N ALA E 294 46.39 -0.29 9.28
CA ALA E 294 45.95 0.39 10.50
C ALA E 294 47.07 0.55 11.51
N VAL E 295 47.86 -0.49 11.69
CA VAL E 295 48.97 -0.43 12.61
C VAL E 295 49.99 0.61 12.13
N ASP E 296 50.32 0.57 10.83
CA ASP E 296 51.26 1.51 10.26
C ASP E 296 50.77 2.94 10.50
N GLN E 297 49.51 3.19 10.18
CA GLN E 297 48.95 4.53 10.36
C GLN E 297 48.69 4.93 11.84
N ALA E 298 48.58 3.97 12.72
CA ALA E 298 48.40 4.28 14.14
C ALA E 298 49.75 4.83 14.63
N LEU E 299 50.84 4.21 14.18
CA LEU E 299 52.19 4.65 14.54
C LEU E 299 52.42 6.04 13.98
N ASN E 300 52.15 6.20 12.70
CA ASN E 300 52.31 7.49 12.05
C ASN E 300 51.49 8.55 12.74
N GLY E 301 50.23 8.24 12.99
CA GLY E 301 49.32 9.18 13.63
C GLY E 301 49.74 9.60 15.02
N GLY E 302 50.33 8.68 15.75
CA GLY E 302 50.75 9.01 17.11
C GLY E 302 52.16 9.54 17.31
N TYR E 303 53.10 9.15 16.46
CA TYR E 303 54.47 9.50 16.70
C TYR E 303 55.23 10.39 15.73
N PHE E 304 54.62 10.84 14.63
CA PHE E 304 55.35 11.79 13.78
C PHE E 304 55.62 13.00 14.65
N HIS E 305 56.81 13.56 14.51
CA HIS E 305 57.25 14.72 15.28
C HIS E 305 57.01 14.48 16.80
N ALA E 306 57.22 13.25 17.22
CA ALA E 306 57.06 12.84 18.63
C ALA E 306 55.68 13.18 19.16
N GLY E 307 54.69 13.08 18.30
CA GLY E 307 53.33 13.40 18.68
C GLY E 307 53.03 14.88 18.88
N GLN E 308 53.99 15.75 18.53
CA GLN E 308 53.84 17.22 18.69
C GLN E 308 53.22 17.81 17.44
N VAL E 309 52.07 17.31 17.10
CA VAL E 309 51.37 17.74 15.94
C VAL E 309 49.89 17.86 16.29
N CYS E 310 49.26 18.94 15.87
CA CYS E 310 47.86 19.20 16.19
C CYS E 310 46.92 18.16 15.58
N SER E 311 47.36 17.55 14.50
CA SER E 311 46.57 16.52 13.84
C SER E 311 46.91 15.11 14.39
N ALA E 312 47.67 15.04 15.48
CA ALA E 312 48.07 13.75 16.06
C ALA E 312 46.90 12.83 16.45
N GLY E 313 47.06 11.56 16.14
CA GLY E 313 46.05 10.54 16.43
C GLY E 313 46.36 9.94 17.76
N SER E 314 46.15 10.73 18.80
CA SER E 314 46.47 10.34 20.15
C SER E 314 45.44 9.41 20.73
N ARG E 315 44.23 9.47 20.21
CA ARG E 315 43.17 8.68 20.75
C ARG E 315 42.75 7.58 19.79
N ILE E 316 43.25 6.38 20.02
CA ILE E 316 42.94 5.24 19.18
C ILE E 316 41.71 4.51 19.67
N LEU E 317 40.78 4.29 18.76
CA LEU E 317 39.55 3.58 19.04
C LEU E 317 39.57 2.34 18.16
N VAL E 318 39.67 1.18 18.79
CA VAL E 318 39.75 -0.06 18.03
C VAL E 318 38.61 -1.00 18.40
N GLN E 319 38.03 -1.63 17.39
CA GLN E 319 36.92 -2.52 17.61
C GLN E 319 37.34 -3.70 18.47
N ASN E 320 36.49 -4.06 19.44
CA ASN E 320 36.78 -5.14 20.41
C ASN E 320 37.25 -6.47 19.85
N SER E 321 36.60 -6.96 18.79
CA SER E 321 37.02 -8.23 18.18
C SER E 321 38.54 -8.30 17.83
N ILE E 322 39.18 -7.17 17.50
CA ILE E 322 40.63 -7.16 17.16
C ILE E 322 41.47 -6.33 18.11
N LYS E 323 40.87 -5.83 19.17
CA LYS E 323 41.60 -4.99 20.13
C LYS E 323 42.89 -5.65 20.67
N ASP E 324 42.79 -6.87 21.19
CA ASP E 324 43.97 -7.53 21.76
C ASP E 324 45.08 -7.73 20.75
N LYS E 325 44.72 -8.24 19.59
CA LYS E 325 45.68 -8.46 18.52
C LYS E 325 46.33 -7.11 18.13
N PHE E 326 45.51 -6.05 18.02
CA PHE E 326 46.00 -4.72 17.65
C PHE E 326 46.98 -4.16 18.68
N GLU E 327 46.59 -4.20 19.96
CA GLU E 327 47.47 -3.69 21.00
C GLU E 327 48.82 -4.38 20.93
N GLN E 328 48.82 -5.71 20.79
CA GLN E 328 50.11 -6.44 20.72
C GLN E 328 50.97 -6.00 19.57
N ALA E 329 50.38 -5.90 18.39
CA ALA E 329 51.13 -5.48 17.22
C ALA E 329 51.69 -4.07 17.37
N LEU E 330 50.89 -3.16 17.90
CA LEU E 330 51.30 -1.78 18.09
C LEU E 330 52.47 -1.66 19.04
N ILE E 331 52.32 -2.32 20.18
CA ILE E 331 53.35 -2.33 21.21
C ILE E 331 54.67 -2.86 20.67
N ASP E 332 54.59 -3.98 19.94
CA ASP E 332 55.79 -4.59 19.36
C ASP E 332 56.50 -3.62 18.41
N ARG E 333 55.71 -2.87 17.64
CA ARG E 333 56.27 -1.88 16.73
C ARG E 333 56.85 -0.67 17.48
N VAL E 334 56.17 -0.22 18.53
CA VAL E 334 56.66 0.92 19.32
C VAL E 334 58.04 0.64 19.92
N LYS E 335 58.27 -0.60 20.33
CA LYS E 335 59.57 -1.00 20.87
C LYS E 335 60.72 -0.88 19.87
N LYS E 336 60.43 -0.87 18.56
CA LYS E 336 61.49 -0.77 17.56
C LYS E 336 61.71 0.63 16.98
N ILE E 337 60.89 1.61 17.39
CA ILE E 337 61.04 2.99 16.89
C ILE E 337 62.43 3.56 17.21
N LYS E 338 63.15 3.97 16.17
CA LYS E 338 64.52 4.50 16.31
C LYS E 338 64.51 5.97 16.69
N LEU E 339 65.03 6.28 17.86
CA LEU E 339 65.14 7.66 18.30
C LEU E 339 66.53 8.16 17.97
N GLY E 340 66.68 9.46 17.84
CA GLY E 340 67.97 10.03 17.56
C GLY E 340 67.92 11.46 17.06
N ASN E 341 69.05 11.89 16.52
CA ASN E 341 69.22 13.22 15.97
C ASN E 341 68.45 13.33 14.66
N GLY E 342 67.73 14.43 14.50
CA GLY E 342 66.96 14.66 13.29
C GLY E 342 67.80 14.70 12.03
N PHE E 343 69.09 15.00 12.16
CA PHE E 343 69.99 15.04 11.01
C PHE E 343 70.50 13.67 10.56
N ASP E 344 70.37 12.64 11.39
CA ASP E 344 70.81 11.28 11.02
C ASP E 344 69.68 10.58 10.27
N ALA E 345 69.98 10.07 9.09
CA ALA E 345 69.00 9.39 8.24
C ALA E 345 68.29 8.20 8.92
N ASP E 346 68.94 7.55 9.88
CA ASP E 346 68.32 6.41 10.59
C ASP E 346 67.22 6.82 11.56
N THR E 347 67.26 8.07 12.01
CA THR E 347 66.29 8.56 12.97
C THR E 347 64.85 8.52 12.48
N GLU E 348 63.97 7.94 13.30
CA GLU E 348 62.54 7.85 12.98
C GLU E 348 61.72 8.80 13.84
N MET E 349 62.22 9.14 15.02
CA MET E 349 61.53 10.06 15.90
C MET E 349 62.59 10.87 16.65
N GLY E 350 62.41 12.18 16.68
CA GLY E 350 63.33 13.08 17.38
C GLY E 350 62.89 13.36 18.82
N PRO E 351 63.54 14.35 19.46
CA PRO E 351 63.21 14.69 20.83
C PRO E 351 61.99 15.56 20.90
N VAL E 352 61.54 15.86 22.11
CA VAL E 352 60.42 16.76 22.30
C VAL E 352 61.07 18.14 22.42
N ILE E 353 60.29 19.19 22.24
CA ILE E 353 60.80 20.56 22.16
C ILE E 353 61.52 21.22 23.34
N SER E 354 61.02 21.05 24.58
CA SER E 354 61.65 21.70 25.72
C SER E 354 61.57 20.93 27.03
N THR E 355 62.34 21.39 28.01
CA THR E 355 62.38 20.80 29.33
C THR E 355 60.98 20.85 29.89
N GLU E 356 60.40 22.03 29.87
CA GLU E 356 59.07 22.26 30.35
C GLU E 356 58.07 21.31 29.72
N HIS E 357 58.14 21.17 28.40
CA HIS E 357 57.19 20.34 27.69
C HIS E 357 57.40 18.87 28.04
N ARG E 358 58.65 18.44 28.15
CA ARG E 358 58.89 17.06 28.54
C ARG E 358 58.34 16.81 29.95
N ASN E 359 58.48 17.78 30.85
CA ASN E 359 57.96 17.64 32.21
C ASN E 359 56.45 17.46 32.19
N LYS E 360 55.74 18.24 31.37
CA LYS E 360 54.29 18.08 31.27
C LYS E 360 53.93 16.66 30.84
N ILE E 361 54.69 16.13 29.90
CA ILE E 361 54.44 14.80 29.39
C ILE E 361 54.67 13.79 30.54
N GLU E 362 55.76 13.97 31.28
CA GLU E 362 56.06 13.09 32.39
C GLU E 362 54.98 13.13 33.44
N SER E 363 54.49 14.32 33.76
CA SER E 363 53.44 14.43 34.78
C SER E 363 52.16 13.74 34.27
N TYR E 364 51.93 13.77 32.95
CA TYR E 364 50.76 13.07 32.42
C TYR E 364 50.85 11.56 32.61
N MET E 365 52.07 11.03 32.69
CA MET E 365 52.23 9.59 32.92
C MET E 365 51.77 9.28 34.35
N ASP E 366 52.12 10.18 35.29
CA ASP E 366 51.71 10.01 36.69
C ASP E 366 50.19 10.11 36.80
N VAL E 367 49.62 11.03 36.03
CA VAL E 367 48.19 11.22 36.03
C VAL E 367 47.49 9.95 35.56
N ALA E 368 48.01 9.37 34.47
CA ALA E 368 47.42 8.16 33.89
C ALA E 368 47.46 6.97 34.85
N LYS E 369 48.60 6.73 35.48
CA LYS E 369 48.71 5.62 36.43
C LYS E 369 47.73 5.83 37.57
N ALA E 370 47.65 7.06 38.06
CA ALA E 370 46.78 7.42 39.18
C ALA E 370 45.28 7.27 38.88
N GLU E 371 44.87 7.39 37.62
CA GLU E 371 43.44 7.25 37.29
C GLU E 371 43.11 5.78 37.05
N GLY E 372 44.14 4.93 37.04
CA GLY E 372 43.95 3.49 36.82
C GLY E 372 44.33 2.95 35.45
N ALA E 373 44.99 3.76 34.62
CA ALA E 373 45.40 3.30 33.27
C ALA E 373 46.74 2.59 33.35
N THR E 374 47.09 1.89 32.27
CA THR E 374 48.34 1.13 32.19
C THR E 374 49.33 1.69 31.15
N ILE E 375 50.59 1.86 31.56
CA ILE E 375 51.64 2.30 30.62
C ILE E 375 52.13 0.97 30.02
N ALA E 376 51.54 0.57 28.90
CA ALA E 376 51.88 -0.70 28.28
C ALA E 376 53.31 -0.72 27.79
N VAL E 377 53.82 0.44 27.39
CA VAL E 377 55.21 0.54 26.92
C VAL E 377 55.63 2.01 26.89
N GLY E 378 56.93 2.25 27.11
CA GLY E 378 57.47 3.62 27.11
C GLY E 378 57.12 4.31 28.41
N GLY E 379 56.73 5.59 28.32
CA GLY E 379 56.34 6.36 29.48
C GLY E 379 57.49 6.86 30.31
N LYS E 380 58.67 6.94 29.70
CA LYS E 380 59.85 7.41 30.41
C LYS E 380 60.90 7.91 29.43
N ARG E 381 61.96 8.48 29.95
CA ARG E 381 63.06 8.96 29.12
C ARG E 381 63.87 7.75 28.70
N PRO E 382 64.44 7.77 27.50
CA PRO E 382 65.26 6.64 27.06
C PRO E 382 66.63 6.67 27.75
N ASP E 383 67.21 5.50 27.98
CA ASP E 383 68.51 5.38 28.65
C ASP E 383 69.71 5.56 27.75
N ARG E 384 69.59 5.04 26.52
CA ARG E 384 70.72 5.03 25.57
C ARG E 384 71.60 6.28 25.65
N ASP E 385 72.90 6.05 25.66
CA ASP E 385 73.92 7.08 25.81
C ASP E 385 73.80 8.29 24.92
N ASP E 386 73.73 8.08 23.62
CA ASP E 386 73.62 9.18 22.65
C ASP E 386 72.32 10.02 22.79
N LEU E 387 71.45 9.68 23.75
CA LEU E 387 70.17 10.39 23.98
C LEU E 387 70.10 11.04 25.35
N LYS E 388 71.06 10.76 26.21
CA LYS E 388 71.12 11.29 27.58
C LYS E 388 71.02 12.84 27.65
N ASP E 389 71.75 13.53 26.77
CA ASP E 389 71.77 14.99 26.75
C ASP E 389 70.53 15.64 26.13
N GLY E 390 69.82 14.91 25.27
CA GLY E 390 68.64 15.43 24.59
C GLY E 390 67.34 15.36 25.33
N LEU E 391 66.36 16.09 24.84
CA LEU E 391 65.03 16.14 25.44
C LEU E 391 64.19 15.04 24.87
N PHE E 392 64.65 13.81 24.99
CA PHE E 392 63.89 12.67 24.44
C PHE E 392 62.90 12.10 25.43
N PHE E 393 61.91 11.44 24.87
CA PHE E 393 60.88 10.76 25.66
C PHE E 393 60.43 9.57 24.80
N GLU E 394 60.35 8.39 25.41
CA GLU E 394 59.98 7.18 24.67
C GLU E 394 58.56 7.18 24.13
N PRO E 395 58.39 6.65 22.91
CA PRO E 395 57.05 6.57 22.35
C PRO E 395 56.25 5.71 23.31
N THR E 396 55.03 6.14 23.61
CA THR E 396 54.25 5.47 24.61
C THR E 396 52.85 5.02 24.22
N VAL E 397 52.41 3.93 24.82
CA VAL E 397 51.08 3.39 24.58
C VAL E 397 50.41 3.19 25.93
N ILE E 398 49.23 3.76 26.07
CA ILE E 398 48.49 3.65 27.31
C ILE E 398 47.24 2.82 27.07
N THR E 399 47.05 1.80 27.89
CA THR E 399 45.91 0.87 27.75
C THR E 399 45.03 0.84 28.98
N ASN E 400 43.92 0.09 28.90
CA ASN E 400 42.98 -0.06 30.00
C ASN E 400 42.52 1.29 30.50
N CYS E 401 42.02 2.10 29.58
CA CYS E 401 41.55 3.43 29.94
C CYS E 401 40.15 3.68 29.40
N ASP E 402 39.54 4.77 29.83
CA ASP E 402 38.20 5.12 29.38
C ASP E 402 38.03 6.63 29.19
N THR E 403 36.92 7.01 28.56
CA THR E 403 36.60 8.41 28.26
C THR E 403 36.53 9.39 29.45
N SER E 404 36.29 8.86 30.65
CA SER E 404 36.21 9.72 31.86
C SER E 404 37.60 10.18 32.34
N MET E 405 38.66 9.55 31.85
CA MET E 405 40.02 9.90 32.27
C MET E 405 40.63 11.11 31.59
N ARG E 406 41.45 11.82 32.36
CA ARG E 406 42.14 13.01 31.86
C ARG E 406 43.16 12.67 30.76
N ILE E 407 43.82 11.52 30.91
CA ILE E 407 44.81 11.12 29.92
C ILE E 407 44.16 10.93 28.53
N VAL E 408 42.88 10.59 28.53
CA VAL E 408 42.11 10.40 27.31
C VAL E 408 41.50 11.72 26.82
N GLN E 409 40.96 12.54 27.72
CA GLN E 409 40.31 13.82 27.34
C GLN E 409 41.20 15.00 26.96
N GLU E 410 42.41 15.05 27.52
CA GLU E 410 43.29 16.19 27.33
C GLU E 410 44.39 15.99 26.35
N GLU E 411 44.78 17.09 25.70
CA GLU E 411 45.85 17.06 24.71
C GLU E 411 47.21 17.02 25.39
N VAL E 412 47.86 15.87 25.33
CA VAL E 412 49.18 15.68 25.91
C VAL E 412 50.25 16.29 24.99
N PHE E 413 50.05 16.12 23.70
CA PHE E 413 50.92 16.68 22.69
C PHE E 413 52.36 16.12 22.78
N GLY E 414 52.44 14.81 23.02
CA GLY E 414 53.72 14.12 23.14
C GLY E 414 53.61 12.79 22.43
N PRO E 415 54.69 12.00 22.44
CA PRO E 415 54.65 10.71 21.77
C PRO E 415 53.85 9.71 22.61
N VAL E 416 52.56 9.95 22.71
CA VAL E 416 51.70 9.15 23.51
C VAL E 416 50.36 8.90 22.85
N VAL E 417 49.87 7.67 22.95
CA VAL E 417 48.55 7.34 22.43
C VAL E 417 47.80 6.49 23.44
N THR E 418 46.49 6.60 23.43
CA THR E 418 45.64 5.81 24.31
C THR E 418 44.86 4.86 23.42
N VAL E 419 44.53 3.70 23.96
CA VAL E 419 43.78 2.72 23.18
C VAL E 419 42.49 2.36 23.92
N GLU E 420 41.36 2.57 23.26
CA GLU E 420 40.04 2.28 23.81
C GLU E 420 39.32 1.34 22.86
N GLY E 421 38.53 0.44 23.41
CA GLY E 421 37.79 -0.49 22.59
C GLY E 421 36.37 -0.01 22.38
N PHE E 422 35.73 -0.52 21.34
CA PHE E 422 34.35 -0.20 21.07
C PHE E 422 33.71 -1.43 20.42
N GLU E 423 32.43 -1.62 20.64
CA GLU E 423 31.74 -2.77 20.10
C GLU E 423 31.12 -2.45 18.75
N THR E 424 30.29 -1.41 18.71
CA THR E 424 29.59 -1.04 17.50
C THR E 424 30.03 0.28 16.89
N GLU E 425 29.57 0.45 15.66
CA GLU E 425 29.78 1.65 14.89
C GLU E 425 29.27 2.89 15.65
N GLN E 426 28.07 2.79 16.25
CA GLN E 426 27.49 3.93 17.01
C GLN E 426 28.35 4.28 18.20
N GLU E 427 28.87 3.27 18.87
CA GLU E 427 29.71 3.46 20.04
C GLU E 427 31.04 4.15 19.66
N ALA E 428 31.60 3.80 18.51
CA ALA E 428 32.84 4.43 18.05
C ALA E 428 32.64 5.93 17.79
N ILE E 429 31.51 6.26 17.20
CA ILE E 429 31.16 7.64 16.93
C ILE E 429 30.99 8.41 18.26
N GLN E 430 30.25 7.82 19.21
CA GLN E 430 30.06 8.45 20.53
C GLN E 430 31.35 8.74 21.21
N LEU E 431 32.22 7.73 21.28
CA LEU E 431 33.52 7.93 21.93
C LEU E 431 34.37 8.96 21.20
N ALA E 432 34.42 8.87 19.88
CA ALA E 432 35.22 9.81 19.10
C ALA E 432 34.79 11.27 19.31
N ASN E 433 33.48 11.49 19.44
CA ASN E 433 32.93 12.84 19.67
C ASN E 433 32.89 13.24 21.13
N ASP E 434 33.26 12.33 22.01
CA ASP E 434 33.22 12.60 23.44
C ASP E 434 34.49 13.31 23.89
N SER E 435 34.64 14.56 23.47
CA SER E 435 35.76 15.41 23.85
C SER E 435 35.32 16.83 23.56
N ILE E 436 36.04 17.79 24.12
CA ILE E 436 35.71 19.18 23.89
C ILE E 436 36.17 19.65 22.52
N TYR E 437 37.12 18.89 21.93
CA TYR E 437 37.73 19.20 20.63
C TYR E 437 37.03 18.64 19.39
N GLY E 438 37.54 19.03 18.22
CA GLY E 438 37.00 18.57 16.93
C GLY E 438 37.82 19.05 15.73
N LEU E 439 39.13 18.81 15.79
CA LEU E 439 40.00 19.24 14.72
C LEU E 439 40.08 18.25 13.55
N ALA E 440 40.49 17.02 13.82
CA ALA E 440 40.67 16.02 12.76
C ALA E 440 40.56 14.60 13.27
N GLY E 441 40.46 13.65 12.35
CA GLY E 441 40.33 12.24 12.75
C GLY E 441 40.31 11.30 11.57
N ALA E 442 40.34 10.01 11.84
CA ALA E 442 40.36 9.03 10.76
C ALA E 442 39.49 7.84 11.03
N VAL E 443 39.14 7.15 9.94
CA VAL E 443 38.35 5.94 9.99
C VAL E 443 39.01 4.92 9.10
N PHE E 444 39.32 3.76 9.65
CA PHE E 444 39.92 2.67 8.87
C PHE E 444 38.95 1.50 8.75
N SER E 445 38.58 1.17 7.51
CA SER E 445 37.68 0.07 7.22
C SER E 445 37.68 -0.18 5.73
N LYS E 446 37.62 -1.43 5.31
CA LYS E 446 37.57 -1.73 3.87
C LYS E 446 36.15 -1.50 3.37
N ASP E 447 35.20 -1.43 4.29
CA ASP E 447 33.80 -1.16 3.96
C ASP E 447 33.71 0.36 3.87
N ILE E 448 33.85 0.87 2.66
CA ILE E 448 33.86 2.31 2.44
C ILE E 448 32.52 2.97 2.78
N GLY E 449 31.39 2.31 2.49
CA GLY E 449 30.08 2.84 2.83
C GLY E 449 29.97 3.12 4.33
N LYS E 450 30.51 2.22 5.14
CA LYS E 450 30.50 2.37 6.60
C LYS E 450 31.42 3.52 7.00
N ALA E 451 32.59 3.61 6.38
CA ALA E 451 33.52 4.72 6.69
C ALA E 451 32.86 6.08 6.38
N GLN E 452 32.06 6.15 5.32
CA GLN E 452 31.34 7.37 4.96
C GLN E 452 30.28 7.70 6.00
N ARG E 453 29.54 6.69 6.48
CA ARG E 453 28.50 6.95 7.49
C ARG E 453 29.11 7.52 8.72
N VAL E 454 30.27 6.99 9.08
CA VAL E 454 31.00 7.43 10.25
C VAL E 454 31.53 8.84 10.07
N ALA E 455 32.20 9.06 8.93
CA ALA E 455 32.79 10.36 8.62
C ALA E 455 31.75 11.46 8.72
N ASN E 456 30.53 11.18 8.26
CA ASN E 456 29.42 12.16 8.31
C ASN E 456 29.00 12.53 9.70
N LYS E 457 29.12 11.59 10.63
CA LYS E 457 28.70 11.83 11.99
C LYS E 457 29.79 12.36 12.91
N LEU E 458 31.04 12.36 12.46
CA LEU E 458 32.13 12.87 13.31
C LEU E 458 32.15 14.37 13.26
N LYS E 459 32.24 15.01 14.40
CA LYS E 459 32.29 16.47 14.47
C LYS E 459 33.77 16.89 14.41
N LEU E 460 34.32 16.84 13.20
CA LEU E 460 35.72 17.15 12.97
C LEU E 460 35.86 17.97 11.71
N GLY E 461 36.78 18.92 11.72
CA GLY E 461 37.05 19.79 10.57
C GLY E 461 37.61 19.03 9.40
N THR E 462 38.37 17.99 9.69
CA THR E 462 38.93 17.13 8.66
C THR E 462 38.76 15.67 9.07
N VAL E 463 38.30 14.82 8.14
CA VAL E 463 38.15 13.40 8.41
C VAL E 463 38.86 12.63 7.31
N TRP E 464 39.71 11.68 7.69
CA TRP E 464 40.42 10.88 6.71
C TRP E 464 39.86 9.50 6.70
N ILE E 465 39.55 8.99 5.52
CA ILE E 465 39.07 7.64 5.39
C ILE E 465 40.24 6.83 4.88
N ASN E 466 40.71 5.90 5.69
CA ASN E 466 41.84 5.06 5.36
C ASN E 466 43.14 5.82 5.08
N ASP E 467 43.38 6.84 5.90
CA ASP E 467 44.60 7.61 5.82
C ASP E 467 44.73 8.38 7.12
N PHE E 468 45.88 9.03 7.32
CA PHE E 468 46.06 9.82 8.53
C PHE E 468 47.15 10.88 8.32
N HIS E 469 46.80 12.14 8.66
CA HIS E 469 47.66 13.37 8.57
C HIS E 469 47.52 14.35 7.39
N PRO E 470 47.10 13.88 6.22
CA PRO E 470 47.14 14.84 5.12
C PRO E 470 46.26 16.11 5.14
N TYR E 471 46.90 17.22 4.80
CA TYR E 471 46.27 18.54 4.65
C TYR E 471 46.96 19.16 3.45
N PHE E 472 46.31 20.13 2.83
CA PHE E 472 46.87 20.81 1.68
C PHE E 472 46.18 22.11 1.42
N ALA E 473 46.92 23.03 0.80
CA ALA E 473 46.43 24.37 0.54
C ALA E 473 45.07 24.43 -0.13
N GLN E 474 44.75 23.45 -0.95
CA GLN E 474 43.50 23.50 -1.69
C GLN E 474 42.22 23.40 -0.84
N ALA E 475 42.35 22.83 0.36
CA ALA E 475 41.23 22.60 1.23
C ALA E 475 41.37 23.25 2.61
N PRO E 476 40.24 23.73 3.15
CA PRO E 476 40.24 24.37 4.47
C PRO E 476 40.49 23.41 5.63
N TRP E 477 41.21 23.93 6.62
CA TRP E 477 41.63 23.21 7.83
C TRP E 477 41.28 24.04 9.03
N GLY E 478 40.65 23.41 10.00
CA GLY E 478 40.21 24.11 11.19
C GLY E 478 39.31 23.22 12.02
N GLY E 479 38.81 23.76 13.10
CA GLY E 479 38.05 22.96 13.99
C GLY E 479 36.57 23.16 14.13
N TYR E 480 35.96 22.10 14.68
CA TYR E 480 34.58 22.09 15.08
C TYR E 480 34.78 22.29 16.57
N LYS E 481 33.72 22.66 17.28
CA LYS E 481 33.78 22.75 18.73
C LYS E 481 34.95 23.59 19.23
N GLN E 482 35.64 23.13 20.26
CA GLN E 482 36.73 23.93 20.83
C GLN E 482 38.12 23.85 20.15
N SER E 483 38.21 23.24 18.98
CA SER E 483 39.48 23.18 18.27
C SER E 483 39.73 24.46 17.49
N GLY E 484 38.76 25.39 17.49
CA GLY E 484 39.00 26.64 16.81
C GLY E 484 37.81 27.43 16.36
N ILE E 485 38.12 28.53 15.72
CA ILE E 485 37.16 29.45 15.12
C ILE E 485 37.78 29.88 13.79
N GLY E 486 37.04 29.65 12.71
CA GLY E 486 37.49 29.98 11.40
C GLY E 486 38.27 28.85 10.76
N ARG E 487 38.90 29.16 9.64
CA ARG E 487 39.64 28.19 8.86
C ARG E 487 40.87 28.78 8.27
N GLU E 488 41.84 27.92 8.02
CA GLU E 488 43.08 28.28 7.34
C GLU E 488 43.16 27.38 6.14
N LEU E 489 43.87 27.86 5.12
CA LEU E 489 44.00 27.14 3.84
C LEU E 489 42.67 27.18 3.06
N GLY E 490 42.75 26.92 1.77
CA GLY E 490 41.59 26.93 0.90
C GLY E 490 41.05 28.33 0.74
N LYS E 491 39.96 28.46 -0.01
CA LYS E 491 39.30 29.76 -0.21
C LYS E 491 38.81 30.34 1.12
N GLU E 492 38.41 29.48 2.05
CA GLU E 492 37.94 29.98 3.35
C GLU E 492 39.07 30.61 4.10
N GLY E 493 40.26 30.07 3.93
CA GLY E 493 41.45 30.61 4.58
C GLY E 493 41.71 32.03 4.11
N LEU E 494 41.43 32.29 2.84
CA LEU E 494 41.59 33.60 2.30
C LEU E 494 40.52 34.52 2.87
N GLU E 495 39.29 34.02 2.97
CA GLU E 495 38.15 34.83 3.48
C GLU E 495 38.32 35.37 4.88
N GLU E 496 39.20 34.79 5.67
CA GLU E 496 39.43 35.35 7.01
C GLU E 496 40.07 36.76 6.88
N TYR E 497 40.74 37.00 5.75
CA TYR E 497 41.46 38.25 5.48
C TYR E 497 40.71 39.27 4.63
N LEU E 498 39.45 38.99 4.35
CA LEU E 498 38.61 39.86 3.56
C LEU E 498 37.38 40.26 4.33
N VAL E 499 36.82 41.39 3.95
CA VAL E 499 35.64 41.94 4.57
C VAL E 499 34.76 42.43 3.44
N SER E 500 33.46 42.20 3.55
CA SER E 500 32.54 42.58 2.50
C SER E 500 31.93 43.93 2.70
N LYS E 501 31.78 44.66 1.59
CA LYS E 501 31.17 45.97 1.57
C LYS E 501 30.08 45.97 0.53
N HIS E 502 28.87 46.33 0.93
CA HIS E 502 27.76 46.41 0.01
C HIS E 502 27.58 47.84 -0.45
N ILE E 503 27.89 48.12 -1.71
CA ILE E 503 27.73 49.49 -2.25
C ILE E 503 26.47 49.51 -3.06
N LEU E 504 25.50 50.27 -2.60
CA LEU E 504 24.19 50.35 -3.28
C LEU E 504 24.02 51.71 -3.88
N THR E 505 23.83 51.77 -5.17
CA THR E 505 23.66 53.03 -5.85
C THR E 505 22.23 53.19 -6.35
N ASN E 506 21.56 54.26 -5.97
CA ASN E 506 20.22 54.55 -6.49
C ASN E 506 20.41 55.38 -7.75
N THR E 507 20.09 54.81 -8.90
CA THR E 507 20.29 55.48 -10.20
C THR E 507 19.18 56.43 -10.60
N ASN E 508 18.09 56.46 -9.83
CA ASN E 508 17.00 57.38 -10.10
C ASN E 508 16.44 57.84 -8.76
N PRO E 509 17.26 58.57 -7.98
CA PRO E 509 16.84 59.04 -6.67
C PRO E 509 15.60 59.93 -6.68
N GLN E 510 14.67 59.65 -5.79
CA GLN E 510 13.40 60.39 -5.66
C GLN E 510 13.17 60.75 -4.22
N LEU E 511 12.59 61.91 -3.98
CA LEU E 511 12.27 62.30 -2.64
C LEU E 511 11.21 61.31 -2.09
N VAL E 512 11.33 61.00 -0.81
CA VAL E 512 10.39 60.10 -0.17
C VAL E 512 9.21 60.89 0.39
N ASN E 513 9.47 62.12 0.84
CA ASN E 513 8.45 62.99 1.40
C ASN E 513 7.67 62.38 2.54
N TRP E 514 8.38 61.76 3.46
CA TRP E 514 7.77 61.16 4.61
C TRP E 514 7.42 62.25 5.61
N PHE E 515 8.34 63.19 5.77
CA PHE E 515 8.17 64.31 6.68
C PHE E 515 7.64 65.57 5.99
N SER E 516 6.66 66.21 6.63
CA SER E 516 6.02 67.43 6.10
C SER E 516 7.00 68.47 5.49
N LYS E 517 6.57 69.09 4.38
CA LYS E 517 7.34 70.16 3.69
C LYS E 517 6.85 71.49 4.22
N MET F 22 -21.71 -48.15 49.85
CA MET F 22 -20.56 -48.13 50.80
C MET F 22 -19.26 -48.81 50.29
N GLU F 23 -19.32 -49.98 49.65
CA GLU F 23 -18.16 -50.67 49.04
C GLU F 23 -17.66 -49.92 47.80
N LEU F 24 -18.63 -49.41 47.09
CA LEU F 24 -18.41 -48.64 45.90
C LEU F 24 -17.47 -47.46 46.11
N LEU F 25 -17.53 -46.85 47.29
CA LEU F 25 -16.75 -45.67 47.62
C LEU F 25 -15.31 -45.94 48.02
N LYS F 26 -14.96 -47.20 48.21
CA LYS F 26 -13.64 -47.52 48.69
C LYS F 26 -12.52 -47.07 47.75
N HIS F 27 -12.79 -47.11 46.44
CA HIS F 27 -11.79 -46.71 45.46
C HIS F 27 -12.14 -45.44 44.71
N LEU F 28 -13.28 -44.83 45.04
CA LEU F 28 -13.69 -43.61 44.36
C LEU F 28 -12.78 -42.46 44.76
N SER F 29 -12.40 -41.67 43.77
CA SER F 29 -11.54 -40.52 44.00
C SER F 29 -12.30 -39.48 44.83
N GLN F 30 -11.56 -38.69 45.60
CA GLN F 30 -12.12 -37.68 46.47
C GLN F 30 -11.74 -36.29 46.02
N ARG F 31 -11.13 -36.19 44.85
CA ARG F 31 -10.57 -34.92 44.42
C ARG F 31 -11.10 -34.37 43.14
N GLN F 32 -10.61 -33.17 42.83
CA GLN F 32 -10.96 -32.50 41.62
C GLN F 32 -10.06 -33.02 40.53
N TYR F 33 -10.42 -32.79 39.27
CA TYR F 33 -9.60 -33.21 38.15
C TYR F 33 -9.33 -31.97 37.33
N ILE F 34 -8.09 -31.50 37.39
CA ILE F 34 -7.70 -30.29 36.69
C ILE F 34 -6.41 -30.46 35.92
N ASP F 35 -6.45 -30.08 34.66
CA ASP F 35 -5.31 -30.15 33.77
C ASP F 35 -4.61 -31.54 33.83
N GLY F 36 -5.41 -32.61 33.71
CA GLY F 36 -4.93 -33.98 33.69
C GLY F 36 -4.48 -34.57 35.01
N GLU F 37 -4.75 -33.90 36.12
CA GLU F 37 -4.32 -34.37 37.43
C GLU F 37 -5.41 -34.32 38.45
N TRP F 38 -5.48 -35.35 39.29
CA TRP F 38 -6.44 -35.36 40.38
C TRP F 38 -5.76 -34.56 41.47
N VAL F 39 -6.40 -33.45 41.88
CA VAL F 39 -5.82 -32.56 42.88
C VAL F 39 -6.83 -32.13 43.92
N GLU F 40 -6.32 -31.76 45.08
CA GLU F 40 -7.13 -31.31 46.17
C GLU F 40 -7.52 -29.88 45.92
N SER F 41 -8.30 -29.32 46.84
CA SER F 41 -8.66 -27.90 46.77
C SER F 41 -7.39 -27.09 47.04
N ALA F 42 -7.30 -25.89 46.49
CA ALA F 42 -6.10 -25.08 46.71
C ALA F 42 -5.86 -24.77 48.19
N ASN F 43 -6.92 -24.73 48.99
CA ASN F 43 -6.81 -24.47 50.44
C ASN F 43 -7.05 -25.71 51.27
N LYS F 44 -6.98 -26.87 50.62
CA LYS F 44 -7.21 -28.19 51.27
C LYS F 44 -8.58 -28.34 51.96
N ASN F 45 -9.50 -27.44 51.70
CA ASN F 45 -10.80 -27.51 52.32
C ASN F 45 -11.57 -28.74 51.77
N THR F 46 -12.49 -29.28 52.58
CA THR F 46 -13.27 -30.47 52.20
C THR F 46 -14.74 -30.32 52.54
N ARG F 47 -15.53 -31.26 52.06
CA ARG F 47 -16.96 -31.28 52.26
C ARG F 47 -17.45 -32.71 52.50
N ASP F 48 -18.40 -32.83 53.41
CA ASP F 48 -18.99 -34.12 53.71
C ASP F 48 -20.25 -34.34 52.86
N ILE F 49 -20.33 -35.50 52.24
CA ILE F 49 -21.47 -35.85 51.42
C ILE F 49 -22.40 -36.73 52.23
N ILE F 50 -23.68 -36.44 52.13
CA ILE F 50 -24.71 -37.10 52.95
C ILE F 50 -25.66 -37.97 52.16
N ASN F 51 -26.05 -39.10 52.75
CA ASN F 51 -27.05 -39.97 52.15
C ASN F 51 -28.40 -39.53 52.70
N PRO F 52 -29.32 -39.07 51.85
CA PRO F 52 -30.61 -38.58 52.34
C PRO F 52 -31.50 -39.63 53.01
N TYR F 53 -31.24 -40.91 52.77
CA TYR F 53 -32.05 -41.95 53.40
C TYR F 53 -31.90 -41.96 54.90
N ASN F 54 -30.67 -41.75 55.38
CA ASN F 54 -30.40 -41.77 56.83
C ASN F 54 -29.61 -40.57 57.38
N GLN F 55 -29.23 -39.66 56.51
CA GLN F 55 -28.47 -38.45 56.89
C GLN F 55 -27.10 -38.75 57.46
N GLU F 56 -26.54 -39.91 57.14
CA GLU F 56 -25.20 -40.24 57.60
C GLU F 56 -24.21 -39.67 56.58
N VAL F 57 -23.04 -39.28 57.06
CA VAL F 57 -21.99 -38.83 56.18
C VAL F 57 -21.46 -40.10 55.56
N ILE F 58 -21.34 -40.12 54.24
CA ILE F 58 -20.86 -41.31 53.51
C ILE F 58 -19.56 -41.11 52.74
N PHE F 59 -19.11 -39.88 52.57
CA PHE F 59 -17.91 -39.63 51.78
C PHE F 59 -17.47 -38.19 51.95
N THR F 60 -16.18 -37.95 51.79
CA THR F 60 -15.61 -36.63 51.94
C THR F 60 -14.80 -36.28 50.70
N VAL F 61 -15.10 -35.13 50.10
CA VAL F 61 -14.42 -34.70 48.90
C VAL F 61 -13.85 -33.31 49.03
N SER F 62 -12.98 -32.96 48.09
CA SER F 62 -12.39 -31.64 48.08
C SER F 62 -13.46 -30.55 47.81
N GLU F 63 -13.26 -29.38 48.41
CA GLU F 63 -14.14 -28.22 48.26
C GLU F 63 -13.26 -27.11 47.63
N GLY F 64 -13.25 -27.09 46.30
CA GLY F 64 -12.43 -26.17 45.54
C GLY F 64 -12.64 -24.69 45.75
N THR F 65 -11.64 -23.93 45.37
CA THR F 65 -11.66 -22.47 45.48
C THR F 65 -11.89 -21.85 44.11
N LYS F 66 -12.18 -20.56 44.11
CA LYS F 66 -12.38 -19.86 42.84
C LYS F 66 -11.10 -19.88 42.01
N GLU F 67 -9.93 -19.90 42.65
CA GLU F 67 -8.65 -19.98 41.89
C GLU F 67 -8.51 -21.33 41.17
N ASP F 68 -8.98 -22.41 41.79
CA ASP F 68 -8.99 -23.72 41.14
C ASP F 68 -9.84 -23.66 39.88
N ALA F 69 -11.02 -23.06 39.97
CA ALA F 69 -11.88 -22.91 38.80
C ALA F 69 -11.22 -22.10 37.71
N GLU F 70 -10.50 -21.04 38.07
CA GLU F 70 -9.79 -20.23 37.05
C GLU F 70 -8.72 -21.06 36.39
N ARG F 71 -7.97 -21.78 37.20
CA ARG F 71 -6.86 -22.57 36.67
C ARG F 71 -7.37 -23.62 35.68
N ALA F 72 -8.56 -24.16 35.95
CA ALA F 72 -9.17 -25.19 35.09
C ALA F 72 -9.55 -24.57 33.78
N ILE F 73 -10.17 -23.40 33.87
CA ILE F 73 -10.58 -22.64 32.68
C ILE F 73 -9.38 -22.31 31.83
N LEU F 74 -8.29 -21.83 32.43
CA LEU F 74 -7.09 -21.48 31.67
C LEU F 74 -6.49 -22.71 31.04
N ALA F 75 -6.60 -23.85 31.71
CA ALA F 75 -6.08 -25.10 31.17
C ALA F 75 -6.91 -25.54 29.97
N ALA F 76 -8.24 -25.37 30.08
CA ALA F 76 -9.14 -25.72 29.01
C ALA F 76 -8.83 -24.85 27.79
N ARG F 77 -8.57 -23.58 28.03
CA ARG F 77 -8.21 -22.65 26.96
C ARG F 77 -6.90 -23.09 26.28
N ARG F 78 -5.87 -23.33 27.07
CA ARG F 78 -4.59 -23.75 26.55
C ARG F 78 -4.75 -25.02 25.72
N ALA F 79 -5.53 -25.98 26.24
CA ALA F 79 -5.75 -27.24 25.55
C ALA F 79 -6.52 -27.02 24.23
N PHE F 80 -7.54 -26.17 24.27
CA PHE F 80 -8.29 -25.87 23.07
C PHE F 80 -7.40 -25.25 21.98
N GLU F 81 -6.57 -24.29 22.35
CA GLU F 81 -5.70 -23.64 21.39
C GLU F 81 -4.60 -24.57 20.87
N SER F 82 -4.17 -25.55 21.66
CA SER F 82 -3.11 -26.47 21.19
C SER F 82 -3.68 -27.27 20.03
N GLY F 83 -4.99 -27.50 20.04
CA GLY F 83 -5.67 -28.22 18.99
C GLY F 83 -5.62 -29.72 19.06
N GLU F 84 -5.07 -30.28 20.13
CA GLU F 84 -5.02 -31.75 20.20
C GLU F 84 -6.38 -32.38 20.14
N TRP F 85 -7.40 -31.70 20.65
CA TRP F 85 -8.78 -32.24 20.62
C TRP F 85 -9.64 -31.49 19.60
N SER F 86 -9.52 -30.17 19.58
CA SER F 86 -10.28 -29.36 18.62
C SER F 86 -9.93 -29.64 17.15
N GLN F 87 -8.71 -30.07 16.87
CA GLN F 87 -8.28 -30.38 15.48
C GLN F 87 -8.26 -31.87 15.20
N GLU F 88 -8.68 -32.68 16.16
CA GLU F 88 -8.78 -34.10 15.96
C GLU F 88 -9.93 -34.30 14.96
N THR F 89 -9.86 -35.32 14.13
CA THR F 89 -10.95 -35.57 13.18
C THR F 89 -12.26 -35.86 13.95
N ALA F 90 -13.35 -35.40 13.39
CA ALA F 90 -14.66 -35.63 13.97
C ALA F 90 -14.94 -37.12 14.16
N GLU F 91 -14.52 -37.94 13.20
CA GLU F 91 -14.70 -39.39 13.27
C GLU F 91 -14.03 -39.97 14.50
N THR F 92 -12.81 -39.51 14.76
CA THR F 92 -12.07 -40.01 15.90
C THR F 92 -12.69 -39.51 17.17
N ARG F 93 -13.11 -38.25 17.18
CA ARG F 93 -13.75 -37.72 18.36
C ARG F 93 -14.99 -38.55 18.66
N GLY F 94 -15.70 -38.96 17.61
CA GLY F 94 -16.87 -39.78 17.75
C GLY F 94 -16.53 -41.11 18.41
N LYS F 95 -15.40 -41.72 18.04
CA LYS F 95 -15.01 -43.04 18.61
C LYS F 95 -14.72 -42.92 20.10
N LYS F 96 -14.15 -41.80 20.51
CA LYS F 96 -13.86 -41.58 21.91
C LYS F 96 -15.13 -41.42 22.71
N VAL F 97 -16.07 -40.65 22.18
CA VAL F 97 -17.35 -40.47 22.87
C VAL F 97 -18.08 -41.82 22.95
N ARG F 98 -17.91 -42.66 21.95
CA ARG F 98 -18.52 -43.97 21.94
C ARG F 98 -17.86 -44.80 23.05
N ALA F 99 -16.56 -44.64 23.22
CA ALA F 99 -15.82 -45.37 24.23
C ALA F 99 -16.34 -45.00 25.60
N ILE F 100 -16.66 -43.73 25.80
CA ILE F 100 -17.23 -43.28 27.07
C ILE F 100 -18.57 -43.97 27.25
N ALA F 101 -19.34 -44.05 26.19
CA ALA F 101 -20.66 -44.68 26.26
C ALA F 101 -20.52 -46.12 26.70
N ASP F 102 -19.54 -46.82 26.15
CA ASP F 102 -19.30 -48.21 26.53
C ASP F 102 -18.91 -48.38 28.01
N LYS F 103 -18.22 -47.39 28.55
CA LYS F 103 -17.81 -47.42 29.92
C LYS F 103 -19.04 -47.32 30.79
N ILE F 104 -19.96 -46.45 30.41
CA ILE F 104 -21.18 -46.29 31.18
C ILE F 104 -21.92 -47.64 31.29
N LYS F 105 -22.04 -48.34 30.17
CA LYS F 105 -22.72 -49.63 30.13
C LYS F 105 -21.95 -50.69 30.93
N GLU F 106 -20.62 -50.67 30.83
CA GLU F 106 -19.79 -51.62 31.54
C GLU F 106 -19.95 -51.44 33.07
N HIS F 107 -19.98 -50.19 33.52
CA HIS F 107 -20.10 -49.89 34.96
C HIS F 107 -21.52 -49.47 35.37
N ARG F 108 -22.48 -49.86 34.55
CA ARG F 108 -23.90 -49.57 34.78
C ARG F 108 -24.45 -49.87 36.20
N GLU F 109 -24.20 -51.07 36.69
CA GLU F 109 -24.60 -51.46 38.04
C GLU F 109 -24.01 -50.51 39.09
N ALA F 110 -22.70 -50.36 39.09
CA ALA F 110 -22.03 -49.54 40.09
C ALA F 110 -22.49 -48.09 40.03
N LEU F 111 -22.62 -47.56 38.82
CA LEU F 111 -23.05 -46.17 38.65
C LEU F 111 -24.44 -45.95 39.18
N ALA F 112 -25.33 -46.90 38.90
CA ALA F 112 -26.71 -46.80 39.39
C ALA F 112 -26.77 -46.79 40.92
N ARG F 113 -25.97 -47.63 41.56
CA ARG F 113 -25.96 -47.71 43.01
C ARG F 113 -25.38 -46.45 43.61
N LEU F 114 -24.39 -45.89 42.94
CA LEU F 114 -23.74 -44.69 43.39
C LEU F 114 -24.73 -43.51 43.32
N GLU F 115 -25.53 -43.49 42.27
CA GLU F 115 -26.53 -42.42 42.07
C GLU F 115 -27.67 -42.55 43.09
N THR F 116 -28.09 -43.78 43.37
CA THR F 116 -29.14 -43.99 44.37
C THR F 116 -28.61 -43.61 45.76
N LEU F 117 -27.34 -43.88 45.99
CA LEU F 117 -26.74 -43.58 47.27
C LEU F 117 -26.66 -42.07 47.50
N ASP F 118 -26.30 -41.36 46.44
CA ASP F 118 -26.12 -39.94 46.50
C ASP F 118 -27.45 -39.15 46.45
N THR F 119 -28.37 -39.56 45.59
CA THR F 119 -29.63 -38.83 45.38
C THR F 119 -30.84 -39.40 46.10
N GLY F 120 -30.74 -40.65 46.52
CA GLY F 120 -31.81 -41.30 47.25
C GLY F 120 -32.93 -41.93 46.43
N LYS F 121 -32.92 -41.76 45.12
CA LYS F 121 -34.01 -42.33 44.30
C LYS F 121 -33.87 -43.84 44.18
N THR F 122 -34.94 -44.52 43.80
CA THR F 122 -34.90 -45.97 43.71
C THR F 122 -33.84 -46.45 42.74
N LEU F 123 -33.38 -47.66 43.00
CA LEU F 123 -32.35 -48.27 42.19
C LEU F 123 -32.84 -48.47 40.75
N GLU F 124 -34.10 -48.87 40.58
CA GLU F 124 -34.66 -49.07 39.23
C GLU F 124 -34.66 -47.75 38.44
N GLU F 125 -34.95 -46.63 39.11
CA GLU F 125 -34.90 -45.33 38.44
C GLU F 125 -33.45 -45.03 38.00
N SER F 126 -32.48 -45.39 38.84
CA SER F 126 -31.07 -45.17 38.55
C SER F 126 -30.61 -46.04 37.39
N TYR F 127 -31.11 -47.26 37.30
CA TYR F 127 -30.74 -48.12 36.17
C TYR F 127 -31.22 -47.50 34.88
N ALA F 128 -32.46 -47.01 34.88
CA ALA F 128 -33.00 -46.38 33.69
C ALA F 128 -32.15 -45.15 33.27
N ASP F 129 -31.71 -44.36 34.24
CA ASP F 129 -30.79 -43.24 33.94
C ASP F 129 -29.57 -43.72 33.17
N MET F 130 -28.94 -44.77 33.68
CA MET F 130 -27.72 -45.30 33.07
C MET F 130 -27.96 -45.79 31.65
N ASP F 131 -29.15 -46.33 31.38
CA ASP F 131 -29.48 -46.74 30.02
C ASP F 131 -29.58 -45.49 29.14
N ASP F 132 -30.21 -44.43 29.65
CA ASP F 132 -30.34 -43.19 28.91
C ASP F 132 -29.00 -42.60 28.63
N ILE F 133 -28.17 -42.56 29.67
CA ILE F 133 -26.85 -41.95 29.58
C ILE F 133 -26.03 -42.65 28.56
N HIS F 134 -26.06 -43.97 28.58
CA HIS F 134 -25.34 -44.72 27.58
C HIS F 134 -25.76 -44.24 26.20
N ASN F 135 -27.08 -44.16 26.01
CA ASN F 135 -27.66 -43.76 24.74
C ASN F 135 -27.39 -42.34 24.35
N VAL F 136 -27.26 -41.48 25.35
CA VAL F 136 -26.94 -40.09 25.08
C VAL F 136 -25.55 -40.00 24.49
N PHE F 137 -24.59 -40.63 25.14
CA PHE F 137 -23.24 -40.60 24.62
C PHE F 137 -23.19 -41.26 23.25
N MET F 138 -23.89 -42.34 23.09
CA MET F 138 -23.87 -43.06 21.84
C MET F 138 -24.43 -42.19 20.70
N TYR F 139 -25.55 -41.52 20.97
CA TYR F 139 -26.17 -40.65 19.98
C TYR F 139 -25.20 -39.57 19.49
N PHE F 140 -24.59 -38.86 20.43
CA PHE F 140 -23.66 -37.80 20.09
C PHE F 140 -22.37 -38.33 19.47
N ALA F 141 -21.95 -39.52 19.86
CA ALA F 141 -20.77 -40.14 19.21
C ALA F 141 -21.08 -40.32 17.71
N GLY F 142 -22.31 -40.73 17.41
CA GLY F 142 -22.75 -40.95 16.04
C GLY F 142 -23.00 -39.68 15.27
N LEU F 143 -23.24 -38.59 15.97
CA LEU F 143 -23.55 -37.34 15.31
C LEU F 143 -22.30 -36.49 14.99
N ALA F 144 -21.19 -36.82 15.65
CA ALA F 144 -19.97 -36.04 15.56
C ALA F 144 -19.46 -35.69 14.17
N ASP F 145 -19.50 -36.62 13.24
CA ASP F 145 -18.96 -36.40 11.91
C ASP F 145 -19.99 -36.29 10.81
N LYS F 146 -21.19 -35.88 11.14
CA LYS F 146 -22.28 -35.83 10.14
C LYS F 146 -22.60 -34.49 9.49
N ASP F 147 -22.19 -33.37 10.09
CA ASP F 147 -22.48 -32.05 9.50
C ASP F 147 -21.39 -31.06 9.84
N GLY F 148 -20.53 -30.78 8.88
CA GLY F 148 -19.44 -29.82 9.10
C GLY F 148 -19.67 -28.41 8.60
N GLY F 149 -20.84 -28.18 8.02
CA GLY F 149 -21.20 -26.85 7.51
C GLY F 149 -21.93 -26.93 6.18
N GLU F 150 -21.97 -25.81 5.46
CA GLU F 150 -22.63 -25.75 4.21
C GLU F 150 -21.84 -25.05 3.12
N MET F 151 -22.21 -25.34 1.89
CA MET F 151 -21.70 -24.65 0.73
C MET F 151 -22.87 -23.76 0.35
N ILE F 152 -22.59 -22.48 0.12
CA ILE F 152 -23.61 -21.56 -0.24
C ILE F 152 -23.46 -21.18 -1.69
N ASP F 153 -24.57 -21.03 -2.39
CA ASP F 153 -24.55 -20.54 -3.78
C ASP F 153 -24.51 -19.02 -3.63
N SER F 154 -23.33 -18.48 -3.85
CA SER F 154 -23.09 -17.06 -3.66
C SER F 154 -23.78 -16.22 -4.68
N PRO F 155 -24.41 -15.12 -4.25
CA PRO F 155 -25.03 -14.17 -5.16
C PRO F 155 -23.99 -13.28 -5.86
N ILE F 156 -22.72 -13.41 -5.47
CA ILE F 156 -21.69 -12.61 -6.08
C ILE F 156 -20.94 -13.48 -7.02
N PRO F 157 -20.96 -13.15 -8.29
CA PRO F 157 -20.22 -13.98 -9.23
C PRO F 157 -18.71 -14.03 -8.90
N ASP F 158 -18.07 -15.15 -9.25
CA ASP F 158 -16.65 -15.37 -9.01
C ASP F 158 -16.26 -15.33 -7.53
N THR F 159 -17.09 -15.91 -6.70
CA THR F 159 -16.80 -16.04 -5.27
C THR F 159 -17.23 -17.39 -4.83
N GLU F 160 -16.53 -17.93 -3.84
CA GLU F 160 -16.88 -19.22 -3.22
C GLU F 160 -17.32 -18.87 -1.82
N SER F 161 -18.44 -19.42 -1.40
CA SER F 161 -18.97 -19.15 -0.10
C SER F 161 -19.22 -20.43 0.65
N LYS F 162 -18.64 -20.56 1.82
CA LYS F 162 -18.88 -21.73 2.65
C LYS F 162 -18.98 -21.37 4.11
N ILE F 163 -19.76 -22.15 4.84
CA ILE F 163 -19.96 -21.93 6.25
C ILE F 163 -19.33 -23.09 6.93
N VAL F 164 -18.34 -22.85 7.78
CA VAL F 164 -17.70 -23.93 8.48
C VAL F 164 -18.18 -23.89 9.90
N LYS F 165 -18.47 -25.02 10.49
CA LYS F 165 -18.91 -25.04 11.86
C LYS F 165 -17.75 -25.47 12.70
N GLU F 166 -17.39 -24.65 13.68
CA GLU F 166 -16.26 -24.94 14.56
C GLU F 166 -16.71 -25.11 15.99
N PRO F 167 -15.92 -25.82 16.79
CA PRO F 167 -16.28 -25.92 18.18
C PRO F 167 -16.20 -24.52 18.76
N VAL F 168 -17.12 -24.21 19.65
CA VAL F 168 -17.21 -22.89 20.21
C VAL F 168 -15.94 -22.48 21.01
N GLY F 169 -15.33 -23.44 21.69
CA GLY F 169 -14.13 -23.20 22.48
C GLY F 169 -14.19 -23.80 23.88
N VAL F 170 -14.03 -22.94 24.89
CA VAL F 170 -14.07 -23.37 26.27
C VAL F 170 -15.49 -23.28 26.78
N VAL F 171 -15.92 -24.35 27.41
CA VAL F 171 -17.27 -24.43 27.90
C VAL F 171 -17.38 -24.80 29.38
N THR F 172 -18.18 -24.05 30.13
CA THR F 172 -18.40 -24.36 31.55
C THR F 172 -19.76 -25.02 31.66
N GLN F 173 -19.80 -26.08 32.44
CA GLN F 173 -20.99 -26.89 32.59
C GLN F 173 -21.35 -27.08 34.03
N ILE F 174 -22.56 -26.66 34.39
CA ILE F 174 -23.00 -26.65 35.76
C ILE F 174 -24.30 -27.43 35.87
N THR F 175 -24.33 -28.39 36.78
CA THR F 175 -25.46 -29.29 36.92
C THR F 175 -26.15 -29.31 38.28
N PRO F 176 -27.38 -29.83 38.34
CA PRO F 176 -28.13 -29.92 39.56
C PRO F 176 -27.96 -31.24 40.27
N TRP F 177 -28.51 -31.33 41.46
CA TRP F 177 -28.41 -32.54 42.30
C TRP F 177 -29.44 -33.63 42.02
N ASN F 178 -30.49 -33.35 41.27
CA ASN F 178 -31.56 -34.38 41.10
C ASN F 178 -31.20 -35.60 40.26
N TYR F 179 -30.61 -35.36 39.09
CA TYR F 179 -30.16 -36.41 38.17
C TYR F 179 -28.78 -35.98 37.75
N PRO F 180 -27.81 -36.12 38.65
CA PRO F 180 -26.43 -35.63 38.40
C PRO F 180 -25.74 -36.09 37.15
N LEU F 181 -25.64 -37.40 36.95
CA LEU F 181 -24.93 -37.91 35.80
C LEU F 181 -25.72 -37.72 34.52
N LEU F 182 -27.03 -37.83 34.59
CA LEU F 182 -27.85 -37.63 33.42
C LEU F 182 -27.64 -36.21 32.89
N GLN F 183 -27.79 -35.21 33.75
CA GLN F 183 -27.65 -33.83 33.31
C GLN F 183 -26.24 -33.56 32.86
N ALA F 184 -25.28 -34.26 33.46
CA ALA F 184 -23.86 -34.09 33.06
C ALA F 184 -23.64 -34.65 31.65
N SER F 185 -24.25 -35.80 31.36
CA SER F 185 -24.08 -36.44 30.06
C SER F 185 -24.58 -35.55 28.92
N TRP F 186 -25.68 -34.85 29.17
CA TRP F 186 -26.30 -33.99 28.17
C TRP F 186 -25.39 -32.86 27.73
N LYS F 187 -24.44 -32.52 28.59
CA LYS F 187 -23.49 -31.46 28.32
C LYS F 187 -22.16 -31.99 27.83
N ILE F 188 -21.63 -33.00 28.50
CA ILE F 188 -20.32 -33.55 28.14
C ILE F 188 -20.28 -34.14 26.75
N ALA F 189 -21.27 -34.95 26.43
CA ALA F 189 -21.29 -35.63 25.17
C ALA F 189 -21.10 -34.71 23.96
N PRO F 190 -21.95 -33.67 23.82
CA PRO F 190 -21.82 -32.82 22.66
C PRO F 190 -20.59 -31.95 22.70
N ALA F 191 -20.11 -31.67 23.90
CA ALA F 191 -18.92 -30.81 24.04
C ALA F 191 -17.74 -31.56 23.50
N LEU F 192 -17.59 -32.82 23.90
CA LEU F 192 -16.47 -33.61 23.42
C LEU F 192 -16.62 -33.97 21.96
N ALA F 193 -17.83 -34.29 21.54
CA ALA F 193 -18.08 -34.65 20.15
C ALA F 193 -17.69 -33.54 19.17
N THR F 194 -17.92 -32.29 19.56
CA THR F 194 -17.63 -31.15 18.73
C THR F 194 -16.18 -30.68 18.80
N GLY F 195 -15.48 -31.08 19.83
CA GLY F 195 -14.06 -30.72 19.98
C GLY F 195 -13.76 -29.61 20.97
N CYS F 196 -14.72 -29.31 21.84
CA CYS F 196 -14.56 -28.26 22.82
C CYS F 196 -13.77 -28.76 23.99
N SER F 197 -13.34 -27.83 24.84
CA SER F 197 -12.69 -28.17 26.09
C SER F 197 -13.77 -27.82 27.15
N LEU F 198 -13.82 -28.55 28.26
CA LEU F 198 -14.85 -28.27 29.22
C LEU F 198 -14.36 -28.24 30.63
N VAL F 199 -15.12 -27.54 31.47
CA VAL F 199 -14.88 -27.44 32.91
C VAL F 199 -16.25 -27.68 33.52
N MET F 200 -16.40 -28.80 34.20
CA MET F 200 -17.66 -29.15 34.79
C MET F 200 -17.68 -29.08 36.30
N LYS F 201 -18.81 -28.61 36.84
CA LYS F 201 -18.98 -28.52 38.27
C LYS F 201 -20.35 -29.06 38.63
N PRO F 202 -20.41 -30.22 39.30
CA PRO F 202 -21.69 -30.78 39.71
C PRO F 202 -22.20 -30.13 40.96
N SER F 203 -23.45 -30.39 41.30
CA SER F 203 -24.01 -29.85 42.51
C SER F 203 -23.08 -30.26 43.66
N GLU F 204 -22.75 -29.31 44.51
CA GLU F 204 -21.86 -29.56 45.61
C GLU F 204 -22.33 -30.71 46.48
N ILE F 205 -23.62 -30.91 46.56
CA ILE F 205 -24.21 -31.93 47.37
C ILE F 205 -24.19 -33.35 46.83
N THR F 206 -24.04 -33.48 45.52
CA THR F 206 -24.07 -34.78 44.84
C THR F 206 -22.99 -34.92 43.76
N PRO F 207 -21.73 -35.15 44.17
CA PRO F 207 -20.65 -35.24 43.20
C PRO F 207 -20.21 -36.65 42.82
N LEU F 208 -20.78 -37.66 43.46
CA LEU F 208 -20.31 -39.02 43.29
C LEU F 208 -20.22 -39.58 41.88
N THR F 209 -21.33 -39.58 41.15
CA THR F 209 -21.32 -40.15 39.82
C THR F 209 -20.54 -39.29 38.85
N THR F 210 -20.50 -37.98 39.09
CA THR F 210 -19.74 -37.11 38.24
C THR F 210 -18.24 -37.38 38.42
N ILE F 211 -17.81 -37.64 39.65
CA ILE F 211 -16.43 -37.98 39.87
C ILE F 211 -16.13 -39.28 39.12
N ARG F 212 -17.00 -40.28 39.31
CA ARG F 212 -16.81 -41.57 38.66
C ARG F 212 -16.70 -41.47 37.15
N VAL F 213 -17.60 -40.71 36.52
CA VAL F 213 -17.56 -40.59 35.08
C VAL F 213 -16.21 -39.93 34.63
N PHE F 214 -15.66 -39.02 35.42
CA PHE F 214 -14.37 -38.42 35.11
C PHE F 214 -13.26 -39.47 35.18
N GLU F 215 -13.32 -40.37 36.14
CA GLU F 215 -12.33 -41.44 36.21
C GLU F 215 -12.44 -42.23 34.94
N LEU F 216 -13.67 -42.49 34.50
CA LEU F 216 -13.89 -43.28 33.30
C LEU F 216 -13.40 -42.56 32.04
N MET F 217 -13.65 -41.27 31.97
CA MET F 217 -13.19 -40.50 30.82
C MET F 217 -11.64 -40.44 30.79
N GLU F 218 -11.02 -40.41 31.96
CA GLU F 218 -9.59 -40.40 32.03
C GLU F 218 -9.05 -41.71 31.44
N GLU F 219 -9.69 -42.84 31.78
CA GLU F 219 -9.29 -44.17 31.25
C GLU F 219 -9.36 -44.21 29.74
N VAL F 220 -10.40 -43.62 29.16
CA VAL F 220 -10.54 -43.56 27.70
C VAL F 220 -9.35 -42.80 27.11
N GLY F 221 -8.99 -41.68 27.75
CA GLY F 221 -7.87 -40.88 27.33
C GLY F 221 -8.27 -39.66 26.49
N PHE F 222 -8.02 -38.48 27.04
CA PHE F 222 -8.24 -37.22 26.38
C PHE F 222 -7.03 -36.34 26.64
N PRO F 223 -6.74 -35.40 25.72
CA PRO F 223 -5.57 -34.54 25.95
C PRO F 223 -5.66 -33.69 27.21
N LYS F 224 -4.51 -33.48 27.82
CA LYS F 224 -4.39 -32.69 29.02
C LYS F 224 -5.18 -31.38 28.91
N GLY F 225 -6.10 -31.16 29.85
CA GLY F 225 -6.89 -29.91 29.88
C GLY F 225 -8.21 -29.94 29.15
N THR F 226 -8.40 -30.94 28.30
CA THR F 226 -9.65 -31.06 27.54
C THR F 226 -10.87 -31.19 28.46
N ILE F 227 -10.72 -31.94 29.54
CA ILE F 227 -11.81 -32.10 30.53
C ILE F 227 -11.32 -31.74 31.92
N ASN F 228 -12.17 -31.07 32.67
CA ASN F 228 -11.84 -30.65 34.00
C ASN F 228 -13.06 -30.71 34.87
N LEU F 229 -12.83 -31.14 36.11
CA LEU F 229 -13.86 -31.29 37.12
C LEU F 229 -13.54 -30.47 38.32
N ILE F 230 -14.41 -29.52 38.62
CA ILE F 230 -14.28 -28.66 39.77
C ILE F 230 -15.34 -29.11 40.73
N LEU F 231 -14.99 -29.19 42.00
CA LEU F 231 -15.95 -29.60 43.02
C LEU F 231 -16.08 -28.45 44.00
N GLY F 232 -17.28 -27.94 44.17
CA GLY F 232 -17.45 -26.83 45.09
C GLY F 232 -18.83 -26.25 45.04
N ALA F 233 -19.05 -25.29 45.89
CA ALA F 233 -20.32 -24.62 45.99
C ALA F 233 -20.43 -23.55 44.90
N GLY F 234 -21.59 -23.48 44.25
CA GLY F 234 -21.81 -22.48 43.25
C GLY F 234 -21.63 -21.07 43.81
N SER F 235 -22.02 -20.88 45.07
CA SER F 235 -21.91 -19.55 45.68
C SER F 235 -20.48 -19.05 45.78
N GLU F 236 -19.49 -19.96 45.75
CA GLU F 236 -18.05 -19.61 45.86
C GLU F 236 -17.34 -19.55 44.51
N VAL F 237 -17.53 -20.60 43.74
CA VAL F 237 -16.90 -20.80 42.48
C VAL F 237 -17.72 -20.53 41.26
N GLY F 238 -19.02 -20.50 41.42
CA GLY F 238 -19.90 -20.30 40.28
C GLY F 238 -19.65 -19.07 39.41
N ASP F 239 -19.39 -17.92 40.04
CA ASP F 239 -19.17 -16.69 39.28
C ASP F 239 -17.94 -16.73 38.38
N VAL F 240 -16.90 -17.44 38.80
CA VAL F 240 -15.73 -17.55 37.95
C VAL F 240 -16.13 -18.30 36.70
N MET F 241 -16.91 -19.36 36.90
CA MET F 241 -17.33 -20.22 35.82
C MET F 241 -18.28 -19.56 34.81
N SER F 242 -19.02 -18.56 35.25
CA SER F 242 -19.93 -17.88 34.34
C SER F 242 -19.34 -16.56 33.80
N GLY F 243 -18.48 -15.89 34.60
CA GLY F 243 -17.97 -14.60 34.23
C GLY F 243 -16.53 -14.49 33.73
N HIS F 244 -15.82 -15.60 33.60
CA HIS F 244 -14.44 -15.52 33.17
C HIS F 244 -14.37 -15.23 31.67
N LYS F 245 -13.51 -14.31 31.29
CA LYS F 245 -13.34 -13.88 29.92
C LYS F 245 -13.08 -15.02 28.89
N GLU F 246 -12.36 -16.06 29.31
CA GLU F 246 -12.01 -17.17 28.43
C GLU F 246 -13.08 -18.19 28.17
N VAL F 247 -14.24 -18.06 28.84
CA VAL F 247 -15.33 -18.98 28.61
C VAL F 247 -16.10 -18.51 27.38
N ASP F 248 -16.40 -19.44 26.47
CA ASP F 248 -17.15 -19.07 25.26
C ASP F 248 -18.63 -19.41 25.43
N LEU F 249 -18.93 -20.41 26.27
CA LEU F 249 -20.28 -20.81 26.54
C LEU F 249 -20.47 -21.32 27.94
N VAL F 250 -21.59 -20.94 28.55
CA VAL F 250 -21.95 -21.44 29.88
C VAL F 250 -23.21 -22.28 29.70
N SER F 251 -23.14 -23.56 30.04
CA SER F 251 -24.31 -24.45 29.91
C SER F 251 -24.72 -24.75 31.31
N PHE F 252 -25.93 -24.34 31.65
CA PHE F 252 -26.44 -24.47 33.00
C PHE F 252 -27.80 -25.09 33.10
N THR F 253 -27.91 -26.01 34.03
CA THR F 253 -29.14 -26.68 34.32
C THR F 253 -29.34 -26.49 35.80
N GLY F 254 -30.41 -25.82 36.17
CA GLY F 254 -30.70 -25.54 37.57
C GLY F 254 -31.94 -24.68 37.75
N SER F 255 -32.02 -23.95 38.86
CA SER F 255 -33.19 -23.14 39.15
C SER F 255 -33.16 -21.81 38.43
N ILE F 256 -34.34 -21.23 38.29
CA ILE F 256 -34.50 -19.97 37.59
C ILE F 256 -33.68 -18.80 38.14
N GLU F 257 -33.66 -18.62 39.45
CA GLU F 257 -32.91 -17.49 40.05
C GLU F 257 -31.44 -17.61 39.78
N THR F 258 -30.90 -18.83 39.87
CA THR F 258 -29.47 -19.04 39.63
C THR F 258 -29.17 -18.78 38.19
N GLY F 259 -30.08 -19.18 37.31
CA GLY F 259 -29.92 -18.98 35.86
C GLY F 259 -29.91 -17.52 35.47
N LYS F 260 -30.78 -16.75 36.11
CA LYS F 260 -30.82 -15.32 35.84
C LYS F 260 -29.50 -14.70 36.26
N HIS F 261 -29.02 -15.09 37.44
CA HIS F 261 -27.78 -14.57 37.97
C HIS F 261 -26.65 -14.90 37.02
N ILE F 262 -26.63 -16.13 36.57
CA ILE F 262 -25.59 -16.58 35.66
C ILE F 262 -25.61 -15.82 34.35
N MET F 263 -26.79 -15.58 33.82
CA MET F 263 -26.91 -14.86 32.58
C MET F 263 -26.41 -13.43 32.75
N LYS F 264 -26.80 -12.78 33.84
CA LYS F 264 -26.31 -11.42 34.10
C LYS F 264 -24.79 -11.36 34.18
N ASN F 265 -24.18 -12.38 34.77
CA ASN F 265 -22.75 -12.38 34.94
C ASN F 265 -22.07 -12.67 33.61
N ALA F 266 -22.65 -13.59 32.86
CA ALA F 266 -22.10 -13.99 31.59
C ALA F 266 -22.07 -12.83 30.63
N ALA F 267 -22.97 -11.89 30.83
CA ALA F 267 -23.05 -10.70 29.99
C ALA F 267 -21.78 -9.84 30.05
N ASN F 268 -21.05 -9.89 31.16
CA ASN F 268 -19.81 -9.11 31.29
C ASN F 268 -18.81 -9.35 30.14
N ASN F 269 -18.88 -10.52 29.50
CA ASN F 269 -18.03 -10.87 28.40
C ASN F 269 -18.81 -11.36 27.21
N VAL F 270 -20.07 -10.94 27.14
CA VAL F 270 -20.96 -11.30 26.04
C VAL F 270 -20.89 -12.80 25.78
N THR F 271 -20.81 -13.57 26.85
CA THR F 271 -20.68 -15.01 26.77
C THR F 271 -22.02 -15.69 26.52
N ASN F 272 -22.07 -16.56 25.52
CA ASN F 272 -23.30 -17.27 25.22
C ASN F 272 -23.75 -18.11 26.42
N ILE F 273 -25.06 -18.28 26.55
CA ILE F 273 -25.57 -19.14 27.62
C ILE F 273 -26.62 -20.13 27.11
N ALA F 274 -26.64 -21.29 27.72
CA ALA F 274 -27.64 -22.31 27.43
C ALA F 274 -28.18 -22.60 28.80
N LEU F 275 -29.47 -22.30 29.01
CA LEU F 275 -30.06 -22.46 30.32
C LEU F 275 -31.18 -23.42 30.28
N GLU F 276 -31.16 -24.37 31.22
CA GLU F 276 -32.21 -25.39 31.38
C GLU F 276 -32.70 -25.22 32.77
N LEU F 277 -33.80 -24.51 32.88
CA LEU F 277 -34.36 -24.16 34.18
C LEU F 277 -35.59 -24.98 34.57
N GLY F 278 -36.35 -24.49 35.56
CA GLY F 278 -37.49 -25.24 36.06
C GLY F 278 -38.72 -25.21 35.22
N GLY F 279 -39.79 -25.79 35.78
CA GLY F 279 -41.06 -25.83 35.12
C GLY F 279 -42.23 -25.96 36.06
N LYS F 280 -43.39 -25.62 35.54
CA LYS F 280 -44.67 -25.76 36.22
C LYS F 280 -45.47 -26.48 35.13
N ASN F 281 -45.15 -27.77 35.00
CA ASN F 281 -45.65 -28.60 33.93
C ASN F 281 -47.06 -29.10 34.12
N PRO F 282 -47.92 -28.79 33.16
CA PRO F 282 -49.29 -29.21 33.26
C PRO F 282 -49.47 -30.66 32.84
N ASN F 283 -50.41 -31.33 33.49
CA ASN F 283 -50.78 -32.68 33.15
C ASN F 283 -52.29 -32.53 32.92
N ILE F 284 -52.66 -32.36 31.66
CA ILE F 284 -54.06 -32.10 31.28
C ILE F 284 -54.82 -33.37 31.08
N ILE F 285 -55.90 -33.53 31.81
CA ILE F 285 -56.70 -34.74 31.74
C ILE F 285 -58.13 -34.46 31.38
N PHE F 286 -58.53 -34.89 30.18
CA PHE F 286 -59.92 -34.72 29.71
C PHE F 286 -60.79 -35.85 30.21
N ASP F 287 -62.10 -35.63 30.17
CA ASP F 287 -63.03 -36.64 30.64
C ASP F 287 -63.01 -37.86 29.72
N ASP F 288 -62.64 -37.67 28.45
CA ASP F 288 -62.58 -38.80 27.50
C ASP F 288 -61.19 -39.49 27.50
N ALA F 289 -60.39 -39.22 28.54
CA ALA F 289 -59.11 -39.87 28.68
C ALA F 289 -59.35 -41.26 29.26
N ASP F 290 -58.38 -42.16 29.05
CA ASP F 290 -58.43 -43.48 29.62
C ASP F 290 -58.23 -43.16 31.09
N PHE F 291 -59.29 -43.30 31.87
CA PHE F 291 -59.26 -42.93 33.24
C PHE F 291 -58.14 -43.54 34.09
N GLU F 292 -58.05 -44.86 34.11
CA GLU F 292 -57.01 -45.50 34.94
C GLU F 292 -55.61 -45.14 34.48
N LEU F 293 -55.45 -44.92 33.17
CA LEU F 293 -54.17 -44.52 32.63
C LEU F 293 -53.84 -43.14 33.17
N ALA F 294 -54.81 -42.25 33.20
CA ALA F 294 -54.58 -40.87 33.67
C ALA F 294 -54.16 -40.83 35.12
N VAL F 295 -54.81 -41.66 35.92
CA VAL F 295 -54.46 -41.72 37.33
C VAL F 295 -53.06 -42.26 37.48
N ASP F 296 -52.76 -43.33 36.78
CA ASP F 296 -51.44 -43.93 36.86
C ASP F 296 -50.36 -42.88 36.49
N GLN F 297 -50.57 -42.20 35.37
CA GLN F 297 -49.63 -41.21 34.92
C GLN F 297 -49.61 -39.92 35.75
N ALA F 298 -50.67 -39.64 36.47
CA ALA F 298 -50.68 -38.47 37.33
C ALA F 298 -49.74 -38.76 38.50
N LEU F 299 -49.81 -39.99 39.01
CA LEU F 299 -48.94 -40.43 40.11
C LEU F 299 -47.49 -40.41 39.63
N ASN F 300 -47.26 -41.00 38.47
CA ASN F 300 -45.90 -41.03 37.90
C ASN F 300 -45.36 -39.66 37.70
N GLY F 301 -46.19 -38.81 37.10
CA GLY F 301 -45.81 -37.47 36.82
C GLY F 301 -45.47 -36.67 38.05
N GLY F 302 -46.19 -36.92 39.13
CA GLY F 302 -45.98 -36.12 40.32
C GLY F 302 -44.98 -36.64 41.31
N TYR F 303 -44.82 -37.95 41.37
CA TYR F 303 -44.01 -38.53 42.42
C TYR F 303 -42.75 -39.30 42.08
N PHE F 304 -42.42 -39.49 40.81
CA PHE F 304 -41.14 -40.13 40.53
C PHE F 304 -40.08 -39.22 41.13
N HIS F 305 -39.08 -39.83 41.76
CA HIS F 305 -37.97 -39.14 42.43
C HIS F 305 -38.52 -38.11 43.43
N ALA F 306 -39.64 -38.45 44.07
CA ALA F 306 -40.28 -37.57 45.03
C ALA F 306 -40.60 -36.20 44.45
N GLY F 307 -40.94 -36.18 43.17
CA GLY F 307 -41.27 -34.95 42.48
C GLY F 307 -40.08 -34.04 42.19
N GLN F 308 -38.86 -34.54 42.43
CA GLN F 308 -37.64 -33.75 42.23
C GLN F 308 -37.14 -33.93 40.80
N VAL F 309 -38.00 -33.63 39.86
CA VAL F 309 -37.70 -33.78 38.49
C VAL F 309 -38.23 -32.56 37.73
N CYS F 310 -37.40 -32.00 36.84
CA CYS F 310 -37.78 -30.80 36.12
C CYS F 310 -38.97 -31.02 35.21
N SER F 311 -39.15 -32.26 34.79
CA SER F 311 -40.30 -32.61 33.96
C SER F 311 -41.53 -33.05 34.82
N ALA F 312 -41.49 -32.84 36.13
CA ALA F 312 -42.59 -33.23 36.99
C ALA F 312 -43.94 -32.61 36.61
N GLY F 313 -44.98 -33.42 36.70
CA GLY F 313 -46.35 -32.99 36.44
C GLY F 313 -46.99 -32.55 37.73
N SER F 314 -46.52 -31.39 38.21
CA SER F 314 -46.98 -30.85 39.48
C SER F 314 -48.32 -30.17 39.36
N ARG F 315 -48.66 -29.71 38.17
CA ARG F 315 -49.90 -28.99 37.96
C ARG F 315 -50.90 -29.80 37.16
N ILE F 316 -51.82 -30.45 37.85
CA ILE F 316 -52.81 -31.27 37.20
C ILE F 316 -54.05 -30.45 36.85
N LEU F 317 -54.45 -30.54 35.60
CA LEU F 317 -55.62 -29.86 35.11
C LEU F 317 -56.58 -30.97 34.69
N VAL F 318 -57.70 -31.09 35.37
CA VAL F 318 -58.66 -32.13 35.08
C VAL F 318 -60.01 -31.54 34.72
N GLN F 319 -60.64 -32.10 33.70
CA GLN F 319 -61.93 -31.60 33.24
C GLN F 319 -62.98 -31.79 34.33
N ASN F 320 -63.79 -30.75 34.54
CA ASN F 320 -64.80 -30.73 35.60
C ASN F 320 -65.71 -31.95 35.70
N SER F 321 -66.22 -32.43 34.58
CA SER F 321 -67.13 -33.59 34.60
C SER F 321 -66.54 -34.82 35.38
N ILE F 322 -65.21 -34.97 35.40
CA ILE F 322 -64.59 -36.10 36.12
C ILE F 322 -63.67 -35.67 37.26
N LYS F 323 -63.65 -34.38 37.57
CA LYS F 323 -62.76 -33.86 38.61
C LYS F 323 -62.92 -34.54 39.97
N ASP F 324 -64.14 -34.61 40.48
CA ASP F 324 -64.38 -35.27 41.78
C ASP F 324 -63.94 -36.73 41.80
N LYS F 325 -64.36 -37.48 40.79
CA LYS F 325 -63.98 -38.88 40.69
C LYS F 325 -62.44 -39.02 40.64
N PHE F 326 -61.79 -38.16 39.84
CA PHE F 326 -60.34 -38.18 39.69
C PHE F 326 -59.61 -37.88 40.99
N GLU F 327 -60.00 -36.80 41.66
CA GLU F 327 -59.39 -36.46 42.93
C GLU F 327 -59.47 -37.64 43.90
N GLN F 328 -60.65 -38.25 44.01
CA GLN F 328 -60.78 -39.39 44.93
C GLN F 328 -59.83 -40.51 44.60
N ALA F 329 -59.77 -40.88 43.34
CA ALA F 329 -58.93 -41.99 42.91
C ALA F 329 -57.49 -41.70 43.17
N LEU F 330 -57.07 -40.47 42.87
CA LEU F 330 -55.67 -40.06 43.07
C LEU F 330 -55.27 -40.11 44.54
N ILE F 331 -56.11 -39.52 45.38
CA ILE F 331 -55.89 -39.50 46.83
C ILE F 331 -55.76 -40.91 47.38
N ASP F 332 -56.67 -41.78 46.97
CA ASP F 332 -56.66 -43.16 47.45
C ASP F 332 -55.36 -43.84 47.07
N ARG F 333 -54.87 -43.56 45.87
CA ARG F 333 -53.60 -44.13 45.43
C ARG F 333 -52.41 -43.53 46.19
N VAL F 334 -52.45 -42.23 46.43
CA VAL F 334 -51.36 -41.58 47.15
C VAL F 334 -51.16 -42.17 48.55
N LYS F 335 -52.26 -42.54 49.18
CA LYS F 335 -52.22 -43.16 50.51
C LYS F 335 -51.51 -44.51 50.53
N LYS F 336 -51.37 -45.17 49.39
CA LYS F 336 -50.70 -46.48 49.36
C LYS F 336 -49.24 -46.43 48.89
N ILE F 337 -48.75 -45.27 48.50
CA ILE F 337 -47.35 -45.15 48.01
C ILE F 337 -46.35 -45.60 49.08
N LYS F 338 -45.52 -46.60 48.75
CA LYS F 338 -44.54 -47.15 49.68
C LYS F 338 -43.25 -46.30 49.69
N LEU F 339 -42.96 -45.71 50.84
CA LEU F 339 -41.75 -44.95 51.02
C LEU F 339 -40.70 -45.82 51.66
N GLY F 340 -39.45 -45.50 51.43
CA GLY F 340 -38.36 -46.27 51.98
C GLY F 340 -37.02 -46.02 51.32
N ASN F 341 -36.11 -46.95 51.58
CA ASN F 341 -34.74 -46.88 51.09
C ASN F 341 -34.73 -47.21 49.60
N GLY F 342 -34.00 -46.42 48.82
CA GLY F 342 -33.91 -46.64 47.39
C GLY F 342 -33.33 -47.99 47.00
N PHE F 343 -32.59 -48.61 47.91
CA PHE F 343 -32.01 -49.91 47.64
C PHE F 343 -32.94 -51.08 47.85
N ASP F 344 -34.07 -50.85 48.53
CA ASP F 344 -35.05 -51.92 48.77
C ASP F 344 -36.00 -51.96 47.59
N ALA F 345 -36.14 -53.16 47.01
CA ALA F 345 -37.02 -53.37 45.86
C ALA F 345 -38.50 -52.96 46.09
N ASP F 346 -38.98 -53.00 47.34
CA ASP F 346 -40.37 -52.58 47.64
C ASP F 346 -40.60 -51.07 47.58
N THR F 347 -39.52 -50.31 47.73
CA THR F 347 -39.62 -48.85 47.72
C THR F 347 -40.15 -48.28 46.41
N GLU F 348 -41.15 -47.41 46.52
CA GLU F 348 -41.75 -46.75 45.37
C GLU F 348 -41.35 -45.28 45.30
N MET F 349 -41.03 -44.68 46.44
CA MET F 349 -40.62 -43.29 46.47
C MET F 349 -39.62 -43.13 47.60
N GLY F 350 -38.50 -42.48 47.29
CA GLY F 350 -37.42 -42.25 48.27
C GLY F 350 -37.57 -40.94 48.98
N PRO F 351 -36.54 -40.56 49.73
CA PRO F 351 -36.57 -39.29 50.44
C PRO F 351 -36.26 -38.10 49.51
N VAL F 352 -36.37 -36.89 50.06
CA VAL F 352 -36.02 -35.72 49.31
C VAL F 352 -34.53 -35.50 49.60
N ILE F 353 -33.87 -34.69 48.78
CA ILE F 353 -32.43 -34.53 48.85
C ILE F 353 -31.75 -33.95 50.09
N SER F 354 -32.29 -32.88 50.68
CA SER F 354 -31.63 -32.25 51.84
C SER F 354 -32.59 -31.68 52.86
N THR F 355 -32.03 -31.33 54.02
CA THR F 355 -32.77 -30.71 55.08
C THR F 355 -33.36 -29.42 54.52
N GLU F 356 -32.51 -28.59 53.91
CA GLU F 356 -32.94 -27.30 53.37
C GLU F 356 -34.10 -27.48 52.43
N HIS F 357 -33.99 -28.47 51.56
CA HIS F 357 -34.98 -28.68 50.54
C HIS F 357 -36.27 -29.16 51.13
N ARG F 358 -36.18 -30.04 52.11
CA ARG F 358 -37.40 -30.48 52.78
C ARG F 358 -38.06 -29.29 53.47
N ASN F 359 -37.28 -28.42 54.11
CA ASN F 359 -37.84 -27.24 54.76
C ASN F 359 -38.61 -26.36 53.76
N LYS F 360 -38.04 -26.13 52.57
CA LYS F 360 -38.74 -25.34 51.57
C LYS F 360 -40.06 -25.96 51.23
N ILE F 361 -40.08 -27.28 51.12
CA ILE F 361 -41.31 -27.99 50.82
C ILE F 361 -42.31 -27.78 51.95
N GLU F 362 -41.86 -27.92 53.19
CA GLU F 362 -42.73 -27.70 54.35
C GLU F 362 -43.27 -26.28 54.35
N SER F 363 -42.44 -25.26 54.04
CA SER F 363 -42.90 -23.85 54.03
C SER F 363 -43.98 -23.69 52.97
N TYR F 364 -43.84 -24.41 51.85
CA TYR F 364 -44.84 -24.31 50.82
C TYR F 364 -46.21 -24.85 51.26
N MET F 365 -46.21 -25.78 52.21
CA MET F 365 -47.48 -26.28 52.72
C MET F 365 -48.18 -25.16 53.51
N ASP F 366 -47.40 -24.39 54.27
CA ASP F 366 -47.93 -23.27 55.05
C ASP F 366 -48.45 -22.19 54.11
N VAL F 367 -47.74 -21.99 53.03
CA VAL F 367 -48.13 -21.00 52.04
C VAL F 367 -49.46 -21.39 51.43
N ALA F 368 -49.60 -22.66 51.06
CA ALA F 368 -50.84 -23.15 50.45
C ALA F 368 -52.07 -23.01 51.37
N LYS F 369 -51.93 -23.41 52.63
CA LYS F 369 -53.04 -23.29 53.55
C LYS F 369 -53.41 -21.82 53.69
N ALA F 370 -52.39 -20.96 53.80
CA ALA F 370 -52.61 -19.53 53.97
C ALA F 370 -53.30 -18.86 52.80
N GLU F 371 -53.16 -19.38 51.59
CA GLU F 371 -53.81 -18.76 50.44
C GLU F 371 -55.23 -19.28 50.29
N GLY F 372 -55.57 -20.30 51.08
CA GLY F 372 -56.91 -20.89 51.05
C GLY F 372 -57.02 -22.26 50.38
N ALA F 373 -55.89 -22.90 50.07
CA ALA F 373 -55.93 -24.22 49.45
C ALA F 373 -56.06 -25.30 50.50
N THR F 374 -56.36 -26.51 50.06
CA THR F 374 -56.54 -27.66 50.93
C THR F 374 -55.49 -28.75 50.74
N ILE F 375 -54.91 -29.23 51.84
CA ILE F 375 -53.95 -30.33 51.80
C ILE F 375 -54.87 -31.55 51.89
N ALA F 376 -55.29 -32.07 50.76
CA ALA F 376 -56.18 -33.22 50.74
C ALA F 376 -55.56 -34.49 51.34
N VAL F 377 -54.24 -34.63 51.20
CA VAL F 377 -53.50 -35.78 51.74
C VAL F 377 -51.99 -35.50 51.76
N GLY F 378 -51.30 -36.06 52.74
CA GLY F 378 -49.87 -35.84 52.91
C GLY F 378 -49.59 -34.48 53.52
N GLY F 379 -48.58 -33.79 53.00
CA GLY F 379 -48.21 -32.44 53.47
C GLY F 379 -47.41 -32.41 54.75
N LYS F 380 -46.79 -33.54 55.09
CA LYS F 380 -46.02 -33.63 56.31
C LYS F 380 -45.01 -34.74 56.22
N ARG F 381 -44.16 -34.84 57.23
CA ARG F 381 -43.16 -35.92 57.29
C ARG F 381 -43.88 -37.18 57.72
N PRO F 382 -43.44 -38.34 57.22
CA PRO F 382 -44.08 -39.58 57.61
C PRO F 382 -43.66 -39.95 59.03
N ASP F 383 -44.54 -40.64 59.77
CA ASP F 383 -44.28 -41.08 61.15
C ASP F 383 -43.49 -42.37 61.28
N ARG F 384 -43.78 -43.31 60.40
CA ARG F 384 -43.17 -44.64 60.48
C ARG F 384 -41.70 -44.62 60.94
N ASP F 385 -41.39 -45.54 61.87
CA ASP F 385 -40.06 -45.73 62.49
C ASP F 385 -38.86 -45.75 61.57
N ASP F 386 -38.88 -46.65 60.60
CA ASP F 386 -37.77 -46.78 59.66
C ASP F 386 -37.51 -45.53 58.75
N LEU F 387 -38.33 -44.49 58.92
CA LEU F 387 -38.22 -43.26 58.11
C LEU F 387 -37.85 -42.02 58.93
N LYS F 388 -37.84 -42.15 60.24
CA LYS F 388 -37.49 -41.01 61.12
C LYS F 388 -36.20 -40.34 60.82
N ASP F 389 -35.17 -41.15 60.60
CA ASP F 389 -33.84 -40.63 60.37
C ASP F 389 -33.64 -40.01 59.01
N GLY F 390 -34.47 -40.40 58.04
CA GLY F 390 -34.36 -39.93 56.67
C GLY F 390 -35.06 -38.63 56.34
N LEU F 391 -34.70 -38.05 55.21
CA LEU F 391 -35.28 -36.81 54.75
C LEU F 391 -36.52 -37.09 53.94
N PHE F 392 -37.49 -37.77 54.54
CA PHE F 392 -38.71 -38.10 53.84
C PHE F 392 -39.77 -37.04 53.99
N PHE F 393 -40.67 -37.03 53.01
CA PHE F 393 -41.82 -36.14 53.02
C PHE F 393 -42.94 -36.88 52.29
N GLU F 394 -44.14 -36.87 52.86
CA GLU F 394 -45.25 -37.62 52.26
C GLU F 394 -45.72 -37.08 50.92
N PRO F 395 -46.08 -38.00 50.01
CA PRO F 395 -46.60 -37.57 48.71
C PRO F 395 -47.85 -36.79 49.01
N THR F 396 -48.00 -35.64 48.37
CA THR F 396 -49.06 -34.73 48.68
C THR F 396 -49.96 -34.30 47.52
N VAL F 397 -51.24 -34.06 47.85
CA VAL F 397 -52.22 -33.58 46.88
C VAL F 397 -52.88 -32.34 47.44
N ILE F 398 -52.85 -31.26 46.67
CA ILE F 398 -53.43 -30.01 47.09
C ILE F 398 -54.63 -29.69 46.21
N THR F 399 -55.78 -29.46 46.83
CA THR F 399 -57.03 -29.20 46.13
C THR F 399 -57.61 -27.82 46.45
N ASN F 400 -58.71 -27.48 45.78
CA ASN F 400 -59.39 -26.20 45.96
C ASN F 400 -58.42 -25.06 45.80
N CYS F 401 -57.73 -25.04 44.68
CA CYS F 401 -56.78 -23.99 44.40
C CYS F 401 -57.01 -23.37 43.05
N ASP F 402 -56.38 -22.23 42.81
CA ASP F 402 -56.53 -21.55 41.51
C ASP F 402 -55.20 -20.97 41.02
N THR F 403 -55.20 -20.54 39.76
CA THR F 403 -54.01 -19.98 39.11
C THR F 403 -53.34 -18.75 39.79
N SER F 404 -54.10 -18.03 40.60
CA SER F 404 -53.56 -16.84 41.27
C SER F 404 -52.68 -17.21 42.44
N MET F 405 -52.77 -18.44 42.93
CA MET F 405 -51.97 -18.88 44.07
C MET F 405 -50.50 -19.22 43.78
N ARG F 406 -49.65 -18.95 44.76
CA ARG F 406 -48.23 -19.24 44.69
C ARG F 406 -47.96 -20.75 44.63
N ILE F 407 -48.75 -21.53 45.34
CA ILE F 407 -48.56 -22.97 45.35
C ILE F 407 -48.75 -23.55 43.94
N VAL F 408 -49.58 -22.89 43.14
CA VAL F 408 -49.84 -23.29 41.77
C VAL F 408 -48.81 -22.71 40.78
N GLN F 409 -48.42 -21.45 40.96
CA GLN F 409 -47.47 -20.78 40.06
C GLN F 409 -46.02 -21.13 40.20
N GLU F 410 -45.59 -21.51 41.40
CA GLU F 410 -44.17 -21.73 41.67
C GLU F 410 -43.74 -23.17 41.71
N GLU F 411 -42.48 -23.41 41.37
CA GLU F 411 -41.91 -24.75 41.34
C GLU F 411 -41.51 -25.18 42.74
N VAL F 412 -42.30 -26.09 43.30
CA VAL F 412 -42.05 -26.62 44.64
C VAL F 412 -40.95 -27.65 44.57
N PHE F 413 -40.97 -28.46 43.52
CA PHE F 413 -39.95 -29.47 43.28
C PHE F 413 -39.89 -30.53 44.39
N GLY F 414 -41.07 -30.93 44.85
CA GLY F 414 -41.21 -31.94 45.90
C GLY F 414 -42.33 -32.87 45.52
N PRO F 415 -42.64 -33.83 46.37
CA PRO F 415 -43.71 -34.77 46.05
C PRO F 415 -45.05 -34.12 46.28
N VAL F 416 -45.37 -33.15 45.44
CA VAL F 416 -46.56 -32.38 45.59
C VAL F 416 -47.19 -32.04 44.27
N VAL F 417 -48.51 -32.16 44.20
CA VAL F 417 -49.25 -31.82 43.00
C VAL F 417 -50.47 -31.00 43.37
N THR F 418 -50.89 -30.13 42.46
CA THR F 418 -52.10 -29.34 42.67
C THR F 418 -53.12 -29.81 41.64
N VAL F 419 -54.39 -29.73 42.00
CA VAL F 419 -55.46 -30.15 41.09
C VAL F 419 -56.41 -28.99 40.84
N GLU F 420 -56.55 -28.62 39.57
CA GLU F 420 -57.44 -27.55 39.13
C GLU F 420 -58.40 -28.10 38.10
N GLY F 421 -59.62 -27.59 38.10
CA GLY F 421 -60.59 -28.03 37.14
C GLY F 421 -60.67 -27.08 35.97
N PHE F 422 -61.20 -27.58 34.85
CA PHE F 422 -61.43 -26.77 33.67
C PHE F 422 -62.68 -27.29 32.96
N GLU F 423 -63.40 -26.41 32.28
CA GLU F 423 -64.64 -26.80 31.62
C GLU F 423 -64.37 -27.17 30.19
N THR F 424 -63.76 -26.26 29.46
CA THR F 424 -63.51 -26.48 28.05
C THR F 424 -62.03 -26.61 27.68
N GLU F 425 -61.85 -27.08 26.46
CA GLU F 425 -60.55 -27.25 25.85
C GLU F 425 -59.77 -25.92 25.86
N GLN F 426 -60.43 -24.80 25.55
CA GLN F 426 -59.78 -23.48 25.52
C GLN F 426 -59.32 -23.08 26.92
N GLU F 427 -60.14 -23.38 27.90
CA GLU F 427 -59.83 -23.04 29.28
C GLU F 427 -58.61 -23.86 29.77
N ALA F 428 -58.51 -25.11 29.37
CA ALA F 428 -57.38 -25.94 29.78
C ALA F 428 -56.08 -25.38 29.21
N ILE F 429 -56.14 -24.91 27.98
CA ILE F 429 -55.00 -24.32 27.35
C ILE F 429 -54.59 -23.05 28.08
N GLN F 430 -55.57 -22.19 28.37
CA GLN F 430 -55.29 -20.94 29.09
C GLN F 430 -54.63 -21.18 30.43
N LEU F 431 -55.19 -22.08 31.23
CA LEU F 431 -54.62 -22.41 32.52
C LEU F 431 -53.21 -23.01 32.37
N ALA F 432 -53.05 -23.95 31.47
CA ALA F 432 -51.77 -24.59 31.28
C ALA F 432 -50.65 -23.59 30.93
N ASN F 433 -51.00 -22.58 30.13
CA ASN F 433 -50.04 -21.55 29.70
C ASN F 433 -49.95 -20.39 30.69
N ASP F 434 -50.76 -20.41 31.74
CA ASP F 434 -50.76 -19.34 32.72
C ASP F 434 -49.70 -19.56 33.79
N SER F 435 -48.45 -19.44 33.39
CA SER F 435 -47.30 -19.55 34.29
C SER F 435 -46.15 -18.90 33.56
N ILE F 436 -45.09 -18.60 34.30
CA ILE F 436 -43.93 -17.98 33.70
C ILE F 436 -43.09 -18.99 32.94
N TYR F 437 -43.31 -20.29 33.24
CA TYR F 437 -42.57 -21.42 32.66
C TYR F 437 -43.15 -22.03 31.37
N GLY F 438 -42.40 -22.98 30.81
CA GLY F 438 -42.81 -23.68 29.58
C GLY F 438 -41.87 -24.81 29.16
N LEU F 439 -41.57 -25.70 30.10
CA LEU F 439 -40.63 -26.78 29.83
C LEU F 439 -41.28 -27.99 29.21
N ALA F 440 -42.26 -28.57 29.88
CA ALA F 440 -42.93 -29.78 29.36
C ALA F 440 -44.33 -29.95 29.90
N GLY F 441 -45.08 -30.87 29.29
CA GLY F 441 -46.47 -31.09 29.71
C GLY F 441 -47.12 -32.25 28.98
N ALA F 442 -48.32 -32.62 29.40
CA ALA F 442 -49.02 -33.73 28.78
C ALA F 442 -50.48 -33.47 28.58
N VAL F 443 -51.04 -34.23 27.65
CA VAL F 443 -52.45 -34.17 27.35
C VAL F 443 -52.96 -35.58 27.30
N PHE F 444 -54.00 -35.87 28.07
CA PHE F 444 -54.60 -37.21 28.08
C PHE F 444 -56.01 -37.16 27.52
N SER F 445 -56.23 -37.88 26.44
CA SER F 445 -57.55 -37.96 25.80
C SER F 445 -57.50 -39.06 24.77
N LYS F 446 -58.59 -39.80 24.62
CA LYS F 446 -58.63 -40.84 23.58
C LYS F 446 -58.87 -40.17 22.21
N ASP F 447 -59.36 -38.93 22.22
CA ASP F 447 -59.61 -38.15 21.00
C ASP F 447 -58.27 -37.55 20.63
N ILE F 448 -57.55 -38.24 19.76
CA ILE F 448 -56.21 -37.82 19.41
C ILE F 448 -56.19 -36.46 18.68
N GLY F 449 -57.19 -36.20 17.83
CA GLY F 449 -57.27 -34.95 17.10
C GLY F 449 -57.31 -33.79 18.08
N LYS F 450 -58.07 -33.97 19.16
CA LYS F 450 -58.19 -32.93 20.18
C LYS F 450 -56.83 -32.76 20.91
N ALA F 451 -56.17 -33.86 21.22
CA ALA F 451 -54.90 -33.80 21.90
C ALA F 451 -53.88 -33.06 21.05
N GLN F 452 -53.96 -33.23 19.73
CA GLN F 452 -53.08 -32.51 18.80
C GLN F 452 -53.38 -31.02 18.81
N ARG F 453 -54.67 -30.64 18.80
CA ARG F 453 -55.02 -29.22 18.81
C ARG F 453 -54.47 -28.55 20.02
N VAL F 454 -54.56 -29.26 21.14
CA VAL F 454 -54.05 -28.76 22.41
C VAL F 454 -52.55 -28.67 22.43
N ALA F 455 -51.89 -29.73 22.03
CA ALA F 455 -50.46 -29.78 22.00
C ALA F 455 -49.91 -28.60 21.20
N ASN F 456 -50.56 -28.25 20.09
CA ASN F 456 -50.11 -27.15 19.24
C ASN F 456 -50.19 -25.79 19.90
N LYS F 457 -51.14 -25.62 20.78
CA LYS F 457 -51.31 -24.36 21.45
C LYS F 457 -50.54 -24.24 22.76
N LEU F 458 -49.97 -25.32 23.27
CA LEU F 458 -49.22 -25.26 24.54
C LEU F 458 -47.84 -24.72 24.30
N LYS F 459 -47.43 -23.75 25.11
CA LYS F 459 -46.09 -23.15 24.95
C LYS F 459 -45.10 -23.93 25.81
N LEU F 460 -44.73 -25.10 25.30
CA LEU F 460 -43.89 -26.02 26.00
C LEU F 460 -42.89 -26.61 25.06
N GLY F 461 -41.66 -26.78 25.54
CA GLY F 461 -40.61 -27.38 24.74
C GLY F 461 -40.90 -28.82 24.38
N THR F 462 -41.56 -29.54 25.27
CA THR F 462 -41.93 -30.94 25.01
C THR F 462 -43.38 -31.15 25.44
N VAL F 463 -44.17 -31.81 24.60
CA VAL F 463 -45.55 -32.11 24.91
C VAL F 463 -45.78 -33.59 24.70
N TRP F 464 -46.34 -34.25 25.71
CA TRP F 464 -46.63 -35.68 25.59
C TRP F 464 -48.10 -35.87 25.41
N ILE F 465 -48.47 -36.69 24.43
CA ILE F 465 -49.86 -37.01 24.21
C ILE F 465 -50.04 -38.41 24.73
N ASN F 466 -50.86 -38.55 25.77
CA ASN F 466 -51.10 -39.84 26.40
C ASN F 466 -49.84 -40.53 26.95
N ASP F 467 -48.98 -39.73 27.57
CA ASP F 467 -47.78 -40.26 28.20
C ASP F 467 -47.24 -39.16 29.12
N PHE F 468 -46.25 -39.49 29.93
CA PHE F 468 -45.66 -38.50 30.81
C PHE F 468 -44.24 -38.91 31.19
N HIS F 469 -43.30 -37.96 31.01
CA HIS F 469 -41.84 -38.05 31.32
C HIS F 469 -40.81 -38.34 30.21
N PRO F 470 -41.20 -39.05 29.15
CA PRO F 470 -40.16 -39.40 28.22
C PRO F 470 -39.36 -38.32 27.46
N TYR F 471 -38.05 -38.52 27.44
CA TYR F 471 -37.10 -37.69 26.70
C TYR F 471 -36.07 -38.65 26.16
N PHE F 472 -35.37 -38.26 25.11
CA PHE F 472 -34.35 -39.10 24.54
C PHE F 472 -33.41 -38.29 23.67
N ALA F 473 -32.20 -38.80 23.54
CA ALA F 473 -31.14 -38.13 22.83
C ALA F 473 -31.49 -37.68 21.43
N GLN F 474 -32.38 -38.40 20.76
CA GLN F 474 -32.72 -38.06 19.39
C GLN F 474 -33.45 -36.72 19.22
N ALA F 475 -34.10 -36.24 20.27
CA ALA F 475 -34.90 -35.04 20.20
C ALA F 475 -34.52 -33.97 21.21
N PRO F 476 -34.59 -32.69 20.80
CA PRO F 476 -34.24 -31.58 21.67
C PRO F 476 -35.19 -31.38 22.84
N TRP F 477 -34.59 -30.99 23.96
CA TRP F 477 -35.27 -30.74 25.21
C TRP F 477 -34.87 -29.38 25.73
N GLY F 478 -35.86 -28.61 26.17
CA GLY F 478 -35.59 -27.27 26.68
C GLY F 478 -36.87 -26.50 26.85
N GLY F 479 -36.75 -25.24 27.21
CA GLY F 479 -37.93 -24.49 27.45
C GLY F 479 -38.36 -23.38 26.53
N TYR F 480 -39.62 -23.03 26.70
CA TYR F 480 -40.24 -21.92 26.08
C TYR F 480 -40.22 -20.98 27.27
N LYS F 481 -40.43 -19.69 27.03
CA LYS F 481 -40.58 -18.75 28.11
C LYS F 481 -39.46 -18.82 29.13
N GLN F 482 -39.78 -18.77 30.42
CA GLN F 482 -38.73 -18.75 31.43
C GLN F 482 -38.16 -20.11 31.86
N SER F 483 -38.47 -21.19 31.14
CA SER F 483 -37.90 -22.49 31.48
C SER F 483 -36.51 -22.65 30.87
N GLY F 484 -36.05 -21.66 30.10
CA GLY F 484 -34.72 -21.74 29.57
C GLY F 484 -34.40 -20.95 28.34
N ILE F 485 -33.17 -21.16 27.89
CA ILE F 485 -32.62 -20.58 26.68
C ILE F 485 -31.76 -21.67 26.04
N GLY F 486 -32.10 -22.02 24.81
CA GLY F 486 -31.40 -23.04 24.09
C GLY F 486 -32.03 -24.39 24.30
N ARG F 487 -31.30 -25.42 23.86
CA ARG F 487 -31.75 -26.77 23.92
C ARG F 487 -30.61 -27.71 24.23
N GLU F 488 -30.96 -28.86 24.78
CA GLU F 488 -30.04 -29.91 25.01
C GLU F 488 -30.63 -31.11 24.32
N LEU F 489 -29.76 -32.02 23.92
CA LEU F 489 -30.15 -33.25 23.21
C LEU F 489 -30.52 -32.90 21.80
N GLY F 490 -30.54 -33.92 20.95
CA GLY F 490 -30.82 -33.75 19.53
C GLY F 490 -29.72 -32.95 18.84
N LYS F 491 -29.90 -32.68 17.54
CA LYS F 491 -28.96 -31.87 16.77
C LYS F 491 -28.84 -30.48 17.34
N GLU F 492 -29.94 -29.95 17.89
CA GLU F 492 -29.91 -28.60 18.45
C GLU F 492 -29.02 -28.57 19.65
N GLY F 493 -29.02 -29.66 20.40
CA GLY F 493 -28.16 -29.76 21.58
C GLY F 493 -26.69 -29.64 21.16
N LEU F 494 -26.36 -30.20 20.00
CA LEU F 494 -25.01 -30.17 19.52
C LEU F 494 -24.69 -28.74 19.06
N GLU F 495 -25.63 -28.09 18.41
CA GLU F 495 -25.44 -26.71 17.92
C GLU F 495 -25.12 -25.67 19.00
N GLU F 496 -25.41 -25.96 20.25
CA GLU F 496 -25.05 -24.99 21.30
C GLU F 496 -23.52 -24.92 21.42
N TYR F 497 -22.84 -25.99 21.01
CA TYR F 497 -21.40 -26.13 21.08
C TYR F 497 -20.63 -25.78 19.83
N LEU F 498 -21.35 -25.30 18.82
CA LEU F 498 -20.74 -24.93 17.55
C LEU F 498 -20.97 -23.47 17.26
N VAL F 499 -20.10 -22.92 16.44
CA VAL F 499 -20.20 -21.56 16.02
C VAL F 499 -19.92 -21.55 14.52
N SER F 500 -20.68 -20.75 13.78
CA SER F 500 -20.53 -20.69 12.33
C SER F 500 -19.57 -19.63 11.87
N LYS F 501 -18.80 -19.98 10.84
CA LYS F 501 -17.84 -19.06 10.21
C LYS F 501 -18.10 -19.06 8.73
N HIS F 502 -18.34 -17.88 8.18
CA HIS F 502 -18.55 -17.75 6.76
C HIS F 502 -17.24 -17.35 6.09
N ILE F 503 -16.66 -18.25 5.32
CA ILE F 503 -15.42 -17.94 4.63
C ILE F 503 -15.80 -17.66 3.20
N LEU F 504 -15.57 -16.42 2.78
CA LEU F 504 -15.90 -16.02 1.44
C LEU F 504 -14.62 -15.74 0.68
N THR F 505 -14.43 -16.46 -0.41
CA THR F 505 -13.23 -16.28 -1.25
C THR F 505 -13.59 -15.63 -2.57
N ASN F 506 -12.95 -14.51 -2.90
CA ASN F 506 -13.16 -13.89 -4.20
C ASN F 506 -12.12 -14.51 -5.15
N THR F 507 -12.58 -15.30 -6.13
CA THR F 507 -11.71 -16.01 -7.08
C THR F 507 -11.22 -15.21 -8.29
N ASN F 508 -11.73 -13.99 -8.43
CA ASN F 508 -11.31 -13.09 -9.48
C ASN F 508 -11.33 -11.66 -8.93
N PRO F 509 -10.45 -11.38 -7.95
CA PRO F 509 -10.41 -10.08 -7.30
C PRO F 509 -10.10 -8.96 -8.28
N GLN F 510 -10.88 -7.90 -8.19
CA GLN F 510 -10.74 -6.74 -9.01
C GLN F 510 -10.74 -5.50 -8.14
N LEU F 511 -9.93 -4.52 -8.50
CA LEU F 511 -9.94 -3.26 -7.79
C LEU F 511 -11.31 -2.61 -7.95
N VAL F 512 -11.80 -1.99 -6.88
CA VAL F 512 -13.07 -1.30 -6.93
C VAL F 512 -12.84 0.12 -7.40
N ASN F 513 -11.67 0.68 -7.03
CA ASN F 513 -11.28 2.06 -7.39
C ASN F 513 -12.36 3.09 -6.99
N TRP F 514 -12.89 2.99 -5.76
CA TRP F 514 -13.89 3.93 -5.29
C TRP F 514 -13.18 5.20 -4.89
N PHE F 515 -12.04 5.04 -4.23
CA PHE F 515 -11.21 6.16 -3.82
C PHE F 515 -10.21 6.41 -4.95
N SER F 516 -10.46 7.48 -5.69
CA SER F 516 -9.62 7.88 -6.83
C SER F 516 -8.15 7.64 -6.58
N LYS F 517 -7.47 7.14 -7.62
CA LYS F 517 -6.07 6.85 -7.53
C LYS F 517 -5.33 8.15 -7.80
N MET G 22 -3.96 -69.54 4.36
CA MET G 22 -3.43 -70.72 5.06
C MET G 22 -4.59 -71.59 5.62
N GLU G 23 -4.54 -71.75 6.93
CA GLU G 23 -5.48 -72.51 7.65
C GLU G 23 -6.77 -71.72 7.66
N LEU G 24 -6.81 -70.49 7.11
CA LEU G 24 -8.02 -69.67 7.15
C LEU G 24 -9.27 -70.34 6.59
N LEU G 25 -9.08 -71.11 5.53
CA LEU G 25 -10.18 -71.76 4.82
C LEU G 25 -10.70 -73.03 5.46
N LYS G 26 -10.01 -73.51 6.48
CA LYS G 26 -10.42 -74.77 7.09
C LYS G 26 -11.82 -74.72 7.72
N HIS G 27 -12.21 -73.58 8.27
CA HIS G 27 -13.50 -73.44 8.91
C HIS G 27 -14.45 -72.56 8.14
N LEU G 28 -14.00 -72.01 7.03
CA LEU G 28 -14.85 -71.13 6.24
C LEU G 28 -15.98 -71.90 5.59
N SER G 29 -17.18 -71.36 5.65
CA SER G 29 -18.33 -72.00 5.06
C SER G 29 -18.18 -72.05 3.54
N GLN G 30 -18.79 -73.04 2.92
CA GLN G 30 -18.72 -73.25 1.48
C GLN G 30 -20.06 -73.07 0.83
N ARG G 31 -21.03 -72.57 1.59
CA ARG G 31 -22.38 -72.51 1.08
C ARG G 31 -23.03 -71.16 1.04
N GLN G 32 -24.23 -71.14 0.50
CA GLN G 32 -25.04 -69.94 0.42
C GLN G 32 -25.76 -69.78 1.76
N TYR G 33 -26.26 -68.58 2.01
CA TYR G 33 -26.97 -68.32 3.24
C TYR G 33 -28.32 -67.77 2.83
N ILE G 34 -29.33 -68.60 3.00
CA ILE G 34 -30.67 -68.23 2.63
C ILE G 34 -31.68 -68.50 3.73
N ASP G 35 -32.48 -67.50 4.03
CA ASP G 35 -33.54 -67.60 5.02
C ASP G 35 -33.04 -68.23 6.34
N GLY G 36 -31.93 -67.69 6.85
CA GLY G 36 -31.35 -68.13 8.11
C GLY G 36 -30.64 -69.46 8.14
N GLU G 37 -30.38 -70.04 6.96
CA GLU G 37 -29.72 -71.34 6.88
C GLU G 37 -28.62 -71.37 5.85
N TRP G 38 -27.52 -72.03 6.19
CA TRP G 38 -26.45 -72.23 5.25
C TRP G 38 -26.89 -73.43 4.42
N VAL G 39 -27.05 -73.23 3.12
CA VAL G 39 -27.51 -74.30 2.22
C VAL G 39 -26.69 -74.38 0.95
N GLU G 40 -26.69 -75.56 0.36
CA GLU G 40 -26.00 -75.80 -0.89
C GLU G 40 -26.85 -75.25 -2.05
N SER G 41 -26.33 -75.37 -3.26
CA SER G 41 -27.05 -74.97 -4.44
C SER G 41 -28.21 -75.93 -4.60
N ALA G 42 -29.31 -75.49 -5.20
CA ALA G 42 -30.49 -76.37 -5.38
C ALA G 42 -30.16 -77.61 -6.21
N ASN G 43 -29.18 -77.50 -7.11
CA ASN G 43 -28.74 -78.63 -7.96
C ASN G 43 -27.38 -79.20 -7.51
N LYS G 44 -26.97 -78.86 -6.29
CA LYS G 44 -25.68 -79.30 -5.71
C LYS G 44 -24.43 -78.93 -6.56
N ASN G 45 -24.59 -78.04 -7.52
CA ASN G 45 -23.48 -77.66 -8.35
C ASN G 45 -22.46 -76.84 -7.51
N THR G 46 -21.19 -76.90 -7.92
CA THR G 46 -20.12 -76.19 -7.20
C THR G 46 -19.18 -75.46 -8.15
N ARG G 47 -18.30 -74.65 -7.56
CA ARG G 47 -17.33 -73.87 -8.30
C ARG G 47 -16.00 -73.85 -7.57
N ASP G 48 -14.92 -73.89 -8.34
CA ASP G 48 -13.58 -73.82 -7.79
C ASP G 48 -13.08 -72.39 -7.78
N ILE G 49 -12.53 -71.98 -6.65
CA ILE G 49 -11.99 -70.63 -6.50
C ILE G 49 -10.49 -70.71 -6.67
N ILE G 50 -9.96 -69.74 -7.41
CA ILE G 50 -8.55 -69.73 -7.78
C ILE G 50 -7.77 -68.58 -7.18
N ASN G 51 -6.54 -68.83 -6.78
CA ASN G 51 -5.66 -67.81 -6.28
C ASN G 51 -4.88 -67.30 -7.50
N PRO G 52 -5.05 -66.04 -7.87
CA PRO G 52 -4.34 -65.50 -9.03
C PRO G 52 -2.81 -65.48 -8.94
N TYR G 53 -2.25 -65.56 -7.74
CA TYR G 53 -0.77 -65.59 -7.62
C TYR G 53 -0.17 -66.82 -8.28
N ASN G 54 -0.81 -67.98 -8.14
CA ASN G 54 -0.27 -69.24 -8.69
C ASN G 54 -1.27 -70.08 -9.51
N GLN G 55 -2.50 -69.60 -9.60
CA GLN G 55 -3.57 -70.29 -10.35
C GLN G 55 -3.96 -71.66 -9.77
N GLU G 56 -3.67 -71.89 -8.50
CA GLU G 56 -4.04 -73.12 -7.86
C GLU G 56 -5.48 -72.99 -7.36
N VAL G 57 -6.22 -74.08 -7.36
CA VAL G 57 -7.57 -74.08 -6.82
C VAL G 57 -7.34 -74.07 -5.31
N ILE G 58 -8.00 -73.15 -4.60
CA ILE G 58 -7.85 -73.02 -3.14
C ILE G 58 -9.11 -73.29 -2.33
N PHE G 59 -10.28 -73.37 -2.98
CA PHE G 59 -11.51 -73.55 -2.23
C PHE G 59 -12.64 -73.86 -3.20
N THR G 60 -13.65 -74.56 -2.71
CA THR G 60 -14.79 -74.94 -3.53
C THR G 60 -16.06 -74.54 -2.82
N VAL G 61 -16.91 -73.81 -3.54
CA VAL G 61 -18.15 -73.30 -2.96
C VAL G 61 -19.35 -73.65 -3.81
N SER G 62 -20.53 -73.51 -3.24
CA SER G 62 -21.76 -73.77 -3.96
C SER G 62 -21.95 -72.80 -5.14
N GLU G 63 -22.56 -73.29 -6.20
CA GLU G 63 -22.86 -72.50 -7.41
C GLU G 63 -24.39 -72.50 -7.53
N GLY G 64 -25.02 -71.53 -6.90
CA GLY G 64 -26.48 -71.41 -6.85
C GLY G 64 -27.23 -71.32 -8.17
N THR G 65 -28.52 -71.62 -8.10
CA THR G 65 -29.40 -71.59 -9.25
C THR G 65 -30.31 -70.40 -9.18
N LYS G 66 -30.98 -70.10 -10.27
CA LYS G 66 -31.89 -68.97 -10.28
C LYS G 66 -33.02 -69.18 -9.28
N GLU G 67 -33.41 -70.42 -9.03
CA GLU G 67 -34.48 -70.69 -8.05
C GLU G 67 -34.01 -70.34 -6.64
N ASP G 68 -32.74 -70.59 -6.34
CA ASP G 68 -32.18 -70.20 -5.04
C ASP G 68 -32.32 -68.69 -4.87
N ALA G 69 -31.95 -67.92 -5.92
CA ALA G 69 -32.04 -66.46 -5.86
C ALA G 69 -33.48 -66.02 -5.62
N GLU G 70 -34.44 -66.66 -6.27
CA GLU G 70 -35.86 -66.32 -6.06
C GLU G 70 -36.25 -66.60 -4.63
N ARG G 71 -35.85 -67.77 -4.13
CA ARG G 71 -36.22 -68.17 -2.77
C ARG G 71 -35.68 -67.18 -1.74
N ALA G 72 -34.49 -66.64 -2.01
CA ALA G 72 -33.86 -65.66 -1.12
C ALA G 72 -34.63 -64.37 -1.14
N ILE G 73 -34.99 -63.94 -2.35
CA ILE G 73 -35.79 -62.73 -2.53
C ILE G 73 -37.13 -62.84 -1.82
N LEU G 74 -37.83 -63.97 -1.99
CA LEU G 74 -39.12 -64.17 -1.32
C LEU G 74 -38.94 -64.19 0.20
N ALA G 75 -37.83 -64.72 0.68
CA ALA G 75 -37.57 -64.75 2.12
C ALA G 75 -37.31 -63.33 2.65
N ALA G 76 -36.59 -62.52 1.87
CA ALA G 76 -36.31 -61.14 2.23
C ALA G 76 -37.62 -60.37 2.28
N ARG G 77 -38.51 -60.62 1.31
CA ARG G 77 -39.81 -59.98 1.30
C ARG G 77 -40.61 -60.36 2.54
N ARG G 78 -40.71 -61.65 2.83
CA ARG G 78 -41.47 -62.12 3.97
C ARG G 78 -40.92 -61.49 5.24
N ALA G 79 -39.59 -61.45 5.37
CA ALA G 79 -38.93 -60.89 6.54
C ALA G 79 -39.21 -59.38 6.67
N PHE G 80 -39.12 -58.67 5.54
CA PHE G 80 -39.43 -57.25 5.55
C PHE G 80 -40.87 -56.97 6.02
N GLU G 81 -41.84 -57.71 5.49
CA GLU G 81 -43.25 -57.51 5.86
C GLU G 81 -43.52 -57.92 7.30
N SER G 82 -42.80 -58.90 7.86
CA SER G 82 -43.05 -59.31 9.25
C SER G 82 -42.73 -58.14 10.15
N GLY G 83 -41.77 -57.32 9.72
CA GLY G 83 -41.38 -56.14 10.47
C GLY G 83 -40.37 -56.34 11.58
N GLU G 84 -39.86 -57.56 11.77
CA GLU G 84 -38.91 -57.78 12.84
C GLU G 84 -37.68 -56.87 12.74
N TRP G 85 -37.29 -56.51 11.52
CA TRP G 85 -36.14 -55.62 11.34
C TRP G 85 -36.60 -54.24 10.88
N SER G 86 -37.52 -54.20 9.93
CA SER G 86 -38.03 -52.92 9.43
C SER G 86 -38.74 -52.07 10.49
N GLN G 87 -39.33 -52.70 11.51
CA GLN G 87 -40.01 -51.96 12.59
C GLN G 87 -39.17 -51.86 13.86
N GLU G 88 -37.95 -52.39 13.82
CA GLU G 88 -37.07 -52.28 14.95
C GLU G 88 -36.68 -50.77 15.05
N THR G 89 -36.43 -50.26 16.26
CA THR G 89 -36.07 -48.85 16.41
C THR G 89 -34.74 -48.58 15.68
N ALA G 90 -34.67 -47.42 15.06
CA ALA G 90 -33.46 -47.02 14.35
C ALA G 90 -32.22 -47.09 15.26
N GLU G 91 -32.37 -46.68 16.51
CA GLU G 91 -31.28 -46.72 17.48
C GLU G 91 -30.76 -48.15 17.64
N THR G 92 -31.67 -49.11 17.74
CA THR G 92 -31.27 -50.50 17.91
C THR G 92 -30.62 -51.00 16.64
N ARG G 93 -31.21 -50.65 15.49
CA ARG G 93 -30.61 -51.06 14.24
C ARG G 93 -29.17 -50.54 14.16
N GLY G 94 -28.97 -49.31 14.61
CA GLY G 94 -27.67 -48.72 14.65
C GLY G 94 -26.72 -49.52 15.49
N LYS G 95 -27.16 -50.01 16.64
CA LYS G 95 -26.27 -50.80 17.54
C LYS G 95 -25.83 -52.11 16.88
N LYS G 96 -26.72 -52.72 16.11
CA LYS G 96 -26.41 -53.95 15.41
C LYS G 96 -25.36 -53.70 14.34
N VAL G 97 -25.54 -52.64 13.57
CA VAL G 97 -24.59 -52.31 12.54
C VAL G 97 -23.22 -52.00 13.18
N ARG G 98 -23.25 -51.42 14.38
CA ARG G 98 -22.02 -51.12 15.09
C ARG G 98 -21.38 -52.46 15.50
N ALA G 99 -22.20 -53.42 15.90
CA ALA G 99 -21.69 -54.74 16.28
C ALA G 99 -20.98 -55.41 15.11
N ILE G 100 -21.54 -55.26 13.91
CA ILE G 100 -20.91 -55.80 12.71
C ILE G 100 -19.56 -55.10 12.52
N ALA G 101 -19.54 -53.79 12.72
CA ALA G 101 -18.30 -53.05 12.56
C ALA G 101 -17.24 -53.61 13.51
N ASP G 102 -17.63 -53.89 14.76
CA ASP G 102 -16.66 -54.44 15.74
C ASP G 102 -16.14 -55.82 15.35
N LYS G 103 -16.97 -56.60 14.66
CA LYS G 103 -16.56 -57.92 14.18
C LYS G 103 -15.48 -57.77 13.11
N ILE G 104 -15.66 -56.80 12.23
CA ILE G 104 -14.66 -56.56 11.20
C ILE G 104 -13.30 -56.28 11.83
N LYS G 105 -13.27 -55.42 12.85
CA LYS G 105 -12.04 -55.03 13.52
C LYS G 105 -11.47 -56.21 14.26
N GLU G 106 -12.32 -56.99 14.90
CA GLU G 106 -11.87 -58.15 15.64
C GLU G 106 -11.17 -59.18 14.71
N HIS G 107 -11.74 -59.42 13.54
CA HIS G 107 -11.18 -60.41 12.60
C HIS G 107 -10.39 -59.76 11.44
N ARG G 108 -9.93 -58.53 11.68
CA ARG G 108 -9.20 -57.75 10.64
C ARG G 108 -8.09 -58.52 9.98
N GLU G 109 -7.24 -59.16 10.78
CA GLU G 109 -6.10 -59.96 10.27
C GLU G 109 -6.57 -61.04 9.31
N ALA G 110 -7.47 -61.88 9.78
CA ALA G 110 -7.96 -62.98 8.99
C ALA G 110 -8.67 -62.51 7.72
N LEU G 111 -9.49 -61.47 7.85
CA LEU G 111 -10.22 -60.94 6.69
C LEU G 111 -9.25 -60.41 5.63
N ALA G 112 -8.23 -59.70 6.07
CA ALA G 112 -7.26 -59.12 5.16
C ALA G 112 -6.53 -60.21 4.39
N ARG G 113 -6.18 -61.29 5.07
CA ARG G 113 -5.45 -62.38 4.43
C ARG G 113 -6.35 -63.10 3.46
N LEU G 114 -7.61 -63.18 3.81
CA LEU G 114 -8.58 -63.85 2.98
C LEU G 114 -8.79 -63.05 1.68
N GLU G 115 -8.80 -61.72 1.80
CA GLU G 115 -8.99 -60.84 0.64
C GLU G 115 -7.74 -60.85 -0.25
N THR G 116 -6.55 -60.87 0.34
CA THR G 116 -5.31 -60.96 -0.44
C THR G 116 -5.23 -62.31 -1.16
N LEU G 117 -5.70 -63.35 -0.51
CA LEU G 117 -5.70 -64.67 -1.10
C LEU G 117 -6.62 -64.77 -2.30
N ASP G 118 -7.79 -64.17 -2.17
CA ASP G 118 -8.83 -64.22 -3.17
C ASP G 118 -8.59 -63.25 -4.34
N THR G 119 -8.15 -62.02 -4.03
CA THR G 119 -7.96 -60.97 -5.04
C THR G 119 -6.52 -60.75 -5.52
N GLY G 120 -5.57 -61.22 -4.72
CA GLY G 120 -4.17 -61.12 -5.06
C GLY G 120 -3.46 -59.83 -4.68
N LYS G 121 -4.18 -58.83 -4.19
CA LYS G 121 -3.52 -57.54 -3.86
C LYS G 121 -2.69 -57.67 -2.59
N THR G 122 -1.78 -56.75 -2.38
CA THR G 122 -0.90 -56.81 -1.22
C THR G 122 -1.67 -56.83 0.08
N LEU G 123 -1.04 -57.42 1.08
CA LEU G 123 -1.64 -57.56 2.39
C LEU G 123 -1.87 -56.19 3.01
N GLU G 124 -0.92 -55.25 2.82
CA GLU G 124 -1.10 -53.90 3.38
C GLU G 124 -2.33 -53.21 2.79
N GLU G 125 -2.58 -53.41 1.49
CA GLU G 125 -3.77 -52.83 0.86
C GLU G 125 -5.02 -53.44 1.49
N SER G 126 -4.98 -54.74 1.77
CA SER G 126 -6.10 -55.44 2.38
C SER G 126 -6.34 -54.95 3.80
N TYR G 127 -5.28 -54.67 4.55
CA TYR G 127 -5.44 -54.15 5.90
C TYR G 127 -6.15 -52.80 5.85
N ALA G 128 -5.73 -51.95 4.93
CA ALA G 128 -6.38 -50.64 4.78
C ALA G 128 -7.89 -50.80 4.47
N ASP G 129 -8.24 -51.74 3.60
CA ASP G 129 -9.62 -52.01 3.28
C ASP G 129 -10.39 -52.28 4.55
N MET G 130 -9.85 -53.18 5.38
CA MET G 130 -10.53 -53.58 6.61
C MET G 130 -10.71 -52.39 7.55
N ASP G 131 -9.78 -51.46 7.55
CA ASP G 131 -9.94 -50.26 8.36
C ASP G 131 -11.09 -49.41 7.78
N ASP G 132 -11.14 -49.29 6.44
CA ASP G 132 -12.22 -48.54 5.79
C ASP G 132 -13.57 -49.18 6.08
N ILE G 133 -13.62 -50.50 5.92
CA ILE G 133 -14.85 -51.25 6.13
C ILE G 133 -15.36 -51.08 7.52
N HIS G 134 -14.47 -51.18 8.48
CA HIS G 134 -14.86 -50.96 9.85
C HIS G 134 -15.56 -49.60 9.95
N ASN G 135 -14.90 -48.57 9.41
CA ASN G 135 -15.40 -47.21 9.44
C ASN G 135 -16.66 -46.99 8.66
N VAL G 136 -16.86 -47.75 7.60
CA VAL G 136 -18.07 -47.64 6.81
C VAL G 136 -19.24 -48.11 7.67
N PHE G 137 -19.11 -49.29 8.26
CA PHE G 137 -20.17 -49.78 9.12
C PHE G 137 -20.42 -48.85 10.31
N MET G 138 -19.34 -48.33 10.90
CA MET G 138 -19.47 -47.46 12.04
C MET G 138 -20.19 -46.19 11.66
N TYR G 139 -19.83 -45.60 10.54
CA TYR G 139 -20.47 -44.37 10.06
C TYR G 139 -22.00 -44.56 9.93
N PHE G 140 -22.41 -45.60 9.21
CA PHE G 140 -23.83 -45.86 8.99
C PHE G 140 -24.54 -46.26 10.26
N ALA G 141 -23.83 -46.90 11.17
CA ALA G 141 -24.43 -47.25 12.47
C ALA G 141 -24.83 -45.94 13.16
N GLY G 142 -23.97 -44.94 13.05
CA GLY G 142 -24.19 -43.65 13.68
C GLY G 142 -25.21 -42.79 12.97
N LEU G 143 -25.45 -43.07 11.69
CA LEU G 143 -26.41 -42.29 10.94
C LEU G 143 -27.87 -42.82 11.02
N ALA G 144 -28.01 -44.07 11.43
CA ALA G 144 -29.28 -44.73 11.47
C ALA G 144 -30.47 -44.00 12.09
N ASP G 145 -30.26 -43.36 13.23
CA ASP G 145 -31.35 -42.71 13.94
C ASP G 145 -31.33 -41.20 13.89
N LYS G 146 -30.73 -40.62 12.87
CA LYS G 146 -30.58 -39.16 12.83
C LYS G 146 -31.61 -38.37 12.02
N ASP G 147 -32.30 -38.98 11.06
CA ASP G 147 -33.26 -38.24 10.24
C ASP G 147 -34.39 -39.12 9.79
N GLY G 148 -35.55 -38.97 10.41
CA GLY G 148 -36.70 -39.76 10.07
C GLY G 148 -37.71 -39.12 9.12
N GLY G 149 -37.44 -37.89 8.70
CA GLY G 149 -38.33 -37.17 7.80
C GLY G 149 -38.49 -35.71 8.18
N GLU G 150 -39.54 -35.06 7.69
CA GLU G 150 -39.79 -33.65 7.98
C GLU G 150 -41.22 -33.31 8.31
N MET G 151 -41.38 -32.16 8.93
CA MET G 151 -42.65 -31.57 9.17
C MET G 151 -42.72 -30.45 8.12
N ILE G 152 -43.80 -30.39 7.38
CA ILE G 152 -43.98 -29.39 6.34
C ILE G 152 -45.00 -28.35 6.76
N ASP G 153 -44.73 -27.10 6.43
CA ASP G 153 -45.65 -26.04 6.73
C ASP G 153 -46.63 -26.12 5.57
N SER G 154 -47.82 -26.67 5.84
CA SER G 154 -48.83 -26.86 4.85
C SER G 154 -49.45 -25.56 4.36
N PRO G 155 -49.64 -25.41 3.03
CA PRO G 155 -50.28 -24.24 2.46
C PRO G 155 -51.80 -24.32 2.59
N ILE G 156 -52.30 -25.43 3.10
CA ILE G 156 -53.71 -25.59 3.26
C ILE G 156 -54.01 -25.42 4.72
N PRO G 157 -54.83 -24.44 5.06
CA PRO G 157 -55.18 -24.28 6.49
C PRO G 157 -55.90 -25.53 7.03
N ASP G 158 -55.73 -25.78 8.33
CA ASP G 158 -56.34 -26.92 9.03
C ASP G 158 -55.90 -28.27 8.48
N THR G 159 -54.62 -28.39 8.18
CA THR G 159 -54.03 -29.65 7.74
C THR G 159 -52.66 -29.80 8.38
N GLU G 160 -52.25 -31.04 8.61
CA GLU G 160 -50.93 -31.36 9.12
C GLU G 160 -50.24 -32.12 7.99
N SER G 161 -49.01 -31.73 7.68
CA SER G 161 -48.27 -32.35 6.62
C SER G 161 -46.94 -32.83 7.09
N LYS G 162 -46.63 -34.10 6.88
CA LYS G 162 -45.34 -34.64 7.27
C LYS G 162 -44.84 -35.62 6.25
N ILE G 163 -43.54 -35.74 6.18
CA ILE G 163 -42.89 -36.66 5.28
C ILE G 163 -42.19 -37.67 6.13
N VAL G 164 -42.54 -38.93 6.01
CA VAL G 164 -41.87 -39.97 6.76
C VAL G 164 -40.94 -40.70 5.82
N LYS G 165 -39.73 -41.01 6.26
CA LYS G 165 -38.82 -41.77 5.41
C LYS G 165 -38.83 -43.21 5.89
N GLU G 166 -39.10 -44.14 4.98
CA GLU G 166 -39.19 -45.56 5.32
C GLU G 166 -38.15 -46.33 4.56
N PRO G 167 -37.78 -47.51 5.08
CA PRO G 167 -36.88 -48.36 4.32
C PRO G 167 -37.59 -48.75 3.02
N VAL G 168 -36.84 -48.80 1.94
CA VAL G 168 -37.41 -49.04 0.63
C VAL G 168 -38.04 -50.43 0.51
N GLY G 169 -37.47 -51.41 1.21
CA GLY G 169 -37.98 -52.78 1.17
C GLY G 169 -36.91 -53.84 0.91
N VAL G 170 -37.09 -54.61 -0.16
CA VAL G 170 -36.17 -55.67 -0.50
C VAL G 170 -35.13 -55.14 -1.45
N VAL G 171 -33.89 -55.41 -1.14
CA VAL G 171 -32.80 -54.91 -1.93
C VAL G 171 -31.83 -55.97 -2.41
N THR G 172 -31.50 -55.96 -3.69
CA THR G 172 -30.53 -56.89 -4.23
C THR G 172 -29.22 -56.12 -4.39
N GLN G 173 -28.14 -56.77 -4.00
CA GLN G 173 -26.83 -56.15 -3.99
C GLN G 173 -25.84 -57.02 -4.73
N ILE G 174 -25.21 -56.44 -5.74
CA ILE G 174 -24.30 -57.17 -6.60
C ILE G 174 -22.96 -56.45 -6.63
N THR G 175 -21.90 -57.20 -6.35
CA THR G 175 -20.57 -56.64 -6.26
C THR G 175 -19.52 -57.23 -7.20
N PRO G 176 -18.42 -56.48 -7.40
CA PRO G 176 -17.35 -56.93 -8.29
C PRO G 176 -16.28 -57.71 -7.55
N TRP G 177 -15.32 -58.21 -8.32
CA TRP G 177 -14.19 -58.97 -7.76
C TRP G 177 -12.98 -58.18 -7.26
N ASN G 178 -12.87 -56.88 -7.60
CA ASN G 178 -11.65 -56.13 -7.23
C ASN G 178 -11.45 -55.82 -5.74
N TYR G 179 -12.51 -55.34 -5.08
CA TYR G 179 -12.51 -55.05 -3.63
C TYR G 179 -13.81 -55.60 -3.10
N PRO G 180 -13.90 -56.93 -3.04
CA PRO G 180 -15.15 -57.61 -2.66
C PRO G 180 -15.84 -57.15 -1.39
N LEU G 181 -15.14 -57.19 -0.26
CA LEU G 181 -15.78 -56.82 1.00
C LEU G 181 -16.02 -55.34 1.11
N LEU G 182 -15.12 -54.53 0.55
CA LEU G 182 -15.29 -53.09 0.59
C LEU G 182 -16.58 -52.72 -0.11
N GLN G 183 -16.75 -53.21 -1.34
CA GLN G 183 -17.95 -52.84 -2.10
C GLN G 183 -19.19 -53.40 -1.45
N ALA G 184 -19.05 -54.53 -0.78
CA ALA G 184 -20.17 -55.14 -0.09
C ALA G 184 -20.58 -54.29 1.10
N SER G 185 -19.61 -53.77 1.82
CA SER G 185 -19.88 -52.95 3.01
C SER G 185 -20.66 -51.72 2.67
N TRP G 186 -20.34 -51.13 1.52
CA TRP G 186 -21.00 -49.89 1.07
C TRP G 186 -22.50 -50.08 0.83
N LYS G 187 -22.92 -51.32 0.59
CA LYS G 187 -24.32 -51.67 0.35
C LYS G 187 -25.01 -52.23 1.58
N ILE G 188 -24.35 -53.15 2.25
CA ILE G 188 -24.92 -53.78 3.44
C ILE G 188 -25.18 -52.80 4.58
N ALA G 189 -24.21 -51.97 4.88
CA ALA G 189 -24.32 -51.06 6.00
C ALA G 189 -25.58 -50.18 5.98
N PRO G 190 -25.80 -49.43 4.88
CA PRO G 190 -26.99 -48.59 4.84
C PRO G 190 -28.29 -49.39 4.71
N ALA G 191 -28.20 -50.58 4.15
CA ALA G 191 -29.39 -51.39 3.99
C ALA G 191 -29.89 -51.81 5.35
N LEU G 192 -28.98 -52.33 6.16
CA LEU G 192 -29.37 -52.76 7.48
C LEU G 192 -29.73 -51.59 8.37
N ALA G 193 -28.98 -50.50 8.28
CA ALA G 193 -29.22 -49.34 9.12
C ALA G 193 -30.63 -48.78 8.92
N THR G 194 -31.12 -48.80 7.69
CA THR G 194 -32.43 -48.27 7.38
C THR G 194 -33.56 -49.26 7.63
N GLY G 195 -33.24 -50.55 7.77
CA GLY G 195 -34.26 -51.55 8.05
C GLY G 195 -34.72 -52.39 6.87
N CYS G 196 -33.94 -52.40 5.81
CA CYS G 196 -34.26 -53.16 4.62
C CYS G 196 -33.83 -54.60 4.80
N SER G 197 -34.31 -55.46 3.90
CA SER G 197 -33.91 -56.87 3.83
C SER G 197 -33.04 -56.93 2.59
N LEU G 198 -32.01 -57.75 2.58
CA LEU G 198 -31.14 -57.76 1.44
C LEU G 198 -30.78 -59.15 0.98
N VAL G 199 -30.42 -59.23 -0.30
CA VAL G 199 -29.98 -60.45 -0.94
C VAL G 199 -28.71 -60.02 -1.68
N MET G 200 -27.58 -60.55 -1.25
CA MET G 200 -26.34 -60.18 -1.85
C MET G 200 -25.69 -61.29 -2.63
N LYS G 201 -25.07 -60.93 -3.76
CA LYS G 201 -24.34 -61.88 -4.57
C LYS G 201 -23.00 -61.26 -4.94
N PRO G 202 -21.90 -61.84 -4.44
CA PRO G 202 -20.57 -61.33 -4.78
C PRO G 202 -20.11 -61.86 -6.11
N SER G 203 -19.02 -61.32 -6.63
CA SER G 203 -18.48 -61.81 -7.89
C SER G 203 -18.25 -63.30 -7.71
N GLU G 204 -18.67 -64.08 -8.68
CA GLU G 204 -18.52 -65.53 -8.62
C GLU G 204 -17.10 -65.97 -8.40
N ILE G 205 -16.13 -65.20 -8.91
CA ILE G 205 -14.71 -65.57 -8.79
C ILE G 205 -14.07 -65.23 -7.43
N THR G 206 -14.71 -64.35 -6.63
CA THR G 206 -14.17 -63.92 -5.33
C THR G 206 -15.26 -63.83 -4.22
N PRO G 207 -15.65 -64.99 -3.65
CA PRO G 207 -16.68 -65.00 -2.63
C PRO G 207 -16.20 -65.14 -1.20
N LEU G 208 -14.90 -65.33 -1.01
CA LEU G 208 -14.36 -65.60 0.32
C LEU G 208 -14.69 -64.65 1.45
N THR G 209 -14.37 -63.37 1.30
CA THR G 209 -14.63 -62.43 2.38
C THR G 209 -16.10 -62.18 2.56
N THR G 210 -16.86 -62.28 1.48
CA THR G 210 -18.29 -62.04 1.56
C THR G 210 -18.92 -63.18 2.38
N ILE G 211 -18.44 -64.39 2.18
CA ILE G 211 -18.95 -65.51 2.94
C ILE G 211 -18.63 -65.24 4.41
N ARG G 212 -17.38 -64.89 4.68
CA ARG G 212 -16.94 -64.65 6.05
C ARG G 212 -17.77 -63.57 6.73
N VAL G 213 -18.02 -62.45 6.06
CA VAL G 213 -18.79 -61.38 6.69
C VAL G 213 -20.21 -61.87 7.02
N PHE G 214 -20.77 -62.77 6.19
CA PHE G 214 -22.11 -63.32 6.49
C PHE G 214 -22.06 -64.18 7.73
N GLU G 215 -20.99 -64.95 7.91
CA GLU G 215 -20.86 -65.73 9.13
C GLU G 215 -20.86 -64.76 10.32
N LEU G 216 -20.16 -63.65 10.17
CA LEU G 216 -20.06 -62.66 11.25
C LEU G 216 -21.39 -61.98 11.52
N MET G 217 -22.13 -61.64 10.46
CA MET G 217 -23.44 -61.03 10.64
C MET G 217 -24.41 -62.01 11.30
N GLU G 218 -24.27 -63.30 11.00
CA GLU G 218 -25.11 -64.29 11.60
C GLU G 218 -24.83 -64.30 13.10
N GLU G 219 -23.55 -64.23 13.49
CA GLU G 219 -23.18 -64.20 14.93
C GLU G 219 -23.83 -63.04 15.66
N VAL G 220 -23.83 -61.87 15.02
CA VAL G 220 -24.46 -60.67 15.62
C VAL G 220 -25.94 -60.94 15.86
N GLY G 221 -26.60 -61.56 14.88
CA GLY G 221 -27.99 -61.92 15.00
C GLY G 221 -28.95 -60.95 14.35
N PHE G 222 -29.59 -61.43 13.28
CA PHE G 222 -30.60 -60.68 12.54
C PHE G 222 -31.77 -61.60 12.30
N PRO G 223 -32.97 -61.04 12.19
CA PRO G 223 -34.10 -61.91 11.97
C PRO G 223 -34.02 -62.74 10.68
N LYS G 224 -34.58 -63.93 10.75
CA LYS G 224 -34.63 -64.85 9.62
C LYS G 224 -35.05 -64.14 8.32
N GLY G 225 -34.22 -64.23 7.28
CA GLY G 225 -34.55 -63.63 5.98
C GLY G 225 -34.06 -62.20 5.74
N THR G 226 -33.69 -61.50 6.80
CA THR G 226 -33.23 -60.13 6.71
C THR G 226 -32.00 -60.05 5.81
N ILE G 227 -31.10 -61.02 5.91
CA ILE G 227 -29.89 -61.05 5.07
C ILE G 227 -29.79 -62.38 4.35
N ASN G 228 -29.36 -62.32 3.10
CA ASN G 228 -29.20 -63.51 2.30
C ASN G 228 -28.02 -63.38 1.38
N LEU G 229 -27.32 -64.49 1.23
CA LEU G 229 -26.15 -64.60 0.39
C LEU G 229 -26.34 -65.64 -0.66
N ILE G 230 -26.29 -65.19 -1.91
CA ILE G 230 -26.39 -66.08 -3.06
C ILE G 230 -25.00 -66.12 -3.68
N LEU G 231 -24.57 -67.31 -4.09
CA LEU G 231 -23.26 -67.49 -4.71
C LEU G 231 -23.49 -68.04 -6.09
N GLY G 232 -23.02 -67.34 -7.11
CA GLY G 232 -23.24 -67.84 -8.46
C GLY G 232 -22.55 -67.34 -9.66
N ALA G 233 -23.24 -66.87 -10.69
CA ALA G 233 -22.55 -66.34 -11.85
C ALA G 233 -23.65 -65.43 -12.22
N GLY G 234 -23.31 -64.20 -12.48
CA GLY G 234 -24.31 -63.23 -12.84
C GLY G 234 -25.05 -63.65 -14.06
N SER G 235 -24.36 -64.33 -14.97
CA SER G 235 -25.00 -64.78 -16.22
C SER G 235 -26.14 -65.81 -15.99
N GLU G 236 -26.13 -66.49 -14.84
CA GLU G 236 -27.15 -67.48 -14.52
C GLU G 236 -28.25 -66.96 -13.54
N VAL G 237 -27.82 -66.34 -12.43
CA VAL G 237 -28.74 -65.83 -11.39
C VAL G 237 -28.96 -64.32 -11.40
N GLY G 238 -28.13 -63.58 -12.11
CA GLY G 238 -28.25 -62.14 -12.14
C GLY G 238 -29.58 -61.57 -12.52
N ASP G 239 -30.19 -62.13 -13.57
CA ASP G 239 -31.47 -61.60 -14.05
C ASP G 239 -32.60 -61.74 -13.03
N VAL G 240 -32.58 -62.78 -12.22
CA VAL G 240 -33.61 -62.91 -11.20
C VAL G 240 -33.46 -61.77 -10.21
N MET G 241 -32.20 -61.49 -9.86
CA MET G 241 -31.90 -60.46 -8.88
C MET G 241 -32.22 -59.04 -9.33
N SER G 242 -32.20 -58.79 -10.62
CA SER G 242 -32.50 -57.46 -11.14
C SER G 242 -33.96 -57.37 -11.60
N GLY G 243 -34.53 -58.46 -12.09
CA GLY G 243 -35.88 -58.43 -12.65
C GLY G 243 -37.03 -59.00 -11.87
N HIS G 244 -36.80 -59.45 -10.64
CA HIS G 244 -37.90 -60.03 -9.85
C HIS G 244 -38.80 -58.92 -9.32
N LYS G 245 -40.10 -59.12 -9.45
CA LYS G 245 -41.12 -58.16 -9.04
C LYS G 245 -41.00 -57.65 -7.58
N GLU G 246 -40.59 -58.52 -6.67
CA GLU G 246 -40.49 -58.17 -5.26
C GLU G 246 -39.29 -57.36 -4.86
N VAL G 247 -38.38 -57.09 -5.78
CA VAL G 247 -37.23 -56.27 -5.48
C VAL G 247 -37.64 -54.81 -5.59
N ASP G 248 -37.26 -53.99 -4.61
CA ASP G 248 -37.58 -52.57 -4.64
C ASP G 248 -36.41 -51.77 -5.13
N LEU G 249 -35.20 -52.28 -4.94
CA LEU G 249 -34.00 -51.60 -5.37
C LEU G 249 -32.90 -52.55 -5.74
N VAL G 250 -32.18 -52.24 -6.81
CA VAL G 250 -31.03 -53.03 -7.23
C VAL G 250 -29.82 -52.14 -7.08
N SER G 251 -28.86 -52.55 -6.27
CA SER G 251 -27.65 -51.77 -6.06
C SER G 251 -26.57 -52.56 -6.69
N PHE G 252 -25.95 -51.98 -7.71
CA PHE G 252 -24.95 -52.65 -8.47
C PHE G 252 -23.67 -51.88 -8.65
N THR G 253 -22.57 -52.60 -8.45
CA THR G 253 -21.25 -52.07 -8.64
C THR G 253 -20.57 -53.05 -9.59
N GLY G 254 -20.19 -52.57 -10.76
CA GLY G 254 -19.54 -53.39 -11.77
C GLY G 254 -19.25 -52.62 -13.06
N SER G 255 -19.16 -53.33 -14.16
CA SER G 255 -18.88 -52.72 -15.47
C SER G 255 -20.11 -52.10 -16.09
N ILE G 256 -19.86 -51.18 -17.00
CA ILE G 256 -20.92 -50.44 -17.67
C ILE G 256 -21.90 -51.31 -18.47
N GLU G 257 -21.41 -52.30 -19.22
CA GLU G 257 -22.30 -53.16 -20.04
C GLU G 257 -23.24 -53.98 -19.15
N THR G 258 -22.74 -54.49 -18.04
CA THR G 258 -23.57 -55.26 -17.12
C THR G 258 -24.62 -54.34 -16.47
N GLY G 259 -24.20 -53.11 -16.15
CA GLY G 259 -25.10 -52.15 -15.54
C GLY G 259 -26.23 -51.77 -16.48
N LYS G 260 -25.93 -51.60 -17.75
CA LYS G 260 -26.94 -51.25 -18.70
C LYS G 260 -27.94 -52.37 -18.79
N HIS G 261 -27.42 -53.60 -18.84
CA HIS G 261 -28.27 -54.79 -18.93
C HIS G 261 -29.17 -54.85 -17.71
N ILE G 262 -28.59 -54.61 -16.56
CA ILE G 262 -29.33 -54.64 -15.31
C ILE G 262 -30.44 -53.59 -15.28
N MET G 263 -30.13 -52.40 -15.74
CA MET G 263 -31.09 -51.34 -15.74
C MET G 263 -32.27 -51.73 -16.66
N LYS G 264 -31.96 -52.23 -17.84
CA LYS G 264 -33.00 -52.61 -18.78
C LYS G 264 -33.90 -53.66 -18.18
N ASN G 265 -33.33 -54.58 -17.42
CA ASN G 265 -34.12 -55.67 -16.83
C ASN G 265 -34.95 -55.15 -15.66
N ALA G 266 -34.36 -54.27 -14.87
CA ALA G 266 -35.02 -53.71 -13.73
C ALA G 266 -36.24 -52.94 -14.16
N ALA G 267 -36.22 -52.41 -15.38
CA ALA G 267 -37.34 -51.63 -15.88
C ALA G 267 -38.64 -52.44 -15.96
N ASN G 268 -38.54 -53.76 -16.11
CA ASN G 268 -39.74 -54.58 -16.22
C ASN G 268 -40.69 -54.40 -15.06
N ASN G 269 -40.15 -54.00 -13.90
CA ASN G 269 -40.96 -53.78 -12.71
C ASN G 269 -40.73 -52.39 -12.12
N VAL G 270 -40.28 -51.48 -12.98
CA VAL G 270 -40.03 -50.09 -12.58
C VAL G 270 -39.22 -50.07 -11.28
N THR G 271 -38.27 -50.99 -11.18
CA THR G 271 -37.44 -51.12 -10.01
C THR G 271 -36.27 -50.09 -9.99
N ASN G 272 -36.15 -49.36 -8.89
CA ASN G 272 -35.07 -48.35 -8.77
C ASN G 272 -33.72 -49.01 -8.91
N ILE G 273 -32.76 -48.28 -9.44
CA ILE G 273 -31.41 -48.80 -9.54
C ILE G 273 -30.38 -47.80 -9.04
N ALA G 274 -29.35 -48.34 -8.41
CA ALA G 274 -28.21 -47.56 -7.99
C ALA G 274 -27.05 -48.25 -8.69
N LEU G 275 -26.38 -47.53 -9.60
CA LEU G 275 -25.29 -48.14 -10.35
C LEU G 275 -24.01 -47.44 -10.09
N GLU G 276 -22.99 -48.23 -9.81
CA GLU G 276 -21.60 -47.73 -9.59
C GLU G 276 -20.77 -48.43 -10.64
N LEU G 277 -20.50 -47.72 -11.73
CA LEU G 277 -19.82 -48.30 -12.88
C LEU G 277 -18.37 -47.86 -12.99
N GLY G 278 -17.77 -48.09 -14.16
CA GLY G 278 -16.38 -47.76 -14.35
C GLY G 278 -16.05 -46.30 -14.53
N GLY G 279 -14.77 -46.07 -14.85
CA GLY G 279 -14.29 -44.75 -15.09
C GLY G 279 -13.04 -44.70 -15.97
N LYS G 280 -12.82 -43.51 -16.51
CA LYS G 280 -11.64 -43.17 -17.30
C LYS G 280 -11.22 -41.90 -16.60
N ASN G 281 -10.64 -42.10 -15.44
CA ASN G 281 -10.28 -41.04 -14.55
C ASN G 281 -9.03 -40.31 -14.91
N PRO G 282 -9.15 -38.99 -15.09
CA PRO G 282 -8.02 -38.21 -15.42
C PRO G 282 -7.14 -37.91 -14.20
N ASN G 283 -5.84 -37.79 -14.44
CA ASN G 283 -4.89 -37.39 -13.42
C ASN G 283 -4.19 -36.21 -14.09
N ILE G 284 -4.66 -35.00 -13.80
CA ILE G 284 -4.16 -33.81 -14.42
C ILE G 284 -2.96 -33.25 -13.69
N ILE G 285 -1.87 -33.08 -14.41
CA ILE G 285 -0.63 -32.59 -13.83
C ILE G 285 -0.10 -31.33 -14.53
N PHE G 286 -0.14 -30.22 -13.81
CA PHE G 286 0.35 -28.97 -14.34
C PHE G 286 1.84 -28.85 -14.14
N ASP G 287 2.45 -27.94 -14.89
CA ASP G 287 3.90 -27.74 -14.76
C ASP G 287 4.27 -27.13 -13.41
N ASP G 288 3.33 -26.43 -12.77
CA ASP G 288 3.59 -25.86 -11.44
C ASP G 288 3.22 -26.84 -10.29
N ALA G 289 3.02 -28.10 -10.62
CA ALA G 289 2.76 -29.09 -9.61
C ALA G 289 4.08 -29.44 -8.93
N ASP G 290 4.00 -30.01 -7.73
CA ASP G 290 5.16 -30.54 -7.03
C ASP G 290 5.50 -31.76 -7.88
N PHE G 291 6.58 -31.64 -8.62
CA PHE G 291 6.93 -32.67 -9.55
C PHE G 291 7.03 -34.08 -8.97
N GLU G 292 7.85 -34.27 -7.94
CA GLU G 292 8.03 -35.63 -7.38
C GLU G 292 6.74 -36.17 -6.81
N LEU G 293 5.92 -35.29 -6.26
CA LEU G 293 4.63 -35.70 -5.73
C LEU G 293 3.76 -36.21 -6.88
N ALA G 294 3.75 -35.50 -8.00
CA ALA G 294 2.96 -35.91 -9.15
C ALA G 294 3.37 -37.27 -9.67
N VAL G 295 4.67 -37.52 -9.73
CA VAL G 295 5.17 -38.80 -10.21
C VAL G 295 4.76 -39.90 -9.25
N ASP G 296 4.94 -39.65 -7.97
CA ASP G 296 4.56 -40.62 -6.95
C ASP G 296 3.07 -40.95 -7.10
N GLN G 297 2.23 -39.93 -7.17
CA GLN G 297 0.80 -40.16 -7.27
C GLN G 297 0.33 -40.70 -8.63
N ALA G 298 1.13 -40.49 -9.68
CA ALA G 298 0.76 -41.03 -10.99
C ALA G 298 0.93 -42.56 -10.90
N LEU G 299 2.00 -43.00 -10.23
CA LEU G 299 2.26 -44.41 -10.04
C LEU G 299 1.13 -44.99 -9.18
N ASN G 300 0.85 -44.36 -8.06
CA ASN G 300 -0.19 -44.83 -7.16
C ASN G 300 -1.50 -44.92 -7.87
N GLY G 301 -1.84 -43.86 -8.58
CA GLY G 301 -3.08 -43.80 -9.29
C GLY G 301 -3.24 -44.85 -10.34
N GLY G 302 -2.15 -45.20 -11.00
CA GLY G 302 -2.22 -46.18 -12.07
C GLY G 302 -2.01 -47.63 -11.70
N TYR G 303 -1.21 -47.88 -10.67
CA TYR G 303 -0.85 -49.23 -10.36
C TYR G 303 -1.27 -49.88 -9.03
N PHE G 304 -1.94 -49.16 -8.13
CA PHE G 304 -2.43 -49.86 -6.94
C PHE G 304 -3.37 -50.94 -7.44
N HIS G 305 -3.29 -52.11 -6.83
CA HIS G 305 -4.09 -53.28 -7.17
C HIS G 305 -3.98 -53.55 -8.68
N ALA G 306 -2.79 -53.34 -9.22
CA ALA G 306 -2.51 -53.57 -10.65
C ALA G 306 -3.50 -52.82 -11.55
N GLY G 307 -3.92 -51.64 -11.11
CA GLY G 307 -4.84 -50.82 -11.86
C GLY G 307 -6.27 -51.32 -11.87
N GLN G 308 -6.57 -52.35 -11.06
CA GLN G 308 -7.91 -52.95 -10.99
C GLN G 308 -8.76 -52.23 -9.92
N VAL G 309 -8.87 -50.92 -10.09
CA VAL G 309 -9.59 -50.12 -9.19
C VAL G 309 -10.41 -49.12 -10.00
N CYS G 310 -11.67 -48.94 -9.61
CA CYS G 310 -12.57 -48.05 -10.35
C CYS G 310 -12.11 -46.58 -10.29
N SER G 311 -11.38 -46.24 -9.24
CA SER G 311 -10.85 -44.90 -9.10
C SER G 311 -9.44 -44.77 -9.75
N ALA G 312 -9.02 -45.76 -10.53
CA ALA G 312 -7.70 -45.73 -11.14
C ALA G 312 -7.45 -44.52 -12.04
N GLY G 313 -6.25 -43.97 -11.92
CA GLY G 313 -5.83 -42.81 -12.74
C GLY G 313 -5.15 -43.32 -13.98
N SER G 314 -5.94 -43.90 -14.85
CA SER G 314 -5.44 -44.49 -16.07
C SER G 314 -5.13 -43.46 -17.13
N ARG G 315 -5.77 -42.29 -17.06
CA ARG G 315 -5.59 -41.26 -18.07
C ARG G 315 -4.85 -40.07 -17.53
N ILE G 316 -3.56 -40.03 -17.79
CA ILE G 316 -2.72 -38.95 -17.31
C ILE G 316 -2.68 -37.83 -18.31
N LEU G 317 -2.96 -36.64 -17.82
CA LEU G 317 -2.92 -35.45 -18.63
C LEU G 317 -1.82 -34.57 -18.04
N VAL G 318 -0.75 -34.35 -18.79
CA VAL G 318 0.37 -33.58 -18.28
C VAL G 318 0.63 -32.37 -19.18
N GLN G 319 0.90 -31.24 -18.55
CA GLN G 319 1.16 -30.04 -19.29
C GLN G 319 2.43 -30.19 -20.16
N ASN G 320 2.33 -29.71 -21.40
CA ASN G 320 3.43 -29.83 -22.38
C ASN G 320 4.81 -29.40 -21.91
N SER G 321 4.90 -28.27 -21.25
CA SER G 321 6.20 -27.78 -20.78
C SER G 321 7.02 -28.82 -19.94
N ILE G 322 6.34 -29.72 -19.23
CA ILE G 322 7.02 -30.76 -18.45
C ILE G 322 6.69 -32.19 -18.89
N LYS G 323 5.96 -32.33 -19.98
CA LYS G 323 5.59 -33.68 -20.49
C LYS G 323 6.79 -34.62 -20.69
N ASP G 324 7.80 -34.19 -21.44
CA ASP G 324 8.98 -35.07 -21.69
C ASP G 324 9.70 -35.49 -20.42
N LYS G 325 9.97 -34.52 -19.55
CA LYS G 325 10.60 -34.80 -18.28
C LYS G 325 9.73 -35.77 -17.45
N PHE G 326 8.42 -35.53 -17.43
CA PHE G 326 7.48 -36.39 -16.68
C PHE G 326 7.46 -37.83 -17.19
N GLU G 327 7.32 -37.99 -18.51
CA GLU G 327 7.32 -39.32 -19.09
C GLU G 327 8.57 -40.08 -18.70
N GLN G 328 9.73 -39.43 -18.79
CA GLN G 328 10.99 -40.11 -18.42
C GLN G 328 11.00 -40.58 -16.99
N ALA G 329 10.61 -39.70 -16.09
CA ALA G 329 10.62 -40.03 -14.68
C ALA G 329 9.65 -41.17 -14.37
N LEU G 330 8.46 -41.13 -14.97
CA LEU G 330 7.46 -42.16 -14.75
C LEU G 330 7.94 -43.53 -15.23
N ILE G 331 8.45 -43.55 -16.46
CA ILE G 331 8.98 -44.77 -17.07
C ILE G 331 10.08 -45.38 -16.20
N ASP G 332 11.02 -44.55 -15.76
CA ASP G 332 12.11 -45.02 -14.92
C ASP G 332 11.58 -45.66 -13.63
N ARG G 333 10.56 -45.06 -13.06
CA ARG G 333 9.95 -45.61 -11.84
C ARG G 333 9.18 -46.91 -12.13
N VAL G 334 8.44 -46.95 -13.24
CA VAL G 334 7.70 -48.16 -13.61
C VAL G 334 8.62 -49.38 -13.75
N LYS G 335 9.84 -49.17 -14.26
CA LYS G 335 10.82 -50.24 -14.40
C LYS G 335 11.27 -50.83 -13.08
N LYS G 336 11.11 -50.11 -11.97
CA LYS G 336 11.53 -50.63 -10.66
C LYS G 336 10.41 -51.23 -9.81
N ILE G 337 9.17 -51.20 -10.30
CA ILE G 337 8.04 -51.73 -9.52
C ILE G 337 8.22 -53.22 -9.24
N LYS G 338 8.19 -53.58 -7.96
CA LYS G 338 8.38 -54.99 -7.54
C LYS G 338 7.09 -55.77 -7.62
N LEU G 339 7.08 -56.78 -8.47
CA LEU G 339 5.93 -57.65 -8.59
C LEU G 339 6.17 -58.88 -7.74
N GLY G 340 5.10 -59.51 -7.31
CA GLY G 340 5.21 -60.70 -6.50
C GLY G 340 3.95 -61.08 -5.78
N ASN G 341 4.11 -61.97 -4.81
CA ASN G 341 3.01 -62.48 -4.00
C ASN G 341 2.52 -61.40 -3.03
N GLY G 342 1.21 -61.23 -2.96
CA GLY G 342 0.64 -60.25 -2.07
C GLY G 342 1.00 -60.45 -0.60
N PHE G 343 1.36 -61.67 -0.22
CA PHE G 343 1.75 -61.96 1.17
C PHE G 343 3.17 -61.58 1.52
N ASP G 344 4.02 -61.34 0.52
CA ASP G 344 5.41 -60.94 0.76
C ASP G 344 5.46 -59.43 0.94
N ALA G 345 6.05 -58.99 2.05
CA ALA G 345 6.17 -57.56 2.35
C ALA G 345 6.88 -56.74 1.27
N ASP G 346 7.77 -57.35 0.50
CA ASP G 346 8.48 -56.62 -0.58
C ASP G 346 7.60 -56.31 -1.78
N THR G 347 6.53 -57.07 -1.95
CA THR G 347 5.65 -56.90 -3.10
C THR G 347 4.99 -55.54 -3.15
N GLU G 348 5.08 -54.89 -4.31
CA GLU G 348 4.47 -53.58 -4.53
C GLU G 348 3.23 -53.67 -5.42
N MET G 349 3.18 -54.69 -6.26
CA MET G 349 2.05 -54.89 -7.15
C MET G 349 1.87 -56.39 -7.36
N GLY G 350 0.64 -56.84 -7.20
CA GLY G 350 0.29 -58.23 -7.36
C GLY G 350 -0.16 -58.56 -8.77
N PRO G 351 -0.69 -59.78 -8.97
CA PRO G 351 -1.15 -60.19 -10.28
C PRO G 351 -2.51 -59.62 -10.58
N VAL G 352 -2.99 -59.86 -11.80
CA VAL G 352 -4.34 -59.44 -12.17
C VAL G 352 -5.22 -60.62 -11.82
N ILE G 353 -6.52 -60.38 -11.72
CA ILE G 353 -7.45 -61.38 -11.22
C ILE G 353 -7.65 -62.71 -11.95
N SER G 354 -7.76 -62.72 -13.28
CA SER G 354 -8.03 -63.97 -14.01
C SER G 354 -7.35 -64.06 -15.38
N THR G 355 -7.37 -65.27 -15.95
CA THR G 355 -6.82 -65.54 -17.28
C THR G 355 -7.55 -64.65 -18.28
N GLU G 356 -8.88 -64.72 -18.23
CA GLU G 356 -9.72 -63.94 -19.08
C GLU G 356 -9.40 -62.45 -19.01
N HIS G 357 -9.26 -61.95 -17.81
CA HIS G 357 -8.99 -60.54 -17.64
C HIS G 357 -7.61 -60.17 -18.16
N ARG G 358 -6.63 -61.03 -17.93
CA ARG G 358 -5.29 -60.76 -18.43
C ARG G 358 -5.32 -60.74 -19.94
N ASN G 359 -6.08 -61.65 -20.53
CA ASN G 359 -6.22 -61.68 -22.00
C ASN G 359 -6.80 -60.37 -22.53
N LYS G 360 -7.83 -59.83 -21.87
CA LYS G 360 -8.38 -58.55 -22.32
C LYS G 360 -7.33 -57.46 -22.29
N ILE G 361 -6.51 -57.46 -21.25
CA ILE G 361 -5.45 -56.48 -21.12
C ILE G 361 -4.45 -56.65 -22.27
N GLU G 362 -4.06 -57.89 -22.54
CA GLU G 362 -3.14 -58.17 -23.64
C GLU G 362 -3.70 -57.71 -24.98
N SER G 363 -4.97 -57.98 -25.25
CA SER G 363 -5.56 -57.57 -26.52
C SER G 363 -5.61 -56.03 -26.60
N TYR G 364 -5.76 -55.35 -25.47
CA TYR G 364 -5.72 -53.89 -25.49
C TYR G 364 -4.34 -53.37 -25.91
N MET G 365 -3.29 -54.12 -25.65
CA MET G 365 -1.96 -53.69 -26.07
C MET G 365 -1.90 -53.73 -27.59
N ASP G 366 -2.49 -54.75 -28.19
CA ASP G 366 -2.53 -54.90 -29.65
C ASP G 366 -3.36 -53.79 -30.25
N VAL G 367 -4.45 -53.46 -29.58
CA VAL G 367 -5.32 -52.38 -30.02
C VAL G 367 -4.54 -51.06 -30.05
N ALA G 368 -3.79 -50.79 -28.96
CA ALA G 368 -3.03 -49.55 -28.84
C ALA G 368 -1.95 -49.41 -29.93
N LYS G 369 -1.18 -50.46 -30.16
CA LYS G 369 -0.16 -50.42 -31.21
C LYS G 369 -0.81 -50.15 -32.57
N ALA G 370 -1.91 -50.85 -32.83
CA ALA G 370 -2.62 -50.74 -34.09
C ALA G 370 -3.21 -49.36 -34.34
N GLU G 371 -3.55 -48.61 -33.30
CA GLU G 371 -4.13 -47.26 -33.51
C GLU G 371 -3.00 -46.24 -33.66
N GLY G 372 -1.76 -46.67 -33.43
CA GLY G 372 -0.59 -45.79 -33.57
C GLY G 372 0.06 -45.32 -32.28
N ALA G 373 -0.34 -45.88 -31.14
CA ALA G 373 0.25 -45.51 -29.88
C ALA G 373 1.53 -46.29 -29.64
N THR G 374 2.29 -45.86 -28.63
CA THR G 374 3.55 -46.49 -28.26
C THR G 374 3.52 -47.14 -26.87
N ILE G 375 4.00 -48.38 -26.77
CA ILE G 375 4.13 -49.06 -25.47
C ILE G 375 5.53 -48.64 -25.00
N ALA G 376 5.59 -47.54 -24.25
CA ALA G 376 6.87 -47.02 -23.78
C ALA G 376 7.58 -47.97 -22.84
N VAL G 377 6.82 -48.74 -22.09
CA VAL G 377 7.38 -49.73 -21.15
C VAL G 377 6.29 -50.72 -20.69
N GLY G 378 6.69 -51.96 -20.42
CA GLY G 378 5.77 -53.01 -20.02
C GLY G 378 5.01 -53.55 -21.21
N GLY G 379 3.71 -53.77 -21.05
CA GLY G 379 2.84 -54.26 -22.10
C GLY G 379 2.94 -55.73 -22.39
N LYS G 380 3.42 -56.49 -21.42
CA LYS G 380 3.60 -57.92 -21.60
C LYS G 380 3.68 -58.61 -20.24
N ARG G 381 3.72 -59.93 -20.26
CA ARG G 381 3.82 -60.70 -19.04
C ARG G 381 5.27 -60.64 -18.61
N PRO G 382 5.53 -60.65 -17.29
CA PRO G 382 6.90 -60.62 -16.83
C PRO G 382 7.53 -61.99 -17.05
N ASP G 383 8.84 -61.99 -17.29
CA ASP G 383 9.62 -63.19 -17.59
C ASP G 383 10.11 -63.93 -16.29
N ARG G 384 10.45 -63.17 -15.24
CA ARG G 384 10.98 -63.75 -13.99
C ARG G 384 10.27 -65.06 -13.56
N ASP G 385 11.10 -66.02 -13.16
CA ASP G 385 10.67 -67.36 -12.77
C ASP G 385 9.55 -67.47 -11.74
N ASP G 386 9.71 -66.82 -10.60
CA ASP G 386 8.70 -66.88 -9.53
C ASP G 386 7.33 -66.26 -9.93
N LEU G 387 7.23 -65.76 -11.16
CA LEU G 387 5.98 -65.14 -11.65
C LEU G 387 5.34 -65.90 -12.81
N LYS G 388 6.05 -66.88 -13.34
CA LYS G 388 5.59 -67.68 -14.47
C LYS G 388 4.22 -68.32 -14.26
N ASP G 389 3.98 -68.86 -13.06
CA ASP G 389 2.72 -69.53 -12.73
C ASP G 389 1.55 -68.59 -12.46
N GLY G 390 1.86 -67.36 -12.06
CA GLY G 390 0.83 -66.38 -11.74
C GLY G 390 0.25 -65.59 -12.89
N LEU G 391 -0.86 -64.92 -12.64
CA LEU G 391 -1.54 -64.10 -13.62
C LEU G 391 -0.99 -62.68 -13.58
N PHE G 392 0.31 -62.55 -13.78
CA PHE G 392 0.94 -61.23 -13.75
C PHE G 392 0.96 -60.57 -15.09
N PHE G 393 1.06 -59.24 -15.04
CA PHE G 393 1.17 -58.43 -16.23
C PHE G 393 2.01 -57.21 -15.81
N GLU G 394 2.98 -56.85 -16.62
CA GLU G 394 3.87 -55.72 -16.28
C GLU G 394 3.17 -54.37 -16.24
N PRO G 395 3.55 -53.51 -15.28
CA PRO G 395 2.99 -52.19 -15.23
C PRO G 395 3.36 -51.52 -16.54
N THR G 396 2.42 -50.85 -17.16
CA THR G 396 2.63 -50.30 -18.48
C THR G 396 2.34 -48.82 -18.64
N VAL G 397 3.08 -48.18 -19.56
CA VAL G 397 2.90 -46.78 -19.89
C VAL G 397 2.74 -46.68 -21.39
N ILE G 398 1.68 -46.02 -21.83
CA ILE G 398 1.40 -45.85 -23.24
C ILE G 398 1.51 -44.38 -23.60
N THR G 399 2.33 -44.08 -24.60
CA THR G 399 2.58 -42.70 -25.02
C THR G 399 2.16 -42.46 -26.46
N ASN G 400 2.26 -41.20 -26.88
CA ASN G 400 1.94 -40.79 -28.27
C ASN G 400 0.58 -41.22 -28.63
N CYS G 401 -0.36 -40.83 -27.81
CA CYS G 401 -1.76 -41.18 -28.04
C CYS G 401 -2.65 -39.97 -27.97
N ASP G 402 -3.90 -40.13 -28.40
CA ASP G 402 -4.85 -39.03 -28.37
C ASP G 402 -6.24 -39.50 -27.99
N THR G 403 -7.10 -38.54 -27.72
CA THR G 403 -8.48 -38.79 -27.27
C THR G 403 -9.36 -39.64 -28.21
N SER G 404 -9.03 -39.70 -29.50
CA SER G 404 -9.83 -40.48 -30.46
C SER G 404 -9.58 -41.96 -30.33
N MET G 405 -8.49 -42.35 -29.67
CA MET G 405 -8.14 -43.76 -29.53
C MET G 405 -8.91 -44.54 -28.49
N ARG G 406 -9.15 -45.80 -28.79
CA ARG G 406 -9.84 -46.72 -27.87
C ARG G 406 -9.05 -46.95 -26.58
N ILE G 407 -7.71 -47.03 -26.68
CA ILE G 407 -6.87 -47.26 -25.52
C ILE G 407 -7.02 -46.11 -24.51
N VAL G 408 -7.36 -44.92 -25.01
CA VAL G 408 -7.56 -43.74 -24.17
C VAL G 408 -9.03 -43.64 -23.68
N GLN G 409 -10.00 -43.93 -24.53
CA GLN G 409 -11.42 -43.84 -24.17
C GLN G 409 -12.01 -44.93 -23.30
N GLU G 410 -11.49 -46.14 -23.41
CA GLU G 410 -12.06 -47.29 -22.73
C GLU G 410 -11.33 -47.72 -21.46
N GLU G 411 -12.10 -48.30 -20.53
CA GLU G 411 -11.57 -48.75 -19.26
C GLU G 411 -10.89 -50.09 -19.43
N VAL G 412 -9.56 -50.08 -19.38
CA VAL G 412 -8.76 -51.28 -19.53
C VAL G 412 -8.78 -52.05 -18.21
N PHE G 413 -8.74 -51.32 -17.10
CA PHE G 413 -8.82 -51.90 -15.76
C PHE G 413 -7.64 -52.83 -15.47
N GLY G 414 -6.47 -52.42 -15.93
CA GLY G 414 -5.24 -53.19 -15.73
C GLY G 414 -4.14 -52.23 -15.35
N PRO G 415 -2.91 -52.75 -15.13
CA PRO G 415 -1.81 -51.89 -14.76
C PRO G 415 -1.32 -51.12 -15.99
N VAL G 416 -2.18 -50.22 -16.47
CA VAL G 416 -1.87 -49.47 -17.65
C VAL G 416 -2.30 -48.04 -17.53
N VAL G 417 -1.47 -47.11 -18.01
CA VAL G 417 -1.81 -45.69 -18.02
C VAL G 417 -1.42 -45.10 -19.37
N THR G 418 -2.14 -44.08 -19.79
CA THR G 418 -1.84 -43.39 -21.03
C THR G 418 -1.39 -42.01 -20.64
N VAL G 419 -0.54 -41.41 -21.45
CA VAL G 419 -0.06 -40.06 -21.18
C VAL G 419 -0.38 -39.14 -22.36
N GLU G 420 -1.13 -38.08 -22.10
CA GLU G 420 -1.50 -37.08 -23.11
C GLU G 420 -1.03 -35.72 -22.63
N GLY G 421 -0.62 -34.88 -23.59
CA GLY G 421 -0.16 -33.54 -23.26
C GLY G 421 -1.24 -32.53 -23.46
N PHE G 422 -1.11 -31.40 -22.80
CA PHE G 422 -2.06 -30.31 -22.97
C PHE G 422 -1.29 -29.01 -22.80
N GLU G 423 -1.76 -27.96 -23.46
CA GLU G 423 -1.07 -26.68 -23.39
C GLU G 423 -1.67 -25.82 -22.29
N THR G 424 -2.98 -25.60 -22.35
CA THR G 424 -3.64 -24.73 -21.39
C THR G 424 -4.60 -25.43 -20.45
N GLU G 425 -4.98 -24.68 -19.43
CA GLU G 425 -5.93 -25.09 -18.42
C GLU G 425 -7.25 -25.49 -19.07
N GLN G 426 -7.73 -24.74 -20.07
CA GLN G 426 -8.99 -25.06 -20.78
C GLN G 426 -8.90 -26.37 -21.53
N GLU G 427 -7.76 -26.58 -22.16
CA GLU G 427 -7.53 -27.80 -22.92
C GLU G 427 -7.49 -29.05 -21.99
N ALA G 428 -6.90 -28.92 -20.80
CA ALA G 428 -6.84 -30.02 -19.86
C ALA G 428 -8.27 -30.42 -19.42
N ILE G 429 -9.10 -29.42 -19.20
CA ILE G 429 -10.47 -29.65 -18.81
C ILE G 429 -11.22 -30.37 -19.94
N GLN G 430 -11.06 -29.89 -21.16
CA GLN G 430 -11.74 -30.48 -22.30
C GLN G 430 -11.33 -31.93 -22.49
N LEU G 431 -10.04 -32.22 -22.43
CA LEU G 431 -9.58 -33.60 -22.56
C LEU G 431 -10.09 -34.48 -21.41
N ALA G 432 -10.00 -33.98 -20.19
CA ALA G 432 -10.42 -34.73 -19.04
C ALA G 432 -11.93 -35.11 -19.11
N ASN G 433 -12.74 -34.20 -19.64
CA ASN G 433 -14.19 -34.45 -19.79
C ASN G 433 -14.54 -35.17 -21.10
N ASP G 434 -13.54 -35.40 -21.95
CA ASP G 434 -13.77 -36.06 -23.23
C ASP G 434 -13.77 -37.59 -23.09
N SER G 435 -14.81 -38.10 -22.45
CA SER G 435 -15.02 -39.53 -22.27
C SER G 435 -16.47 -39.70 -21.88
N ILE G 436 -16.95 -40.91 -21.98
CA ILE G 436 -18.36 -41.18 -21.63
C ILE G 436 -18.56 -41.23 -20.11
N TYR G 437 -17.45 -41.42 -19.38
CA TYR G 437 -17.41 -41.55 -17.93
C TYR G 437 -17.27 -40.26 -17.13
N GLY G 438 -17.33 -40.41 -15.80
CA GLY G 438 -17.22 -39.27 -14.89
C GLY G 438 -17.25 -39.67 -13.41
N LEU G 439 -16.41 -40.64 -13.04
CA LEU G 439 -16.36 -41.14 -11.66
C LEU G 439 -15.48 -40.34 -10.73
N ALA G 440 -14.20 -40.22 -11.06
CA ALA G 440 -13.27 -39.50 -10.24
C ALA G 440 -12.05 -38.97 -11.00
N GLY G 441 -11.27 -38.11 -10.36
CA GLY G 441 -10.11 -37.53 -11.00
C GLY G 441 -9.30 -36.65 -10.07
N ALA G 442 -8.16 -36.20 -10.53
CA ALA G 442 -7.30 -35.36 -9.73
C ALA G 442 -6.67 -34.24 -10.49
N VAL G 443 -6.28 -33.22 -9.74
CA VAL G 443 -5.60 -32.05 -10.27
C VAL G 443 -4.37 -31.81 -9.40
N PHE G 444 -3.21 -31.73 -10.02
CA PHE G 444 -1.97 -31.43 -9.26
C PHE G 444 -1.42 -30.08 -9.69
N SER G 445 -1.31 -29.19 -8.73
CA SER G 445 -0.76 -27.87 -8.96
C SER G 445 -0.54 -27.21 -7.62
N LYS G 446 0.52 -26.42 -7.50
CA LYS G 446 0.74 -25.68 -6.25
C LYS G 446 -0.17 -24.46 -6.20
N ASP G 447 -0.69 -24.05 -7.36
CA ASP G 447 -1.60 -22.93 -7.46
C ASP G 447 -2.97 -23.50 -7.14
N ILE G 448 -3.35 -23.39 -5.89
CA ILE G 448 -4.61 -23.94 -5.43
C ILE G 448 -5.82 -23.29 -6.10
N GLY G 449 -5.77 -21.99 -6.34
CA GLY G 449 -6.89 -21.29 -7.00
C GLY G 449 -7.17 -21.90 -8.35
N LYS G 450 -6.11 -22.23 -9.07
CA LYS G 450 -6.24 -22.84 -10.38
C LYS G 450 -6.83 -24.24 -10.25
N ALA G 451 -6.35 -24.99 -9.26
CA ALA G 451 -6.86 -26.33 -9.06
C ALA G 451 -8.38 -26.31 -8.75
N GLN G 452 -8.83 -25.28 -8.04
CA GLN G 452 -10.26 -25.11 -7.73
C GLN G 452 -11.04 -24.79 -8.98
N ARG G 453 -10.50 -23.90 -9.84
CA ARG G 453 -11.22 -23.57 -11.07
C ARG G 453 -11.42 -24.81 -11.90
N VAL G 454 -10.38 -25.63 -11.96
CA VAL G 454 -10.43 -26.87 -12.72
C VAL G 454 -11.40 -27.86 -12.09
N ALA G 455 -11.28 -28.06 -10.79
CA ALA G 455 -12.13 -29.00 -10.09
C ALA G 455 -13.60 -28.69 -10.34
N ASN G 456 -13.95 -27.41 -10.35
CA ASN G 456 -15.33 -26.98 -10.59
C ASN G 456 -15.85 -27.34 -11.95
N LYS G 457 -14.96 -27.39 -12.94
CA LYS G 457 -15.38 -27.67 -14.30
C LYS G 457 -15.33 -29.13 -14.70
N LEU G 458 -14.75 -29.97 -13.86
CA LEU G 458 -14.66 -31.39 -14.18
C LEU G 458 -15.94 -32.08 -13.85
N LYS G 459 -16.44 -32.89 -14.77
CA LYS G 459 -17.67 -33.60 -14.55
C LYS G 459 -17.35 -34.94 -13.93
N LEU G 460 -17.06 -34.90 -12.64
CA LEU G 460 -16.66 -36.06 -11.91
C LEU G 460 -17.31 -36.06 -10.55
N GLY G 461 -17.70 -37.24 -10.09
CA GLY G 461 -18.31 -37.36 -8.79
C GLY G 461 -17.39 -37.00 -7.67
N THR G 462 -16.13 -37.29 -7.84
CA THR G 462 -15.11 -36.96 -6.83
C THR G 462 -13.92 -36.34 -7.53
N VAL G 463 -13.41 -35.24 -6.98
CA VAL G 463 -12.21 -34.59 -7.55
C VAL G 463 -11.20 -34.39 -6.44
N TRP G 464 -9.97 -34.85 -6.65
CA TRP G 464 -8.95 -34.68 -5.65
C TRP G 464 -8.01 -33.58 -6.09
N ILE G 465 -7.71 -32.65 -5.19
CA ILE G 465 -6.76 -31.63 -5.46
C ILE G 465 -5.49 -32.00 -4.72
N ASN G 466 -4.42 -32.25 -5.48
CA ASN G 466 -3.15 -32.67 -4.90
C ASN G 466 -3.22 -33.96 -4.07
N ASP G 467 -3.98 -34.94 -4.59
CA ASP G 467 -4.06 -36.25 -3.97
C ASP G 467 -4.65 -37.20 -5.00
N PHE G 468 -4.67 -38.49 -4.69
CA PHE G 468 -5.27 -39.46 -5.59
C PHE G 468 -5.67 -40.72 -4.83
N HIS G 469 -6.94 -41.12 -5.05
CA HIS G 469 -7.62 -42.32 -4.47
C HIS G 469 -8.57 -42.18 -3.27
N PRO G 470 -8.36 -41.18 -2.41
CA PRO G 470 -9.19 -41.21 -1.20
C PRO G 470 -10.72 -41.07 -1.28
N TYR G 471 -11.39 -41.95 -0.56
CA TYR G 471 -12.83 -41.97 -0.40
C TYR G 471 -13.05 -42.31 1.05
N PHE G 472 -14.21 -41.98 1.56
CA PHE G 472 -14.54 -42.28 2.94
C PHE G 472 -16.02 -42.19 3.17
N ALA G 473 -16.47 -42.92 4.18
CA ALA G 473 -17.87 -43.03 4.50
C ALA G 473 -18.58 -41.69 4.65
N GLN G 474 -17.86 -40.66 5.07
CA GLN G 474 -18.52 -39.39 5.34
C GLN G 474 -19.02 -38.67 4.12
N ALA G 475 -18.46 -39.01 2.97
CA ALA G 475 -18.80 -38.34 1.73
C ALA G 475 -19.29 -39.27 0.63
N PRO G 476 -20.27 -38.82 -0.15
CA PRO G 476 -20.83 -39.62 -1.25
C PRO G 476 -19.83 -39.85 -2.41
N TRP G 477 -19.93 -41.04 -2.98
CA TRP G 477 -19.12 -41.52 -4.06
C TRP G 477 -20.02 -42.07 -5.14
N GLY G 478 -19.79 -41.66 -6.37
CA GLY G 478 -20.58 -42.12 -7.50
C GLY G 478 -20.24 -41.32 -8.74
N GLY G 479 -20.96 -41.58 -9.80
CA GLY G 479 -20.60 -40.93 -11.02
C GLY G 479 -21.47 -39.85 -11.60
N TYR G 480 -20.86 -39.12 -12.52
CA TYR G 480 -21.51 -38.17 -13.36
C TYR G 480 -21.58 -39.01 -14.62
N LYS G 481 -22.41 -38.59 -15.57
CA LYS G 481 -22.44 -39.26 -16.86
C LYS G 481 -22.59 -40.76 -16.79
N GLN G 482 -21.84 -41.51 -17.59
CA GLN G 482 -22.01 -42.96 -17.61
C GLN G 482 -21.27 -43.77 -16.55
N SER G 483 -20.71 -43.11 -15.53
CA SER G 483 -20.05 -43.84 -14.46
C SER G 483 -21.07 -44.30 -13.42
N GLY G 484 -22.34 -43.92 -13.58
CA GLY G 484 -23.31 -44.42 -12.63
C GLY G 484 -24.56 -43.63 -12.46
N ILE G 485 -25.39 -44.15 -11.57
CA ILE G 485 -26.67 -43.57 -11.20
C ILE G 485 -26.78 -43.75 -9.68
N GLY G 486 -26.93 -42.63 -8.98
CA GLY G 486 -27.03 -42.63 -7.56
C GLY G 486 -25.66 -42.48 -6.92
N ARG G 487 -25.63 -42.68 -5.60
CA ARG G 487 -24.44 -42.54 -4.83
C ARG G 487 -24.35 -43.57 -3.75
N GLU G 488 -23.13 -43.85 -3.34
CA GLU G 488 -22.88 -44.74 -2.23
C GLU G 488 -22.06 -43.93 -1.25
N LEU G 489 -22.15 -44.28 0.03
CA LEU G 489 -21.46 -43.58 1.11
C LEU G 489 -22.09 -42.25 1.35
N GLY G 490 -21.79 -41.68 2.51
CA GLY G 490 -22.40 -40.41 2.94
C GLY G 490 -23.90 -40.55 3.16
N LYS G 491 -24.55 -39.44 3.49
CA LYS G 491 -26.00 -39.41 3.68
C LYS G 491 -26.72 -39.82 2.41
N GLU G 492 -26.15 -39.48 1.25
CA GLU G 492 -26.80 -39.82 -0.01
C GLU G 492 -26.80 -41.31 -0.21
N GLY G 493 -25.75 -41.96 0.28
CA GLY G 493 -25.67 -43.41 0.19
C GLY G 493 -26.80 -44.06 0.95
N LEU G 494 -27.18 -43.45 2.07
CA LEU G 494 -28.27 -43.96 2.87
C LEU G 494 -29.59 -43.73 2.15
N GLU G 495 -29.74 -42.57 1.52
CA GLU G 495 -30.99 -42.20 0.83
C GLU G 495 -31.37 -43.13 -0.30
N GLU G 496 -30.45 -43.90 -0.83
CA GLU G 496 -30.81 -44.85 -1.89
C GLU G 496 -31.74 -45.94 -1.31
N TYR G 497 -31.63 -46.16 0.01
CA TYR G 497 -32.36 -47.18 0.76
C TYR G 497 -33.63 -46.71 1.46
N LEU G 498 -33.99 -45.45 1.23
CA LEU G 498 -35.18 -44.86 1.83
C LEU G 498 -36.11 -44.36 0.79
N VAL G 499 -37.37 -44.28 1.15
CA VAL G 499 -38.41 -43.80 0.27
C VAL G 499 -39.28 -42.85 1.09
N SER G 500 -39.70 -41.75 0.51
CA SER G 500 -40.50 -40.78 1.20
C SER G 500 -41.99 -40.99 1.06
N LYS G 501 -42.71 -40.76 2.17
CA LYS G 501 -44.15 -40.84 2.19
C LYS G 501 -44.71 -39.57 2.78
N HIS G 502 -45.62 -38.94 2.07
CA HIS G 502 -46.23 -37.73 2.54
C HIS G 502 -47.58 -38.07 3.14
N ILE G 503 -47.70 -37.90 4.44
CA ILE G 503 -48.96 -38.15 5.10
C ILE G 503 -49.60 -36.81 5.39
N LEU G 504 -50.73 -36.55 4.75
CA LEU G 504 -51.44 -35.29 4.94
C LEU G 504 -52.74 -35.54 5.68
N THR G 505 -52.92 -34.88 6.82
CA THR G 505 -54.11 -35.03 7.62
C THR G 505 -54.94 -33.76 7.59
N ASN G 506 -56.21 -33.86 7.19
CA ASN G 506 -57.11 -32.72 7.23
C ASN G 506 -57.79 -32.74 8.61
N THR G 507 -57.46 -31.76 9.44
CA THR G 507 -57.98 -31.69 10.81
C THR G 507 -59.36 -31.08 10.99
N ASN G 508 -59.90 -30.54 9.91
CA ASN G 508 -61.23 -29.97 9.91
C ASN G 508 -61.89 -30.30 8.57
N PRO G 509 -62.11 -31.59 8.31
CA PRO G 509 -62.70 -32.02 7.05
C PRO G 509 -64.09 -31.47 6.80
N GLN G 510 -64.29 -30.96 5.58
CA GLN G 510 -65.53 -30.36 5.15
C GLN G 510 -65.93 -30.92 3.82
N LEU G 511 -67.23 -31.10 3.61
CA LEU G 511 -67.70 -31.56 2.33
C LEU G 511 -67.37 -30.50 1.29
N VAL G 512 -67.00 -30.93 0.09
CA VAL G 512 -66.71 -30.02 -0.99
C VAL G 512 -67.98 -29.66 -1.74
N ASN G 513 -68.90 -30.62 -1.84
CA ASN G 513 -70.17 -30.44 -2.57
C ASN G 513 -69.99 -29.96 -3.99
N TRP G 514 -69.11 -30.61 -4.71
CA TRP G 514 -68.87 -30.30 -6.10
C TRP G 514 -69.96 -30.91 -6.93
N PHE G 515 -70.34 -32.14 -6.57
CA PHE G 515 -71.38 -32.90 -7.28
C PHE G 515 -72.76 -32.76 -6.64
N SER G 516 -73.77 -32.58 -7.49
CA SER G 516 -75.19 -32.42 -7.06
C SER G 516 -75.66 -33.42 -6.01
N LYS G 517 -76.45 -32.92 -5.04
CA LYS G 517 -77.05 -33.77 -4.01
C LYS G 517 -78.48 -34.12 -4.47
N MET H 22 64.86 38.90 -39.99
CA MET H 22 66.17 38.76 -39.30
C MET H 22 66.72 37.33 -39.01
N GLU H 23 67.76 37.29 -38.18
CA GLU H 23 68.42 36.04 -37.81
C GLU H 23 67.48 35.15 -36.97
N LEU H 24 66.48 35.76 -36.38
CA LEU H 24 65.43 35.01 -35.61
C LEU H 24 64.91 33.66 -36.26
N LEU H 25 64.73 33.67 -37.56
CA LEU H 25 64.23 32.50 -38.29
C LEU H 25 65.25 31.39 -38.56
N LYS H 26 66.52 31.63 -38.27
CA LYS H 26 67.58 30.65 -38.60
C LYS H 26 67.38 29.32 -37.88
N HIS H 27 66.87 29.38 -36.66
CA HIS H 27 66.67 28.15 -35.90
C HIS H 27 65.21 27.79 -35.69
N LEU H 28 64.31 28.61 -36.20
CA LEU H 28 62.89 28.31 -36.03
C LEU H 28 62.52 27.09 -36.84
N SER H 29 61.75 26.21 -36.24
CA SER H 29 61.31 25.00 -36.90
C SER H 29 60.38 25.35 -38.08
N GLN H 30 60.37 24.50 -39.08
CA GLN H 30 59.58 24.68 -40.29
C GLN H 30 58.53 23.64 -40.43
N ARG H 31 58.34 22.85 -39.39
CA ARG H 31 57.43 21.74 -39.48
C ARG H 31 56.29 21.70 -38.50
N GLN H 32 55.44 20.71 -38.68
CA GLN H 32 54.29 20.49 -37.83
C GLN H 32 54.77 19.71 -36.62
N TYR H 33 53.97 19.71 -35.57
CA TYR H 33 54.33 18.97 -34.36
C TYR H 33 53.18 18.03 -34.07
N ILE H 34 53.42 16.75 -34.32
CA ILE H 34 52.41 15.75 -34.13
C ILE H 34 52.91 14.58 -33.33
N ASP H 35 52.15 14.20 -32.32
CA ASP H 35 52.45 13.07 -31.47
C ASP H 35 53.93 13.07 -31.00
N GLY H 36 54.34 14.22 -30.48
CA GLY H 36 55.69 14.40 -29.92
C GLY H 36 56.84 14.51 -30.89
N GLU H 37 56.54 14.66 -32.17
CA GLU H 37 57.58 14.73 -33.18
C GLU H 37 57.35 15.87 -34.18
N TRP H 38 58.44 16.54 -34.56
CA TRP H 38 58.37 17.57 -35.56
C TRP H 38 58.41 16.82 -36.87
N VAL H 39 57.37 16.95 -37.67
CA VAL H 39 57.26 16.23 -38.96
C VAL H 39 56.78 17.13 -40.08
N GLU H 40 57.13 16.74 -41.30
CA GLU H 40 56.75 17.46 -42.49
C GLU H 40 55.32 17.10 -42.84
N SER H 41 54.82 17.70 -43.91
CA SER H 41 53.48 17.40 -44.39
C SER H 41 53.55 15.99 -44.95
N ALA H 42 52.43 15.28 -44.92
CA ALA H 42 52.39 13.89 -45.43
C ALA H 42 52.74 13.82 -46.91
N ASN H 43 52.46 14.89 -47.65
CA ASN H 43 52.78 14.97 -49.09
C ASN H 43 53.99 15.90 -49.38
N LYS H 44 54.75 16.21 -48.34
CA LYS H 44 55.93 17.10 -48.43
C LYS H 44 55.63 18.50 -49.04
N ASN H 45 54.37 18.86 -49.12
CA ASN H 45 54.00 20.16 -49.65
C ASN H 45 54.44 21.27 -48.67
N THR H 46 54.70 22.48 -49.21
CA THR H 46 55.14 23.62 -48.39
C THR H 46 54.43 24.90 -48.76
N ARG H 47 54.68 25.92 -47.96
CA ARG H 47 54.07 27.24 -48.15
C ARG H 47 55.07 28.34 -47.81
N ASP H 48 55.01 29.41 -48.57
CA ASP H 48 55.87 30.55 -48.34
C ASP H 48 55.16 31.59 -47.50
N ILE H 49 55.86 32.07 -46.46
CA ILE H 49 55.33 33.07 -45.57
C ILE H 49 55.86 34.42 -45.98
N ILE H 50 54.97 35.40 -45.99
CA ILE H 50 55.28 36.73 -46.48
C ILE H 50 55.26 37.81 -45.42
N ASN H 51 56.18 38.76 -45.53
CA ASN H 51 56.20 39.92 -44.63
C ASN H 51 55.36 41.01 -45.32
N PRO H 52 54.23 41.41 -44.72
CA PRO H 52 53.41 42.44 -45.34
C PRO H 52 54.05 43.82 -45.51
N TYR H 53 55.12 44.12 -44.77
CA TYR H 53 55.81 45.41 -44.97
C TYR H 53 56.42 45.57 -46.35
N ASN H 54 57.00 44.51 -46.89
CA ASN H 54 57.66 44.55 -48.23
C ASN H 54 57.25 43.43 -49.21
N GLN H 55 56.39 42.52 -48.76
CA GLN H 55 55.93 41.39 -49.59
C GLN H 55 57.02 40.40 -49.99
N GLU H 56 58.12 40.38 -49.25
CA GLU H 56 59.18 39.44 -49.52
C GLU H 56 58.84 38.12 -48.83
N VAL H 57 59.26 37.02 -49.43
CA VAL H 57 59.09 35.72 -48.80
C VAL H 57 60.17 35.67 -47.74
N ILE H 58 59.80 35.28 -46.55
CA ILE H 58 60.72 35.22 -45.41
C ILE H 58 60.95 33.88 -44.77
N PHE H 59 60.06 32.94 -45.06
CA PHE H 59 60.17 31.65 -44.43
C PHE H 59 59.28 30.67 -45.16
N THR H 60 59.65 29.42 -45.09
CA THR H 60 58.90 28.36 -45.74
C THR H 60 58.59 27.26 -44.72
N VAL H 61 57.34 26.91 -44.64
CA VAL H 61 56.89 25.88 -43.70
C VAL H 61 56.10 24.79 -44.36
N SER H 62 55.91 23.68 -43.63
CA SER H 62 55.11 22.58 -44.12
C SER H 62 53.63 22.97 -44.30
N GLU H 63 52.99 22.39 -45.30
CA GLU H 63 51.58 22.63 -45.61
C GLU H 63 50.92 21.27 -45.46
N GLY H 64 50.46 20.99 -44.25
CA GLY H 64 49.84 19.71 -43.89
C GLY H 64 48.61 19.28 -44.68
N THR H 65 48.35 17.97 -44.63
CA THR H 65 47.21 17.35 -45.30
C THR H 65 46.13 17.02 -44.30
N LYS H 66 44.95 16.70 -44.80
CA LYS H 66 43.86 16.33 -43.90
C LYS H 66 44.21 15.07 -43.11
N GLU H 67 45.03 14.18 -43.67
CA GLU H 67 45.44 12.96 -42.95
C GLU H 67 46.34 13.31 -41.77
N ASP H 68 47.19 14.32 -41.93
CA ASP H 68 48.03 14.79 -40.83
C ASP H 68 47.12 15.26 -39.67
N ALA H 69 46.11 16.06 -40.00
CA ALA H 69 45.17 16.52 -38.99
C ALA H 69 44.47 15.35 -38.28
N GLU H 70 44.07 14.32 -39.02
CA GLU H 70 43.43 13.17 -38.39
C GLU H 70 44.38 12.47 -37.45
N ARG H 71 45.61 12.29 -37.90
CA ARG H 71 46.59 11.59 -37.12
C ARG H 71 46.86 12.32 -35.81
N ALA H 72 46.81 13.64 -35.86
CA ALA H 72 47.04 14.47 -34.66
C ALA H 72 45.89 14.29 -33.70
N ILE H 73 44.67 14.34 -34.24
CA ILE H 73 43.48 14.15 -33.45
C ILE H 73 43.50 12.79 -32.80
N LEU H 74 43.84 11.75 -33.54
CA LEU H 74 43.88 10.39 -32.94
C LEU H 74 44.94 10.29 -31.87
N ALA H 75 46.02 11.04 -32.03
CA ALA H 75 47.11 11.03 -31.05
C ALA H 75 46.65 11.74 -29.78
N ALA H 76 45.91 12.83 -29.95
CA ALA H 76 45.37 13.57 -28.83
C ALA H 76 44.39 12.68 -28.06
N ARG H 77 43.57 11.93 -28.78
CA ARG H 77 42.62 11.01 -28.16
C ARG H 77 43.35 9.94 -27.36
N ARG H 78 44.33 9.30 -27.99
CA ARG H 78 45.10 8.25 -27.33
C ARG H 78 45.75 8.81 -26.07
N ALA H 79 46.34 10.01 -26.18
CA ALA H 79 47.01 10.64 -25.02
C ALA H 79 46.01 10.98 -23.90
N PHE H 80 44.87 11.53 -24.26
CA PHE H 80 43.85 11.83 -23.28
C PHE H 80 43.40 10.56 -22.52
N GLU H 81 43.14 9.47 -23.24
CA GLU H 81 42.69 8.23 -22.61
C GLU H 81 43.78 7.59 -21.76
N SER H 82 45.06 7.77 -22.11
CA SER H 82 46.15 7.16 -21.31
C SER H 82 46.11 7.79 -19.92
N GLY H 83 45.68 9.04 -19.86
CA GLY H 83 45.59 9.76 -18.59
C GLY H 83 46.86 10.40 -18.08
N GLU H 84 47.92 10.39 -18.86
CA GLU H 84 49.19 11.00 -18.39
C GLU H 84 49.06 12.46 -18.07
N TRP H 85 48.17 13.14 -18.78
CA TRP H 85 47.94 14.56 -18.53
C TRP H 85 46.57 14.79 -17.88
N SER H 86 45.55 14.14 -18.40
CA SER H 86 44.21 14.28 -17.85
C SER H 86 44.11 13.82 -16.38
N GLN H 87 44.94 12.86 -15.95
CA GLN H 87 44.91 12.38 -14.54
C GLN H 87 46.02 13.00 -13.70
N GLU H 88 46.80 13.88 -14.28
CA GLU H 88 47.84 14.54 -13.52
C GLU H 88 47.11 15.45 -12.54
N THR H 89 47.69 15.70 -11.37
CA THR H 89 47.04 16.59 -10.38
C THR H 89 46.89 18.00 -10.95
N ALA H 90 45.76 18.64 -10.63
CA ALA H 90 45.51 19.99 -11.11
C ALA H 90 46.65 20.94 -10.70
N GLU H 91 47.15 20.76 -9.48
CA GLU H 91 48.26 21.60 -8.99
C GLU H 91 49.50 21.49 -9.90
N THR H 92 49.83 20.26 -10.31
CA THR H 92 50.97 20.05 -11.16
C THR H 92 50.70 20.60 -12.55
N ARG H 93 49.49 20.41 -13.05
CA ARG H 93 49.16 20.96 -14.36
C ARG H 93 49.34 22.47 -14.30
N GLY H 94 48.93 23.06 -13.19
CA GLY H 94 49.10 24.49 -12.99
C GLY H 94 50.56 24.92 -13.06
N LYS H 95 51.45 24.14 -12.46
CA LYS H 95 52.90 24.48 -12.49
C LYS H 95 53.46 24.46 -13.92
N LYS H 96 52.99 23.52 -14.71
CA LYS H 96 53.45 23.41 -16.09
C LYS H 96 53.00 24.63 -16.89
N VAL H 97 51.74 25.01 -16.72
CA VAL H 97 51.22 26.17 -17.43
C VAL H 97 51.98 27.41 -16.98
N ARG H 98 52.41 27.44 -15.73
CA ARG H 98 53.16 28.57 -15.20
C ARG H 98 54.55 28.57 -15.88
N ALA H 99 55.11 27.38 -16.10
CA ALA H 99 56.38 27.25 -16.77
C ALA H 99 56.30 27.80 -18.17
N ILE H 100 55.20 27.53 -18.86
CA ILE H 100 55.01 28.07 -20.22
C ILE H 100 54.97 29.58 -20.13
N ALA H 101 54.26 30.10 -19.13
CA ALA H 101 54.17 31.54 -18.95
C ALA H 101 55.58 32.12 -18.81
N ASP H 102 56.43 31.48 -18.00
CA ASP H 102 57.80 31.97 -17.80
C ASP H 102 58.62 31.95 -19.10
N LYS H 103 58.34 30.99 -19.98
CA LYS H 103 59.03 30.92 -21.25
C LYS H 103 58.66 32.12 -22.10
N ILE H 104 57.39 32.48 -22.09
CA ILE H 104 56.94 33.61 -22.86
C ILE H 104 57.71 34.85 -22.44
N LYS H 105 57.82 35.05 -21.15
CA LYS H 105 58.52 36.21 -20.63
C LYS H 105 60.01 36.16 -20.93
N GLU H 106 60.60 34.97 -20.84
CA GLU H 106 62.02 34.80 -21.12
C GLU H 106 62.34 35.16 -22.59
N HIS H 107 61.48 34.72 -23.52
CA HIS H 107 61.70 34.94 -24.95
C HIS H 107 60.82 36.08 -25.51
N ARG H 108 60.38 36.94 -24.61
CA ARG H 108 59.54 38.08 -24.92
C ARG H 108 60.03 38.93 -26.13
N GLU H 109 61.29 39.33 -26.11
CA GLU H 109 61.94 40.13 -27.19
C GLU H 109 61.79 39.43 -28.54
N ALA H 110 62.27 38.20 -28.59
CA ALA H 110 62.24 37.44 -29.83
C ALA H 110 60.81 37.19 -30.33
N LEU H 111 59.91 36.81 -29.42
CA LEU H 111 58.53 36.55 -29.79
C LEU H 111 57.86 37.78 -30.35
N ALA H 112 58.09 38.93 -29.73
CA ALA H 112 57.52 40.20 -30.21
C ALA H 112 58.00 40.55 -31.63
N ARG H 113 59.28 40.31 -31.90
CA ARG H 113 59.83 40.63 -33.20
C ARG H 113 59.28 39.67 -34.25
N LEU H 114 59.11 38.43 -33.84
CA LEU H 114 58.60 37.42 -34.73
C LEU H 114 57.13 37.74 -35.11
N GLU H 115 56.36 38.24 -34.15
CA GLU H 115 54.96 38.60 -34.39
C GLU H 115 54.87 39.86 -35.28
N THR H 116 55.76 40.84 -35.06
CA THR H 116 55.77 42.05 -35.90
C THR H 116 56.20 41.70 -37.32
N LEU H 117 57.13 40.77 -37.45
CA LEU H 117 57.59 40.32 -38.74
C LEU H 117 56.48 39.64 -39.53
N ASP H 118 55.72 38.80 -38.83
CA ASP H 118 54.66 38.00 -39.45
C ASP H 118 53.36 38.79 -39.71
N THR H 119 52.96 39.64 -38.76
CA THR H 119 51.70 40.38 -38.86
C THR H 119 51.82 41.81 -39.30
N GLY H 120 53.02 42.37 -39.20
CA GLY H 120 53.27 43.74 -39.60
C GLY H 120 52.95 44.85 -38.60
N LYS H 121 52.35 44.53 -37.46
CA LYS H 121 52.02 45.59 -36.48
C LYS H 121 53.27 46.08 -35.78
N THR H 122 53.17 47.25 -35.15
CA THR H 122 54.32 47.83 -34.48
C THR H 122 54.90 46.93 -33.41
N LEU H 123 56.19 47.12 -33.16
CA LEU H 123 56.90 46.33 -32.18
C LEU H 123 56.34 46.57 -30.78
N GLU H 124 55.98 47.82 -30.46
CA GLU H 124 55.42 48.12 -29.14
C GLU H 124 54.10 47.37 -28.93
N GLU H 125 53.28 47.27 -29.97
CA GLU H 125 52.03 46.54 -29.85
C GLU H 125 52.35 45.06 -29.58
N SER H 126 53.37 44.54 -30.24
CA SER H 126 53.77 43.14 -30.06
C SER H 126 54.33 42.89 -28.67
N TYR H 127 55.08 43.85 -28.11
CA TYR H 127 55.57 43.72 -26.74
C TYR H 127 54.38 43.63 -25.78
N ALA H 128 53.38 44.48 -25.97
CA ALA H 128 52.20 44.46 -25.12
C ALA H 128 51.49 43.09 -25.20
N ASP H 129 51.42 42.51 -26.41
CA ASP H 129 50.82 41.17 -26.58
C ASP H 129 51.53 40.17 -25.70
N MET H 130 52.86 40.19 -25.76
CA MET H 130 53.66 39.24 -24.99
C MET H 130 53.44 39.42 -23.49
N ASP H 131 53.23 40.63 -23.04
CA ASP H 131 52.93 40.85 -21.61
C ASP H 131 51.56 40.24 -21.28
N ASP H 132 50.58 40.43 -22.18
CA ASP H 132 49.25 39.86 -21.97
C ASP H 132 49.33 38.36 -21.96
N ILE H 133 50.05 37.81 -22.94
CA ILE H 133 50.18 36.38 -23.08
C ILE H 133 50.78 35.76 -21.85
N HIS H 134 51.82 36.37 -21.35
CA HIS H 134 52.43 35.89 -20.15
C HIS H 134 51.37 35.82 -19.05
N ASN H 135 50.63 36.91 -18.90
CA ASN H 135 49.55 37.00 -17.91
C ASN H 135 48.39 36.07 -18.13
N VAL H 136 48.10 35.74 -19.38
CA VAL H 136 47.03 34.80 -19.68
C VAL H 136 47.41 33.42 -19.15
N PHE H 137 48.62 32.97 -19.49
CA PHE H 137 49.08 31.68 -19.02
C PHE H 137 49.15 31.67 -17.48
N MET H 138 49.65 32.75 -16.90
CA MET H 138 49.80 32.80 -15.48
C MET H 138 48.41 32.70 -14.79
N TYR H 139 47.44 33.44 -15.30
CA TYR H 139 46.10 33.45 -14.75
C TYR H 139 45.52 32.03 -14.72
N PHE H 140 45.55 31.36 -15.85
CA PHE H 140 45.03 30.00 -15.93
C PHE H 140 45.85 29.00 -15.13
N ALA H 141 47.15 29.24 -15.01
CA ALA H 141 47.98 28.35 -14.19
C ALA H 141 47.45 28.40 -12.76
N GLY H 142 47.11 29.61 -12.31
CA GLY H 142 46.60 29.81 -10.96
C GLY H 142 45.17 29.34 -10.74
N LEU H 143 44.42 29.21 -11.82
CA LEU H 143 43.05 28.80 -11.71
C LEU H 143 42.86 27.29 -11.75
N ALA H 144 43.89 26.58 -12.24
CA ALA H 144 43.83 25.14 -12.45
C ALA H 144 43.30 24.26 -11.33
N ASP H 145 43.71 24.53 -10.10
CA ASP H 145 43.33 23.70 -8.96
C ASP H 145 42.33 24.34 -7.99
N LYS H 146 41.52 25.28 -8.46
CA LYS H 146 40.63 26.01 -7.57
C LYS H 146 39.18 25.55 -7.47
N ASP H 147 38.67 24.82 -8.46
CA ASP H 147 37.29 24.38 -8.41
C ASP H 147 37.11 23.05 -9.11
N GLY H 148 36.93 21.98 -8.34
CA GLY H 148 36.77 20.63 -8.88
C GLY H 148 35.32 20.14 -8.98
N GLY H 149 34.36 20.97 -8.56
CA GLY H 149 32.95 20.61 -8.64
C GLY H 149 32.21 20.99 -7.38
N GLU H 150 31.05 20.38 -7.15
CA GLU H 150 30.22 20.70 -5.98
C GLU H 150 29.66 19.52 -5.28
N MET H 151 29.25 19.76 -4.05
CA MET H 151 28.51 18.77 -3.27
C MET H 151 27.11 19.31 -3.32
N ILE H 152 26.15 18.46 -3.63
CA ILE H 152 24.75 18.89 -3.70
C ILE H 152 23.99 18.33 -2.53
N ASP H 153 23.08 19.13 -1.99
CA ASP H 153 22.20 18.68 -0.92
C ASP H 153 21.07 17.97 -1.67
N SER H 154 21.13 16.64 -1.67
CA SER H 154 20.17 15.81 -2.36
C SER H 154 18.79 15.86 -1.74
N PRO H 155 17.76 15.92 -2.58
CA PRO H 155 16.36 15.91 -2.12
C PRO H 155 15.87 14.48 -1.82
N ILE H 156 16.72 13.50 -2.09
CA ILE H 156 16.37 12.15 -1.88
C ILE H 156 17.10 11.71 -0.64
N PRO H 157 16.36 11.30 0.39
CA PRO H 157 17.05 10.88 1.62
C PRO H 157 17.91 9.66 1.35
N ASP H 158 19.00 9.54 2.12
CA ASP H 158 19.94 8.43 2.01
C ASP H 158 20.63 8.35 0.66
N THR H 159 21.00 9.51 0.14
CA THR H 159 21.77 9.56 -1.11
C THR H 159 22.83 10.61 -0.98
N GLU H 160 23.94 10.42 -1.69
CA GLU H 160 25.00 11.40 -1.75
C GLU H 160 24.99 11.89 -3.19
N SER H 161 25.06 13.20 -3.38
CA SER H 161 25.07 13.78 -4.71
C SER H 161 26.27 14.72 -4.89
N LYS H 162 27.04 14.52 -5.92
CA LYS H 162 28.16 15.40 -6.19
C LYS H 162 28.33 15.60 -7.66
N ILE H 163 28.88 16.75 -8.03
CA ILE H 163 29.14 17.09 -9.42
C ILE H 163 30.63 17.18 -9.56
N VAL H 164 31.21 16.36 -10.40
CA VAL H 164 32.62 16.42 -10.63
C VAL H 164 32.86 17.09 -11.98
N LYS H 165 33.86 17.98 -12.06
CA LYS H 165 34.16 18.62 -13.32
C LYS H 165 35.39 17.96 -13.91
N GLU H 166 35.27 17.46 -15.13
CA GLU H 166 36.35 16.77 -15.81
C GLU H 166 36.75 17.51 -17.07
N PRO H 167 37.99 17.29 -17.53
CA PRO H 167 38.39 17.90 -18.79
C PRO H 167 37.48 17.31 -19.89
N VAL H 168 37.10 18.13 -20.85
CA VAL H 168 36.16 17.72 -21.86
C VAL H 168 36.72 16.59 -22.77
N GLY H 169 38.03 16.61 -23.00
CA GLY H 169 38.69 15.60 -23.81
C GLY H 169 39.63 16.16 -24.88
N VAL H 170 39.34 15.85 -26.15
CA VAL H 170 40.15 16.31 -27.27
C VAL H 170 39.59 17.61 -27.78
N VAL H 171 40.49 18.58 -27.96
CA VAL H 171 40.07 19.91 -28.39
C VAL H 171 40.83 20.43 -29.59
N THR H 172 40.09 20.93 -30.58
CA THR H 172 40.72 21.52 -31.77
C THR H 172 40.62 23.02 -31.60
N GLN H 173 41.72 23.68 -31.91
CA GLN H 173 41.84 25.10 -31.74
C GLN H 173 42.31 25.75 -33.02
N ILE H 174 41.51 26.70 -33.51
CA ILE H 174 41.78 27.37 -34.76
C ILE H 174 41.82 28.87 -34.53
N THR H 175 42.89 29.49 -35.02
CA THR H 175 43.11 30.91 -34.80
C THR H 175 43.28 31.78 -36.05
N PRO H 176 43.11 33.10 -35.89
CA PRO H 176 43.25 34.04 -36.98
C PRO H 176 44.66 34.61 -37.11
N TRP H 177 44.86 35.36 -38.18
CA TRP H 177 46.16 35.97 -38.47
C TRP H 177 46.46 37.31 -37.81
N ASN H 178 45.46 37.97 -37.25
CA ASN H 178 45.72 39.31 -36.68
C ASN H 178 46.61 39.37 -35.41
N TYR H 179 46.30 38.53 -34.42
CA TYR H 179 47.04 38.43 -33.17
C TYR H 179 47.22 36.93 -32.94
N PRO H 180 48.08 36.30 -33.74
CA PRO H 180 48.27 34.85 -33.69
C PRO H 180 48.55 34.22 -32.33
N LEU H 181 49.60 34.66 -31.66
CA LEU H 181 49.95 34.04 -30.38
C LEU H 181 48.99 34.41 -29.27
N LEU H 182 48.48 35.63 -29.30
CA LEU H 182 47.52 36.06 -28.31
C LEU H 182 46.29 35.14 -28.36
N GLN H 183 45.72 34.97 -29.54
CA GLN H 183 44.52 34.15 -29.68
C GLN H 183 44.80 32.72 -29.37
N ALA H 184 46.01 32.30 -29.65
CA ALA H 184 46.40 30.94 -29.33
C ALA H 184 46.48 30.72 -27.81
N SER H 185 47.03 31.71 -27.10
CA SER H 185 47.20 31.60 -25.65
C SER H 185 45.86 31.45 -24.93
N TRP H 186 44.85 32.15 -25.45
CA TRP H 186 43.51 32.11 -24.88
C TRP H 186 42.90 30.72 -24.92
N LYS H 187 43.38 29.88 -25.84
CA LYS H 187 42.88 28.52 -26.02
C LYS H 187 43.76 27.49 -25.38
N ILE H 188 45.05 27.62 -25.58
CA ILE H 188 46.00 26.68 -25.02
C ILE H 188 46.04 26.65 -23.52
N ALA H 189 46.10 27.83 -22.91
CA ALA H 189 46.22 27.91 -21.45
C ALA H 189 45.12 27.12 -20.70
N PRO H 190 43.83 27.38 -20.98
CA PRO H 190 42.80 26.66 -20.24
C PRO H 190 42.71 25.19 -20.64
N ALA H 191 43.10 24.87 -21.86
CA ALA H 191 43.05 23.50 -22.31
C ALA H 191 44.02 22.68 -21.49
N LEU H 192 45.26 23.15 -21.39
CA LEU H 192 46.27 22.43 -20.61
C LEU H 192 45.97 22.45 -19.13
N ALA H 193 45.51 23.58 -18.63
CA ALA H 193 45.19 23.70 -17.21
C ALA H 193 44.14 22.70 -16.73
N THR H 194 43.15 22.42 -17.58
CA THR H 194 42.11 21.49 -17.25
C THR H 194 42.46 20.05 -17.50
N GLY H 195 43.49 19.79 -18.29
CA GLY H 195 43.91 18.42 -18.59
C GLY H 195 43.49 17.85 -19.92
N CYS H 196 43.09 18.71 -20.82
CA CYS H 196 42.67 18.29 -22.15
C CYS H 196 43.89 18.06 -23.04
N SER H 197 43.64 17.43 -24.19
CA SER H 197 44.65 17.23 -25.22
C SER H 197 44.20 18.22 -26.31
N LEU H 198 45.13 18.81 -27.04
CA LEU H 198 44.74 19.75 -28.05
C LEU H 198 45.46 19.58 -29.37
N VAL H 199 44.82 20.07 -30.42
CA VAL H 199 45.35 20.07 -31.78
C VAL H 199 45.10 21.50 -32.26
N MET H 200 46.16 22.23 -32.45
CA MET H 200 46.03 23.61 -32.87
C MET H 200 46.49 23.87 -34.30
N LYS H 201 45.76 24.73 -34.99
CA LYS H 201 46.10 25.13 -36.34
C LYS H 201 45.99 26.64 -36.44
N PRO H 202 47.12 27.33 -36.64
CA PRO H 202 47.10 28.78 -36.77
C PRO H 202 46.73 29.18 -38.15
N SER H 203 46.47 30.46 -38.37
CA SER H 203 46.19 30.93 -39.71
C SER H 203 47.35 30.54 -40.61
N GLU H 204 47.04 29.98 -41.77
CA GLU H 204 48.06 29.55 -42.68
C GLU H 204 49.07 30.63 -43.03
N ILE H 205 48.61 31.89 -43.07
CA ILE H 205 49.48 33.02 -43.46
C ILE H 205 50.40 33.54 -42.35
N THR H 206 50.12 33.18 -41.09
CA THR H 206 50.93 33.63 -39.95
C THR H 206 51.18 32.52 -38.90
N PRO H 207 52.13 31.61 -39.18
CA PRO H 207 52.39 30.54 -38.24
C PRO H 207 53.60 30.69 -37.34
N LEU H 208 54.37 31.76 -37.54
CA LEU H 208 55.65 31.93 -36.83
C LEU H 208 55.68 31.84 -35.33
N THR H 209 54.89 32.68 -34.66
CA THR H 209 54.89 32.64 -33.22
C THR H 209 54.23 31.38 -32.66
N THR H 210 53.30 30.81 -33.41
CA THR H 210 52.64 29.58 -32.94
C THR H 210 53.65 28.43 -32.99
N ILE H 211 54.47 28.41 -34.01
CA ILE H 211 55.50 27.40 -34.09
C ILE H 211 56.44 27.57 -32.89
N ARG H 212 56.89 28.80 -32.67
CA ARG H 212 57.79 29.08 -31.59
C ARG H 212 57.23 28.65 -30.24
N VAL H 213 55.98 28.98 -29.96
CA VAL H 213 55.39 28.61 -28.66
C VAL H 213 55.33 27.10 -28.50
N PHE H 214 55.11 26.36 -29.59
CA PHE H 214 55.16 24.89 -29.52
C PHE H 214 56.58 24.40 -29.18
N GLU H 215 57.61 25.03 -29.73
CA GLU H 215 59.01 24.65 -29.37
C GLU H 215 59.18 24.86 -27.87
N LEU H 216 58.65 25.96 -27.36
CA LEU H 216 58.74 26.28 -25.94
C LEU H 216 57.95 25.30 -25.07
N MET H 217 56.75 24.93 -25.49
CA MET H 217 55.95 23.96 -24.75
C MET H 217 56.61 22.59 -24.74
N GLU H 218 57.26 22.24 -25.83
CA GLU H 218 57.98 20.98 -25.88
C GLU H 218 59.10 21.00 -24.83
N GLU H 219 59.84 22.13 -24.72
CA GLU H 219 60.93 22.26 -23.71
C GLU H 219 60.42 22.04 -22.29
N VAL H 220 59.25 22.61 -21.99
CA VAL H 220 58.65 22.44 -20.68
C VAL H 220 58.41 20.95 -20.46
N GLY H 221 57.89 20.26 -21.48
CA GLY H 221 57.62 18.85 -21.39
C GLY H 221 56.16 18.50 -21.07
N PHE H 222 55.50 17.87 -22.03
CA PHE H 222 54.15 17.37 -21.91
C PHE H 222 54.11 15.95 -22.51
N PRO H 223 53.19 15.11 -22.01
CA PRO H 223 53.16 13.76 -22.56
C PRO H 223 52.86 13.70 -24.05
N LYS H 224 53.43 12.70 -24.68
CA LYS H 224 53.26 12.46 -26.10
C LYS H 224 51.78 12.59 -26.51
N GLY H 225 51.50 13.46 -27.47
CA GLY H 225 50.12 13.60 -28.00
C GLY H 225 49.25 14.63 -27.31
N THR H 226 49.65 15.07 -26.14
CA THR H 226 48.91 16.08 -25.39
C THR H 226 48.74 17.38 -26.21
N ILE H 227 49.80 17.80 -26.91
CA ILE H 227 49.75 19.00 -27.74
C ILE H 227 50.16 18.67 -29.16
N ASN H 228 49.47 19.27 -30.12
CA ASN H 228 49.76 19.04 -31.51
C ASN H 228 49.54 20.29 -32.31
N LEU H 229 50.44 20.51 -33.28
CA LEU H 229 50.42 21.66 -34.16
C LEU H 229 50.31 21.23 -35.59
N ILE H 230 49.23 21.63 -36.23
CA ILE H 230 49.00 21.36 -37.63
C ILE H 230 49.18 22.68 -38.34
N LEU H 231 49.86 22.65 -39.47
CA LEU H 231 50.06 23.86 -40.27
C LEU H 231 49.39 23.63 -41.62
N GLY H 232 48.47 24.51 -41.98
CA GLY H 232 47.80 24.35 -43.26
C GLY H 232 46.66 25.31 -43.44
N ALA H 233 46.08 25.24 -44.62
CA ALA H 233 44.95 26.07 -44.99
C ALA H 233 43.68 25.48 -44.41
N GLY H 234 42.82 26.33 -43.87
CA GLY H 234 41.56 25.87 -43.32
C GLY H 234 40.70 25.21 -44.39
N SER H 235 40.81 25.69 -45.62
CA SER H 235 40.04 25.13 -46.72
C SER H 235 40.41 23.68 -47.05
N GLU H 236 41.57 23.25 -46.60
CA GLU H 236 42.09 21.88 -46.83
C GLU H 236 41.95 20.92 -45.62
N VAL H 237 42.41 21.39 -44.46
CA VAL H 237 42.38 20.60 -43.20
C VAL H 237 41.32 21.02 -42.19
N GLY H 238 40.71 22.18 -42.39
CA GLY H 238 39.72 22.67 -41.42
C GLY H 238 38.56 21.74 -41.09
N ASP H 239 37.99 21.11 -42.11
CA ASP H 239 36.85 20.23 -41.92
C ASP H 239 37.16 19.00 -41.08
N VAL H 240 38.37 18.47 -41.18
CA VAL H 240 38.71 17.34 -40.34
C VAL H 240 38.70 17.81 -38.87
N MET H 241 39.26 18.99 -38.64
CA MET H 241 39.37 19.55 -37.29
C MET H 241 38.04 19.91 -36.65
N SER H 242 37.02 20.20 -37.45
CA SER H 242 35.73 20.52 -36.89
C SER H 242 34.78 19.34 -36.92
N GLY H 243 34.93 18.45 -37.90
CA GLY H 243 33.99 17.33 -38.06
C GLY H 243 34.42 15.94 -37.67
N HIS H 244 35.61 15.77 -37.09
CA HIS H 244 36.06 14.43 -36.71
C HIS H 244 35.33 13.98 -35.45
N LYS H 245 34.88 12.72 -35.45
CA LYS H 245 34.13 12.09 -34.34
C LYS H 245 34.83 12.19 -32.97
N GLU H 246 36.13 12.08 -32.94
CA GLU H 246 36.89 12.13 -31.68
C GLU H 246 37.11 13.50 -31.05
N VAL H 247 36.67 14.57 -31.70
CA VAL H 247 36.83 15.91 -31.14
C VAL H 247 35.66 16.15 -30.21
N ASP H 248 35.94 16.67 -29.02
CA ASP H 248 34.90 16.93 -28.06
C ASP H 248 34.53 18.40 -28.08
N LEU H 249 35.47 19.26 -28.45
CA LEU H 249 35.22 20.68 -28.52
C LEU H 249 36.02 21.34 -29.62
N VAL H 250 35.39 22.27 -30.32
CA VAL H 250 36.07 23.04 -31.33
C VAL H 250 36.08 24.46 -30.83
N SER H 251 37.27 25.04 -30.66
CA SER H 251 37.38 26.43 -30.21
C SER H 251 37.91 27.20 -31.40
N PHE H 252 37.12 28.16 -31.87
CA PHE H 252 37.43 28.90 -33.05
C PHE H 252 37.34 30.37 -32.89
N THR H 253 38.37 31.06 -33.39
CA THR H 253 38.41 32.51 -33.40
C THR H 253 38.68 32.89 -34.84
N GLY H 254 37.72 33.58 -35.47
CA GLY H 254 37.84 33.96 -36.86
C GLY H 254 36.62 34.70 -37.37
N SER H 255 36.41 34.66 -38.68
CA SER H 255 35.27 35.38 -39.29
C SER H 255 33.96 34.61 -39.14
N ILE H 256 32.87 35.36 -39.23
CA ILE H 256 31.53 34.81 -39.07
C ILE H 256 31.18 33.68 -40.06
N GLU H 257 31.50 33.85 -41.34
CA GLU H 257 31.17 32.80 -42.34
C GLU H 257 31.88 31.50 -42.05
N THR H 258 33.15 31.58 -41.64
CA THR H 258 33.93 30.40 -41.32
C THR H 258 33.37 29.73 -40.09
N GLY H 259 32.95 30.56 -39.14
CA GLY H 259 32.36 30.04 -37.90
C GLY H 259 31.04 29.31 -38.13
N LYS H 260 30.22 29.83 -39.02
CA LYS H 260 28.95 29.20 -39.35
C LYS H 260 29.21 27.87 -39.97
N HIS H 261 30.17 27.84 -40.89
CA HIS H 261 30.55 26.61 -41.57
C HIS H 261 31.03 25.59 -40.56
N ILE H 262 31.88 26.03 -39.64
CA ILE H 262 32.42 25.15 -38.61
C ILE H 262 31.35 24.58 -37.72
N MET H 263 30.41 25.41 -37.33
CA MET H 263 29.34 24.97 -36.48
C MET H 263 28.51 23.92 -37.21
N LYS H 264 28.16 24.18 -38.47
CA LYS H 264 27.38 23.21 -39.22
C LYS H 264 28.11 21.86 -39.30
N ASN H 265 29.44 21.89 -39.46
CA ASN H 265 30.21 20.68 -39.61
C ASN H 265 30.34 19.95 -38.28
N ALA H 266 30.54 20.72 -37.22
CA ALA H 266 30.65 20.17 -35.90
C ALA H 266 29.37 19.43 -35.50
N ALA H 267 28.23 19.87 -36.05
CA ALA H 267 26.93 19.24 -35.73
C ALA H 267 26.88 17.77 -36.10
N ASN H 268 27.67 17.35 -37.06
CA ASN H 268 27.66 15.95 -37.49
C ASN H 268 27.92 14.99 -36.36
N ASN H 269 28.64 15.45 -35.33
CA ASN H 269 28.98 14.62 -34.16
C ASN H 269 28.57 15.29 -32.90
N VAL H 270 27.60 16.20 -33.00
CA VAL H 270 27.08 16.91 -31.83
C VAL H 270 28.24 17.46 -31.00
N THR H 271 29.26 17.97 -31.69
CA THR H 271 30.43 18.48 -31.03
C THR H 271 30.23 19.91 -30.55
N ASN H 272 30.57 20.14 -29.28
CA ASN H 272 30.45 21.50 -28.73
C ASN H 272 31.32 22.50 -29.48
N ILE H 273 30.87 23.75 -29.54
CA ILE H 273 31.68 24.78 -30.18
C ILE H 273 31.78 26.05 -29.35
N ALA H 274 32.93 26.68 -29.43
CA ALA H 274 33.18 27.97 -28.79
C ALA H 274 33.65 28.84 -29.95
N LEU H 275 32.89 29.86 -30.26
CA LEU H 275 33.18 30.70 -31.40
C LEU H 275 33.41 32.09 -30.97
N GLU H 276 34.50 32.67 -31.47
CA GLU H 276 34.86 34.06 -31.22
C GLU H 276 34.95 34.68 -32.60
N LEU H 277 33.90 35.38 -32.99
CA LEU H 277 33.79 35.94 -34.32
C LEU H 277 33.99 37.47 -34.37
N GLY H 278 33.62 38.08 -35.46
CA GLY H 278 33.81 39.49 -35.64
C GLY H 278 32.90 40.41 -34.89
N GLY H 279 33.04 41.70 -35.19
CA GLY H 279 32.23 42.72 -34.58
C GLY H 279 32.11 44.00 -35.38
N LYS H 280 31.08 44.76 -35.04
CA LYS H 280 30.80 46.04 -35.61
C LYS H 280 30.61 46.85 -34.33
N ASN H 281 31.75 47.10 -33.71
CA ASN H 281 31.81 47.73 -32.39
C ASN H 281 31.59 49.23 -32.39
N PRO H 282 30.60 49.68 -31.64
CA PRO H 282 30.32 51.08 -31.59
C PRO H 282 31.23 51.81 -30.64
N ASN H 283 31.50 53.07 -30.96
CA ASN H 283 32.30 53.93 -30.11
C ASN H 283 31.39 55.12 -29.97
N ILE H 284 30.64 55.15 -28.88
CA ILE H 284 29.64 56.20 -28.65
C ILE H 284 30.25 57.38 -27.95
N ILE H 285 30.11 58.55 -28.56
CA ILE H 285 30.67 59.77 -28.02
C ILE H 285 29.62 60.83 -27.80
N PHE H 286 29.35 61.14 -26.54
CA PHE H 286 28.39 62.19 -26.19
C PHE H 286 29.03 63.56 -26.22
N ASP H 287 28.21 64.61 -26.27
CA ASP H 287 28.75 65.96 -26.30
C ASP H 287 29.42 66.33 -24.97
N ASP H 288 29.03 65.66 -23.87
CA ASP H 288 29.62 65.92 -22.56
C ASP H 288 30.84 65.03 -22.29
N ALA H 289 31.37 64.41 -23.33
CA ALA H 289 32.56 63.61 -23.19
C ALA H 289 33.75 64.54 -23.15
N ASP H 290 34.85 64.04 -22.62
CA ASP H 290 36.10 64.76 -22.62
C ASP H 290 36.45 64.73 -24.11
N PHE H 291 36.34 65.87 -24.76
CA PHE H 291 36.54 65.92 -26.18
C PHE H 291 37.85 65.37 -26.72
N GLU H 292 38.97 65.86 -26.22
CA GLU H 292 40.27 65.39 -26.71
C GLU H 292 40.48 63.91 -26.42
N LEU H 293 39.94 63.44 -25.30
CA LEU H 293 40.05 62.04 -24.94
C LEU H 293 39.29 61.21 -25.96
N ALA H 294 38.10 61.67 -26.34
CA ALA H 294 37.28 60.95 -27.34
C ALA H 294 37.97 60.85 -28.69
N VAL H 295 38.60 61.95 -29.12
CA VAL H 295 39.30 61.94 -30.39
C VAL H 295 40.46 60.99 -30.31
N ASP H 296 41.22 61.06 -29.23
CA ASP H 296 42.35 60.17 -29.07
C ASP H 296 41.89 58.72 -29.14
N GLN H 297 40.84 58.38 -28.38
CA GLN H 297 40.36 57.01 -28.36
C GLN H 297 39.62 56.58 -29.63
N ALA H 298 39.12 57.54 -30.40
CA ALA H 298 38.48 57.18 -31.65
C ALA H 298 39.57 56.71 -32.62
N LEU H 299 40.72 57.40 -32.59
CA LEU H 299 41.86 57.04 -33.42
C LEU H 299 42.35 55.67 -32.98
N ASN H 300 42.58 55.52 -31.68
CA ASN H 300 43.05 54.25 -31.13
C ASN H 300 42.11 53.11 -31.48
N GLY H 301 40.83 53.35 -31.27
CA GLY H 301 39.82 52.36 -31.55
C GLY H 301 39.76 51.95 -33.01
N GLY H 302 39.96 52.90 -33.89
CA GLY H 302 39.87 52.58 -35.30
C GLY H 302 41.13 52.13 -36.01
N TYR H 303 42.28 52.60 -35.55
CA TYR H 303 43.52 52.34 -36.29
C TYR H 303 44.64 51.49 -35.66
N PHE H 304 44.51 51.04 -34.42
CA PHE H 304 45.54 50.15 -33.91
C PHE H 304 45.52 48.92 -34.82
N HIS H 305 46.71 48.42 -35.13
CA HIS H 305 46.92 47.27 -36.02
C HIS H 305 46.16 47.49 -37.35
N ALA H 306 46.13 48.74 -37.81
CA ALA H 306 45.43 49.08 -39.05
C ALA H 306 43.98 48.65 -39.06
N GLY H 307 43.36 48.70 -37.88
CA GLY H 307 41.97 48.31 -37.76
C GLY H 307 41.72 46.82 -37.86
N GLN H 308 42.78 46.02 -37.87
CA GLN H 308 42.68 44.57 -37.98
C GLN H 308 42.58 43.95 -36.59
N VAL H 309 41.59 44.40 -35.86
CA VAL H 309 41.38 43.93 -34.53
C VAL H 309 39.88 43.71 -34.32
N CYS H 310 39.52 42.59 -33.73
CA CYS H 310 38.12 42.25 -33.53
C CYS H 310 37.43 43.22 -32.61
N SER H 311 38.19 43.87 -31.74
CA SER H 311 37.62 44.86 -30.84
C SER H 311 37.64 46.28 -31.46
N ALA H 312 37.94 46.38 -32.75
CA ALA H 312 38.04 47.69 -33.41
C ALA H 312 36.77 48.54 -33.33
N GLY H 313 36.97 49.83 -33.09
CA GLY H 313 35.88 50.78 -33.01
C GLY H 313 35.66 51.37 -34.37
N SER H 314 35.12 50.54 -35.26
CA SER H 314 34.89 50.94 -36.63
C SER H 314 33.64 51.79 -36.81
N ARG H 315 32.71 51.69 -35.88
CA ARG H 315 31.45 52.42 -35.99
C ARG H 315 31.34 53.50 -34.94
N ILE H 316 31.66 54.72 -35.32
CA ILE H 316 31.61 55.82 -34.39
C ILE H 316 30.25 56.46 -34.41
N LEU H 317 29.72 56.67 -33.21
CA LEU H 317 28.43 57.30 -33.03
C LEU H 317 28.70 58.54 -32.21
N VAL H 318 28.46 59.70 -32.79
CA VAL H 318 28.75 60.95 -32.12
C VAL H 318 27.51 61.79 -32.03
N GLN H 319 27.30 62.40 -30.87
CA GLN H 319 26.13 63.22 -30.66
C GLN H 319 26.14 64.44 -31.62
N ASN H 320 25.00 64.73 -32.21
CA ASN H 320 24.87 65.81 -33.19
C ASN H 320 25.45 67.16 -32.81
N SER H 321 25.20 67.61 -31.59
CA SER H 321 25.72 68.94 -31.15
C SER H 321 27.24 69.12 -31.37
N ILE H 322 28.03 68.04 -31.31
CA ILE H 322 29.47 68.11 -31.54
C ILE H 322 29.97 67.31 -32.74
N LYS H 323 29.06 66.77 -33.53
CA LYS H 323 29.43 65.97 -34.69
C LYS H 323 30.38 66.69 -35.64
N ASP H 324 30.02 67.89 -36.07
CA ASP H 324 30.87 68.62 -37.04
C ASP H 324 32.25 68.88 -36.50
N LYS H 325 32.31 69.39 -35.27
CA LYS H 325 33.60 69.68 -34.63
C LYS H 325 34.41 68.37 -34.52
N PHE H 326 33.75 67.27 -34.12
CA PHE H 326 34.41 65.99 -33.98
C PHE H 326 34.99 65.46 -35.29
N GLU H 327 34.17 65.46 -36.34
CA GLU H 327 34.63 65.01 -37.63
C GLU H 327 35.87 65.78 -38.06
N GLN H 328 35.85 67.10 -37.93
CA GLN H 328 37.02 67.91 -38.31
C GLN H 328 38.27 67.53 -37.55
N ALA H 329 38.15 67.39 -36.23
CA ALA H 329 39.30 67.05 -35.41
C ALA H 329 39.85 65.67 -35.76
N LEU H 330 38.96 64.72 -35.96
CA LEU H 330 39.38 63.36 -36.31
C LEU H 330 40.15 63.33 -37.65
N ILE H 331 39.56 63.96 -38.65
CA ILE H 331 40.12 64.01 -39.97
C ILE H 331 41.51 64.62 -39.93
N ASP H 332 41.64 65.72 -39.20
CA ASP H 332 42.92 66.37 -39.11
C ASP H 332 43.96 65.43 -38.53
N ARG H 333 43.57 64.71 -37.49
CA ARG H 333 44.48 63.78 -36.86
C ARG H 333 44.83 62.61 -37.78
N VAL H 334 43.84 62.10 -38.51
CA VAL H 334 44.08 60.98 -39.44
C VAL H 334 45.14 61.34 -40.49
N LYS H 335 45.13 62.59 -40.94
CA LYS H 335 46.11 63.05 -41.91
C LYS H 335 47.53 63.02 -41.39
N LYS H 336 47.73 62.99 -40.08
CA LYS H 336 49.11 62.99 -39.52
C LYS H 336 49.59 61.60 -39.09
N ILE H 337 48.74 60.56 -39.18
CA ILE H 337 49.15 59.21 -38.79
C ILE H 337 50.38 58.71 -39.59
N LYS H 338 51.44 58.34 -38.88
CA LYS H 338 52.69 57.91 -39.51
C LYS H 338 52.64 56.44 -39.87
N LEU H 339 52.72 56.15 -41.15
CA LEU H 339 52.75 54.78 -41.62
C LEU H 339 54.17 54.37 -41.83
N GLY H 340 54.42 53.08 -41.75
CA GLY H 340 55.77 52.58 -41.95
C GLY H 340 55.98 51.16 -41.47
N ASN H 341 57.24 50.80 -41.34
CA ASN H 341 57.66 49.50 -40.90
C ASN H 341 57.41 49.36 -39.39
N GLY H 342 56.81 48.23 -39.00
CA GLY H 342 56.57 47.96 -37.61
C GLY H 342 57.82 47.98 -36.73
N PHE H 343 59.00 47.76 -37.32
CA PHE H 343 60.26 47.78 -36.53
C PHE H 343 60.78 49.17 -36.24
N ASP H 344 60.29 50.18 -36.97
CA ASP H 344 60.76 51.57 -36.77
C ASP H 344 59.94 52.21 -35.67
N ALA H 345 60.63 52.76 -34.66
CA ALA H 345 59.98 53.40 -33.52
C ALA H 345 59.02 54.54 -33.90
N ASP H 346 59.25 55.21 -35.02
CA ASP H 346 58.36 56.29 -35.46
C ASP H 346 57.02 55.80 -35.99
N THR H 347 56.98 54.55 -36.45
CA THR H 347 55.76 54.00 -37.03
C THR H 347 54.57 53.95 -36.06
N GLU H 348 53.44 54.48 -36.50
CA GLU H 348 52.22 54.50 -35.70
C GLU H 348 51.18 53.50 -36.22
N MET H 349 51.26 53.18 -37.51
CA MET H 349 50.36 52.20 -38.11
C MET H 349 51.12 51.45 -39.21
N GLY H 350 51.02 50.13 -39.19
CA GLY H 350 51.70 49.29 -40.16
C GLY H 350 50.82 48.97 -41.35
N PRO H 351 51.26 48.03 -42.19
CA PRO H 351 50.48 47.62 -43.33
C PRO H 351 49.37 46.66 -42.96
N VAL H 352 48.54 46.31 -43.93
CA VAL H 352 47.48 45.32 -43.71
C VAL H 352 48.12 43.99 -44.06
N ILE H 353 47.51 42.91 -43.62
CA ILE H 353 48.08 41.58 -43.75
C ILE H 353 48.37 40.95 -45.12
N SER H 354 47.46 41.07 -46.09
CA SER H 354 47.68 40.45 -47.40
C SER H 354 47.11 41.22 -48.58
N THR H 355 47.50 40.79 -49.77
CA THR H 355 47.03 41.38 -51.03
C THR H 355 45.52 41.23 -51.05
N GLU H 356 45.07 39.99 -50.84
CA GLU H 356 43.64 39.65 -50.81
C GLU H 356 42.87 40.52 -49.85
N HIS H 357 43.41 40.69 -48.65
CA HIS H 357 42.74 41.50 -47.66
C HIS H 357 42.70 42.98 -48.04
N ARG H 358 43.80 43.50 -48.59
CA ARG H 358 43.82 44.89 -49.01
C ARG H 358 42.80 45.10 -50.11
N ASN H 359 42.67 44.11 -51.01
CA ASN H 359 41.67 44.18 -52.10
C ASN H 359 40.24 44.27 -51.53
N LYS H 360 39.92 43.45 -50.52
CA LYS H 360 38.61 43.54 -49.90
C LYS H 360 38.34 44.92 -49.35
N ILE H 361 39.36 45.51 -48.73
CA ILE H 361 39.23 46.85 -48.16
C ILE H 361 38.97 47.84 -49.30
N GLU H 362 39.74 47.72 -50.38
CA GLU H 362 39.56 48.63 -51.52
C GLU H 362 38.17 48.51 -52.11
N SER H 363 37.67 47.28 -52.25
CA SER H 363 36.33 47.11 -52.83
C SER H 363 35.27 47.72 -51.89
N TYR H 364 35.54 47.71 -50.58
CA TYR H 364 34.61 48.31 -49.66
C TYR H 364 34.53 49.83 -49.84
N MET H 365 35.59 50.42 -50.35
CA MET H 365 35.57 51.86 -50.61
C MET H 365 34.61 52.15 -51.78
N ASP H 366 34.64 51.27 -52.79
CA ASP H 366 33.75 51.41 -53.94
C ASP H 366 32.30 51.20 -53.50
N VAL H 367 32.10 50.26 -52.60
CA VAL H 367 30.79 49.97 -52.08
C VAL H 367 30.24 51.20 -51.38
N ALA H 368 31.07 51.82 -50.53
CA ALA H 368 30.65 52.99 -49.78
C ALA H 368 30.26 54.17 -50.67
N LYS H 369 31.10 54.49 -51.66
CA LYS H 369 30.79 55.59 -52.56
C LYS H 369 29.46 55.30 -53.29
N ALA H 370 29.32 54.07 -53.77
CA ALA H 370 28.12 53.65 -54.48
C ALA H 370 26.82 53.72 -53.65
N GLU H 371 26.90 53.55 -52.33
CA GLU H 371 25.68 53.61 -51.50
C GLU H 371 25.37 55.06 -51.14
N GLY H 372 26.28 55.97 -51.50
CA GLY H 372 26.09 57.40 -51.22
C GLY H 372 26.91 57.98 -50.07
N ALA H 373 27.86 57.21 -49.51
CA ALA H 373 28.70 57.72 -48.43
C ALA H 373 29.88 58.53 -48.97
N THR H 374 30.55 59.24 -48.08
CA THR H 374 31.69 60.08 -48.44
C THR H 374 33.02 59.59 -47.83
N ILE H 375 34.08 59.53 -48.65
CA ILE H 375 35.41 59.17 -48.16
C ILE H 375 35.99 60.51 -47.78
N ALA H 376 35.80 60.89 -46.52
CA ALA H 376 36.28 62.20 -46.06
C ALA H 376 37.80 62.31 -46.12
N VAL H 377 38.49 61.19 -45.93
CA VAL H 377 39.95 61.16 -45.98
C VAL H 377 40.46 59.72 -46.10
N GLY H 378 41.58 59.54 -46.79
CA GLY H 378 42.16 58.22 -47.01
C GLY H 378 41.42 57.49 -48.11
N GLY H 379 41.16 56.20 -47.89
CA GLY H 379 40.42 55.37 -48.85
C GLY H 379 41.22 54.89 -50.02
N LYS H 380 42.54 54.91 -49.89
CA LYS H 380 43.41 54.52 -50.98
C LYS H 380 44.76 54.10 -50.45
N ARG H 381 45.60 53.59 -51.34
CA ARG H 381 46.95 53.21 -50.97
C ARG H 381 47.78 54.48 -50.85
N PRO H 382 48.76 54.52 -49.94
CA PRO H 382 49.59 55.70 -49.82
C PRO H 382 50.60 55.74 -50.96
N ASP H 383 50.98 56.95 -51.37
CA ASP H 383 51.97 57.15 -52.47
C ASP H 383 53.42 57.06 -52.07
N ARG H 384 53.74 57.58 -50.89
CA ARG H 384 55.13 57.66 -50.42
C ARG H 384 56.00 56.44 -50.83
N ASP H 385 57.20 56.75 -51.32
CA ASP H 385 58.20 55.77 -51.80
C ASP H 385 58.48 54.57 -50.94
N ASP H 386 58.87 54.81 -49.71
CA ASP H 386 59.16 53.73 -48.77
C ASP H 386 57.95 52.78 -48.42
N LEU H 387 56.76 53.07 -49.00
CA LEU H 387 55.55 52.27 -48.75
C LEU H 387 55.02 51.57 -50.00
N LYS H 388 55.58 51.90 -51.15
CA LYS H 388 55.17 51.36 -52.44
C LYS H 388 55.16 49.82 -52.47
N ASP H 389 56.19 49.20 -51.90
CA ASP H 389 56.34 47.74 -51.89
C ASP H 389 55.45 47.02 -50.90
N GLY H 390 55.04 47.73 -49.84
CA GLY H 390 54.23 47.15 -48.79
C GLY H 390 52.74 47.14 -49.01
N LEU H 391 52.04 46.36 -48.18
CA LEU H 391 50.59 46.22 -48.26
C LEU H 391 49.94 47.26 -47.40
N PHE H 392 50.24 48.52 -47.69
CA PHE H 392 49.66 49.61 -46.92
C PHE H 392 48.35 50.10 -47.49
N PHE H 393 47.58 50.73 -46.61
CA PHE H 393 46.31 51.33 -46.97
C PHE H 393 46.13 52.50 -46.01
N GLU H 394 45.76 53.67 -46.53
CA GLU H 394 45.61 54.86 -45.69
C GLU H 394 44.48 54.77 -44.67
N PRO H 395 44.71 55.35 -43.48
CA PRO H 395 43.68 55.33 -42.47
C PRO H 395 42.55 56.13 -43.06
N THR H 396 41.34 55.63 -42.91
CA THR H 396 40.21 56.24 -43.55
C THR H 396 39.04 56.61 -42.67
N VAL H 397 38.33 57.67 -43.06
CA VAL H 397 37.13 58.12 -42.35
C VAL H 397 36.02 58.26 -43.37
N ILE H 398 34.90 57.60 -43.09
CA ILE H 398 33.74 57.64 -43.96
C ILE H 398 32.60 58.39 -43.27
N THR H 399 32.06 59.40 -43.96
CA THR H 399 31.02 60.24 -43.42
C THR H 399 29.75 60.19 -44.26
N ASN H 400 28.71 60.87 -43.78
CA ASN H 400 27.43 60.96 -44.47
C ASN H 400 26.90 59.59 -44.79
N CYS H 401 26.83 58.76 -43.76
CA CYS H 401 26.34 57.41 -43.92
C CYS H 401 25.24 57.09 -42.91
N ASP H 402 24.57 55.95 -43.12
CA ASP H 402 23.52 55.55 -42.22
C ASP H 402 23.53 54.03 -42.00
N THR H 403 22.77 53.59 -41.00
CA THR H 403 22.67 52.18 -40.62
C THR H 403 22.22 51.18 -41.73
N SER H 404 21.54 51.67 -42.78
CA SER H 404 21.09 50.78 -43.87
C SER H 404 22.22 50.39 -44.82
N MET H 405 23.34 51.11 -44.75
CA MET H 405 24.47 50.82 -45.64
C MET H 405 25.35 49.66 -45.23
N ARG H 406 25.88 48.99 -46.24
CA ARG H 406 26.79 47.85 -46.03
C ARG H 406 28.11 48.27 -45.38
N ILE H 407 28.62 49.44 -45.76
CA ILE H 407 29.88 49.95 -45.17
C ILE H 407 29.75 50.12 -43.63
N VAL H 408 28.53 50.39 -43.16
CA VAL H 408 28.23 50.54 -41.73
C VAL H 408 27.93 49.20 -41.06
N GLN H 409 27.16 48.33 -41.72
CA GLN H 409 26.76 47.02 -41.14
C GLN H 409 27.79 45.91 -41.12
N GLU H 410 28.70 45.91 -42.09
CA GLU H 410 29.67 44.81 -42.24
C GLU H 410 31.08 45.10 -41.71
N GLU H 411 31.76 44.04 -41.27
CA GLU H 411 33.10 44.15 -40.70
C GLU H 411 34.13 44.26 -41.81
N VAL H 412 34.67 45.45 -41.98
CA VAL H 412 35.67 45.72 -43.03
C VAL H 412 37.01 45.20 -42.57
N PHE H 413 37.28 45.37 -41.29
CA PHE H 413 38.49 44.88 -40.66
C PHE H 413 39.75 45.51 -41.28
N GLY H 414 39.65 46.81 -41.55
CA GLY H 414 40.75 47.58 -42.09
C GLY H 414 40.82 48.92 -41.38
N PRO H 415 41.76 49.79 -41.78
CA PRO H 415 41.90 51.07 -41.11
C PRO H 415 40.82 51.98 -41.57
N VAL H 416 39.61 51.66 -41.18
CA VAL H 416 38.46 52.41 -41.63
C VAL H 416 37.44 52.58 -40.53
N VAL H 417 36.87 53.77 -40.43
CA VAL H 417 35.81 54.03 -39.47
C VAL H 417 34.68 54.81 -40.15
N THR H 418 33.46 54.64 -39.66
CA THR H 418 32.33 55.37 -40.17
C THR H 418 31.87 56.29 -39.05
N VAL H 419 31.29 57.42 -39.41
CA VAL H 419 30.82 58.38 -38.41
C VAL H 419 29.33 58.66 -38.63
N GLU H 420 28.51 58.33 -37.61
CA GLU H 420 27.06 58.56 -37.64
C GLU H 420 26.69 59.46 -36.49
N GLY H 421 25.72 60.32 -36.71
CA GLY H 421 25.27 61.22 -35.67
C GLY H 421 24.06 60.65 -34.96
N PHE H 422 23.80 61.14 -33.76
CA PHE H 422 22.62 60.75 -33.00
C PHE H 422 22.19 61.95 -32.16
N GLU H 423 20.89 62.05 -31.88
CA GLU H 423 20.39 63.16 -31.11
C GLU H 423 20.31 62.82 -29.64
N THR H 424 19.62 61.74 -29.31
CA THR H 424 19.44 61.35 -27.94
C THR H 424 20.13 60.07 -27.55
N GLU H 425 20.16 59.87 -26.24
CA GLU H 425 20.71 58.69 -25.61
C GLU H 425 20.04 57.41 -26.15
N GLN H 426 18.70 57.43 -26.30
CA GLN H 426 17.95 56.27 -26.82
C GLN H 426 18.34 55.95 -28.25
N GLU H 427 18.51 57.00 -29.05
CA GLU H 427 18.89 56.84 -30.45
C GLU H 427 20.32 56.25 -30.59
N ALA H 428 21.24 56.64 -29.72
CA ALA H 428 22.58 56.08 -29.74
C ALA H 428 22.56 54.58 -29.45
N ILE H 429 21.72 54.20 -28.48
CA ILE H 429 21.58 52.79 -28.11
C ILE H 429 20.99 52.00 -29.28
N GLN H 430 19.95 52.53 -29.91
CA GLN H 430 19.33 51.88 -31.06
C GLN H 430 20.31 51.66 -32.17
N LEU H 431 21.03 52.70 -32.53
CA LEU H 431 22.03 52.58 -33.60
C LEU H 431 23.12 51.60 -33.23
N ALA H 432 23.64 51.71 -32.01
CA ALA H 432 24.72 50.83 -31.59
C ALA H 432 24.34 49.35 -31.67
N ASN H 433 23.10 49.05 -31.33
CA ASN H 433 22.60 47.66 -31.36
C ASN H 433 22.06 47.25 -32.70
N ASP H 434 22.05 48.17 -33.65
CA ASP H 434 21.51 47.87 -34.98
C ASP H 434 22.58 47.25 -35.86
N SER H 435 22.93 46.01 -35.53
CA SER H 435 23.88 45.22 -36.30
C SER H 435 23.66 43.78 -35.88
N ILE H 436 24.18 42.85 -36.66
CA ILE H 436 24.03 41.46 -36.36
C ILE H 436 24.98 41.04 -35.26
N TYR H 437 26.01 41.85 -35.05
CA TYR H 437 27.07 41.61 -34.04
C TYR H 437 26.84 42.14 -32.62
N GLY H 438 27.77 41.82 -31.72
CA GLY H 438 27.71 42.26 -30.33
C GLY H 438 28.92 41.87 -29.50
N LEU H 439 30.10 42.18 -30.01
CA LEU H 439 31.35 41.79 -29.32
C LEU H 439 31.79 42.77 -28.26
N ALA H 440 32.02 44.01 -28.66
CA ALA H 440 32.47 45.03 -27.71
C ALA H 440 32.08 46.44 -28.13
N GLY H 441 32.25 47.40 -27.23
CA GLY H 441 31.91 48.80 -27.54
C GLY H 441 32.25 49.74 -26.42
N ALA H 442 32.12 51.02 -26.67
CA ALA H 442 32.49 52.02 -25.66
C ALA H 442 31.52 53.16 -25.59
N VAL H 443 31.53 53.82 -24.45
CA VAL H 443 30.71 54.97 -24.20
C VAL H 443 31.59 56.04 -23.60
N PHE H 444 31.59 57.23 -24.18
CA PHE H 444 32.38 58.34 -23.67
C PHE H 444 31.46 59.45 -23.19
N SER H 445 31.55 59.76 -21.91
CA SER H 445 30.78 60.82 -21.30
C SER H 445 31.31 61.08 -19.91
N LYS H 446 31.31 62.34 -19.47
CA LYS H 446 31.75 62.65 -18.10
C LYS H 446 30.63 62.34 -17.14
N ASP H 447 29.41 62.23 -17.65
CA ASP H 447 28.24 61.86 -16.85
C ASP H 447 28.28 60.33 -16.74
N ILE H 448 28.88 59.84 -15.67
CA ILE H 448 29.05 58.41 -15.48
C ILE H 448 27.71 57.65 -15.35
N GLY H 449 26.73 58.26 -14.68
CA GLY H 449 25.42 57.65 -14.51
C GLY H 449 24.79 57.35 -15.86
N LYS H 450 24.94 58.29 -16.78
CA LYS H 450 24.44 58.11 -18.14
C LYS H 450 25.21 56.99 -18.86
N ALA H 451 26.54 56.98 -18.72
CA ALA H 451 27.34 55.95 -19.37
C ALA H 451 26.91 54.57 -18.86
N GLN H 452 26.55 54.46 -17.59
CA GLN H 452 26.11 53.17 -17.07
C GLN H 452 24.75 52.77 -17.61
N ARG H 453 23.82 53.73 -17.74
CA ARG H 453 22.53 53.41 -18.29
C ARG H 453 22.71 52.83 -19.68
N VAL H 454 23.60 53.46 -20.45
CA VAL H 454 23.88 53.04 -21.83
C VAL H 454 24.54 51.70 -21.86
N ALA H 455 25.57 51.53 -21.04
CA ALA H 455 26.29 50.27 -20.97
C ALA H 455 25.35 49.11 -20.70
N ASN H 456 24.38 49.31 -19.81
CA ASN H 456 23.38 48.26 -19.48
C ASN H 456 22.49 47.86 -20.63
N LYS H 457 22.21 48.80 -21.52
CA LYS H 457 21.35 48.52 -22.66
C LYS H 457 22.07 48.04 -23.93
N LEU H 458 23.38 48.09 -23.95
CA LEU H 458 24.14 47.63 -25.13
C LEU H 458 24.28 46.15 -25.11
N LYS H 459 24.00 45.51 -26.23
CA LYS H 459 24.11 44.07 -26.31
C LYS H 459 25.50 43.76 -26.79
N LEU H 460 26.44 43.85 -25.86
CA LEU H 460 27.86 43.62 -26.15
C LEU H 460 28.49 42.83 -25.03
N GLY H 461 29.39 41.93 -25.40
CA GLY H 461 30.09 41.10 -24.43
C GLY H 461 30.99 41.90 -23.53
N THR H 462 31.54 42.99 -24.05
CA THR H 462 32.38 43.87 -23.27
C THR H 462 31.98 45.30 -23.57
N VAL H 463 31.85 46.12 -22.53
CA VAL H 463 31.52 47.56 -22.71
C VAL H 463 32.55 48.39 -21.94
N TRP H 464 33.16 49.35 -22.60
CA TRP H 464 34.12 50.20 -21.94
C TRP H 464 33.52 51.54 -21.71
N ILE H 465 33.61 52.03 -20.49
CA ILE H 465 33.13 53.35 -20.16
C ILE H 465 34.37 54.24 -20.10
N ASN H 466 34.46 55.20 -21.01
CA ASN H 466 35.60 56.11 -21.08
C ASN H 466 36.95 55.44 -21.32
N ASP H 467 36.95 54.43 -22.20
CA ASP H 467 38.14 53.71 -22.56
C ASP H 467 37.83 52.92 -23.83
N PHE H 468 38.86 52.34 -24.44
CA PHE H 468 38.66 51.56 -25.65
C PHE H 468 39.80 50.57 -25.87
N HIS H 469 39.43 49.30 -26.07
CA HIS H 469 40.31 48.12 -26.30
C HIS H 469 40.63 47.15 -25.15
N PRO H 470 40.64 47.60 -23.89
CA PRO H 470 41.11 46.67 -22.88
C PRO H 470 40.36 45.36 -22.60
N TYR H 471 41.15 44.29 -22.49
CA TYR H 471 40.71 42.95 -22.14
C TYR H 471 41.82 42.40 -21.25
N PHE H 472 41.49 41.41 -20.43
CA PHE H 472 42.47 40.77 -19.59
C PHE H 472 41.97 39.42 -19.10
N ALA H 473 42.92 38.58 -18.79
CA ALA H 473 42.65 37.21 -18.37
C ALA H 473 41.62 37.06 -17.27
N GLN H 474 41.55 38.05 -16.39
CA GLN H 474 40.63 37.94 -15.27
C GLN H 474 39.15 37.97 -15.63
N ALA H 475 38.82 38.55 -16.79
CA ALA H 475 37.45 38.69 -17.20
C ALA H 475 37.11 38.04 -18.54
N PRO H 476 35.88 37.46 -18.65
CA PRO H 476 35.45 36.78 -19.87
C PRO H 476 35.24 37.75 -21.05
N TRP H 477 35.60 37.26 -22.24
CA TRP H 477 35.52 37.98 -23.49
C TRP H 477 34.81 37.12 -24.49
N GLY H 478 33.84 37.70 -25.18
CA GLY H 478 33.06 36.96 -26.16
C GLY H 478 31.88 37.76 -26.63
N GLY H 479 31.07 37.18 -27.48
CA GLY H 479 29.99 37.93 -28.02
C GLY H 479 28.58 37.67 -27.60
N TYR H 480 27.76 38.66 -27.89
CA TYR H 480 26.31 38.60 -27.77
C TYR H 480 25.98 38.41 -29.24
N LYS H 481 24.76 37.95 -29.52
CA LYS H 481 24.30 37.84 -30.90
C LYS H 481 25.31 37.08 -31.80
N GLN H 482 25.56 37.59 -33.00
CA GLN H 482 26.40 36.85 -33.94
C GLN H 482 27.92 37.06 -33.83
N SER H 483 28.39 37.70 -32.77
CA SER H 483 29.81 37.81 -32.54
C SER H 483 30.39 36.54 -31.89
N GLY H 484 29.55 35.57 -31.54
CA GLY H 484 30.11 34.33 -30.99
C GLY H 484 29.20 33.49 -30.14
N ILE H 485 29.77 32.40 -29.67
CA ILE H 485 29.15 31.46 -28.82
C ILE H 485 30.21 31.07 -27.79
N GLY H 486 29.91 31.29 -26.52
CA GLY H 486 30.79 30.97 -25.44
C GLY H 486 31.64 32.15 -25.08
N ARG H 487 32.64 31.88 -24.26
CA ARG H 487 33.56 32.89 -23.79
C ARG H 487 34.97 32.38 -23.69
N GLU H 488 35.91 33.30 -23.81
CA GLU H 488 37.31 33.02 -23.62
C GLU H 488 37.78 33.94 -22.51
N LEU H 489 38.81 33.52 -21.80
CA LEU H 489 39.34 34.25 -20.65
C LEU H 489 38.40 34.15 -19.46
N GLY H 490 38.92 34.44 -18.28
CA GLY H 490 38.13 34.36 -17.06
C GLY H 490 37.76 32.94 -16.74
N LYS H 491 37.02 32.75 -15.64
CA LYS H 491 36.56 31.39 -15.23
C LYS H 491 35.67 30.77 -16.29
N GLU H 492 34.90 31.60 -17.01
CA GLU H 492 34.03 31.08 -18.08
C GLU H 492 34.86 30.51 -19.20
N GLY H 493 36.02 31.13 -19.47
CA GLY H 493 36.93 30.64 -20.48
C GLY H 493 37.40 29.25 -20.14
N LEU H 494 37.61 28.99 -18.86
CA LEU H 494 38.04 27.68 -18.43
C LEU H 494 36.88 26.68 -18.58
N GLU H 495 35.66 27.10 -18.23
CA GLU H 495 34.49 26.24 -18.31
C GLU H 495 34.19 25.70 -19.67
N GLU H 496 34.71 26.30 -20.73
CA GLU H 496 34.47 25.74 -22.05
C GLU H 496 35.17 24.39 -22.18
N TYR H 497 36.22 24.19 -21.37
CA TYR H 497 37.06 23.01 -21.39
C TYR H 497 36.73 21.95 -20.37
N LEU H 498 35.63 22.17 -19.64
CA LEU H 498 35.20 21.24 -18.62
C LEU H 498 33.83 20.75 -18.91
N VAL H 499 33.54 19.58 -18.37
CA VAL H 499 32.23 18.98 -18.52
C VAL H 499 31.82 18.46 -17.15
N SER H 500 30.56 18.65 -16.78
CA SER H 500 30.06 18.20 -15.48
C SER H 500 29.49 16.79 -15.47
N LYS H 501 29.80 16.06 -14.40
CA LYS H 501 29.30 14.70 -14.19
C LYS H 501 28.63 14.64 -12.83
N HIS H 502 27.39 14.18 -12.79
CA HIS H 502 26.66 14.06 -11.55
C HIS H 502 26.72 12.65 -11.08
N ILE H 503 27.42 12.41 -9.99
CA ILE H 503 27.53 11.05 -9.46
C ILE H 503 26.59 10.97 -8.25
N LEU H 504 25.56 10.15 -8.36
CA LEU H 504 24.59 10.00 -7.29
C LEU H 504 24.69 8.61 -6.69
N THR H 505 24.95 8.55 -5.40
CA THR H 505 25.09 7.27 -4.70
C THR H 505 23.93 7.04 -3.75
N ASN H 506 23.23 5.93 -3.89
CA ASN H 506 22.14 5.60 -2.96
C ASN H 506 22.77 4.75 -1.86
N THR H 507 22.83 5.32 -0.65
CA THR H 507 23.49 4.67 0.49
C THR H 507 22.64 3.67 1.26
N ASN H 508 21.37 3.59 0.90
CA ASN H 508 20.45 2.63 1.49
C ASN H 508 19.47 2.15 0.41
N PRO H 509 20.00 1.48 -0.62
CA PRO H 509 19.19 0.99 -1.73
C PRO H 509 18.09 0.02 -1.27
N GLN H 510 16.88 0.27 -1.77
CA GLN H 510 15.72 -0.55 -1.45
C GLN H 510 15.02 -0.92 -2.71
N LEU H 511 14.50 -2.13 -2.77
CA LEU H 511 13.80 -2.54 -3.95
C LEU H 511 12.59 -1.64 -4.12
N VAL H 512 12.27 -1.32 -5.36
CA VAL H 512 11.13 -0.49 -5.66
C VAL H 512 9.87 -1.36 -5.81
N ASN H 513 10.06 -2.56 -6.35
CA ASN H 513 8.97 -3.52 -6.54
C ASN H 513 7.82 -2.95 -7.34
N TRP H 514 8.16 -2.32 -8.45
CA TRP H 514 7.16 -1.76 -9.32
C TRP H 514 6.54 -2.88 -10.12
N PHE H 515 7.39 -3.82 -10.54
CA PHE H 515 6.96 -4.97 -11.32
C PHE H 515 6.73 -6.21 -10.45
N SER H 516 5.60 -6.86 -10.69
CA SER H 516 5.20 -8.07 -9.93
C SER H 516 6.31 -9.10 -9.70
N LYS H 517 6.34 -9.69 -8.49
CA LYS H 517 7.32 -10.77 -8.12
C LYS H 517 6.65 -12.12 -8.36
PA NAD I . -25.58 2.13 20.46
O1A NAD I . -25.05 3.42 21.01
O2A NAD I . -25.38 0.91 21.32
O5B NAD I . -27.17 2.32 20.12
C5B NAD I . -27.80 1.34 19.32
C4B NAD I . -29.27 1.23 19.61
O4B NAD I . -29.48 0.86 20.98
C3B NAD I . -29.98 2.56 19.41
O3B NAD I . -31.30 2.33 18.88
C2B NAD I . -30.11 3.11 20.79
O2B NAD I . -31.13 4.13 20.92
C1B NAD I . -30.41 1.82 21.54
N9A NAD I . -30.23 1.92 22.98
C8A NAD I . -29.46 2.78 23.67
N7A NAD I . -29.56 2.49 24.99
C5A NAD I . -30.43 1.44 25.11
C6A NAD I . -30.93 0.73 26.18
N6A NAD I . -30.52 1.06 27.41
N1A NAD I . -31.77 -0.32 26.01
C2A NAD I . -32.16 -0.63 24.76
N3A NAD I . -31.72 0.07 23.68
C4A NAD I . -30.84 1.09 23.83
O3 NAD I . -24.98 1.86 19.00
PN NAD I . -24.79 2.99 17.86
O1N NAD I . -24.09 4.21 18.44
O2N NAD I . -26.09 3.16 17.13
O5D NAD I . -23.57 2.43 16.97
C5D NAD I . -23.53 1.35 16.09
C4D NAD I . -22.79 0.17 16.68
O4D NAD I . -23.47 -0.96 16.11
C3D NAD I . -21.30 0.04 16.34
O3D NAD I . -20.47 -0.35 17.45
C2D NAD I . -21.30 -1.08 15.33
O2D NAD I . -20.15 -1.92 15.35
C1D NAD I . -22.54 -1.90 15.66
N1N NAD I . -22.95 -2.65 14.47
C2N NAD I . -22.92 -3.99 14.54
C3N NAD I . -23.23 -4.74 13.44
C7N NAD I . -23.19 -6.22 13.49
O7N NAD I . -23.72 -6.94 12.49
N7N NAD I . -22.55 -6.80 14.51
C4N NAD I . -23.54 -4.09 12.24
C5N NAD I . -23.54 -2.70 12.19
C6N NAD I . -23.24 -2.00 13.34
PA NAD J . 12.04 13.97 -32.20
O1A NAD J . 11.32 13.13 -33.24
O2A NAD J . 13.45 14.52 -32.55
O5B NAD J . 11.06 15.18 -31.83
C5B NAD J . 11.40 16.08 -30.79
C4B NAD J . 10.80 17.47 -31.02
O4B NAD J . 11.47 18.21 -32.07
C3B NAD J . 9.36 17.36 -31.42
O3B NAD J . 8.64 18.37 -30.70
C2B NAD J . 9.36 17.61 -32.91
O2B NAD J . 8.14 18.15 -33.40
C1B NAD J . 10.54 18.60 -33.06
N9A NAD J . 11.07 18.64 -34.47
C8A NAD J . 10.90 17.73 -35.44
N7A NAD J . 11.45 18.18 -36.56
C5A NAD J . 12.01 19.39 -36.30
C6A NAD J . 12.74 20.34 -37.04
N6A NAD J . 13.06 20.16 -38.32
N1A NAD J . 13.16 21.47 -36.47
C2A NAD J . 12.89 21.70 -35.20
N3A NAD J . 12.20 20.82 -34.47
C4A NAD J . 11.75 19.66 -34.99
O3 NAD J . 12.16 13.09 -30.84
PN NAD J . 10.98 12.19 -30.13
O1N NAD J . 10.38 11.21 -31.14
O2N NAD J . 10.05 13.09 -29.36
O5D NAD J . 11.85 11.23 -29.17
C5D NAD J . 12.38 11.59 -27.92
C4D NAD J . 13.90 11.60 -27.99
O4D NAD J . 14.27 12.54 -26.98
C3D NAD J . 14.62 10.30 -27.65
O3D NAD J . 15.83 10.13 -28.43
C2D NAD J . 15.01 10.48 -26.20
O2D NAD J . 16.19 9.78 -25.78
C1D NAD J . 15.23 11.97 -26.10
N1N NAD J . 15.07 12.48 -24.73
C2N NAD J . 16.15 13.07 -24.14
C3N NAD J . 16.06 13.57 -22.84
C7N NAD J . 17.24 14.21 -22.18
O7N NAD J . 17.08 15.17 -21.27
N7N NAD J . 18.44 13.84 -22.52
C4N NAD J . 14.84 13.42 -22.14
C5N NAD J . 13.75 12.80 -22.77
C6N NAD J . 13.89 12.35 -24.08
C ACT K . 2.00 -0.09 -9.63
O ACT K . 1.19 0.57 -10.37
OXT ACT K . 2.91 -0.85 -10.07
CH3 ACT K . 1.90 0.07 -8.16
PA NAD L . 21.39 46.03 24.37
O1A NAD L . 21.07 46.91 25.51
O2A NAD L . 22.76 45.44 24.23
O5B NAD L . 20.44 44.75 24.44
C5B NAD L . 20.43 43.85 23.31
C4B NAD L . 20.03 42.46 23.74
O4B NAD L . 21.07 41.89 24.54
C3B NAD L . 18.73 42.41 24.57
O3B NAD L . 17.93 41.26 24.19
C2B NAD L . 19.25 42.24 25.96
O2B NAD L . 18.27 41.59 26.75
C1B NAD L . 20.46 41.35 25.71
N9A NAD L . 21.44 41.29 26.81
C8A NAD L . 21.67 42.22 27.72
N7A NAD L . 22.69 41.79 28.50
C5A NAD L . 23.08 40.59 28.05
C6A NAD L . 24.03 39.70 28.46
N6A NAD L . 24.78 40.02 29.54
N1A NAD L . 24.20 38.53 27.83
C2A NAD L . 23.45 38.24 26.77
N3A NAD L . 22.50 39.10 26.36
C4A NAD L . 22.29 40.27 26.99
O3 NAD L . 20.99 46.79 22.99
PN NAD L . 19.55 47.53 22.76
O1N NAD L . 19.37 48.71 23.69
O2N NAD L . 18.48 46.49 22.64
O5D NAD L . 19.67 48.38 21.39
C5D NAD L . 20.00 47.85 20.15
C4D NAD L . 21.44 48.11 19.83
O4D NAD L . 21.70 47.27 18.70
C3D NAD L . 21.81 49.52 19.39
O3D NAD L . 23.10 49.85 19.87
C2D NAD L . 21.79 49.43 17.87
O2D NAD L . 22.73 50.31 17.27
C1D NAD L . 22.13 48.00 17.59
N1N NAD L . 21.50 47.47 16.39
C2N NAD L . 22.31 46.94 15.47
C3N NAD L . 21.83 46.43 14.28
C7N NAD L . 22.81 45.83 13.29
O7N NAD L . 22.42 45.06 12.29
N7N NAD L . 24.10 46.05 13.46
C4N NAD L . 20.45 46.48 14.06
C5N NAD L . 19.61 47.04 15.02
C6N NAD L . 20.17 47.52 16.20
PA NAD M . -48.66 -41.98 -22.25
O1A NAD M . -49.53 -42.58 -23.36
O2A NAD M . -47.63 -42.89 -21.65
O5B NAD M . -48.10 -40.61 -22.86
C5B NAD M . -47.23 -39.84 -22.01
C4B NAD M . -46.15 -39.12 -22.82
O4B NAD M . -45.23 -40.05 -23.35
C3B NAD M . -46.75 -38.40 -24.02
O3B NAD M . -46.20 -37.10 -24.12
C2B NAD M . -46.37 -39.23 -25.21
O2B NAD M . -46.34 -38.44 -26.39
C1B NAD M . -45.05 -39.71 -24.75
N9A NAD M . -44.56 -40.90 -25.45
C8A NAD M . -45.21 -41.84 -26.16
N7A NAD M . -44.33 -42.79 -26.56
C5A NAD M . -43.12 -42.40 -26.10
C6A NAD M . -41.85 -42.93 -26.21
N6A NAD M . -41.71 -44.07 -26.89
N1A NAD M . -40.79 -42.30 -25.61
C2A NAD M . -40.99 -41.17 -24.92
N3A NAD M . -42.21 -40.63 -24.82
C4A NAD M . -43.28 -41.23 -25.40
O3 NAD M . -49.49 -41.39 -20.99
PN NAD M . -50.85 -40.52 -21.16
O1N NAD M . -51.80 -41.30 -22.07
O2N NAD M . -50.60 -39.10 -21.51
O5D NAD M . -51.65 -40.63 -19.77
C5D NAD M . -51.34 -40.08 -18.52
C4D NAD M . -50.70 -41.17 -17.69
O4D NAD M . -49.80 -40.48 -16.82
C3D NAD M . -51.65 -41.97 -16.79
O3D NAD M . -51.22 -43.35 -16.61
C2D NAD M . -51.54 -41.26 -15.47
O2D NAD M . -51.76 -42.15 -14.36
C1D NAD M . -50.12 -40.73 -15.47
N1N NAD M . -49.97 -39.55 -14.57
C2N NAD M . -49.10 -39.69 -13.54
C3N NAD M . -48.92 -38.70 -12.60
C7N NAD M . -47.93 -38.89 -11.51
O7N NAD M . -47.56 -37.85 -10.82
N7N NAD M . -47.38 -40.05 -11.24
C4N NAD M . -49.65 -37.52 -12.73
C5N NAD M . -50.55 -37.39 -13.80
C6N NAD M . -50.70 -38.43 -14.72
PA NAD N . 50.81 28.18 23.17
O1A NAD N . 51.51 27.90 24.49
O2A NAD N . 49.39 28.73 23.21
O5B NAD N . 51.72 29.28 22.37
C5B NAD N . 51.38 29.56 21.03
C4B NAD N . 51.79 30.98 20.69
O4B NAD N . 51.01 31.97 21.38
C3B NAD N . 53.22 31.24 21.05
O3B NAD N . 53.75 32.03 19.98
C2B NAD N . 53.12 32.03 22.30
O2B NAD N . 54.25 32.83 22.61
C1B NAD N . 51.89 32.89 22.01
N9A NAD N . 51.30 33.44 23.22
C8A NAD N . 51.38 32.92 24.46
N7A NAD N . 50.68 33.72 25.29
C5A NAD N . 50.16 34.71 24.56
C6A NAD N . 49.35 35.81 24.88
N6A NAD N . 48.93 36.06 26.12
N1A NAD N . 48.95 36.63 23.90
C2A NAD N . 49.37 36.39 22.64
N3A NAD N . 50.17 35.34 22.32
C4A NAD N . 50.55 34.50 23.26
O3 NAD N . 50.87 26.91 22.17
PN NAD N . 52.28 26.13 21.76
O1N NAD N . 53.03 25.81 23.04
O2N NAD N . 53.01 26.77 20.61
O5D NAD N . 51.83 24.66 21.26
C5D NAD N . 51.19 24.39 20.04
C4D NAD N . 49.67 24.29 20.18
O4D NAD N . 49.13 24.67 18.89
C3D NAD N . 49.11 22.90 20.52
O3D NAD N . 48.09 22.96 21.54
C2D NAD N . 48.52 22.40 19.21
O2D NAD N . 47.31 21.71 19.44
C1D NAD N . 48.25 23.67 18.39
N1N NAD N . 48.40 23.51 16.93
C2N NAD N . 47.30 23.72 16.19
C3N NAD N . 47.31 23.60 14.82
C7N NAD N . 46.04 23.86 14.06
O7N NAD N . 46.11 24.17 12.77
N7N NAD N . 44.86 23.79 14.69
C4N NAD N . 48.49 23.24 14.17
C5N NAD N . 49.63 23.01 14.94
C6N NAD N . 49.57 23.16 16.33
PA NAD O . -29.56 -24.51 41.81
O1A NAD O . -29.85 -24.18 43.28
O2A NAD O . -29.69 -23.41 40.78
O5B NAD O . -28.10 -25.19 41.64
C5B NAD O . -27.76 -25.75 40.36
C4B NAD O . -26.28 -25.66 40.13
O4B NAD O . -25.90 -24.29 40.03
C3B NAD O . -25.48 -26.20 41.27
O3B NAD O . -24.39 -26.92 40.73
C2B NAD O . -24.94 -25.01 42.00
O2B NAD O . -23.68 -25.23 42.62
C1B NAD O . -24.81 -24.05 40.89
N9A NAD O . -24.79 -22.65 41.37
C8A NAD O . -25.38 -22.09 42.44
N7A NAD O . -25.09 -20.77 42.45
C5A NAD O . -24.28 -20.51 41.38
C6A NAD O . -23.66 -19.37 40.86
N6A NAD O . -23.78 -18.19 41.45
N1A NAD O . -22.94 -19.46 39.75
C2A NAD O . -22.81 -20.63 39.12
N3A NAD O . -23.37 -21.73 39.60
C4A NAD O . -24.11 -21.70 40.72
O3 NAD O . -30.56 -25.67 41.31
PN NAD O . -30.64 -27.07 42.07
O1N NAD O . -30.88 -26.79 43.52
O2N NAD O . -29.51 -28.00 41.74
O5D NAD O . -32.09 -27.63 41.61
C5D NAD O . -32.49 -28.24 40.42
C4D NAD O . -33.24 -27.27 39.53
O4D NAD O . -32.88 -27.69 38.21
C3D NAD O . -34.77 -27.26 39.51
O3D NAD O . -35.30 -25.93 39.30
C2D NAD O . -35.14 -28.10 38.30
O2D NAD O . -36.42 -27.82 37.69
C1D NAD O . -33.99 -27.79 37.37
N1N NAD O . -33.81 -28.84 36.36
C2N NAD O . -33.98 -28.48 35.07
C3N NAD O . -33.85 -29.41 34.04
C7N NAD O . -34.12 -28.96 32.64
O7N NAD O . -33.74 -29.66 31.60
N7N NAD O . -34.75 -27.85 32.44
C4N NAD O . -33.52 -30.75 34.37
C5N NAD O . -33.33 -31.09 35.72
C6N NAD O . -33.46 -30.11 36.69
PA NAD P . -18.90 -57.20 -14.01
O1A NAD P . -18.22 -58.09 -15.01
O2A NAD P . -20.03 -56.29 -14.45
O5B NAD P . -19.36 -58.15 -12.81
C5B NAD P . -19.74 -57.55 -11.58
C4B NAD P . -20.92 -58.29 -11.01
O4B NAD P . -22.01 -58.34 -11.92
C3B NAD P . -20.58 -59.73 -10.69
O3B NAD P . -21.12 -59.99 -9.42
C2B NAD P . -21.26 -60.52 -11.78
O2B NAD P . -21.52 -61.87 -11.43
C1B NAD P . -22.50 -59.69 -11.92
N9A NAD P . -23.30 -59.96 -13.13
C8A NAD P . -22.88 -60.38 -14.32
N7A NAD P . -23.95 -60.47 -15.14
C5A NAD P . -25.05 -60.11 -14.44
C6A NAD P . -26.44 -60.04 -14.70
N6A NAD P . -26.95 -60.35 -15.93
N1A NAD P . -27.27 -59.59 -13.74
C2A NAD P . -26.80 -59.29 -12.52
N3A NAD P . -25.49 -59.40 -12.22
C4A NAD P . -24.61 -59.79 -13.17
O3 NAD P . -17.83 -56.31 -13.23
PN NAD P . -16.49 -56.98 -12.68
O1N NAD P . -16.24 -58.23 -13.49
O2N NAD P . -16.41 -57.09 -11.21
O5D NAD P . -15.41 -55.86 -13.01
C5D NAD P . -15.25 -54.69 -12.18
C4D NAD P . -16.02 -53.47 -12.74
O4D NAD P . -16.60 -52.81 -11.59
C3D NAD P . -15.14 -52.40 -13.42
O3D NAD P . -15.80 -51.74 -14.53
C2D NAD P . -14.89 -51.40 -12.31
O2D NAD P . -14.62 -50.09 -12.77
C1D NAD P . -16.20 -51.43 -11.56
N1N NAD P . -16.10 -50.80 -10.23
C2N NAD P . -16.83 -49.69 -10.00
C3N NAD P . -16.76 -49.04 -8.77
C7N NAD P . -17.57 -47.79 -8.47
O7N NAD P . -17.77 -47.43 -7.22
N7N NAD P . -18.10 -47.03 -9.42
C4N NAD P . -15.92 -49.55 -7.78
C5N NAD P . -15.18 -50.68 -8.05
C6N NAD P . -15.30 -51.31 -9.29
PA NAD Q . 39.01 33.35 -41.08
O1A NAD Q . 39.30 33.66 -42.52
O2A NAD Q . 37.63 32.83 -40.75
O5B NAD Q . 40.09 32.24 -40.69
C5B NAD Q . 40.56 32.07 -39.37
C4B NAD Q . 41.07 30.63 -39.23
O4B NAD Q . 40.03 29.73 -39.69
C3B NAD Q . 42.31 30.34 -40.05
O3B NAD Q . 43.26 29.57 -39.28
C2B NAD Q . 41.77 29.56 -41.24
O2B NAD Q . 42.66 28.59 -41.78
C1B NAD Q . 40.60 28.82 -40.61
N9A NAD Q . 39.63 28.27 -41.60
C8A NAD Q . 39.31 28.74 -42.81
N7A NAD Q . 38.42 27.87 -43.37
C5A NAD Q . 38.20 26.86 -42.47
C6A NAD Q . 37.40 25.71 -42.42
N6A NAD Q . 36.58 25.35 -43.44
N1A NAD Q . 37.45 24.93 -41.33
C2A NAD Q . 38.23 25.24 -40.29
N3A NAD Q . 38.99 26.32 -40.32
C4A NAD Q . 38.99 27.14 -41.38
O3 NAD Q . 39.38 34.60 -40.11
PN NAD Q . 40.67 35.54 -40.37
O1N NAD Q . 40.96 35.48 -41.84
O2N NAD Q . 41.75 35.22 -39.42
O5D NAD Q . 40.20 37.02 -40.00
C5D NAD Q . 40.13 37.47 -38.64
C4D NAD Q . 38.71 37.32 -38.07
O4D NAD Q . 38.80 36.86 -36.71
C3D NAD Q . 37.90 38.64 -37.97
O3D NAD Q . 36.51 38.47 -38.24
C2D NAD Q . 38.02 39.05 -36.52
O2D NAD Q . 37.00 39.96 -36.10
C1D NAD Q . 38.00 37.70 -35.85
N1N NAD Q . 38.52 37.80 -34.49
C2N NAD Q . 37.68 37.60 -33.47
C3N NAD Q . 38.13 37.69 -32.15
C7N NAD Q . 37.20 37.48 -30.98
O7N NAD Q . 37.65 37.18 -29.76
N7N NAD Q . 35.90 37.68 -31.16
C4N NAD Q . 39.46 38.04 -31.93
C5N NAD Q . 40.32 38.24 -33.01
C6N NAD Q . 39.82 38.12 -34.31
#